data_8UHI
#
_entry.id   8UHI
#
_cell.length_a   1.00
_cell.length_b   1.00
_cell.length_c   1.00
_cell.angle_alpha   90.00
_cell.angle_beta   90.00
_cell.angle_gamma   90.00
#
_symmetry.space_group_name_H-M   'P 1'
#
loop_
_entity.id
_entity.type
_entity.pdbx_description
1 polymer 'Ribulose bisphosphate carboxylase small subunit'
2 polymer 'Ribulose bisphosphate carboxylase large subunit'
3 non-polymer RIBULOSE-1,5-DIPHOSPHATE
4 non-polymer 'MAGNESIUM ION'
5 water water
#
loop_
_entity_poly.entity_id
_entity_poly.type
_entity_poly.pdbx_seq_one_letter_code
_entity_poly.pdbx_strand_id
1 'polypeptide(L)'
;MKTLPKERRYETLSYLPPLTDQQIEKQINYCLQMGYIPAVEFNETSEPEAYYWTMWKLPLFGANNTRAVLDEIQACRSEY
GNCFIRVVGFDNVKQCQAVSFIVHKPGSNNSSGYRY
;
I,J,K,L,M,N,O,P
2 'polypeptide(L)'
;MSYSQTQSKSGAGYDAGVQDYRLTYYAPDYTPRDTDILAAFRMTPQPGVPPEECAAAVAAESSTGTWTTVWTDLLTDMDR
YRGRCYDIEPVPGEDNQYIAYVAYPLDLFEEGSVTNLLTSLVGNVFGFKALRALRLEDLRIPVAYVKTFQGPPHGIQVER
DRINKYGRPLLGCTIKPKLGLSAKNYGRAVYECLRGGLDFT(KCX)DDENINSQPFQRWRDRFLFVADAIHKSQAETGEI
KGHYLNVTAATCEEMMKRAAYAKELEMPIVMHDFLTGGFTANTTLAHWCRDNGILLHIHRAMHAVIDRQKNHGIHFRVLA
KCLRMSGGDHIHTGTVVGKLEGDRAGTLGFVDLLRENYIEQDKSRGVYFTQDWASMPGVMAVASGGIHVWHMPALVEIFG
DDSVLQFGGGTLGHPWGNAPGATANRVALEACVQARNEGRNLAREGGDIIREACKWSPELAAACELWKEIKFEFDTVDTI
;
A,B,C,D,E,F,G,H
#
# COMPACT_ATOMS: atom_id res chain seq x y z
N MET A 1 -10.84 7.58 57.02
CA MET A 1 -11.01 7.48 55.57
C MET A 1 -12.21 8.32 55.11
N LYS A 2 -12.05 9.03 54.00
CA LYS A 2 -13.12 9.87 53.49
C LYS A 2 -13.11 9.82 51.96
N THR A 3 -14.29 9.72 51.36
CA THR A 3 -14.38 9.62 49.92
C THR A 3 -14.27 11.00 49.28
N LEU A 4 -13.39 11.13 48.30
CA LEU A 4 -13.19 12.40 47.64
C LEU A 4 -14.44 12.80 46.85
N PRO A 5 -14.96 14.00 47.05
CA PRO A 5 -16.16 14.40 46.32
C PRO A 5 -15.86 14.73 44.86
N LYS A 6 -16.94 14.82 44.09
CA LYS A 6 -16.86 15.11 42.65
C LYS A 6 -17.12 16.59 42.44
N GLU A 7 -16.05 17.34 42.20
CA GLU A 7 -16.14 18.77 41.93
C GLU A 7 -15.45 19.08 40.62
N ARG A 8 -16.01 20.04 39.88
CA ARG A 8 -15.39 20.52 38.66
C ARG A 8 -14.30 21.52 39.00
N ARG A 9 -13.13 21.37 38.37
CA ARG A 9 -11.98 22.20 38.67
C ARG A 9 -11.70 23.14 37.51
N TYR A 10 -10.82 24.10 37.77
CA TYR A 10 -10.56 25.20 36.83
C TYR A 10 -9.07 25.48 36.75
N GLU A 11 -8.27 24.42 36.63
CA GLU A 11 -6.83 24.50 36.44
C GLU A 11 -6.14 25.13 37.66
N THR A 12 -5.04 25.84 37.42
CA THR A 12 -4.18 26.31 38.50
C THR A 12 -4.96 27.10 39.54
N LEU A 13 -4.62 26.86 40.81
CA LEU A 13 -5.18 27.57 41.97
C LEU A 13 -6.68 27.32 42.12
N SER A 14 -7.16 26.17 41.67
CA SER A 14 -8.55 25.78 41.87
C SER A 14 -8.75 24.84 43.05
N TYR A 15 -7.72 24.08 43.43
CA TYR A 15 -7.80 23.19 44.58
C TYR A 15 -7.43 23.90 45.89
N LEU A 16 -7.49 25.22 45.91
CA LEU A 16 -7.28 26.04 47.10
C LEU A 16 -8.60 26.66 47.52
N PRO A 17 -8.71 27.13 48.76
CA PRO A 17 -9.97 27.75 49.22
C PRO A 17 -10.38 28.90 48.32
N PRO A 18 -11.65 29.33 48.39
CA PRO A 18 -12.10 30.49 47.59
C PRO A 18 -11.11 31.65 47.63
N LEU A 19 -10.71 32.12 46.46
CA LEU A 19 -9.62 33.08 46.36
C LEU A 19 -10.09 34.45 46.83
N THR A 20 -9.54 34.91 47.95
CA THR A 20 -9.77 36.28 48.39
C THR A 20 -9.19 37.26 47.38
N ASP A 21 -9.86 38.40 47.21
CA ASP A 21 -9.36 39.41 46.29
C ASP A 21 -7.97 39.90 46.69
N GLN A 22 -7.60 39.73 47.96
CA GLN A 22 -6.23 40.02 48.37
C GLN A 22 -5.24 39.05 47.73
N GLN A 23 -5.55 37.75 47.77
CA GLN A 23 -4.66 36.79 47.14
C GLN A 23 -4.64 36.97 45.63
N ILE A 24 -5.78 37.35 45.05
CA ILE A 24 -5.80 37.67 43.63
C ILE A 24 -4.88 38.85 43.35
N GLU A 25 -4.96 39.88 44.19
CA GLU A 25 -4.08 41.04 44.07
C GLU A 25 -2.62 40.62 44.12
N LYS A 26 -2.29 39.71 45.04
CA LYS A 26 -0.91 39.23 45.12
C LYS A 26 -0.50 38.46 43.87
N GLN A 27 -1.41 37.66 43.31
CA GLN A 27 -1.08 36.93 42.08
C GLN A 27 -0.81 37.88 40.92
N ILE A 28 -1.66 38.91 40.76
CA ILE A 28 -1.43 39.88 39.69
C ILE A 28 -0.17 40.68 39.97
N ASN A 29 0.10 41.00 41.23
CA ASN A 29 1.36 41.66 41.56
C ASN A 29 2.54 40.80 41.17
N TYR A 30 2.45 39.50 41.44
CA TYR A 30 3.54 38.59 41.09
C TYR A 30 3.78 38.58 39.59
N CYS A 31 2.70 38.54 38.79
CA CYS A 31 2.93 38.51 37.35
C CYS A 31 3.42 39.85 36.83
N LEU A 32 3.11 40.95 37.53
CA LEU A 32 3.68 42.24 37.16
C LEU A 32 5.17 42.29 37.47
N GLN A 33 5.58 41.72 38.61
CA GLN A 33 6.99 41.78 38.99
C GLN A 33 7.85 40.93 38.06
N MET A 34 7.30 39.84 37.53
CA MET A 34 8.05 38.99 36.62
C MET A 34 8.11 39.53 35.19
N GLY A 35 7.40 40.62 34.90
CA GLY A 35 7.35 41.15 33.55
C GLY A 35 6.28 40.55 32.67
N TYR A 36 5.43 39.69 33.22
CA TYR A 36 4.32 39.10 32.48
C TYR A 36 3.29 40.16 32.14
N ILE A 37 2.75 40.11 30.94
CA ILE A 37 1.66 40.99 30.53
C ILE A 37 0.34 40.39 31.03
N PRO A 38 -0.41 41.09 31.85
CA PRO A 38 -1.69 40.53 32.32
C PRO A 38 -2.80 40.78 31.31
N ALA A 39 -3.75 39.84 31.28
CA ALA A 39 -4.92 39.99 30.44
C ALA A 39 -6.10 39.31 31.13
N VAL A 40 -7.29 39.76 30.79
CA VAL A 40 -8.53 39.25 31.37
C VAL A 40 -9.30 38.55 30.28
N GLU A 41 -9.52 37.24 30.44
CA GLU A 41 -10.30 36.46 29.49
C GLU A 41 -11.59 36.01 30.13
N PHE A 42 -12.61 35.79 29.30
CA PHE A 42 -13.91 35.34 29.79
C PHE A 42 -14.48 34.33 28.81
N ASN A 43 -15.36 33.49 29.32
CA ASN A 43 -16.03 32.48 28.50
C ASN A 43 -17.30 32.03 29.19
N GLU A 44 -18.24 31.54 28.38
CA GLU A 44 -19.49 31.04 28.93
C GLU A 44 -19.30 29.69 29.62
N THR A 45 -18.32 28.90 29.21
CA THR A 45 -18.03 27.61 29.79
C THR A 45 -16.56 27.53 30.17
N SER A 46 -16.21 26.45 30.89
CA SER A 46 -14.82 26.16 31.26
C SER A 46 -14.44 24.75 30.85
N GLU A 47 -14.79 24.37 29.63
CA GLU A 47 -14.43 23.05 29.14
C GLU A 47 -12.92 22.94 28.96
N PRO A 48 -12.29 21.85 29.40
CA PRO A 48 -10.83 21.73 29.23
C PRO A 48 -10.40 21.71 27.78
N GLU A 49 -11.25 21.18 26.90
CA GLU A 49 -10.90 21.08 25.49
C GLU A 49 -10.80 22.46 24.84
N ALA A 50 -11.45 23.46 25.43
CA ALA A 50 -11.42 24.80 24.88
C ALA A 50 -10.05 25.41 25.04
N TYR A 51 -9.37 25.67 23.92
CA TYR A 51 -8.09 26.35 23.95
C TYR A 51 -8.21 27.84 24.19
N TYR A 52 -9.25 28.48 23.66
CA TYR A 52 -9.37 29.92 23.68
C TYR A 52 -10.61 30.35 24.44
N TRP A 53 -10.42 31.27 25.36
CA TRP A 53 -11.51 32.07 25.88
C TRP A 53 -11.59 33.35 25.05
N THR A 54 -12.51 34.23 25.36
CA THR A 54 -12.66 35.50 24.65
C THR A 54 -11.91 36.58 25.41
N MET A 55 -11.07 37.32 24.68
CA MET A 55 -10.25 38.35 25.30
C MET A 55 -11.10 39.57 25.65
N TRP A 56 -10.97 40.06 26.88
CA TRP A 56 -11.65 41.27 27.30
C TRP A 56 -10.74 42.46 27.01
N LYS A 57 -11.16 43.30 26.08
CA LYS A 57 -10.39 44.47 25.63
C LYS A 57 -9.07 43.96 25.06
N LEU A 58 -7.93 44.46 25.51
CA LEU A 58 -6.61 44.06 25.07
C LEU A 58 -5.75 43.79 26.29
N PRO A 59 -4.68 43.01 26.15
CA PRO A 59 -3.79 42.79 27.29
C PRO A 59 -3.21 44.11 27.79
N LEU A 60 -3.04 44.21 29.11
CA LEU A 60 -2.58 45.43 29.76
C LEU A 60 -1.07 45.57 29.55
N PHE A 61 -0.69 45.93 28.32
CA PHE A 61 0.73 46.01 27.98
C PHE A 61 1.43 47.12 28.76
N GLY A 62 0.78 48.27 28.90
CA GLY A 62 1.35 49.38 29.64
C GLY A 62 1.13 49.33 31.13
N ALA A 63 0.55 48.25 31.64
CA ALA A 63 0.20 48.18 33.06
C ALA A 63 1.45 48.19 33.94
N ASN A 64 1.32 48.85 35.10
CA ASN A 64 2.36 48.82 36.11
C ASN A 64 1.81 48.67 37.51
N ASN A 65 0.49 48.53 37.67
CA ASN A 65 -0.15 48.54 38.98
C ASN A 65 -1.26 47.51 39.01
N THR A 66 -1.40 46.82 40.15
CA THR A 66 -2.39 45.76 40.26
C THR A 66 -3.81 46.32 40.21
N ARG A 67 -4.01 47.57 40.65
CA ARG A 67 -5.35 48.13 40.67
C ARG A 67 -5.92 48.25 39.26
N ALA A 68 -5.08 48.51 38.27
CA ALA A 68 -5.57 48.61 36.89
C ALA A 68 -6.11 47.27 36.39
N VAL A 69 -5.38 46.19 36.66
CA VAL A 69 -5.86 44.87 36.29
C VAL A 69 -7.13 44.53 37.05
N LEU A 70 -7.17 44.87 38.34
CA LEU A 70 -8.39 44.65 39.12
C LEU A 70 -9.56 45.42 38.53
N ASP A 71 -9.31 46.61 37.99
CA ASP A 71 -10.36 47.39 37.35
C ASP A 71 -10.86 46.71 36.07
N GLU A 72 -9.95 46.17 35.27
CA GLU A 72 -10.39 45.39 34.11
C GLU A 72 -11.20 44.17 34.54
N ILE A 73 -10.77 43.50 35.60
CA ILE A 73 -11.46 42.29 36.07
C ILE A 73 -12.87 42.63 36.52
N GLN A 74 -13.03 43.71 37.29
CA GLN A 74 -14.36 44.09 37.74
C GLN A 74 -15.21 44.62 36.59
N ALA A 75 -14.60 45.26 35.59
CA ALA A 75 -15.35 45.66 34.42
C ALA A 75 -15.90 44.45 33.67
N CYS A 76 -15.09 43.41 33.52
CA CYS A 76 -15.56 42.18 32.91
C CYS A 76 -16.66 41.53 33.74
N ARG A 77 -16.51 41.57 35.06
CA ARG A 77 -17.52 41.01 35.95
C ARG A 77 -18.85 41.72 35.77
N SER A 78 -18.82 43.06 35.70
CA SER A 78 -20.06 43.82 35.50
C SER A 78 -20.67 43.53 34.13
N GLU A 79 -19.84 43.48 33.09
CA GLU A 79 -20.39 43.25 31.76
C GLU A 79 -20.85 41.79 31.59
N TYR A 80 -20.07 40.84 32.07
CA TYR A 80 -20.42 39.41 31.98
C TYR A 80 -20.47 38.83 33.38
N GLY A 81 -21.68 38.75 33.95
CA GLY A 81 -21.89 38.14 35.24
C GLY A 81 -22.20 36.67 35.24
N ASN A 82 -22.54 36.10 34.08
CA ASN A 82 -22.76 34.67 33.93
C ASN A 82 -21.63 34.02 33.14
N CYS A 83 -20.42 34.54 33.27
CA CYS A 83 -19.27 34.04 32.53
C CYS A 83 -18.15 33.71 33.49
N PHE A 84 -17.44 32.62 33.22
CA PHE A 84 -16.16 32.37 33.85
C PHE A 84 -15.17 33.43 33.40
N ILE A 85 -14.49 34.04 34.37
CA ILE A 85 -13.50 35.08 34.12
C ILE A 85 -12.19 34.64 34.75
N ARG A 86 -11.12 34.71 33.96
CA ARG A 86 -9.79 34.30 34.40
C ARG A 86 -8.76 35.35 34.00
N VAL A 87 -7.65 35.35 34.73
CA VAL A 87 -6.56 36.30 34.56
C VAL A 87 -5.34 35.54 34.09
N VAL A 88 -4.81 35.92 32.93
CA VAL A 88 -3.68 35.22 32.32
C VAL A 88 -2.47 36.14 32.31
N GLY A 89 -1.30 35.53 32.37
CA GLY A 89 -0.05 36.26 32.30
C GLY A 89 0.82 35.78 31.16
N PHE A 90 1.03 36.63 30.16
CA PHE A 90 1.82 36.29 28.99
C PHE A 90 3.29 36.61 29.25
N ASP A 91 4.12 35.58 29.25
CA ASP A 91 5.58 35.77 29.19
C ASP A 91 5.96 35.87 27.72
N ASN A 92 6.63 36.95 27.35
CA ASN A 92 6.94 37.20 25.95
C ASN A 92 8.37 36.83 25.57
N VAL A 93 9.25 36.59 26.55
CA VAL A 93 10.59 36.10 26.23
C VAL A 93 10.50 34.71 25.61
N LYS A 94 9.77 33.81 26.26
CA LYS A 94 9.54 32.47 25.75
C LYS A 94 8.22 32.35 24.99
N GLN A 95 7.40 33.40 24.98
CA GLN A 95 6.07 33.40 24.37
C GLN A 95 5.26 32.19 24.82
N CYS A 96 4.95 32.20 26.12
CA CYS A 96 4.09 31.19 26.69
C CYS A 96 3.33 31.80 27.85
N GLN A 97 2.07 31.40 27.99
CA GLN A 97 1.27 31.82 29.14
C GLN A 97 1.94 31.31 30.40
N ALA A 98 2.09 32.20 31.39
CA ALA A 98 2.83 31.86 32.60
C ALA A 98 1.98 31.90 33.86
N VAL A 99 0.82 32.56 33.81
CA VAL A 99 -0.11 32.58 34.93
C VAL A 99 -1.51 32.42 34.35
N SER A 100 -2.34 31.63 35.04
CA SER A 100 -3.74 31.47 34.63
C SER A 100 -4.53 31.00 35.84
N PHE A 101 -5.38 31.88 36.37
CA PHE A 101 -6.28 31.52 37.44
C PHE A 101 -7.64 32.16 37.20
N ILE A 102 -8.68 31.47 37.63
CA ILE A 102 -10.05 31.98 37.49
C ILE A 102 -10.32 32.99 38.60
N VAL A 103 -10.92 34.13 38.24
CA VAL A 103 -11.33 35.12 39.23
C VAL A 103 -12.83 35.20 39.40
N HIS A 104 -13.62 34.60 38.51
CA HIS A 104 -15.06 34.69 38.64
C HIS A 104 -15.75 33.48 38.01
N LYS A 105 -16.75 32.95 38.73
CA LYS A 105 -17.68 31.92 38.31
C LYS A 105 -19.03 32.54 37.96
N PRO A 106 -19.77 31.93 37.03
CA PRO A 106 -21.11 32.44 36.70
C PRO A 106 -21.97 32.75 37.92
N GLY A 107 -22.44 34.00 38.02
CA GLY A 107 -23.23 34.43 39.16
C GLY A 107 -24.66 33.92 39.14
N MET B 1 -50.12 -15.52 25.95
CA MET B 1 -49.04 -14.73 25.36
C MET B 1 -49.03 -13.34 25.95
N LYS B 2 -47.84 -12.83 26.28
CA LYS B 2 -47.72 -11.51 26.88
C LYS B 2 -46.47 -10.82 26.33
N THR B 3 -46.60 -9.54 25.98
CA THR B 3 -45.48 -8.81 25.42
C THR B 3 -44.53 -8.37 26.52
N LEU B 4 -43.25 -8.63 26.33
CA LEU B 4 -42.26 -8.29 27.33
C LEU B 4 -42.14 -6.77 27.47
N PRO B 5 -42.19 -6.24 28.68
CA PRO B 5 -42.05 -4.79 28.87
C PRO B 5 -40.63 -4.31 28.63
N LYS B 6 -40.50 -3.01 28.43
CA LYS B 6 -39.21 -2.35 28.21
C LYS B 6 -38.71 -1.78 29.53
N GLU B 7 -37.80 -2.50 30.18
CA GLU B 7 -37.20 -2.07 31.43
C GLU B 7 -35.69 -1.98 31.26
N ARG B 8 -35.10 -0.97 31.90
CA ARG B 8 -33.66 -0.86 31.96
C ARG B 8 -33.13 -1.82 33.03
N ARG B 9 -32.05 -2.52 32.71
CA ARG B 9 -31.49 -3.52 33.60
C ARG B 9 -30.13 -3.06 34.11
N TYR B 10 -29.63 -3.79 35.11
CA TYR B 10 -28.43 -3.38 35.83
C TYR B 10 -27.54 -4.59 36.09
N GLU B 11 -27.35 -5.42 35.07
CA GLU B 11 -26.45 -6.57 35.11
C GLU B 11 -26.94 -7.62 36.10
N THR B 12 -26.00 -8.35 36.71
CA THR B 12 -26.34 -9.51 37.52
C THR B 12 -27.36 -9.18 38.60
N LEU B 13 -28.30 -10.10 38.80
CA LEU B 13 -29.33 -10.02 39.85
C LEU B 13 -30.27 -8.82 39.64
N SER B 14 -30.46 -8.41 38.39
CA SER B 14 -31.42 -7.36 38.08
C SER B 14 -32.75 -7.89 37.58
N TYR B 15 -32.78 -9.09 37.00
CA TYR B 15 -34.01 -9.71 36.55
C TYR B 15 -34.71 -10.51 37.64
N LEU B 16 -34.37 -10.25 38.90
CA LEU B 16 -35.02 -10.83 40.06
C LEU B 16 -35.85 -9.76 40.78
N PRO B 17 -36.79 -10.17 41.63
CA PRO B 17 -37.61 -9.18 42.35
C PRO B 17 -36.75 -8.20 43.13
N PRO B 18 -37.31 -7.05 43.55
CA PRO B 18 -36.56 -6.10 44.38
C PRO B 18 -35.77 -6.79 45.49
N LEU B 19 -34.48 -6.48 45.57
CA LEU B 19 -33.59 -7.21 46.45
C LEU B 19 -33.81 -6.78 47.89
N THR B 20 -34.34 -7.69 48.72
CA THR B 20 -34.43 -7.44 50.14
C THR B 20 -33.04 -7.31 50.74
N ASP B 21 -32.92 -6.44 51.75
CA ASP B 21 -31.63 -6.29 52.41
C ASP B 21 -31.15 -7.60 53.01
N GLN B 22 -32.05 -8.55 53.27
CA GLN B 22 -31.65 -9.88 53.70
C GLN B 22 -30.90 -10.61 52.59
N GLN B 23 -31.44 -10.58 51.37
CA GLN B 23 -30.75 -11.23 50.26
C GLN B 23 -29.45 -10.52 49.93
N ILE B 24 -29.43 -9.19 50.05
CA ILE B 24 -28.18 -8.45 49.89
C ILE B 24 -27.17 -8.91 50.93
N GLU B 25 -27.63 -9.05 52.18
CA GLU B 25 -26.77 -9.51 53.26
C GLU B 25 -26.19 -10.88 52.95
N LYS B 26 -27.02 -11.79 52.43
CA LYS B 26 -26.54 -13.11 52.04
C LYS B 26 -25.54 -13.04 50.89
N GLN B 27 -25.76 -12.14 49.93
CA GLN B 27 -24.81 -12.01 48.82
C GLN B 27 -23.44 -11.54 49.31
N ILE B 28 -23.44 -10.54 50.19
CA ILE B 28 -22.16 -10.07 50.75
C ILE B 28 -21.54 -11.15 51.63
N ASN B 29 -22.36 -11.91 52.35
CA ASN B 29 -21.83 -13.03 53.11
C ASN B 29 -21.15 -14.03 52.18
N TYR B 30 -21.79 -14.32 51.04
CA TYR B 30 -21.22 -15.26 50.09
C TYR B 30 -19.87 -14.77 49.58
N CYS B 31 -19.77 -13.47 49.26
CA CYS B 31 -18.47 -13.01 48.75
C CYS B 31 -17.42 -12.96 49.86
N LEU B 32 -17.84 -12.82 51.12
CA LEU B 32 -16.87 -12.93 52.21
C LEU B 32 -16.39 -14.36 52.39
N GLN B 33 -17.29 -15.33 52.24
CA GLN B 33 -16.90 -16.73 52.44
C GLN B 33 -15.93 -17.19 51.35
N MET B 34 -16.10 -16.69 50.13
CA MET B 34 -15.21 -17.08 49.04
C MET B 34 -13.86 -16.37 49.08
N GLY B 35 -13.66 -15.42 49.98
CA GLY B 35 -12.43 -14.66 50.03
C GLY B 35 -12.39 -13.44 49.17
N TYR B 36 -13.50 -13.09 48.50
CA TYR B 36 -13.59 -11.88 47.71
C TYR B 36 -13.52 -10.64 48.60
N ILE B 37 -12.81 -9.62 48.14
CA ILE B 37 -12.77 -8.33 48.82
C ILE B 37 -13.98 -7.52 48.40
N PRO B 38 -14.85 -7.12 49.32
CA PRO B 38 -16.01 -6.32 48.92
C PRO B 38 -15.67 -4.85 48.81
N ALA B 39 -16.36 -4.19 47.89
CA ALA B 39 -16.21 -2.75 47.73
C ALA B 39 -17.55 -2.16 47.31
N VAL B 40 -17.74 -0.89 47.61
CA VAL B 40 -18.97 -0.17 47.30
C VAL B 40 -18.64 0.89 46.25
N GLU B 41 -19.26 0.78 45.08
CA GLU B 41 -19.07 1.75 44.02
C GLU B 41 -20.37 2.51 43.78
N PHE B 42 -20.25 3.73 43.30
CA PHE B 42 -21.42 4.56 43.01
C PHE B 42 -21.18 5.33 41.73
N ASN B 43 -22.28 5.71 41.09
CA ASN B 43 -22.20 6.49 39.86
C ASN B 43 -23.53 7.20 39.64
N GLU B 44 -23.47 8.31 38.90
CA GLU B 44 -24.68 9.05 38.59
C GLU B 44 -25.54 8.33 37.55
N THR B 45 -24.93 7.51 36.69
CA THR B 45 -25.64 6.77 35.65
C THR B 45 -25.24 5.31 35.73
N SER B 46 -25.96 4.48 34.97
CA SER B 46 -25.68 3.06 34.84
C SER B 46 -25.53 2.66 33.38
N GLU B 47 -24.82 3.47 32.61
CA GLU B 47 -24.61 3.15 31.20
C GLU B 47 -23.74 1.90 31.07
N PRO B 48 -24.10 0.96 30.20
CA PRO B 48 -23.27 -0.25 30.05
C PRO B 48 -21.87 0.03 29.55
N GLU B 49 -21.71 1.09 28.74
CA GLU B 49 -20.41 1.41 28.19
C GLU B 49 -19.43 1.85 29.27
N ALA B 50 -19.95 2.36 30.39
CA ALA B 50 -19.09 2.82 31.46
C ALA B 50 -18.40 1.63 32.13
N TYR B 51 -17.08 1.60 32.03
CA TYR B 51 -16.29 0.58 32.71
C TYR B 51 -16.14 0.86 34.20
N TYR B 52 -16.03 2.12 34.59
CA TYR B 52 -15.68 2.49 35.95
C TYR B 52 -16.79 3.29 36.59
N TRP B 53 -17.19 2.88 37.78
CA TRP B 53 -17.94 3.72 38.69
C TRP B 53 -16.94 4.39 39.62
N THR B 54 -17.42 5.23 40.52
CA THR B 54 -16.56 5.91 41.48
C THR B 54 -16.50 5.08 42.76
N MET B 55 -15.29 4.79 43.22
CA MET B 55 -15.10 3.98 44.42
C MET B 55 -15.47 4.77 45.66
N TRP B 56 -16.26 4.16 46.54
CA TRP B 56 -16.61 4.76 47.82
C TRP B 56 -15.58 4.31 48.85
N LYS B 57 -14.78 5.26 49.33
CA LYS B 57 -13.70 5.00 50.30
C LYS B 57 -12.72 4.03 49.65
N LEU B 58 -12.38 2.92 50.28
CA LEU B 58 -11.47 1.90 49.78
C LEU B 58 -12.14 0.55 49.94
N PRO B 59 -11.71 -0.46 49.18
CA PRO B 59 -12.27 -1.80 49.36
C PRO B 59 -12.02 -2.30 50.77
N LEU B 60 -12.99 -3.06 51.30
CA LEU B 60 -12.96 -3.54 52.67
C LEU B 60 -11.99 -4.72 52.77
N PHE B 61 -10.70 -4.42 52.69
CA PHE B 61 -9.69 -5.47 52.68
C PHE B 61 -9.67 -6.23 54.00
N GLY B 62 -9.79 -5.53 55.12
CA GLY B 62 -9.80 -6.17 56.42
C GLY B 62 -11.14 -6.69 56.87
N ALA B 63 -12.17 -6.63 56.02
CA ALA B 63 -13.51 -6.99 56.42
C ALA B 63 -13.62 -8.48 56.74
N ASN B 64 -14.43 -8.79 57.75
CA ASN B 64 -14.76 -10.17 58.08
C ASN B 64 -16.23 -10.36 58.39
N ASN B 65 -17.04 -9.30 58.31
CA ASN B 65 -18.43 -9.34 58.75
C ASN B 65 -19.29 -8.58 57.75
N THR B 66 -20.48 -9.11 57.47
CA THR B 66 -21.36 -8.49 56.49
C THR B 66 -21.89 -7.14 56.97
N ARG B 67 -22.00 -6.95 58.29
CA ARG B 67 -22.51 -5.71 58.82
C ARG B 67 -21.62 -4.53 58.45
N ALA B 68 -20.30 -4.76 58.38
CA ALA B 68 -19.39 -3.68 58.00
C ALA B 68 -19.64 -3.21 56.57
N VAL B 69 -19.81 -4.17 55.64
CA VAL B 69 -20.13 -3.81 54.27
C VAL B 69 -21.47 -3.12 54.19
N LEU B 70 -22.46 -3.60 54.95
CA LEU B 70 -23.76 -2.94 54.99
C LEU B 70 -23.62 -1.50 55.50
N ASP B 71 -22.71 -1.28 56.45
CA ASP B 71 -22.48 0.07 56.95
C ASP B 71 -21.88 0.97 55.88
N GLU B 72 -20.92 0.46 55.11
CA GLU B 72 -20.42 1.27 53.99
C GLU B 72 -21.50 1.53 52.96
N ILE B 73 -22.34 0.54 52.69
CA ILE B 73 -23.41 0.72 51.70
C ILE B 73 -24.38 1.80 52.14
N GLN B 74 -24.80 1.76 53.41
CA GLN B 74 -25.72 2.78 53.91
C GLN B 74 -25.04 4.14 54.01
N ALA B 75 -23.74 4.18 54.28
CA ALA B 75 -23.03 5.45 54.27
C ALA B 75 -23.03 6.07 52.87
N CYS B 76 -22.79 5.25 51.85
CA CYS B 76 -22.86 5.74 50.47
C CYS B 76 -24.28 6.19 50.13
N ARG B 77 -25.28 5.43 50.59
CA ARG B 77 -26.67 5.81 50.37
C ARG B 77 -26.97 7.19 50.97
N SER B 78 -26.51 7.41 52.20
CA SER B 78 -26.74 8.70 52.84
C SER B 78 -26.01 9.83 52.11
N GLU B 79 -24.76 9.58 51.70
CA GLU B 79 -24.01 10.65 51.04
C GLU B 79 -24.52 10.88 49.62
N TYR B 80 -24.77 9.83 48.86
CA TYR B 80 -25.27 9.93 47.50
C TYR B 80 -26.62 9.22 47.40
N GLY B 81 -27.70 9.98 47.53
CA GLY B 81 -29.04 9.44 47.39
C GLY B 81 -29.61 9.48 45.99
N ASN B 82 -28.95 10.18 45.07
CA ASN B 82 -29.36 10.22 43.67
C ASN B 82 -28.35 9.48 42.79
N CYS B 83 -27.70 8.47 43.33
CA CYS B 83 -26.68 7.72 42.62
C CYS B 83 -27.01 6.24 42.65
N PHE B 84 -26.76 5.57 41.53
CA PHE B 84 -26.71 4.12 41.53
C PHE B 84 -25.56 3.65 42.39
N ILE B 85 -25.85 2.73 43.30
CA ILE B 85 -24.86 2.16 44.21
C ILE B 85 -24.85 0.65 44.03
N ARG B 86 -23.66 0.10 43.84
CA ARG B 86 -23.48 -1.33 43.62
C ARG B 86 -22.35 -1.86 44.50
N VAL B 87 -22.40 -3.17 44.73
CA VAL B 87 -21.45 -3.86 45.60
C VAL B 87 -20.67 -4.85 44.75
N VAL B 88 -19.35 -4.70 44.73
CA VAL B 88 -18.50 -5.53 43.89
C VAL B 88 -17.64 -6.41 44.77
N GLY B 89 -17.27 -7.57 44.23
CA GLY B 89 -16.39 -8.50 44.91
C GLY B 89 -15.16 -8.80 44.09
N PHE B 90 -13.99 -8.37 44.57
CA PHE B 90 -12.74 -8.58 43.88
C PHE B 90 -12.15 -9.92 44.28
N ASP B 91 -12.01 -10.83 43.33
CA ASP B 91 -11.21 -12.04 43.51
C ASP B 91 -9.78 -11.71 43.13
N ASN B 92 -8.85 -11.91 44.04
CA ASN B 92 -7.47 -11.49 43.82
C ASN B 92 -6.56 -12.62 43.36
N VAL B 93 -7.00 -13.88 43.46
CA VAL B 93 -6.21 -14.98 42.92
C VAL B 93 -6.12 -14.85 41.39
N LYS B 94 -7.26 -14.68 40.75
CA LYS B 94 -7.34 -14.48 39.31
C LYS B 94 -7.40 -13.01 38.93
N GLN B 95 -7.53 -12.11 39.90
CA GLN B 95 -7.67 -10.68 39.68
C GLN B 95 -8.78 -10.39 38.67
N CYS B 96 -10.00 -10.70 39.11
CA CYS B 96 -11.19 -10.39 38.33
C CYS B 96 -12.33 -10.15 39.29
N GLN B 97 -13.18 -9.19 38.94
CA GLN B 97 -14.40 -8.97 39.70
C GLN B 97 -15.26 -10.23 39.64
N ALA B 98 -15.73 -10.67 40.81
CA ALA B 98 -16.47 -11.92 40.90
C ALA B 98 -17.91 -11.75 41.35
N VAL B 99 -18.25 -10.61 41.94
CA VAL B 99 -19.62 -10.30 42.32
C VAL B 99 -19.89 -8.85 41.95
N SER B 100 -21.09 -8.58 41.43
CA SER B 100 -21.47 -7.21 41.12
C SER B 100 -22.99 -7.16 41.07
N PHE B 101 -23.60 -6.51 42.06
CA PHE B 101 -25.03 -6.29 42.06
C PHE B 101 -25.31 -4.88 42.56
N ILE B 102 -26.39 -4.29 42.05
CA ILE B 102 -26.80 -2.94 42.46
C ILE B 102 -27.56 -3.04 43.77
N VAL B 103 -27.26 -2.15 44.71
CA VAL B 103 -27.99 -2.07 45.97
C VAL B 103 -28.85 -0.82 46.07
N HIS B 104 -28.67 0.17 45.20
CA HIS B 104 -29.47 1.37 45.30
C HIS B 104 -29.62 2.04 43.94
N LYS B 105 -30.86 2.48 43.65
CA LYS B 105 -31.27 3.30 42.52
C LYS B 105 -31.50 4.74 42.99
N PRO B 106 -31.23 5.72 42.11
CA PRO B 106 -31.47 7.13 42.48
C PRO B 106 -32.83 7.38 43.13
N GLY B 107 -32.83 7.94 44.33
CA GLY B 107 -34.04 8.19 45.07
C GLY B 107 -34.34 9.65 45.33
N MET C 1 -50.44 28.91 -6.76
CA MET C 1 -49.21 28.38 -6.19
C MET C 1 -49.29 28.35 -4.68
N LYS C 2 -48.84 27.24 -4.08
CA LYS C 2 -48.89 27.09 -2.63
C LYS C 2 -47.64 26.38 -2.15
N THR C 3 -47.05 26.88 -1.06
CA THR C 3 -45.83 26.29 -0.55
C THR C 3 -46.14 25.03 0.25
N LEU C 4 -45.42 23.96 -0.05
CA LEU C 4 -45.66 22.69 0.62
C LEU C 4 -45.29 22.80 2.10
N PRO C 5 -46.16 22.37 3.01
CA PRO C 5 -45.83 22.43 4.44
C PRO C 5 -44.81 21.38 4.84
N LYS C 6 -44.22 21.59 6.01
CA LYS C 6 -43.22 20.69 6.57
C LYS C 6 -43.90 19.75 7.56
N GLU C 7 -44.18 18.53 7.11
CA GLU C 7 -44.79 17.51 7.94
C GLU C 7 -43.88 16.28 7.99
N ARG C 8 -43.84 15.65 9.16
CA ARG C 8 -43.15 14.37 9.30
C ARG C 8 -44.03 13.26 8.75
N ARG C 9 -43.44 12.35 8.00
CA ARG C 9 -44.17 11.27 7.36
C ARG C 9 -43.80 9.94 7.98
N TYR C 10 -44.57 8.92 7.64
CA TYR C 10 -44.45 7.61 8.27
C TYR C 10 -44.59 6.50 7.23
N GLU C 11 -43.87 6.67 6.12
CA GLU C 11 -43.79 5.67 5.06
C GLU C 11 -45.15 5.45 4.39
N THR C 12 -45.38 4.22 3.92
CA THR C 12 -46.55 3.94 3.09
C THR C 12 -47.85 4.39 3.74
N LEU C 13 -48.74 4.96 2.92
CA LEU C 13 -50.08 5.39 3.34
C LEU C 13 -50.04 6.51 4.38
N SER C 14 -48.98 7.32 4.36
CA SER C 14 -48.90 8.47 5.24
C SER C 14 -49.28 9.78 4.55
N TYR C 15 -49.18 9.85 3.22
CA TYR C 15 -49.59 11.03 2.47
C TYR C 15 -51.06 10.99 2.07
N LEU C 16 -51.86 10.16 2.73
CA LEU C 16 -53.30 10.09 2.56
C LEU C 16 -53.99 10.66 3.79
N PRO C 17 -55.28 11.02 3.68
CA PRO C 17 -56.00 11.58 4.84
C PRO C 17 -55.93 10.63 6.03
N PRO C 18 -56.23 11.14 7.25
CA PRO C 18 -56.28 10.27 8.43
C PRO C 18 -56.99 8.96 8.17
N LEU C 19 -56.33 7.84 8.48
CA LEU C 19 -56.82 6.53 8.09
C LEU C 19 -58.00 6.14 8.99
N THR C 20 -59.18 6.06 8.40
CA THR C 20 -60.34 5.53 9.10
C THR C 20 -60.10 4.06 9.46
N ASP C 21 -60.63 3.65 10.60
CA ASP C 21 -60.50 2.24 10.99
C ASP C 21 -61.13 1.32 9.96
N GLN C 22 -62.06 1.82 9.14
CA GLN C 22 -62.59 1.04 8.04
C GLN C 22 -61.51 0.77 6.99
N GLN C 23 -60.76 1.80 6.60
CA GLN C 23 -59.69 1.60 5.62
C GLN C 23 -58.58 0.75 6.21
N ILE C 24 -58.29 0.91 7.50
CA ILE C 24 -57.34 0.03 8.16
C ILE C 24 -57.83 -1.41 8.09
N GLU C 25 -59.12 -1.61 8.36
CA GLU C 25 -59.72 -2.94 8.30
C GLU C 25 -59.56 -3.55 6.92
N LYS C 26 -59.80 -2.73 5.88
CA LYS C 26 -59.62 -3.22 4.51
C LYS C 26 -58.16 -3.53 4.21
N GLN C 27 -57.22 -2.75 4.74
CA GLN C 27 -55.80 -3.04 4.50
C GLN C 27 -55.39 -4.37 5.14
N ILE C 28 -55.83 -4.61 6.37
CA ILE C 28 -55.54 -5.89 7.01
C ILE C 28 -56.25 -7.02 6.29
N ASN C 29 -57.47 -6.78 5.80
CA ASN C 29 -58.15 -7.79 5.01
C ASN C 29 -57.34 -8.12 3.77
N TYR C 30 -56.79 -7.10 3.10
CA TYR C 30 -55.99 -7.32 1.91
C TYR C 30 -54.76 -8.17 2.22
N CYS C 31 -54.09 -7.88 3.34
CA CYS C 31 -52.90 -8.69 3.62
C CYS C 31 -53.27 -10.10 4.06
N LEU C 32 -54.48 -10.30 4.60
CA LEU C 32 -54.92 -11.67 4.88
C LEU C 32 -55.25 -12.42 3.59
N GLN C 33 -55.84 -11.74 2.60
CA GLN C 33 -56.21 -12.42 1.37
C GLN C 33 -54.96 -12.84 0.58
N MET C 34 -53.90 -12.04 0.64
CA MET C 34 -52.67 -12.38 -0.07
C MET C 34 -51.85 -13.46 0.62
N GLY C 35 -52.23 -13.87 1.83
CA GLY C 35 -51.45 -14.84 2.57
C GLY C 35 -50.36 -14.25 3.45
N TYR C 36 -50.28 -12.92 3.54
CA TYR C 36 -49.31 -12.26 4.42
C TYR C 36 -49.67 -12.52 5.88
N ILE C 37 -48.65 -12.74 6.70
CA ILE C 37 -48.82 -12.87 8.14
C ILE C 37 -48.85 -11.48 8.75
N PRO C 38 -49.92 -11.07 9.42
CA PRO C 38 -49.94 -9.74 10.02
C PRO C 38 -49.27 -9.73 11.39
N ALA C 39 -48.68 -8.58 11.70
CA ALA C 39 -48.06 -8.39 13.00
C ALA C 39 -48.21 -6.93 13.40
N VAL C 40 -48.19 -6.68 14.70
CA VAL C 40 -48.33 -5.35 15.25
C VAL C 40 -47.01 -4.96 15.90
N GLU C 41 -46.39 -3.90 15.41
CA GLU C 41 -45.15 -3.40 15.97
C GLU C 41 -45.38 -2.03 16.59
N PHE C 42 -44.57 -1.70 17.58
CA PHE C 42 -44.68 -0.40 18.25
C PHE C 42 -43.29 0.12 18.56
N ASN C 43 -43.19 1.43 18.68
CA ASN C 43 -41.92 2.07 19.01
C ASN C 43 -42.20 3.44 19.60
N GLU C 44 -41.25 3.93 20.40
CA GLU C 44 -41.37 5.26 20.98
C GLU C 44 -41.16 6.35 19.94
N THR C 45 -40.36 6.09 18.90
CA THR C 45 -40.07 7.05 17.85
C THR C 45 -40.36 6.42 16.49
N SER C 46 -40.32 7.25 15.45
CA SER C 46 -40.47 6.81 14.07
C SER C 46 -39.31 7.29 13.22
N GLU C 47 -38.10 7.16 13.73
CA GLU C 47 -36.93 7.57 12.96
C GLU C 47 -36.74 6.65 11.75
N PRO C 48 -36.47 7.20 10.56
CA PRO C 48 -36.28 6.34 9.39
C PRO C 48 -35.09 5.40 9.52
N GLU C 49 -34.06 5.82 10.25
CA GLU C 49 -32.86 5.00 10.38
C GLU C 49 -33.14 3.73 11.17
N ALA C 50 -34.18 3.75 12.01
CA ALA C 50 -34.51 2.58 12.82
C ALA C 50 -35.05 1.47 11.94
N TYR C 51 -34.32 0.37 11.88
CA TYR C 51 -34.78 -0.81 11.16
C TYR C 51 -35.85 -1.58 11.91
N TYR C 52 -35.77 -1.64 13.23
CA TYR C 52 -36.62 -2.50 14.03
C TYR C 52 -37.47 -1.68 14.98
N TRP C 53 -38.76 -1.95 14.98
CA TRP C 53 -39.64 -1.57 16.07
C TRP C 53 -39.72 -2.76 17.02
N THR C 54 -40.47 -2.62 18.10
CA THR C 54 -40.64 -3.70 19.06
C THR C 54 -41.91 -4.48 18.72
N MET C 55 -41.76 -5.79 18.62
CA MET C 55 -42.89 -6.64 18.25
C MET C 55 -43.87 -6.76 19.41
N TRP C 56 -45.16 -6.59 19.11
CA TRP C 56 -46.21 -6.77 20.11
C TRP C 56 -46.68 -8.22 20.04
N LYS C 57 -46.41 -8.97 21.11
CA LYS C 57 -46.74 -10.40 21.21
C LYS C 57 -46.00 -11.13 20.08
N LEU C 58 -46.67 -11.91 19.26
CA LEU C 58 -46.10 -12.64 18.14
C LEU C 58 -46.94 -12.37 16.90
N PRO C 59 -46.38 -12.57 15.71
CA PRO C 59 -47.19 -12.40 14.50
C PRO C 59 -48.37 -13.35 14.49
N LEU C 60 -49.50 -12.88 13.96
CA LEU C 60 -50.75 -13.63 13.97
C LEU C 60 -50.69 -14.71 12.88
N PHE C 61 -49.91 -15.76 13.17
CA PHE C 61 -49.69 -16.81 12.19
C PHE C 61 -50.98 -17.56 11.88
N GLY C 62 -51.76 -17.86 12.91
CA GLY C 62 -53.02 -18.57 12.73
C GLY C 62 -54.20 -17.69 12.38
N ALA C 63 -53.97 -16.40 12.15
CA ALA C 63 -55.08 -15.47 11.92
C ALA C 63 -55.81 -15.79 10.62
N ASN C 64 -57.12 -15.61 10.66
CA ASN C 64 -57.95 -15.72 9.46
C ASN C 64 -58.99 -14.62 9.36
N ASN C 65 -59.04 -13.70 10.32
CA ASN C 65 -60.08 -12.69 10.40
C ASN C 65 -59.47 -11.35 10.78
N THR C 66 -59.97 -10.28 10.17
CA THR C 66 -59.42 -8.96 10.41
C THR C 66 -59.70 -8.48 11.83
N ARG C 67 -60.78 -8.97 12.45
CA ARG C 67 -61.11 -8.54 13.80
C ARG C 67 -60.04 -8.95 14.79
N ALA C 68 -59.40 -10.10 14.59
CA ALA C 68 -58.34 -10.52 15.49
C ALA C 68 -57.15 -9.58 15.45
N VAL C 69 -56.74 -9.16 14.25
CA VAL C 69 -55.66 -8.20 14.12
C VAL C 69 -56.07 -6.87 14.72
N LEU C 70 -57.32 -6.44 14.49
CA LEU C 70 -57.80 -5.21 15.11
C LEU C 70 -57.74 -5.31 16.64
N ASP C 71 -58.01 -6.50 17.17
CA ASP C 71 -57.93 -6.69 18.62
C ASP C 71 -56.50 -6.57 19.12
N GLU C 72 -55.54 -7.14 18.40
CA GLU C 72 -54.14 -6.92 18.78
C GLU C 72 -53.76 -5.45 18.69
N ILE C 73 -54.23 -4.76 17.65
CA ILE C 73 -53.89 -3.35 17.48
C ILE C 73 -54.43 -2.52 18.63
N GLN C 74 -55.69 -2.75 19.01
CA GLN C 74 -56.27 -2.00 20.13
C GLN C 74 -55.63 -2.40 21.45
N ALA C 75 -55.20 -3.66 21.59
CA ALA C 75 -54.48 -4.04 22.80
C ALA C 75 -53.16 -3.28 22.92
N CYS C 76 -52.43 -3.16 21.81
CA CYS C 76 -51.20 -2.37 21.81
C CYS C 76 -51.49 -0.91 22.10
N ARG C 77 -52.57 -0.39 21.53
CA ARG C 77 -52.97 0.99 21.80
C ARG C 77 -53.23 1.21 23.28
N SER C 78 -53.95 0.28 23.92
CA SER C 78 -54.22 0.40 25.34
C SER C 78 -52.95 0.30 26.16
N GLU C 79 -52.06 -0.63 25.83
CA GLU C 79 -50.85 -0.79 26.62
C GLU C 79 -49.86 0.35 26.36
N TYR C 80 -49.67 0.74 25.10
CA TYR C 80 -48.77 1.83 24.73
C TYR C 80 -49.56 2.92 24.02
N GLY C 81 -49.95 3.94 24.77
CA GLY C 81 -50.65 5.08 24.19
C GLY C 81 -49.78 6.22 23.75
N ASN C 82 -48.50 6.23 24.14
CA ASN C 82 -47.54 7.22 23.70
C ASN C 82 -46.51 6.62 22.74
N CYS C 83 -46.94 5.63 21.96
CA CYS C 83 -46.07 4.93 21.03
C CYS C 83 -46.66 4.93 19.64
N PHE C 84 -45.81 5.09 18.65
CA PHE C 84 -46.19 4.81 17.27
C PHE C 84 -46.47 3.32 17.13
N ILE C 85 -47.62 2.99 16.56
CA ILE C 85 -48.03 1.61 16.34
C ILE C 85 -48.30 1.42 14.86
N ARG C 86 -47.72 0.38 14.29
CA ARG C 86 -47.86 0.08 12.87
C ARG C 86 -48.18 -1.40 12.69
N VAL C 87 -48.76 -1.71 11.53
CA VAL C 87 -49.19 -3.05 11.18
C VAL C 87 -48.39 -3.50 9.97
N VAL C 88 -47.69 -4.61 10.12
CA VAL C 88 -46.80 -5.12 9.07
C VAL C 88 -47.35 -6.43 8.54
N GLY C 89 -47.05 -6.70 7.27
CA GLY C 89 -47.44 -7.95 6.64
C GLY C 89 -46.24 -8.68 6.09
N PHE C 90 -45.94 -9.84 6.67
CA PHE C 90 -44.81 -10.66 6.27
C PHE C 90 -45.24 -11.60 5.15
N ASP C 91 -44.63 -11.43 3.97
CA ASP C 91 -44.73 -12.43 2.91
C ASP C 91 -43.61 -13.44 3.11
N ASN C 92 -43.98 -14.71 3.23
CA ASN C 92 -42.99 -15.73 3.58
C ASN C 92 -42.47 -16.50 2.38
N VAL C 93 -43.13 -16.39 1.21
CA VAL C 93 -42.60 -17.01 0.01
C VAL C 93 -41.28 -16.37 -0.38
N LYS C 94 -41.27 -15.04 -0.45
CA LYS C 94 -40.05 -14.27 -0.74
C LYS C 94 -39.36 -13.78 0.52
N GLN C 95 -39.96 -13.99 1.70
CA GLN C 95 -39.45 -13.51 2.98
C GLN C 95 -39.08 -12.02 2.90
N CYS C 96 -40.12 -11.22 2.72
CA CYS C 96 -39.99 -9.77 2.74
C CYS C 96 -41.28 -9.17 3.27
N GLN C 97 -41.14 -8.11 4.05
CA GLN C 97 -42.29 -7.35 4.49
C GLN C 97 -43.03 -6.80 3.27
N ALA C 98 -44.35 -7.01 3.24
CA ALA C 98 -45.15 -6.63 2.08
C ALA C 98 -46.17 -5.55 2.37
N VAL C 99 -46.51 -5.32 3.63
CA VAL C 99 -47.41 -4.25 4.03
C VAL C 99 -46.83 -3.60 5.27
N SER C 100 -46.91 -2.27 5.34
CA SER C 100 -46.46 -1.55 6.52
C SER C 100 -47.16 -0.20 6.53
N PHE C 101 -48.09 -0.01 7.46
CA PHE C 101 -48.73 1.28 7.66
C PHE C 101 -48.89 1.54 9.15
N ILE C 102 -48.84 2.81 9.52
CA ILE C 102 -48.99 3.21 10.92
C ILE C 102 -50.48 3.26 11.24
N VAL C 103 -50.85 2.71 12.40
CA VAL C 103 -52.23 2.79 12.89
C VAL C 103 -52.38 3.71 14.08
N HIS C 104 -51.29 4.12 14.73
CA HIS C 104 -51.42 4.99 15.89
C HIS C 104 -50.18 5.87 16.06
N LYS C 105 -50.43 7.15 16.37
CA LYS C 105 -49.47 8.17 16.76
C LYS C 105 -49.57 8.41 18.26
N PRO C 106 -48.45 8.76 18.91
CA PRO C 106 -48.47 9.05 20.35
C PRO C 106 -49.61 9.97 20.78
N GLY C 107 -50.44 9.50 21.72
CA GLY C 107 -51.58 10.27 22.17
C GLY C 107 -51.51 10.70 23.62
N MET D 1 -11.17 52.05 24.30
CA MET D 1 -11.17 50.63 24.02
C MET D 1 -12.47 49.99 24.48
N LYS D 2 -13.05 49.13 23.65
CA LYS D 2 -14.33 48.50 23.98
C LYS D 2 -14.30 47.06 23.49
N THR D 3 -14.76 46.14 24.33
CA THR D 3 -14.76 44.72 23.96
C THR D 3 -15.92 44.41 23.04
N LEU D 4 -15.64 43.73 21.94
CA LEU D 4 -16.67 43.40 20.97
C LEU D 4 -17.66 42.40 21.58
N PRO D 5 -18.96 42.65 21.47
CA PRO D 5 -19.92 41.68 22.00
C PRO D 5 -20.03 40.45 21.12
N LYS D 6 -20.61 39.39 21.70
CA LYS D 6 -20.82 38.12 21.01
C LYS D 6 -22.24 38.12 20.46
N GLU D 7 -22.36 38.39 19.15
CA GLU D 7 -23.65 38.36 18.49
C GLU D 7 -23.61 37.35 17.35
N ARG D 8 -24.72 36.65 17.16
CA ARG D 8 -24.88 35.76 16.02
C ARG D 8 -25.19 36.58 14.78
N ARG D 9 -24.52 36.25 13.68
CA ARG D 9 -24.67 37.01 12.43
C ARG D 9 -25.37 36.16 11.39
N TYR D 10 -25.77 36.80 10.30
CA TYR D 10 -26.60 36.18 9.28
C TYR D 10 -26.11 36.59 7.89
N GLU D 11 -24.80 36.50 7.68
CA GLU D 11 -24.16 36.75 6.39
C GLU D 11 -24.34 38.20 5.95
N THR D 12 -24.41 38.42 4.63
CA THR D 12 -24.38 39.76 4.07
C THR D 12 -25.44 40.66 4.69
N LEU D 13 -25.04 41.91 4.95
CA LEU D 13 -25.92 42.97 5.47
C LEU D 13 -26.45 42.65 6.87
N SER D 14 -25.68 41.88 7.65
CA SER D 14 -26.03 41.62 9.03
C SER D 14 -25.29 42.49 10.02
N TYR D 15 -24.13 43.03 9.65
CA TYR D 15 -23.38 43.93 10.51
C TYR D 15 -23.79 45.39 10.31
N LEU D 16 -24.96 45.63 9.76
CA LEU D 16 -25.56 46.95 9.60
C LEU D 16 -26.75 47.09 10.54
N PRO D 17 -27.19 48.32 10.82
CA PRO D 17 -28.35 48.50 11.72
C PRO D 17 -29.56 47.74 11.23
N PRO D 18 -30.57 47.53 12.10
CA PRO D 18 -31.81 46.86 11.66
C PRO D 18 -32.30 47.38 10.32
N LEU D 19 -32.58 46.46 9.39
CA LEU D 19 -32.88 46.84 8.01
C LEU D 19 -34.30 47.38 7.92
N THR D 20 -34.42 48.67 7.62
CA THR D 20 -35.71 49.26 7.34
C THR D 20 -36.30 48.65 6.08
N ASP D 21 -37.63 48.49 6.07
CA ASP D 21 -38.29 47.94 4.89
C ASP D 21 -38.03 48.80 3.65
N GLN D 22 -37.71 50.08 3.83
CA GLN D 22 -37.29 50.91 2.71
C GLN D 22 -35.95 50.42 2.15
N GLN D 23 -34.98 50.15 3.02
CA GLN D 23 -33.70 49.66 2.55
C GLN D 23 -33.83 48.27 1.94
N ILE D 24 -34.69 47.44 2.52
CA ILE D 24 -34.98 46.14 1.91
C ILE D 24 -35.58 46.34 0.52
N GLU D 25 -36.50 47.29 0.40
CA GLU D 25 -37.12 47.61 -0.89
C GLU D 25 -36.07 48.01 -1.91
N LYS D 26 -35.11 48.84 -1.49
CA LYS D 26 -34.02 49.23 -2.38
C LYS D 26 -33.14 48.03 -2.77
N GLN D 27 -32.89 47.12 -1.82
CA GLN D 27 -32.09 45.94 -2.16
C GLN D 27 -32.78 45.07 -3.20
N ILE D 28 -34.08 44.83 -3.03
CA ILE D 28 -34.81 44.05 -4.02
C ILE D 28 -34.91 44.80 -5.34
N ASN D 29 -35.02 46.12 -5.29
CA ASN D 29 -34.98 46.90 -6.52
C ASN D 29 -33.66 46.71 -7.23
N TYR D 30 -32.56 46.72 -6.47
CA TYR D 30 -31.25 46.54 -7.06
C TYR D 30 -31.14 45.18 -7.75
N CYS D 31 -31.65 44.13 -7.10
CA CYS D 31 -31.52 42.82 -7.74
C CYS D 31 -32.46 42.70 -8.94
N LEU D 32 -33.56 43.46 -8.97
CA LEU D 32 -34.39 43.49 -10.17
C LEU D 32 -33.70 44.23 -11.31
N GLN D 33 -32.99 45.31 -11.01
CA GLN D 33 -32.34 46.09 -12.06
C GLN D 33 -31.21 45.29 -12.71
N MET D 34 -30.51 44.48 -11.92
CA MET D 34 -29.41 43.66 -12.45
C MET D 34 -29.88 42.45 -13.22
N GLY D 35 -31.17 42.15 -13.23
CA GLY D 35 -31.68 40.96 -13.88
C GLY D 35 -31.69 39.72 -13.01
N TYR D 36 -31.34 39.83 -11.73
CA TYR D 36 -31.41 38.71 -10.81
C TYR D 36 -32.86 38.29 -10.56
N ILE D 37 -33.10 36.99 -10.50
CA ILE D 37 -34.40 36.46 -10.14
C ILE D 37 -34.52 36.44 -8.63
N PRO D 38 -35.49 37.14 -8.03
CA PRO D 38 -35.63 37.12 -6.58
C PRO D 38 -36.41 35.90 -6.10
N ALA D 39 -36.05 35.43 -4.93
CA ALA D 39 -36.76 34.33 -4.30
C ALA D 39 -36.74 34.54 -2.80
N VAL D 40 -37.74 33.96 -2.13
CA VAL D 40 -37.89 34.07 -0.68
C VAL D 40 -37.68 32.69 -0.08
N GLU D 41 -36.65 32.56 0.76
CA GLU D 41 -36.37 31.31 1.43
C GLU D 41 -36.60 31.47 2.93
N PHE D 42 -36.93 30.37 3.59
CA PHE D 42 -37.17 30.38 5.02
C PHE D 42 -36.59 29.11 5.64
N ASN D 43 -36.27 29.20 6.92
CA ASN D 43 -35.74 28.06 7.65
C ASN D 43 -35.97 28.27 9.13
N GLU D 44 -36.02 27.16 9.88
CA GLU D 44 -36.18 27.24 11.32
C GLU D 44 -34.92 27.71 12.01
N THR D 45 -33.75 27.46 11.42
CA THR D 45 -32.47 27.86 11.98
C THR D 45 -31.67 28.62 10.93
N SER D 46 -30.56 29.22 11.37
CA SER D 46 -29.63 29.91 10.50
C SER D 46 -28.21 29.38 10.69
N GLU D 47 -28.07 28.07 10.75
CA GLU D 47 -26.75 27.47 10.91
C GLU D 47 -25.91 27.71 9.65
N PRO D 48 -24.65 28.11 9.77
CA PRO D 48 -23.83 28.34 8.57
C PRO D 48 -23.61 27.08 7.75
N GLU D 49 -23.59 25.92 8.40
CA GLU D 49 -23.33 24.67 7.69
C GLU D 49 -24.48 24.33 6.75
N ALA D 50 -25.68 24.85 7.03
CA ALA D 50 -26.83 24.57 6.19
C ALA D 50 -26.69 25.25 4.84
N TYR D 51 -26.60 24.44 3.79
CA TYR D 51 -26.56 24.96 2.43
C TYR D 51 -27.93 25.42 1.94
N TYR D 52 -28.99 24.72 2.33
CA TYR D 52 -30.31 24.94 1.77
C TYR D 52 -31.28 25.39 2.84
N TRP D 53 -31.99 26.47 2.57
CA TRP D 53 -33.21 26.79 3.27
C TRP D 53 -34.37 26.21 2.47
N THR D 54 -35.59 26.40 2.95
CA THR D 54 -36.78 25.91 2.25
C THR D 54 -37.34 27.03 1.38
N MET D 55 -37.56 26.73 0.11
CA MET D 55 -38.05 27.72 -0.84
C MET D 55 -39.52 28.03 -0.56
N TRP D 56 -39.86 29.31 -0.52
CA TRP D 56 -41.25 29.74 -0.38
C TRP D 56 -41.83 29.91 -1.78
N LYS D 57 -42.79 29.06 -2.13
CA LYS D 57 -43.44 29.06 -3.46
C LYS D 57 -42.36 28.80 -4.50
N LEU D 58 -42.22 29.63 -5.53
CA LEU D 58 -41.23 29.52 -6.58
C LEU D 58 -40.56 30.86 -6.74
N PRO D 59 -39.36 30.90 -7.31
CA PRO D 59 -38.71 32.19 -7.57
C PRO D 59 -39.55 33.05 -8.49
N LEU D 60 -39.54 34.35 -8.22
CA LEU D 60 -40.36 35.31 -8.95
C LEU D 60 -39.75 35.56 -10.32
N PHE D 61 -39.89 34.58 -11.22
CA PHE D 61 -39.27 34.67 -12.53
C PHE D 61 -39.87 35.79 -13.36
N GLY D 62 -41.19 35.95 -13.30
CA GLY D 62 -41.86 37.00 -14.05
C GLY D 62 -41.90 38.33 -13.35
N ALA D 63 -41.25 38.47 -12.21
CA ALA D 63 -41.33 39.70 -11.43
C ALA D 63 -40.71 40.87 -12.17
N ASN D 64 -41.34 42.04 -12.01
CA ASN D 64 -40.79 43.29 -12.53
C ASN D 64 -40.91 44.43 -11.53
N ASN D 65 -41.45 44.19 -10.34
CA ASN D 65 -41.76 45.24 -9.39
C ASN D 65 -41.39 44.77 -7.99
N THR D 66 -40.83 45.68 -7.19
CA THR D 66 -40.40 45.32 -5.84
C THR D 66 -41.58 44.99 -4.93
N ARG D 67 -42.75 45.57 -5.20
CA ARG D 67 -43.90 45.31 -4.35
C ARG D 67 -44.30 43.85 -4.39
N ALA D 68 -44.15 43.18 -5.54
CA ALA D 68 -44.48 41.76 -5.63
C ALA D 68 -43.59 40.92 -4.72
N VAL D 69 -42.29 41.20 -4.73
CA VAL D 69 -41.38 40.48 -3.84
C VAL D 69 -41.70 40.79 -2.39
N LEU D 70 -42.02 42.05 -2.08
CA LEU D 70 -42.43 42.39 -0.73
C LEU D 70 -43.69 41.61 -0.33
N ASP D 71 -44.59 41.38 -1.27
CA ASP D 71 -45.79 40.62 -0.98
C ASP D 71 -45.47 39.16 -0.68
N GLU D 72 -44.55 38.56 -1.44
CA GLU D 72 -44.11 37.21 -1.08
C GLU D 72 -43.43 37.18 0.27
N ILE D 73 -42.62 38.19 0.58
CA ILE D 73 -41.91 38.23 1.85
C ILE D 73 -42.89 38.31 3.01
N GLN D 74 -43.89 39.19 2.90
CA GLN D 74 -44.88 39.30 3.96
C GLN D 74 -45.78 38.07 4.04
N ALA D 75 -46.03 37.41 2.91
CA ALA D 75 -46.77 36.16 2.97
C ALA D 75 -46.01 35.09 3.73
N CYS D 76 -44.70 35.00 3.49
CA CYS D 76 -43.87 34.06 4.25
C CYS D 76 -43.85 34.43 5.73
N ARG D 77 -43.76 35.73 6.02
CA ARG D 77 -43.78 36.20 7.40
C ARG D 77 -45.07 35.78 8.09
N SER D 78 -46.21 35.95 7.42
CA SER D 78 -47.49 35.55 7.99
C SER D 78 -47.56 34.04 8.20
N GLU D 79 -47.11 33.26 7.22
CA GLU D 79 -47.21 31.81 7.35
C GLU D 79 -46.19 31.27 8.35
N TYR D 80 -44.95 31.76 8.30
CA TYR D 80 -43.90 31.33 9.22
C TYR D 80 -43.40 32.54 10.00
N GLY D 81 -43.91 32.72 11.21
CA GLY D 81 -43.46 33.79 12.08
C GLY D 81 -42.35 33.43 13.03
N ASN D 82 -42.03 32.14 13.18
CA ASN D 82 -40.91 31.69 13.98
C ASN D 82 -39.79 31.13 13.11
N CYS D 83 -39.64 31.69 11.91
CA CYS D 83 -38.65 31.23 10.95
C CYS D 83 -37.79 32.39 10.49
N PHE D 84 -36.50 32.14 10.33
CA PHE D 84 -35.64 33.05 9.60
C PHE D 84 -36.08 33.10 8.14
N ILE D 85 -36.26 34.31 7.62
CA ILE D 85 -36.68 34.53 6.25
C ILE D 85 -35.65 35.42 5.58
N ARG D 86 -35.17 34.99 4.40
CA ARG D 86 -34.17 35.71 3.65
C ARG D 86 -34.59 35.81 2.19
N VAL D 87 -34.02 36.80 1.51
CA VAL D 87 -34.32 37.11 0.11
C VAL D 87 -33.05 36.88 -0.70
N VAL D 88 -33.15 36.00 -1.68
CA VAL D 88 -31.99 35.64 -2.49
C VAL D 88 -32.19 36.12 -3.92
N GLY D 89 -31.08 36.40 -4.59
CA GLY D 89 -31.10 36.81 -5.97
C GLY D 89 -30.26 35.89 -6.84
N PHE D 90 -30.92 35.16 -7.73
CA PHE D 90 -30.26 34.22 -8.62
C PHE D 90 -29.81 34.94 -9.89
N ASP D 91 -28.50 34.99 -10.11
CA ASP D 91 -27.96 35.39 -11.40
C ASP D 91 -27.86 34.15 -12.27
N ASN D 92 -28.49 34.18 -13.43
CA ASN D 92 -28.58 32.99 -14.27
C ASN D 92 -27.55 32.95 -15.39
N VAL D 93 -26.89 34.08 -15.68
CA VAL D 93 -25.81 34.06 -16.66
C VAL D 93 -24.65 33.21 -16.16
N LYS D 94 -24.21 33.46 -14.92
CA LYS D 94 -23.17 32.67 -14.29
C LYS D 94 -23.72 31.58 -13.39
N GLN D 95 -25.05 31.52 -13.20
CA GLN D 95 -25.71 30.57 -12.32
C GLN D 95 -25.04 30.56 -10.94
N CYS D 96 -25.18 31.68 -10.26
CA CYS D 96 -24.73 31.81 -8.89
C CYS D 96 -25.63 32.80 -8.16
N GLN D 97 -25.90 32.50 -6.90
CA GLN D 97 -26.63 33.43 -6.05
C GLN D 97 -25.83 34.74 -5.96
N ALA D 98 -26.52 35.86 -6.18
CA ALA D 98 -25.85 37.14 -6.22
C ALA D 98 -26.28 38.10 -5.11
N VAL D 99 -27.42 37.84 -4.48
CA VAL D 99 -27.90 38.64 -3.35
C VAL D 99 -28.44 37.67 -2.32
N SER D 100 -28.17 37.94 -1.05
CA SER D 100 -28.72 37.13 0.04
C SER D 100 -28.69 37.98 1.31
N PHE D 101 -29.86 38.39 1.77
CA PHE D 101 -29.97 39.08 3.04
C PHE D 101 -31.20 38.58 3.78
N ILE D 102 -31.13 38.58 5.11
CA ILE D 102 -32.24 38.15 5.94
C ILE D 102 -33.23 39.29 6.07
N VAL D 103 -34.52 38.98 5.94
CA VAL D 103 -35.58 39.97 6.15
C VAL D 103 -36.39 39.71 7.41
N HIS D 104 -36.26 38.54 8.03
CA HIS D 104 -37.03 38.28 9.23
C HIS D 104 -36.31 37.27 10.14
N LYS D 105 -36.33 37.57 11.45
CA LYS D 105 -35.89 36.74 12.55
C LYS D 105 -37.11 36.17 13.27
N PRO D 106 -36.98 34.96 13.83
CA PRO D 106 -38.11 34.36 14.58
C PRO D 106 -38.76 35.32 15.58
N GLY D 107 -40.07 35.52 15.44
CA GLY D 107 -40.79 36.45 16.29
C GLY D 107 -41.84 35.79 17.17
N MET E 1 58.35 -4.21 -1.55
CA MET E 1 56.95 -4.20 -1.93
C MET E 1 56.72 -5.11 -3.15
N LYS E 2 55.67 -5.92 -3.09
CA LYS E 2 55.39 -6.85 -4.19
C LYS E 2 53.88 -6.91 -4.40
N THR E 3 53.46 -6.87 -5.67
CA THR E 3 52.05 -6.90 -5.98
C THR E 3 51.50 -8.31 -5.88
N LEU E 4 50.39 -8.47 -5.18
CA LEU E 4 49.80 -9.78 -4.98
C LEU E 4 49.29 -10.34 -6.30
N PRO E 5 49.62 -11.58 -6.65
CA PRO E 5 49.14 -12.15 -7.90
C PRO E 5 47.65 -12.51 -7.82
N LYS E 6 47.07 -12.71 -9.00
CA LYS E 6 45.66 -13.07 -9.13
C LYS E 6 45.56 -14.59 -9.29
N GLU E 7 45.23 -15.27 -8.20
CA GLU E 7 45.05 -16.71 -8.20
C GLU E 7 43.64 -17.06 -7.74
N ARG E 8 43.07 -18.09 -8.34
CA ARG E 8 41.80 -18.62 -7.88
C ARG E 8 42.04 -19.50 -6.66
N ARG E 9 41.19 -19.37 -5.66
CA ARG E 9 41.35 -20.09 -4.40
C ARG E 9 40.22 -21.10 -4.23
N TYR E 10 40.39 -21.97 -3.25
CA TYR E 10 39.49 -23.10 -3.06
C TYR E 10 39.20 -23.31 -1.58
N GLU E 11 38.89 -22.21 -0.89
CA GLU E 11 38.49 -22.22 0.52
C GLU E 11 39.61 -22.71 1.41
N THR E 12 39.25 -23.37 2.52
CA THR E 12 40.22 -23.70 3.56
C THR E 12 41.42 -24.46 3.01
N LEU E 13 42.60 -24.11 3.52
CA LEU E 13 43.87 -24.77 3.19
C LEU E 13 44.24 -24.61 1.71
N SER E 14 43.80 -23.51 1.09
CA SER E 14 44.19 -23.20 -0.27
C SER E 14 45.32 -22.20 -0.37
N TYR E 15 45.50 -21.35 0.65
CA TYR E 15 46.59 -20.39 0.68
C TYR E 15 47.86 -20.97 1.29
N LEU E 16 47.97 -22.29 1.35
CA LEU E 16 49.16 -23.00 1.79
C LEU E 16 49.83 -23.67 0.59
N PRO E 17 51.09 -24.06 0.71
CA PRO E 17 51.78 -24.72 -0.41
C PRO E 17 51.03 -25.95 -0.87
N PRO E 18 51.32 -26.46 -2.09
CA PRO E 18 50.69 -27.71 -2.56
C PRO E 18 50.64 -28.78 -1.48
N LEU E 19 49.45 -29.35 -1.26
CA LEU E 19 49.23 -30.23 -0.12
C LEU E 19 49.84 -31.60 -0.42
N THR E 20 50.89 -31.95 0.32
CA THR E 20 51.45 -33.28 0.25
C THR E 20 50.43 -34.29 0.75
N ASP E 21 50.45 -35.49 0.15
CA ASP E 21 49.54 -36.54 0.59
C ASP E 21 49.75 -36.90 2.05
N GLN E 22 50.92 -36.59 2.60
CA GLN E 22 51.14 -36.77 4.04
C GLN E 22 50.29 -35.79 4.84
N GLN E 23 50.29 -34.51 4.45
CA GLN E 23 49.46 -33.54 5.14
C GLN E 23 47.98 -33.83 4.94
N ILE E 24 47.61 -34.33 3.75
CA ILE E 24 46.22 -34.74 3.53
C ILE E 24 45.88 -35.89 4.47
N GLU E 25 46.77 -36.87 4.58
CA GLU E 25 46.58 -37.99 5.50
C GLU E 25 46.39 -37.50 6.92
N LYS E 26 47.17 -36.50 7.32
CA LYS E 26 47.03 -35.95 8.68
C LYS E 26 45.70 -35.23 8.85
N GLN E 27 45.24 -34.52 7.83
CA GLN E 27 43.94 -33.84 7.92
C GLN E 27 42.81 -34.85 8.07
N ILE E 28 42.84 -35.92 7.27
CA ILE E 28 41.81 -36.95 7.41
C ILE E 28 41.93 -37.66 8.75
N ASN E 29 43.15 -37.86 9.23
CA ASN E 29 43.33 -38.43 10.56
C ASN E 29 42.70 -37.53 11.62
N TYR E 30 42.90 -36.22 11.48
CA TYR E 30 42.33 -35.28 12.43
C TYR E 30 40.81 -35.36 12.44
N CYS E 31 40.20 -35.44 11.25
CA CYS E 31 38.74 -35.49 11.25
C CYS E 31 38.23 -36.85 11.75
N LEU E 32 39.04 -37.91 11.62
CA LEU E 32 38.65 -39.18 12.23
C LEU E 32 38.74 -39.13 13.75
N GLN E 33 39.76 -38.45 14.29
CA GLN E 33 39.92 -38.39 15.74
C GLN E 33 38.80 -37.58 16.38
N MET E 34 38.34 -36.53 15.71
CA MET E 34 37.26 -35.71 16.25
C MET E 34 35.89 -36.35 16.13
N GLY E 35 35.77 -37.49 15.45
CA GLY E 35 34.48 -38.11 15.25
C GLY E 35 33.74 -37.64 14.01
N TYR E 36 34.35 -36.79 13.19
CA TYR E 36 33.74 -36.34 11.94
C TYR E 36 33.64 -37.50 10.95
N ILE E 37 32.53 -37.57 10.23
CA ILE E 37 32.35 -38.54 9.16
C ILE E 37 33.00 -37.99 7.89
N PRO E 38 33.99 -38.67 7.32
CA PRO E 38 34.60 -38.15 6.09
C PRO E 38 33.81 -38.55 4.85
N ALA E 39 33.85 -37.67 3.86
CA ALA E 39 33.22 -37.94 2.58
C ALA E 39 34.04 -37.29 1.48
N VAL E 40 33.92 -37.84 0.28
CA VAL E 40 34.65 -37.36 -0.88
C VAL E 40 33.64 -36.78 -1.86
N GLU E 41 33.77 -35.49 -2.15
CA GLU E 41 32.90 -34.82 -3.10
C GLU E 41 33.71 -34.41 -4.33
N PHE E 42 33.04 -34.32 -5.47
CA PHE E 42 33.69 -33.91 -6.70
C PHE E 42 32.75 -33.01 -7.49
N ASN E 43 33.35 -32.18 -8.34
CA ASN E 43 32.57 -31.29 -9.19
C ASN E 43 33.42 -30.87 -10.37
N GLU E 44 32.75 -30.50 -11.46
CA GLU E 44 33.45 -30.02 -12.64
C GLU E 44 34.02 -28.63 -12.45
N THR E 45 33.40 -27.81 -11.59
CA THR E 45 33.85 -26.46 -11.31
C THR E 45 33.99 -26.26 -9.81
N SER E 46 34.59 -25.13 -9.43
CA SER E 46 34.73 -24.73 -8.04
C SER E 46 34.17 -23.33 -7.82
N GLU E 47 33.00 -23.06 -8.37
CA GLU E 47 32.39 -21.75 -8.19
C GLU E 47 31.97 -21.57 -6.73
N PRO E 48 32.23 -20.42 -6.11
CA PRO E 48 31.83 -20.23 -4.72
C PRO E 48 30.32 -20.28 -4.52
N GLU E 49 29.55 -19.87 -5.52
CA GLU E 49 28.11 -19.84 -5.40
C GLU E 49 27.54 -21.24 -5.28
N ALA E 50 28.25 -22.24 -5.79
CA ALA E 50 27.78 -23.61 -5.74
C ALA E 50 27.80 -24.13 -4.31
N TYR E 51 26.61 -24.42 -3.78
CA TYR E 51 26.49 -25.02 -2.46
C TYR E 51 26.84 -26.50 -2.45
N TYR E 52 26.51 -27.23 -3.52
CA TYR E 52 26.62 -28.67 -3.54
C TYR E 52 27.60 -29.11 -4.61
N TRP E 53 28.54 -29.95 -4.22
CA TRP E 53 29.27 -30.79 -5.16
C TRP E 53 28.53 -32.11 -5.27
N THR E 54 29.08 -33.04 -6.03
CA THR E 54 28.47 -34.35 -6.20
C THR E 54 29.16 -35.35 -5.28
N MET E 55 28.37 -36.06 -4.50
CA MET E 55 28.91 -37.01 -3.54
C MET E 55 29.47 -38.23 -4.25
N TRP E 56 30.68 -38.65 -3.89
CA TRP E 56 31.28 -39.86 -4.41
C TRP E 56 30.92 -41.00 -3.48
N LYS E 57 30.11 -41.94 -3.98
CA LYS E 57 29.60 -43.08 -3.21
C LYS E 57 28.80 -42.54 -2.03
N LEU E 58 29.10 -42.94 -0.80
CA LEU E 58 28.43 -42.49 0.41
C LEU E 58 29.50 -42.08 1.41
N PRO E 59 29.14 -41.26 2.39
CA PRO E 59 30.12 -40.90 3.43
C PRO E 59 30.60 -42.13 4.17
N LEU E 60 31.89 -42.12 4.54
CA LEU E 60 32.53 -43.27 5.18
C LEU E 60 32.09 -43.33 6.64
N PHE E 61 30.84 -43.75 6.86
CA PHE E 61 30.28 -43.77 8.21
C PHE E 61 31.01 -44.77 9.09
N GLY E 62 31.33 -45.95 8.57
CA GLY E 62 32.03 -46.95 9.32
C GLY E 62 33.53 -46.82 9.33
N ALA E 63 34.07 -45.75 8.76
CA ALA E 63 35.51 -45.60 8.63
C ALA E 63 36.19 -45.47 9.98
N ASN E 64 37.38 -46.04 10.08
CA ASN E 64 38.22 -45.89 11.27
C ASN E 64 39.68 -45.67 10.91
N ASN E 65 40.03 -45.61 9.63
CA ASN E 65 41.42 -45.56 9.20
C ASN E 65 41.56 -44.59 8.04
N THR E 66 42.66 -43.83 8.03
CA THR E 66 42.87 -42.84 6.98
C THR E 66 43.08 -43.48 5.62
N ARG E 67 43.59 -44.72 5.59
CA ARG E 67 43.85 -45.38 4.33
C ARG E 67 42.56 -45.62 3.55
N ALA E 68 41.46 -45.90 4.23
CA ALA E 68 40.19 -46.12 3.56
C ALA E 68 39.71 -44.85 2.85
N VAL E 69 39.80 -43.71 3.54
CA VAL E 69 39.42 -42.45 2.91
C VAL E 69 40.35 -42.13 1.75
N LEU E 70 41.66 -42.39 1.93
CA LEU E 70 42.60 -42.18 0.84
C LEU E 70 42.25 -43.06 -0.36
N ASP E 71 41.75 -44.27 -0.10
CA ASP E 71 41.33 -45.15 -1.19
C ASP E 71 40.11 -44.60 -1.92
N GLU E 72 39.13 -44.07 -1.18
CA GLU E 72 38.01 -43.40 -1.86
C GLU E 72 38.49 -42.20 -2.67
N ILE E 73 39.43 -41.42 -2.12
CA ILE E 73 39.92 -40.23 -2.82
C ILE E 73 40.61 -40.63 -4.13
N GLN E 74 41.47 -41.65 -4.07
CA GLN E 74 42.15 -42.08 -5.29
C GLN E 74 41.18 -42.74 -6.27
N ALA E 75 40.13 -43.41 -5.78
CA ALA E 75 39.12 -43.94 -6.67
C ALA E 75 38.39 -42.83 -7.42
N CYS E 76 38.05 -41.75 -6.71
CA CYS E 76 37.44 -40.59 -7.36
C CYS E 76 38.39 -39.96 -8.36
N ARG E 77 39.67 -39.87 -7.99
CA ARG E 77 40.68 -39.33 -8.91
C ARG E 77 40.75 -40.14 -10.19
N SER E 78 40.76 -41.47 -10.06
CA SER E 78 40.80 -42.33 -11.23
C SER E 78 39.55 -42.19 -12.08
N GLU E 79 38.37 -42.13 -11.44
CA GLU E 79 37.14 -42.05 -12.22
C GLU E 79 36.95 -40.65 -12.81
N TYR E 80 37.23 -39.60 -12.03
CA TYR E 80 37.11 -38.22 -12.51
C TYR E 80 38.47 -37.53 -12.37
N GLY E 81 39.24 -37.52 -13.46
CA GLY E 81 40.51 -36.82 -13.49
C GLY E 81 40.45 -35.38 -13.91
N ASN E 82 39.31 -34.92 -14.43
CA ASN E 82 39.12 -33.53 -14.79
C ASN E 82 38.11 -32.85 -13.87
N CYS E 83 38.05 -33.29 -12.62
CA CYS E 83 37.12 -32.75 -11.64
C CYS E 83 37.88 -32.29 -10.41
N PHE E 84 37.46 -31.17 -9.85
CA PHE E 84 37.87 -30.79 -8.51
C PHE E 84 37.34 -31.81 -7.53
N ILE E 85 38.22 -32.32 -6.67
CA ILE E 85 37.88 -33.32 -5.67
C ILE E 85 38.27 -32.77 -4.31
N ARG E 86 37.34 -32.81 -3.36
CA ARG E 86 37.53 -32.30 -2.02
C ARG E 86 37.05 -33.32 -0.99
N VAL E 87 37.58 -33.17 0.22
CA VAL E 87 37.31 -34.08 1.33
C VAL E 87 36.61 -33.28 2.41
N VAL E 88 35.40 -33.71 2.78
CA VAL E 88 34.59 -32.99 3.75
C VAL E 88 34.45 -33.83 5.01
N GLY E 89 34.28 -33.15 6.13
CA GLY E 89 34.06 -33.80 7.41
C GLY E 89 32.76 -33.35 8.05
N PHE E 90 31.81 -34.25 8.16
CA PHE E 90 30.51 -33.96 8.75
C PHE E 90 30.57 -34.17 10.25
N ASP E 91 30.37 -33.10 11.01
CA ASP E 91 30.11 -33.20 12.44
C ASP E 91 28.62 -33.38 12.64
N ASN E 92 28.22 -34.45 13.31
CA ASN E 92 26.81 -34.78 13.41
C ASN E 92 26.18 -34.35 14.73
N VAL E 93 26.99 -33.98 15.73
CA VAL E 93 26.44 -33.44 16.97
C VAL E 93 25.75 -32.10 16.68
N LYS E 94 26.44 -31.20 16.01
CA LYS E 94 25.89 -29.92 15.61
C LYS E 94 25.34 -29.94 14.18
N GLN E 95 25.55 -31.02 13.44
CA GLN E 95 25.15 -31.15 12.05
C GLN E 95 25.64 -29.95 11.22
N CYS E 96 26.96 -29.89 11.11
CA CYS E 96 27.61 -28.90 10.27
C CYS E 96 28.90 -29.48 9.73
N GLN E 97 29.20 -29.15 8.49
CA GLN E 97 30.49 -29.52 7.91
C GLN E 97 31.60 -28.88 8.74
N ALA E 98 32.59 -29.69 9.10
CA ALA E 98 33.66 -29.22 9.98
C ALA E 98 35.03 -29.22 9.33
N VAL E 99 35.21 -29.96 8.24
CA VAL E 99 36.45 -29.96 7.48
C VAL E 99 36.09 -29.92 6.01
N SER E 100 36.84 -29.15 5.23
CA SER E 100 36.64 -29.09 3.79
C SER E 100 37.93 -28.60 3.16
N PHE E 101 38.64 -29.49 2.46
CA PHE E 101 39.82 -29.10 1.71
C PHE E 101 39.82 -29.84 0.38
N ILE E 102 40.37 -29.18 -0.64
CA ILE E 102 40.47 -29.79 -1.97
C ILE E 102 41.67 -30.73 -1.99
N VAL E 103 41.48 -31.91 -2.56
CA VAL E 103 42.58 -32.86 -2.74
C VAL E 103 43.00 -33.02 -4.19
N HIS E 104 42.20 -32.54 -5.15
CA HIS E 104 42.57 -32.70 -6.54
C HIS E 104 41.99 -31.59 -7.40
N LYS E 105 42.81 -31.07 -8.33
CA LYS E 105 42.48 -30.13 -9.38
C LYS E 105 42.39 -30.86 -10.72
N PRO E 106 41.53 -30.38 -11.63
CA PRO E 106 41.45 -31.00 -12.97
C PRO E 106 42.81 -31.24 -13.62
N GLY E 107 43.07 -32.49 -13.99
CA GLY E 107 44.35 -32.86 -14.57
C GLY E 107 44.26 -33.38 -16.00
N MET F 1 28.87 -50.79 -3.64
CA MET F 1 28.49 -49.38 -3.78
C MET F 1 29.12 -48.79 -5.05
N LYS F 2 28.34 -48.03 -5.81
CA LYS F 2 28.82 -47.44 -7.05
C LYS F 2 28.25 -46.05 -7.20
N THR F 3 29.09 -45.10 -7.60
CA THR F 3 28.65 -43.72 -7.75
C THR F 3 27.89 -43.54 -9.06
N LEU F 4 26.72 -42.92 -8.99
CA LEU F 4 25.91 -42.73 -10.18
C LEU F 4 26.59 -41.76 -11.14
N PRO F 5 26.70 -42.10 -12.41
CA PRO F 5 27.31 -41.18 -13.38
C PRO F 5 26.41 -40.00 -13.70
N LYS F 6 27.02 -38.97 -14.27
CA LYS F 6 26.31 -37.76 -14.69
C LYS F 6 25.97 -37.89 -16.17
N GLU F 7 24.72 -38.24 -16.46
CA GLU F 7 24.24 -38.33 -17.83
C GLU F 7 23.05 -37.40 -18.02
N ARG F 8 23.00 -36.78 -19.20
CA ARG F 8 21.84 -35.98 -19.57
C ARG F 8 20.70 -36.91 -20.01
N ARG F 9 19.50 -36.62 -19.54
CA ARG F 9 18.34 -37.46 -19.81
C ARG F 9 17.37 -36.74 -20.72
N TYR F 10 16.40 -37.48 -21.23
CA TYR F 10 15.48 -36.98 -22.25
C TYR F 10 14.06 -37.45 -21.96
N GLU F 11 13.65 -37.31 -20.70
CA GLU F 11 12.29 -37.61 -20.24
C GLU F 11 11.97 -39.09 -20.39
N THR F 12 10.70 -39.41 -20.63
CA THR F 12 10.22 -40.79 -20.60
C THR F 12 11.06 -41.70 -21.48
N LEU F 13 11.32 -42.90 -20.96
CA LEU F 13 12.04 -43.97 -21.67
C LEU F 13 13.48 -43.59 -22.00
N SER F 14 14.08 -42.73 -21.19
CA SER F 14 15.48 -42.38 -21.34
C SER F 14 16.40 -43.13 -20.40
N TYR F 15 15.88 -43.63 -19.27
CA TYR F 15 16.66 -44.42 -18.34
C TYR F 15 16.63 -45.91 -18.67
N LEU F 16 16.27 -46.26 -19.89
CA LEU F 16 16.29 -47.62 -20.40
C LEU F 16 17.41 -47.77 -21.43
N PRO F 17 17.84 -48.99 -21.73
CA PRO F 17 18.91 -49.19 -22.71
C PRO F 17 18.57 -48.53 -24.04
N PRO F 18 19.57 -48.32 -24.92
CA PRO F 18 19.30 -47.77 -26.26
C PRO F 18 18.10 -48.40 -26.92
N LEU F 19 17.16 -47.57 -27.37
CA LEU F 19 15.87 -48.06 -27.84
C LEU F 19 16.03 -48.70 -29.22
N THR F 20 15.85 -50.00 -29.30
CA THR F 20 15.81 -50.69 -30.58
C THR F 20 14.62 -50.20 -31.39
N ASP F 21 14.79 -50.13 -32.70
CA ASP F 21 13.68 -49.73 -33.56
C ASP F 21 12.49 -50.65 -33.41
N GLN F 22 12.70 -51.88 -32.94
CA GLN F 22 11.58 -52.77 -32.63
C GLN F 22 10.77 -52.23 -31.45
N GLN F 23 11.44 -51.82 -30.38
CA GLN F 23 10.72 -51.26 -29.23
C GLN F 23 10.08 -49.93 -29.59
N ILE F 24 10.74 -49.13 -30.43
CA ILE F 24 10.12 -47.91 -30.92
C ILE F 24 8.86 -48.25 -31.70
N GLU F 25 8.94 -49.26 -32.56
CA GLU F 25 7.79 -49.71 -33.34
C GLU F 25 6.65 -50.12 -32.43
N LYS F 26 6.96 -50.86 -31.36
CA LYS F 26 5.92 -51.24 -30.40
C LYS F 26 5.34 -50.03 -29.68
N GLN F 27 6.16 -49.04 -29.35
CA GLN F 27 5.63 -47.84 -28.69
C GLN F 27 4.66 -47.08 -29.59
N ILE F 28 5.02 -46.92 -30.87
CA ILE F 28 4.12 -46.26 -31.80
C ILE F 28 2.88 -47.11 -32.03
N ASN F 29 3.03 -48.43 -32.04
CA ASN F 29 1.86 -49.30 -32.15
C ASN F 29 0.94 -49.08 -30.96
N TYR F 30 1.51 -48.96 -29.75
CA TYR F 30 0.71 -48.74 -28.56
C TYR F 30 -0.05 -47.44 -28.66
N CYS F 31 0.59 -46.37 -29.13
CA CYS F 31 -0.15 -45.10 -29.20
C CYS F 31 -1.18 -45.12 -30.31
N LEU F 32 -0.99 -45.96 -31.35
CA LEU F 32 -2.04 -46.11 -32.34
C LEU F 32 -3.23 -46.89 -31.78
N GLN F 33 -2.98 -47.91 -30.96
CA GLN F 33 -4.07 -48.72 -30.42
C GLN F 33 -4.93 -47.90 -29.46
N MET F 34 -4.31 -46.98 -28.71
CA MET F 34 -5.05 -46.15 -27.76
C MET F 34 -5.82 -45.02 -28.43
N GLY F 35 -5.64 -44.81 -29.72
CA GLY F 35 -6.27 -43.69 -30.40
C GLY F 35 -5.49 -42.40 -30.38
N TYR F 36 -4.27 -42.41 -29.84
CA TYR F 36 -3.42 -41.22 -29.85
C TYR F 36 -2.98 -40.88 -31.26
N ILE F 37 -2.96 -39.59 -31.58
CA ILE F 37 -2.44 -39.11 -32.86
C ILE F 37 -0.93 -39.00 -32.75
N PRO F 38 -0.15 -39.70 -33.56
CA PRO F 38 1.30 -39.59 -33.47
C PRO F 38 1.82 -38.40 -34.27
N ALA F 39 2.91 -37.83 -33.77
CA ALA F 39 3.57 -36.73 -34.45
C ALA F 39 5.06 -36.83 -34.20
N VAL F 40 5.84 -36.27 -35.11
CA VAL F 40 7.29 -36.28 -35.04
C VAL F 40 7.76 -34.85 -34.83
N GLU F 41 8.43 -34.60 -33.71
CA GLU F 41 8.97 -33.29 -33.41
C GLU F 41 10.50 -33.36 -33.41
N PHE F 42 11.12 -32.22 -33.72
CA PHE F 42 12.58 -32.15 -33.73
C PHE F 42 13.02 -30.82 -33.16
N ASN F 43 14.23 -30.79 -32.64
CA ASN F 43 14.80 -29.57 -32.09
C ASN F 43 16.32 -29.69 -32.08
N GLU F 44 16.99 -28.54 -32.09
CA GLU F 44 18.44 -28.52 -32.03
C GLU F 44 18.96 -28.87 -30.65
N THR F 45 18.18 -28.58 -29.60
CA THR F 45 18.55 -28.87 -28.22
C THR F 45 17.44 -29.65 -27.54
N SER F 46 17.74 -30.15 -26.34
CA SER F 46 16.78 -30.84 -25.50
C SER F 46 16.71 -30.21 -24.11
N GLU F 47 16.67 -28.89 -24.06
CA GLU F 47 16.58 -28.21 -22.77
C GLU F 47 15.22 -28.48 -22.12
N PRO F 48 15.18 -28.80 -20.83
CA PRO F 48 13.88 -29.05 -20.19
C PRO F 48 12.96 -27.85 -20.19
N GLU F 49 13.52 -26.64 -20.15
CA GLU F 49 12.71 -25.44 -20.10
C GLU F 49 11.94 -25.24 -21.40
N ALA F 50 12.43 -25.80 -22.49
CA ALA F 50 11.77 -25.65 -23.78
C ALA F 50 10.45 -26.41 -23.79
N TYR F 51 9.35 -25.68 -23.91
CA TYR F 51 8.04 -26.30 -24.04
C TYR F 51 7.79 -26.87 -25.43
N TYR F 52 8.31 -26.23 -26.47
CA TYR F 52 7.97 -26.55 -27.84
C TYR F 52 9.21 -26.98 -28.61
N TRP F 53 9.11 -28.12 -29.27
CA TRP F 53 10.01 -28.47 -30.35
C TRP F 53 9.37 -28.02 -31.65
N THR F 54 10.04 -28.24 -32.78
CA THR F 54 9.50 -27.88 -34.07
C THR F 54 8.81 -29.09 -34.68
N MET F 55 7.57 -28.89 -35.11
CA MET F 55 6.78 -29.98 -35.66
C MET F 55 7.28 -30.35 -37.05
N TRP F 56 7.45 -31.65 -37.29
CA TRP F 56 7.84 -32.15 -38.61
C TRP F 56 6.56 -32.47 -39.38
N LYS F 57 6.31 -31.70 -40.44
CA LYS F 57 5.11 -31.82 -41.28
C LYS F 57 3.89 -31.58 -40.38
N LEU F 58 2.91 -32.47 -40.36
CA LEU F 58 1.72 -32.37 -39.54
C LEU F 58 1.54 -33.69 -38.80
N PRO F 59 0.77 -33.68 -37.70
CA PRO F 59 0.50 -34.94 -37.01
C PRO F 59 -0.21 -35.92 -37.92
N LEU F 60 0.12 -37.21 -37.78
CA LEU F 60 -0.42 -38.26 -38.64
C LEU F 60 -1.85 -38.58 -38.21
N PHE F 61 -2.76 -37.66 -38.56
CA PHE F 61 -4.14 -37.80 -38.14
C PHE F 61 -4.80 -39.02 -38.78
N GLY F 62 -4.54 -39.25 -40.05
CA GLY F 62 -5.10 -40.39 -40.76
C GLY F 62 -4.33 -41.68 -40.60
N ALA F 63 -3.30 -41.69 -39.76
CA ALA F 63 -2.44 -42.86 -39.65
C ALA F 63 -3.19 -44.05 -39.07
N ASN F 64 -2.86 -45.23 -39.58
CA ASN F 64 -3.38 -46.48 -39.03
C ASN F 64 -2.31 -47.55 -38.92
N ASN F 65 -1.08 -47.26 -39.29
CA ASN F 65 -0.01 -48.26 -39.37
C ASN F 65 1.28 -47.66 -38.83
N THR F 66 2.04 -48.48 -38.09
CA THR F 66 3.28 -48.01 -37.49
C THR F 66 4.33 -47.67 -38.53
N ARG F 67 4.28 -48.34 -39.69
CA ARG F 67 5.28 -48.09 -40.72
C ARG F 67 5.21 -46.66 -41.23
N ALA F 68 4.02 -46.07 -41.29
CA ALA F 68 3.90 -44.69 -41.74
C ALA F 68 4.59 -43.72 -40.78
N VAL F 69 4.41 -43.92 -39.48
CA VAL F 69 5.09 -43.09 -38.50
C VAL F 69 6.59 -43.31 -38.57
N LEU F 70 7.01 -44.57 -38.74
CA LEU F 70 8.44 -44.84 -38.91
C LEU F 70 9.00 -44.13 -40.14
N ASP F 71 8.19 -44.03 -41.20
CA ASP F 71 8.63 -43.32 -42.39
C ASP F 71 8.79 -41.82 -42.12
N GLU F 72 7.85 -41.22 -41.39
CA GLU F 72 8.05 -39.82 -41.00
C GLU F 72 9.29 -39.66 -40.13
N ILE F 73 9.52 -40.59 -39.21
CA ILE F 73 10.67 -40.49 -38.32
C ILE F 73 11.96 -40.54 -39.11
N GLN F 74 12.07 -41.49 -40.04
CA GLN F 74 13.28 -41.59 -40.85
C GLN F 74 13.42 -40.41 -41.81
N ALA F 75 12.30 -39.85 -42.28
CA ALA F 75 12.39 -38.65 -43.09
C ALA F 75 12.97 -37.48 -42.30
N CYS F 76 12.52 -37.32 -41.05
CA CYS F 76 13.08 -36.29 -40.19
C CYS F 76 14.56 -36.55 -39.91
N ARG F 77 14.91 -37.82 -39.69
CA ARG F 77 16.31 -38.19 -39.48
C ARG F 77 17.16 -37.79 -40.67
N SER F 78 16.68 -38.08 -41.89
CA SER F 78 17.42 -37.72 -43.08
C SER F 78 17.54 -36.21 -43.23
N GLU F 79 16.46 -35.48 -42.99
CA GLU F 79 16.52 -34.03 -43.17
C GLU F 79 17.31 -33.35 -42.05
N TYR F 80 17.10 -33.77 -40.81
CA TYR F 80 17.82 -33.22 -39.66
C TYR F 80 18.58 -34.33 -38.96
N GLY F 81 19.87 -34.46 -39.28
CA GLY F 81 20.72 -35.43 -38.62
C GLY F 81 21.46 -34.94 -37.40
N ASN F 82 21.49 -33.63 -37.17
CA ASN F 82 22.07 -33.05 -35.98
C ASN F 82 21.01 -32.49 -35.04
N CYS F 83 19.83 -33.12 -35.03
CA CYS F 83 18.71 -32.67 -34.23
C CYS F 83 18.19 -33.82 -33.38
N PHE F 84 17.81 -33.49 -32.15
CA PHE F 84 17.02 -34.40 -31.34
C PHE F 84 15.65 -34.57 -31.99
N ILE F 85 15.24 -35.82 -32.16
CA ILE F 85 13.96 -36.17 -32.77
C ILE F 85 13.19 -37.04 -31.78
N ARG F 86 11.94 -36.67 -31.52
CA ARG F 86 11.08 -37.37 -30.60
C ARG F 86 9.71 -37.61 -31.23
N VAL F 87 9.01 -38.61 -30.69
CA VAL F 87 7.70 -39.03 -31.18
C VAL F 87 6.69 -38.79 -30.07
N VAL F 88 5.68 -37.99 -30.37
CA VAL F 88 4.69 -37.61 -29.38
C VAL F 88 3.34 -38.21 -29.76
N GLY F 89 2.52 -38.46 -28.74
CA GLY F 89 1.18 -38.96 -28.94
C GLY F 89 0.14 -38.07 -28.31
N PHE F 90 -0.68 -37.44 -29.15
CA PHE F 90 -1.72 -36.53 -28.70
C PHE F 90 -2.99 -37.31 -28.40
N ASP F 91 -3.41 -37.29 -27.14
CA ASP F 91 -4.75 -37.75 -26.76
C ASP F 91 -5.68 -36.57 -26.89
N ASN F 92 -6.74 -36.72 -27.69
CA ASN F 92 -7.62 -35.60 -27.98
C ASN F 92 -8.88 -35.58 -27.14
N VAL F 93 -9.21 -36.68 -26.45
CA VAL F 93 -10.34 -36.67 -25.53
C VAL F 93 -10.08 -35.72 -24.38
N LYS F 94 -8.93 -35.85 -23.75
CA LYS F 94 -8.50 -34.96 -22.68
C LYS F 94 -7.60 -33.83 -23.16
N GLN F 95 -7.20 -33.86 -24.44
CA GLN F 95 -6.29 -32.89 -25.03
C GLN F 95 -5.03 -32.73 -24.16
N CYS F 96 -4.27 -33.81 -24.13
CA CYS F 96 -2.98 -33.81 -23.46
C CYS F 96 -2.06 -34.80 -24.17
N GLN F 97 -0.79 -34.43 -24.27
CA GLN F 97 0.20 -35.34 -24.79
C GLN F 97 0.26 -36.58 -23.89
N ALA F 98 0.22 -37.76 -24.52
CA ALA F 98 0.15 -39.01 -23.77
C ALA F 98 1.36 -39.90 -23.97
N VAL F 99 2.14 -39.68 -25.02
CA VAL F 99 3.37 -40.41 -25.26
C VAL F 99 4.43 -39.41 -25.71
N SER F 100 5.65 -39.58 -25.22
CA SER F 100 6.76 -38.72 -25.66
C SER F 100 8.06 -39.47 -25.39
N PHE F 101 8.72 -39.92 -26.44
CA PHE F 101 10.04 -40.52 -26.31
C PHE F 101 10.93 -40.04 -27.45
N ILE F 102 12.22 -39.95 -27.17
CA ILE F 102 13.19 -39.52 -28.18
C ILE F 102 13.54 -40.72 -29.05
N VAL F 103 13.59 -40.50 -30.37
CA VAL F 103 14.03 -41.53 -31.31
C VAL F 103 15.37 -41.23 -31.93
N HIS F 104 15.90 -40.02 -31.79
CA HIS F 104 17.18 -39.71 -32.39
C HIS F 104 17.90 -38.60 -31.62
N LYS F 105 19.22 -38.81 -31.42
CA LYS F 105 20.19 -37.87 -30.88
C LYS F 105 21.05 -37.33 -32.01
N PRO F 106 21.51 -36.08 -31.89
CA PRO F 106 22.39 -35.50 -32.93
C PRO F 106 23.53 -36.42 -33.35
N GLY F 107 23.61 -36.71 -34.65
CA GLY F 107 24.62 -37.61 -35.17
C GLY F 107 25.61 -36.96 -36.12
N MET G 1 2.93 -32.34 -48.70
CA MET G 1 3.25 -31.70 -47.43
C MET G 1 4.77 -31.56 -47.30
N LYS G 2 5.22 -30.39 -46.83
CA LYS G 2 6.64 -30.14 -46.68
C LYS G 2 6.89 -29.32 -45.42
N THR G 3 7.90 -29.71 -44.64
CA THR G 3 8.19 -29.01 -43.40
C THR G 3 8.94 -27.73 -43.68
N LEU G 4 8.48 -26.63 -43.09
CA LEU G 4 9.09 -25.34 -43.31
C LEU G 4 10.50 -25.32 -42.72
N PRO G 5 11.50 -24.86 -43.48
CA PRO G 5 12.87 -24.81 -42.94
C PRO G 5 13.03 -23.68 -41.93
N LYS G 6 14.10 -23.76 -41.17
CA LYS G 6 14.45 -22.77 -40.15
C LYS G 6 15.47 -21.80 -40.75
N GLU G 7 14.99 -20.64 -41.17
CA GLU G 7 15.84 -19.60 -41.72
C GLU G 7 15.69 -18.32 -40.92
N ARG G 8 16.80 -17.61 -40.74
CA ARG G 8 16.75 -16.29 -40.13
C ARG G 8 16.28 -15.27 -41.16
N ARG G 9 15.40 -14.38 -40.75
CA ARG G 9 14.81 -13.40 -41.64
C ARG G 9 15.27 -12.00 -41.27
N TYR G 10 15.00 -11.05 -42.16
CA TYR G 10 15.52 -9.70 -42.04
C TYR G 10 14.45 -8.67 -42.41
N GLU G 11 13.25 -8.88 -41.86
CA GLU G 11 12.13 -7.95 -42.01
C GLU G 11 11.67 -7.87 -43.46
N THR G 12 11.17 -6.69 -43.86
CA THR G 12 10.51 -6.54 -45.15
C THR G 12 11.39 -7.02 -46.30
N LEU G 13 10.75 -7.70 -47.26
CA LEU G 13 11.38 -8.18 -48.48
C LEU G 13 12.47 -9.21 -48.21
N SER G 14 12.34 -9.96 -47.13
CA SER G 14 13.26 -11.05 -46.83
C SER G 14 12.73 -12.42 -47.22
N TYR G 15 11.40 -12.58 -47.31
CA TYR G 15 10.80 -13.82 -47.75
C TYR G 15 10.63 -13.90 -49.25
N LEU G 16 11.36 -13.09 -50.00
CA LEU G 16 11.41 -13.11 -51.45
C LEU G 16 12.76 -13.64 -51.92
N PRO G 17 12.87 -14.08 -53.16
CA PRO G 17 14.17 -14.60 -53.66
C PRO G 17 15.27 -13.57 -53.49
N PRO G 18 16.54 -14.01 -53.57
CA PRO G 18 17.67 -13.05 -53.50
C PRO G 18 17.43 -11.80 -54.33
N LEU G 19 17.60 -10.64 -53.72
CA LEU G 19 17.20 -9.39 -54.35
C LEU G 19 18.23 -9.00 -55.41
N THR G 20 17.82 -9.03 -56.67
CA THR G 20 18.66 -8.52 -57.75
C THR G 20 18.87 -7.02 -57.58
N ASP G 21 20.05 -6.54 -57.96
CA ASP G 21 20.33 -5.12 -57.88
C ASP G 21 19.35 -4.30 -58.72
N GLN G 22 18.72 -4.92 -59.71
CA GLN G 22 17.65 -4.25 -60.46
C GLN G 22 16.44 -4.00 -59.56
N GLN G 23 16.01 -5.02 -58.81
CA GLN G 23 14.89 -4.81 -57.90
C GLN G 23 15.25 -3.85 -56.78
N ILE G 24 16.50 -3.89 -56.32
CA ILE G 24 16.94 -2.92 -55.32
C ILE G 24 16.86 -1.52 -55.91
N GLU G 25 17.34 -1.35 -57.14
CA GLU G 25 17.25 -0.06 -57.83
C GLU G 25 15.81 0.41 -57.91
N LYS G 26 14.89 -0.50 -58.21
CA LYS G 26 13.48 -0.13 -58.29
C LYS G 26 12.93 0.26 -56.93
N GLN G 27 13.35 -0.42 -55.87
CA GLN G 27 12.89 -0.05 -54.52
C GLN G 27 13.37 1.35 -54.14
N ILE G 28 14.64 1.65 -54.42
CA ILE G 28 15.16 2.99 -54.12
C ILE G 28 14.49 4.02 -55.01
N ASN G 29 14.21 3.66 -56.26
CA ASN G 29 13.47 4.57 -57.12
C ASN G 29 12.09 4.86 -56.54
N TYR G 30 11.43 3.83 -56.03
CA TYR G 30 10.11 4.00 -55.44
C TYR G 30 10.18 4.96 -54.25
N CYS G 31 11.19 4.80 -53.39
CA CYS G 31 11.24 5.69 -52.23
C CYS G 31 11.64 7.11 -52.64
N LEU G 32 12.35 7.27 -53.76
CA LEU G 32 12.62 8.61 -54.27
C LEU G 32 11.36 9.26 -54.82
N GLN G 33 10.51 8.47 -55.51
CA GLN G 33 9.30 9.05 -56.10
C GLN G 33 8.32 9.49 -55.02
N MET G 34 8.25 8.76 -53.90
CA MET G 34 7.34 9.11 -52.82
C MET G 34 7.84 10.28 -51.99
N GLY G 35 9.06 10.75 -52.20
CA GLY G 35 9.61 11.81 -51.40
C GLY G 35 10.34 11.36 -50.15
N TYR G 36 10.50 10.05 -49.96
CA TYR G 36 11.26 9.52 -48.83
C TYR G 36 12.74 9.85 -48.98
N ILE G 37 13.38 10.20 -47.86
CA ILE G 37 14.82 10.41 -47.83
C ILE G 37 15.51 9.07 -47.66
N PRO G 38 16.36 8.65 -48.59
CA PRO G 38 17.04 7.36 -48.43
C PRO G 38 18.27 7.49 -47.55
N ALA G 39 18.57 6.42 -46.83
CA ALA G 39 19.76 6.35 -46.02
C ALA G 39 20.26 4.92 -46.00
N VAL G 40 21.55 4.76 -45.77
CA VAL G 40 22.21 3.46 -45.74
C VAL G 40 22.67 3.21 -44.32
N GLU G 41 22.14 2.15 -43.69
CA GLU G 41 22.55 1.77 -42.35
C GLU G 41 23.27 0.44 -42.39
N PHE G 42 24.15 0.22 -41.42
CA PHE G 42 24.90 -1.02 -41.33
C PHE G 42 25.03 -1.44 -39.88
N ASN G 43 25.22 -2.73 -39.67
CA ASN G 43 25.38 -3.26 -38.32
C ASN G 43 26.08 -4.61 -38.41
N GLU G 44 26.75 -4.98 -37.31
CA GLU G 44 27.42 -6.27 -37.26
C GLU G 44 26.44 -7.42 -37.12
N THR G 45 25.27 -7.17 -36.52
CA THR G 45 24.25 -8.18 -36.32
C THR G 45 22.91 -7.67 -36.85
N SER G 46 21.93 -8.57 -36.91
CA SER G 46 20.57 -8.24 -37.30
C SER G 46 19.57 -8.71 -36.25
N GLU G 47 19.88 -8.47 -34.99
CA GLU G 47 18.97 -8.87 -33.92
C GLU G 47 17.69 -8.03 -33.98
N PRO G 48 16.52 -8.65 -33.86
CA PRO G 48 15.27 -7.86 -33.90
C PRO G 48 15.17 -6.85 -32.78
N GLU G 49 15.75 -7.14 -31.62
CA GLU G 49 15.65 -6.24 -30.49
C GLU G 49 16.39 -4.95 -30.73
N ALA G 50 17.38 -4.97 -31.63
CA ALA G 50 18.15 -3.77 -31.93
C ALA G 50 17.30 -2.75 -32.66
N TYR G 51 17.06 -1.61 -32.02
CA TYR G 51 16.35 -0.51 -32.66
C TYR G 51 17.21 0.24 -33.66
N TYR G 52 18.50 0.39 -33.39
CA TYR G 52 19.36 1.26 -34.17
C TYR G 52 20.48 0.45 -34.81
N TRP G 53 20.66 0.64 -36.10
CA TRP G 53 21.89 0.29 -36.77
C TRP G 53 22.78 1.54 -36.79
N THR G 54 23.96 1.43 -37.37
CA THR G 54 24.87 2.56 -37.47
C THR G 54 24.69 3.23 -38.82
N MET G 55 24.49 4.55 -38.79
CA MET G 55 24.24 5.30 -40.01
C MET G 55 25.53 5.43 -40.81
N TRP G 56 25.46 5.17 -42.12
CA TRP G 56 26.59 5.35 -43.01
C TRP G 56 26.50 6.76 -43.59
N LYS G 57 27.47 7.61 -43.23
CA LYS G 57 27.52 9.02 -43.64
C LYS G 57 26.26 9.70 -43.12
N LEU G 58 25.50 10.38 -43.97
CA LEU G 58 24.26 11.06 -43.62
C LEU G 58 23.20 10.66 -44.61
N PRO G 59 21.91 10.81 -44.26
CA PRO G 59 20.85 10.50 -45.22
C PRO G 59 20.97 11.39 -46.46
N LEU G 60 20.64 10.81 -47.60
CA LEU G 60 20.79 11.48 -48.90
C LEU G 60 19.65 12.49 -49.07
N PHE G 61 19.75 13.60 -48.33
CA PHE G 61 18.68 14.59 -48.35
C PHE G 61 18.55 15.24 -49.72
N GLY G 62 19.67 15.55 -50.36
CA GLY G 62 19.64 16.17 -51.67
C GLY G 62 19.52 15.19 -52.83
N ALA G 63 19.34 13.91 -52.55
CA ALA G 63 19.35 12.90 -53.60
C ALA G 63 18.16 13.07 -54.55
N ASN G 64 18.40 12.78 -55.82
CA ASN G 64 17.35 12.75 -56.82
C ASN G 64 17.48 11.58 -57.78
N ASN G 65 18.49 10.72 -57.61
CA ASN G 65 18.79 9.67 -58.56
C ASN G 65 19.15 8.40 -57.81
N THR G 66 18.70 7.25 -58.33
CA THR G 66 18.97 5.97 -57.67
C THR G 66 20.44 5.62 -57.70
N ARG G 67 21.18 6.10 -58.70
CA ARG G 67 22.60 5.77 -58.80
C ARG G 67 23.38 6.31 -57.61
N ALA G 68 22.99 7.48 -57.09
CA ALA G 68 23.69 8.03 -55.92
C ALA G 68 23.52 7.14 -54.69
N VAL G 69 22.29 6.67 -54.46
CA VAL G 69 22.05 5.76 -53.34
C VAL G 69 22.81 4.46 -53.54
N LEU G 70 22.80 3.95 -54.78
CA LEU G 70 23.55 2.73 -55.07
C LEU G 70 25.04 2.94 -54.81
N ASP G 71 25.55 4.15 -55.07
CA ASP G 71 26.95 4.44 -54.80
C ASP G 71 27.24 4.44 -53.30
N GLU G 72 26.34 5.03 -52.49
CA GLU G 72 26.52 4.92 -51.05
C GLU G 72 26.46 3.47 -50.58
N ILE G 73 25.54 2.69 -51.15
CA ILE G 73 25.39 1.29 -50.74
C ILE G 73 26.67 0.52 -51.04
N GLN G 74 27.22 0.69 -52.24
CA GLN G 74 28.45 0.00 -52.58
C GLN G 74 29.65 0.52 -51.80
N ALA G 75 29.64 1.81 -51.43
CA ALA G 75 30.70 2.31 -50.57
C ALA G 75 30.65 1.66 -49.19
N CYS G 76 29.45 1.50 -48.64
CA CYS G 76 29.31 0.79 -47.37
C CYS G 76 29.73 -0.67 -47.50
N ARG G 77 29.36 -1.30 -48.62
CA ARG G 77 29.76 -2.67 -48.88
C ARG G 77 31.29 -2.80 -48.89
N SER G 78 31.97 -1.88 -49.57
CA SER G 78 33.42 -1.92 -49.62
C SER G 78 34.03 -1.68 -48.25
N GLU G 79 33.51 -0.72 -47.49
CA GLU G 79 34.10 -0.43 -46.19
C GLU G 79 33.76 -1.51 -45.16
N TYR G 80 32.52 -1.97 -45.14
CA TYR G 80 32.08 -3.04 -44.22
C TYR G 80 31.55 -4.22 -45.04
N GLY G 81 32.41 -5.20 -45.28
CA GLY G 81 32.02 -6.41 -45.97
C GLY G 81 31.50 -7.52 -45.08
N ASN G 82 31.67 -7.39 -43.77
CA ASN G 82 31.14 -8.37 -42.81
C ASN G 82 30.01 -7.77 -41.99
N CYS G 83 29.26 -6.85 -42.57
CA CYS G 83 28.17 -6.17 -41.89
C CYS G 83 26.89 -6.33 -42.70
N PHE G 84 25.79 -6.53 -41.99
CA PHE G 84 24.48 -6.38 -42.60
C PHE G 84 24.28 -4.91 -42.99
N ILE G 85 23.89 -4.70 -44.24
CA ILE G 85 23.66 -3.37 -44.79
C ILE G 85 22.23 -3.31 -45.30
N ARG G 86 21.51 -2.26 -44.88
CA ARG G 86 20.12 -2.07 -45.24
C ARG G 86 19.89 -0.64 -45.69
N VAL G 87 18.82 -0.45 -46.46
CA VAL G 87 18.46 0.83 -47.05
C VAL G 87 17.12 1.24 -46.46
N VAL G 88 17.09 2.41 -45.82
CA VAL G 88 15.89 2.88 -45.14
C VAL G 88 15.37 4.12 -45.86
N GLY G 89 14.07 4.32 -45.77
CA GLY G 89 13.42 5.49 -46.34
C GLY G 89 12.65 6.27 -45.29
N PHE G 90 13.11 7.47 -44.99
CA PHE G 90 12.48 8.33 -43.99
C PHE G 90 11.38 9.16 -44.65
N ASP G 91 10.15 8.94 -44.22
CA ASP G 91 9.05 9.85 -44.56
C ASP G 91 9.02 10.93 -43.50
N ASN G 92 9.11 12.19 -43.92
CA ASN G 92 9.24 13.29 -42.97
C ASN G 92 7.92 14.00 -42.69
N VAL G 93 6.89 13.77 -43.51
CA VAL G 93 5.58 14.34 -43.21
C VAL G 93 5.03 13.75 -41.92
N LYS G 94 5.05 12.41 -41.82
CA LYS G 94 4.62 11.72 -40.62
C LYS G 94 5.79 11.36 -39.71
N GLN G 95 7.03 11.60 -40.14
CA GLN G 95 8.24 11.25 -39.41
C GLN G 95 8.19 9.79 -38.96
N CYS G 96 8.23 8.91 -39.96
CA CYS G 96 8.31 7.49 -39.71
C CYS G 96 9.07 6.85 -40.86
N GLN G 97 9.88 5.85 -40.53
CA GLN G 97 10.55 5.06 -41.56
C GLN G 97 9.49 4.38 -42.42
N ALA G 98 9.64 4.49 -43.74
CA ALA G 98 8.65 3.99 -44.67
C ALA G 98 9.16 2.87 -45.57
N VAL G 99 10.47 2.71 -45.70
CA VAL G 99 11.07 1.63 -46.45
C VAL G 99 12.24 1.10 -45.64
N SER G 100 12.41 -0.22 -45.61
CA SER G 100 13.55 -0.83 -44.94
C SER G 100 13.75 -2.22 -45.53
N PHE G 101 14.82 -2.39 -46.30
CA PHE G 101 15.19 -3.70 -46.81
C PHE G 101 16.70 -3.86 -46.72
N ILE G 102 17.13 -5.10 -46.51
CA ILE G 102 18.56 -5.40 -46.43
C ILE G 102 19.11 -5.52 -47.84
N VAL G 103 20.28 -4.92 -48.07
CA VAL G 103 20.97 -5.05 -49.35
C VAL G 103 22.23 -5.89 -49.26
N HIS G 104 22.73 -6.18 -48.05
CA HIS G 104 23.95 -6.96 -47.95
C HIS G 104 23.99 -7.76 -46.66
N LYS G 105 24.41 -9.03 -46.76
CA LYS G 105 24.72 -9.96 -45.69
C LYS G 105 26.22 -10.10 -45.53
N PRO G 106 26.70 -10.32 -44.31
CA PRO G 106 28.15 -10.50 -44.08
C PRO G 106 28.80 -11.46 -45.07
N GLY G 107 29.82 -10.99 -45.77
CA GLY G 107 30.49 -11.79 -46.78
C GLY G 107 31.96 -12.05 -46.48
N MET H 1 32.41 14.24 -46.61
CA MET H 1 31.71 13.49 -45.58
C MET H 1 32.37 12.13 -45.38
N LYS H 2 32.55 11.72 -44.12
CA LYS H 2 33.20 10.46 -43.82
C LYS H 2 32.52 9.81 -42.62
N THR H 3 32.27 8.52 -42.71
CA THR H 3 31.58 7.81 -41.63
C THR H 3 32.54 7.51 -40.50
N LEU H 4 32.13 7.84 -39.28
CA LEU H 4 32.99 7.63 -38.12
C LEU H 4 33.20 6.14 -37.88
N PRO H 5 34.44 5.69 -37.71
CA PRO H 5 34.68 4.26 -37.45
C PRO H 5 34.27 3.85 -36.05
N LYS H 6 34.14 2.55 -35.86
CA LYS H 6 33.75 1.96 -34.58
C LYS H 6 35.01 1.51 -33.85
N GLU H 7 35.46 2.32 -32.90
CA GLU H 7 36.63 2.01 -32.09
C GLU H 7 36.25 2.02 -30.61
N ARG H 8 36.85 1.10 -29.87
CA ARG H 8 36.69 1.08 -28.42
C ARG H 8 37.59 2.14 -27.81
N ARG H 9 37.07 2.88 -26.85
CA ARG H 9 37.80 3.99 -26.22
C ARG H 9 38.13 3.65 -24.78
N TYR H 10 38.98 4.46 -24.19
CA TYR H 10 39.52 4.19 -22.86
C TYR H 10 39.59 5.47 -22.03
N GLU H 11 38.49 6.22 -22.06
CA GLU H 11 38.32 7.43 -21.26
C GLU H 11 39.31 8.51 -21.66
N THR H 12 39.72 9.34 -20.69
CA THR H 12 40.50 10.53 -20.99
C THR H 12 41.74 10.22 -21.81
N LEU H 13 42.03 11.09 -22.77
CA LEU H 13 43.23 11.02 -23.63
C LEU H 13 43.25 9.76 -24.49
N SER H 14 42.07 9.25 -24.84
CA SER H 14 41.97 8.12 -25.76
C SER H 14 41.66 8.53 -27.19
N TYR H 15 41.01 9.69 -27.39
CA TYR H 15 40.72 10.19 -28.72
C TYR H 15 41.86 11.02 -29.29
N LEU H 16 43.06 10.87 -28.76
CA LEU H 16 44.28 11.50 -29.26
C LEU H 16 45.17 10.44 -29.90
N PRO H 17 46.13 10.84 -30.72
CA PRO H 17 47.04 9.86 -31.36
C PRO H 17 47.73 9.00 -30.32
N PRO H 18 48.30 7.85 -30.74
CA PRO H 18 49.06 7.01 -29.80
C PRO H 18 49.98 7.82 -28.90
N LEU H 19 49.90 7.59 -27.59
CA LEU H 19 50.58 8.45 -26.63
C LEU H 19 52.06 8.11 -26.60
N THR H 20 52.89 9.04 -27.06
CA THR H 20 54.33 8.90 -26.92
C THR H 20 54.71 8.90 -25.45
N ASP H 21 55.74 8.13 -25.10
CA ASP H 21 56.21 8.11 -23.72
C ASP H 21 56.65 9.48 -23.26
N GLN H 22 56.98 10.39 -24.17
CA GLN H 22 57.27 11.76 -23.80
C GLN H 22 56.01 12.46 -23.29
N GLN H 23 54.89 12.31 -24.00
CA GLN H 23 53.64 12.90 -23.53
C GLN H 23 53.17 12.23 -22.25
N ILE H 24 53.40 10.93 -22.11
CA ILE H 24 53.08 10.26 -20.86
C ILE H 24 53.91 10.84 -19.72
N GLU H 25 55.20 11.03 -19.97
CA GLU H 25 56.09 11.65 -18.99
C GLU H 25 55.58 13.02 -18.59
N LYS H 26 55.12 13.80 -19.57
CA LYS H 26 54.58 15.13 -19.26
C LYS H 26 53.30 15.05 -18.44
N GLN H 27 52.45 14.06 -18.73
CA GLN H 27 51.22 13.91 -17.94
C GLN H 27 51.53 13.56 -16.49
N ILE H 28 52.48 12.63 -16.28
CA ILE H 28 52.87 12.29 -14.91
C ILE H 28 53.56 13.47 -14.24
N ASN H 29 54.35 14.22 -15.00
CA ASN H 29 54.95 15.43 -14.44
C ASN H 29 53.87 16.40 -14.00
N TYR H 30 52.84 16.56 -14.81
CA TYR H 30 51.74 17.47 -14.46
C TYR H 30 51.07 17.02 -13.17
N CYS H 31 50.82 15.73 -13.01
CA CYS H 31 50.15 15.30 -11.79
C CYS H 31 51.07 15.39 -10.58
N LEU H 32 52.39 15.31 -10.80
CA LEU H 32 53.31 15.55 -9.69
C LEU H 32 53.34 17.02 -9.28
N GLN H 33 53.26 17.94 -10.26
CA GLN H 33 53.31 19.35 -9.94
C GLN H 33 52.06 19.79 -9.18
N MET H 34 50.91 19.21 -9.50
CA MET H 34 49.67 19.57 -8.82
C MET H 34 49.55 18.96 -7.42
N GLY H 35 50.47 18.08 -7.04
CA GLY H 35 50.37 17.42 -5.76
C GLY H 35 49.58 16.12 -5.76
N TYR H 36 49.13 15.67 -6.93
CA TYR H 36 48.42 14.39 -7.05
C TYR H 36 49.37 13.23 -6.76
N ILE H 37 48.87 12.22 -6.06
CA ILE H 37 49.61 10.99 -5.82
C ILE H 37 49.43 10.08 -7.02
N PRO H 38 50.50 9.70 -7.72
CA PRO H 38 50.33 8.80 -8.86
C PRO H 38 50.27 7.34 -8.44
N ALA H 39 49.52 6.58 -9.22
CA ALA H 39 49.42 5.14 -8.99
C ALA H 39 49.25 4.45 -10.33
N VAL H 40 49.65 3.19 -10.38
CA VAL H 40 49.57 2.38 -11.58
C VAL H 40 48.55 1.27 -11.34
N GLU H 41 47.49 1.26 -12.14
CA GLU H 41 46.47 0.23 -12.04
C GLU H 41 46.49 -0.62 -13.31
N PHE H 42 46.06 -1.87 -13.17
CA PHE H 42 46.01 -2.78 -14.31
C PHE H 42 44.76 -3.63 -14.21
N ASN H 43 44.32 -4.12 -15.36
CA ASN H 43 43.14 -4.98 -15.42
C ASN H 43 43.18 -5.78 -16.71
N GLU H 44 42.50 -6.93 -16.68
CA GLU H 44 42.42 -7.77 -17.87
C GLU H 44 41.50 -7.18 -18.92
N THR H 45 40.50 -6.40 -18.51
CA THR H 45 39.54 -5.78 -19.41
C THR H 45 39.47 -4.28 -19.12
N SER H 46 38.78 -3.56 -20.01
CA SER H 46 38.53 -2.13 -19.85
C SER H 46 37.04 -1.83 -19.95
N GLU H 47 36.21 -2.65 -19.31
CA GLU H 47 34.78 -2.41 -19.34
C GLU H 47 34.43 -1.12 -18.59
N PRO H 48 33.57 -0.27 -19.14
CA PRO H 48 33.22 0.97 -18.43
C PRO H 48 32.53 0.73 -17.10
N GLU H 49 31.78 -0.37 -16.99
CA GLU H 49 31.04 -0.65 -15.77
C GLU H 49 31.98 -0.95 -14.62
N ALA H 50 33.19 -1.41 -14.92
CA ALA H 50 34.15 -1.73 -13.87
C ALA H 50 34.63 -0.47 -13.17
N TYR H 51 34.32 -0.35 -11.89
CA TYR H 51 34.80 0.75 -11.08
C TYR H 51 36.26 0.59 -10.69
N TYR H 52 36.72 -0.63 -10.44
CA TYR H 52 38.02 -0.87 -9.86
C TYR H 52 38.88 -1.69 -10.81
N TRP H 53 40.08 -1.21 -11.06
CA TRP H 53 41.15 -2.03 -11.59
C TRP H 53 41.95 -2.58 -10.42
N THR H 54 42.98 -3.37 -10.69
CA THR H 54 43.82 -3.91 -9.64
C THR H 54 45.04 -3.01 -9.46
N MET H 55 45.28 -2.62 -8.22
CA MET H 55 46.38 -1.71 -7.92
C MET H 55 47.71 -2.44 -8.04
N TRP H 56 48.67 -1.81 -8.72
CA TRP H 56 50.02 -2.35 -8.83
C TRP H 56 50.85 -1.77 -7.69
N LYS H 57 51.26 -2.63 -6.76
CA LYS H 57 52.02 -2.24 -5.56
C LYS H 57 51.17 -1.26 -4.77
N LEU H 58 51.69 -0.09 -4.41
CA LEU H 58 50.99 0.94 -3.67
C LEU H 58 51.17 2.26 -4.41
N PRO H 59 50.28 3.24 -4.17
CA PRO H 59 50.47 4.55 -4.79
C PRO H 59 51.79 5.17 -4.37
N LEU H 60 52.42 5.88 -5.31
CA LEU H 60 53.75 6.46 -5.10
C LEU H 60 53.61 7.71 -4.23
N PHE H 61 53.37 7.49 -2.94
CA PHE H 61 53.13 8.60 -2.02
C PHE H 61 54.37 9.46 -1.87
N GLY H 62 55.54 8.85 -1.76
CA GLY H 62 56.78 9.58 -1.62
C GLY H 62 57.39 10.04 -2.92
N ALA H 63 56.71 9.84 -4.05
CA ALA H 63 57.29 10.15 -5.35
C ALA H 63 57.53 11.64 -5.52
N ASN H 64 58.63 11.97 -6.19
CA ASN H 64 58.92 13.35 -6.56
C ASN H 64 59.45 13.47 -7.98
N ASN H 65 59.55 12.37 -8.72
CA ASN H 65 60.19 12.36 -10.03
C ASN H 65 59.40 11.47 -10.97
N THR H 66 59.28 11.90 -12.24
CA THR H 66 58.50 11.15 -13.21
C THR H 66 59.15 9.81 -13.54
N ARG H 67 60.48 9.71 -13.41
CA ARG H 67 61.16 8.47 -13.74
C ARG H 67 60.72 7.33 -12.83
N ALA H 68 60.43 7.63 -11.56
CA ALA H 68 59.99 6.59 -10.63
C ALA H 68 58.64 6.01 -11.05
N VAL H 69 57.70 6.88 -11.43
CA VAL H 69 56.41 6.42 -11.91
C VAL H 69 56.58 5.63 -13.20
N LEU H 70 57.44 6.12 -14.10
CA LEU H 70 57.71 5.39 -15.33
C LEU H 70 58.29 4.01 -15.03
N ASP H 71 59.10 3.90 -13.98
CA ASP H 71 59.64 2.61 -13.58
C ASP H 71 58.55 1.67 -13.08
N GLU H 72 57.61 2.19 -12.28
CA GLU H 72 56.47 1.35 -11.89
C GLU H 72 55.65 0.92 -13.11
N ILE H 73 55.45 1.84 -14.06
CA ILE H 73 54.64 1.53 -15.24
C ILE H 73 55.31 0.42 -16.05
N GLN H 74 56.63 0.53 -16.28
CA GLN H 74 57.32 -0.50 -17.03
C GLN H 74 57.39 -1.82 -16.26
N ALA H 75 57.45 -1.75 -14.92
CA ALA H 75 57.41 -2.97 -14.14
C ALA H 75 56.07 -3.68 -14.30
N CYS H 76 54.98 -2.92 -14.30
CA CYS H 76 53.66 -3.50 -14.55
C CYS H 76 53.57 -4.06 -15.96
N ARG H 77 54.13 -3.35 -16.93
CA ARG H 77 54.15 -3.83 -18.31
C ARG H 77 54.88 -5.17 -18.40
N SER H 78 56.03 -5.28 -17.75
CA SER H 78 56.79 -6.53 -17.76
C SER H 78 56.02 -7.66 -17.07
N GLU H 79 55.40 -7.38 -15.93
CA GLU H 79 54.70 -8.43 -15.22
C GLU H 79 53.39 -8.80 -15.91
N TYR H 80 52.63 -7.80 -16.36
CA TYR H 80 51.36 -8.03 -17.06
C TYR H 80 51.44 -7.42 -18.45
N GLY H 81 51.75 -8.25 -19.45
CA GLY H 81 51.79 -7.80 -20.83
C GLY H 81 50.50 -7.96 -21.60
N ASN H 82 49.55 -8.72 -21.06
CA ASN H 82 48.23 -8.86 -21.66
C ASN H 82 47.16 -8.15 -20.85
N CYS H 83 47.53 -7.04 -20.21
CA CYS H 83 46.64 -6.29 -19.35
C CYS H 83 46.63 -4.83 -19.78
N PHE H 84 45.44 -4.23 -19.71
CA PHE H 84 45.34 -2.78 -19.78
C PHE H 84 45.99 -2.18 -18.55
N ILE H 85 46.87 -1.21 -18.76
CA ILE H 85 47.58 -0.52 -17.69
C ILE H 85 47.31 0.97 -17.82
N ARG H 86 46.90 1.59 -16.72
CA ARG H 86 46.57 3.00 -16.67
C ARG H 86 47.24 3.65 -15.46
N VAL H 87 47.39 4.98 -15.56
CA VAL H 87 48.05 5.78 -14.55
C VAL H 87 47.04 6.75 -13.98
N VAL H 88 46.82 6.68 -12.67
CA VAL H 88 45.81 7.50 -12.02
C VAL H 88 46.49 8.50 -11.09
N GLY H 89 45.83 9.63 -10.90
CA GLY H 89 46.30 10.66 -9.99
C GLY H 89 45.28 10.98 -8.92
N PHE H 90 45.60 10.65 -7.68
CA PHE H 90 44.71 10.89 -6.55
C PHE H 90 44.94 12.29 -6.01
N ASP H 91 43.92 13.14 -6.08
CA ASP H 91 43.91 14.40 -5.35
C ASP H 91 43.33 14.13 -3.98
N ASN H 92 44.08 14.46 -2.93
CA ASN H 92 43.67 14.11 -1.58
C ASN H 92 43.00 15.25 -0.83
N VAL H 93 43.09 16.49 -1.33
CA VAL H 93 42.36 17.59 -0.71
C VAL H 93 40.86 17.36 -0.86
N LYS H 94 40.41 17.08 -2.06
CA LYS H 94 39.01 16.76 -2.34
C LYS H 94 38.74 15.28 -2.36
N GLN H 95 39.77 14.44 -2.27
CA GLN H 95 39.67 12.99 -2.34
C GLN H 95 38.86 12.56 -3.57
N CYS H 96 39.46 12.83 -4.72
CA CYS H 96 38.90 12.40 -5.99
C CYS H 96 40.04 12.15 -6.96
N GLN H 97 39.89 11.12 -7.78
CA GLN H 97 40.83 10.88 -8.85
C GLN H 97 40.83 12.08 -9.80
N ALA H 98 42.03 12.56 -10.12
CA ALA H 98 42.16 13.78 -10.92
C ALA H 98 42.83 13.55 -12.26
N VAL H 99 43.54 12.44 -12.43
CA VAL H 99 44.15 12.07 -13.70
C VAL H 99 43.91 10.59 -13.92
N SER H 100 43.60 10.20 -15.15
CA SER H 100 43.43 8.79 -15.49
C SER H 100 43.63 8.65 -16.99
N PHE H 101 44.74 8.04 -17.39
CA PHE H 101 44.97 7.72 -18.79
C PHE H 101 45.59 6.34 -18.89
N ILE H 102 45.29 5.65 -19.99
CA ILE H 102 45.85 4.32 -20.23
C ILE H 102 47.25 4.47 -20.79
N VAL H 103 48.18 3.67 -20.28
CA VAL H 103 49.55 3.63 -20.81
C VAL H 103 49.86 2.36 -21.55
N HIS H 104 49.04 1.32 -21.43
CA HIS H 104 49.34 0.08 -22.12
C HIS H 104 48.06 -0.70 -22.44
N LYS H 105 48.01 -1.26 -23.67
CA LYS H 105 47.01 -2.17 -24.16
C LYS H 105 47.58 -3.59 -24.20
N PRO H 106 46.73 -4.61 -24.04
CA PRO H 106 47.21 -6.00 -24.12
C PRO H 106 48.08 -6.27 -25.34
N GLY H 107 49.29 -6.76 -25.11
CA GLY H 107 50.24 -7.01 -26.19
C GLY H 107 50.61 -8.47 -26.36
N GLY I 11 -6.74 -12.68 52.75
CA GLY I 11 -7.13 -11.30 52.53
C GLY I 11 -6.76 -10.37 53.67
N ALA I 12 -5.57 -9.78 53.58
CA ALA I 12 -5.07 -8.90 54.63
C ALA I 12 -5.66 -7.50 54.48
N GLY I 13 -5.56 -6.73 55.56
CA GLY I 13 -5.94 -5.34 55.54
C GLY I 13 -4.89 -4.48 54.87
N TYR I 14 -5.17 -3.17 54.82
CA TYR I 14 -4.29 -2.23 54.16
C TYR I 14 -3.55 -1.41 55.22
N ASP I 15 -2.23 -1.50 55.21
CA ASP I 15 -1.37 -0.75 56.13
C ASP I 15 -0.64 0.33 55.34
N ALA I 16 -1.15 1.55 55.39
CA ALA I 16 -0.47 2.68 54.79
C ALA I 16 0.79 3.03 55.59
N GLY I 17 1.89 3.23 54.90
CA GLY I 17 3.15 3.59 55.54
C GLY I 17 4.29 2.75 54.98
N VAL I 18 5.51 3.26 55.19
CA VAL I 18 6.69 2.56 54.69
C VAL I 18 7.04 1.41 55.63
N GLN I 19 7.66 0.39 55.06
CA GLN I 19 8.13 -0.77 55.81
C GLN I 19 9.35 -1.32 55.10
N ASP I 20 10.11 -2.15 55.82
CA ASP I 20 11.33 -2.71 55.28
C ASP I 20 11.03 -3.61 54.08
N TYR I 21 11.93 -3.57 53.09
CA TYR I 21 11.80 -4.44 51.93
C TYR I 21 12.03 -5.90 52.29
N ARG I 22 12.91 -6.15 53.26
CA ARG I 22 13.30 -7.51 53.61
C ARG I 22 12.13 -8.35 54.12
N LEU I 23 11.06 -7.72 54.60
CA LEU I 23 9.94 -8.47 55.13
C LEU I 23 9.25 -9.30 54.04
N THR I 24 9.09 -8.72 52.85
CA THR I 24 8.34 -9.35 51.78
C THR I 24 9.14 -9.65 50.53
N TYR I 25 10.44 -9.38 50.51
CA TYR I 25 11.24 -9.54 49.30
C TYR I 25 12.53 -10.32 49.51
N TYR I 26 12.82 -10.77 50.73
CA TYR I 26 14.00 -11.59 50.99
C TYR I 26 13.51 -12.96 51.48
N ALA I 27 13.56 -13.94 50.58
CA ALA I 27 13.11 -15.31 50.86
C ALA I 27 14.33 -16.23 50.77
N PRO I 28 15.17 -16.26 51.80
CA PRO I 28 16.39 -17.06 51.74
C PRO I 28 16.14 -18.56 51.63
N ASP I 29 14.94 -19.03 51.98
CA ASP I 29 14.62 -20.44 51.88
C ASP I 29 14.07 -20.84 50.52
N TYR I 30 13.73 -19.86 49.68
CA TYR I 30 13.06 -20.15 48.42
C TYR I 30 14.03 -20.80 47.44
N THR I 31 13.59 -21.88 46.82
CA THR I 31 14.39 -22.48 45.76
C THR I 31 13.89 -21.98 44.41
N PRO I 32 14.77 -21.69 43.46
CA PRO I 32 14.33 -21.14 42.17
C PRO I 32 13.52 -22.16 41.37
N ARG I 33 12.37 -21.73 40.88
CA ARG I 33 11.67 -22.49 39.87
C ARG I 33 12.49 -22.53 38.59
N ASP I 34 12.28 -23.57 37.78
CA ASP I 34 13.04 -23.69 36.55
C ASP I 34 12.61 -22.69 35.48
N THR I 35 11.43 -22.09 35.63
CA THR I 35 10.95 -21.06 34.71
C THR I 35 11.32 -19.65 35.17
N ASP I 36 11.98 -19.49 36.31
CA ASP I 36 12.34 -18.18 36.81
C ASP I 36 13.52 -17.61 36.03
N ILE I 37 13.59 -16.29 35.99
CA ILE I 37 14.79 -15.59 35.53
C ILE I 37 15.67 -15.34 36.75
N LEU I 38 16.91 -15.78 36.69
CA LEU I 38 17.84 -15.64 37.81
C LEU I 38 18.88 -14.60 37.48
N ALA I 39 19.11 -13.68 38.41
CA ALA I 39 20.07 -12.59 38.23
C ALA I 39 21.07 -12.64 39.37
N ALA I 40 22.35 -12.57 39.03
CA ALA I 40 23.42 -12.46 40.01
C ALA I 40 23.89 -11.01 40.05
N PHE I 41 23.85 -10.41 41.23
CA PHE I 41 24.19 -9.01 41.41
C PHE I 41 25.40 -8.90 42.33
N ARG I 42 26.44 -8.22 41.86
CA ARG I 42 27.53 -7.79 42.71
C ARG I 42 27.12 -6.47 43.34
N MET I 43 26.84 -6.49 44.64
CA MET I 43 26.18 -5.41 45.34
C MET I 43 27.12 -4.85 46.39
N THR I 44 27.30 -3.54 46.38
CA THR I 44 28.07 -2.83 47.40
C THR I 44 27.13 -1.81 48.02
N PRO I 45 26.62 -2.07 49.22
CA PRO I 45 25.72 -1.12 49.88
C PRO I 45 26.47 -0.01 50.60
N GLN I 46 25.73 1.02 50.97
CA GLN I 46 26.28 2.07 51.79
C GLN I 46 26.65 1.51 53.17
N PRO I 47 27.65 2.08 53.82
CA PRO I 47 27.94 1.69 55.20
C PRO I 47 26.70 1.86 56.08
N GLY I 48 26.45 0.87 56.93
CA GLY I 48 25.30 0.91 57.80
C GLY I 48 23.96 0.51 57.21
N VAL I 49 23.94 0.05 55.96
CA VAL I 49 22.76 -0.45 55.26
C VAL I 49 22.82 -1.96 55.31
N PRO I 50 21.82 -2.66 55.87
CA PRO I 50 22.01 -4.13 55.91
C PRO I 50 22.14 -4.79 54.53
N PRO I 51 23.11 -5.72 54.34
CA PRO I 51 23.16 -6.28 52.98
C PRO I 51 21.87 -6.92 52.50
N GLU I 52 21.16 -7.64 53.38
CA GLU I 52 19.93 -8.30 52.98
C GLU I 52 18.84 -7.29 52.66
N GLU I 53 18.79 -6.19 53.41
CA GLU I 53 17.87 -5.12 53.06
C GLU I 53 18.21 -4.52 51.70
N CYS I 54 19.50 -4.37 51.41
CA CYS I 54 19.91 -3.84 50.11
C CYS I 54 19.47 -4.75 48.97
N ALA I 55 19.67 -6.06 49.14
CA ALA I 55 19.25 -7.02 48.12
C ALA I 55 17.74 -7.06 47.98
N ALA I 56 17.01 -6.95 49.10
CA ALA I 56 15.56 -6.90 49.05
C ALA I 56 15.09 -5.66 48.31
N ALA I 57 15.76 -4.53 48.52
CA ALA I 57 15.43 -3.32 47.76
C ALA I 57 15.68 -3.54 46.28
N VAL I 58 16.78 -4.19 45.93
CA VAL I 58 17.06 -4.49 44.54
C VAL I 58 15.93 -5.31 43.93
N ALA I 59 15.54 -6.39 44.61
CA ALA I 59 14.49 -7.26 44.10
C ALA I 59 13.16 -6.54 44.00
N ALA I 60 12.81 -5.74 45.01
CA ALA I 60 11.52 -5.06 45.03
C ALA I 60 11.44 -4.01 43.94
N GLU I 61 12.45 -3.14 43.84
CA GLU I 61 12.41 -2.09 42.84
C GLU I 61 12.64 -2.63 41.44
N SER I 62 13.18 -3.84 41.31
CA SER I 62 13.29 -4.45 40.00
C SER I 62 12.05 -5.24 39.58
N SER I 63 11.19 -5.64 40.53
CA SER I 63 9.98 -6.38 40.16
C SER I 63 8.70 -5.61 40.46
N THR I 64 8.36 -5.37 41.73
CA THR I 64 7.08 -4.75 42.06
C THR I 64 7.17 -3.71 43.16
N GLY I 65 8.25 -3.65 43.92
CA GLY I 65 8.25 -2.88 45.14
C GLY I 65 8.23 -1.38 44.90
N THR I 66 7.52 -0.67 45.76
CA THR I 66 7.57 0.78 45.84
C THR I 66 8.12 1.16 47.22
N TRP I 67 8.41 2.44 47.40
CA TRP I 67 9.04 2.87 48.65
C TRP I 67 8.11 2.71 49.83
N THR I 68 6.82 3.03 49.65
CA THR I 68 5.81 2.82 50.68
C THR I 68 4.79 1.81 50.21
N THR I 69 3.90 1.41 51.12
CA THR I 69 2.87 0.43 50.81
C THR I 69 1.72 1.07 50.03
N VAL I 70 1.26 0.38 49.00
CA VAL I 70 0.16 0.82 48.16
C VAL I 70 -1.00 -0.15 48.34
N TRP I 71 -2.23 0.40 48.44
CA TRP I 71 -3.41 -0.43 48.67
C TRP I 71 -3.77 -1.28 47.46
N THR I 72 -3.26 -0.93 46.27
CA THR I 72 -3.52 -1.73 45.09
C THR I 72 -2.73 -3.03 45.08
N ASP I 73 -1.77 -3.18 45.98
CA ASP I 73 -1.11 -4.47 46.14
C ASP I 73 -2.09 -5.53 46.58
N LEU I 74 -3.13 -5.15 47.31
CA LEU I 74 -4.07 -6.11 47.86
C LEU I 74 -5.02 -6.65 46.80
N LEU I 75 -5.34 -5.86 45.78
CA LEU I 75 -6.18 -6.39 44.71
C LEU I 75 -5.36 -7.16 43.68
N THR I 76 -4.53 -8.08 44.18
CA THR I 76 -3.57 -8.84 43.39
C THR I 76 -3.06 -10.03 44.18
N ASP I 77 -2.39 -10.96 43.52
CA ASP I 77 -1.59 -11.97 44.20
C ASP I 77 -0.13 -11.58 44.06
N MET I 78 0.38 -10.87 45.08
CA MET I 78 1.72 -10.32 45.04
C MET I 78 2.80 -11.39 44.98
N ASP I 79 2.62 -12.49 45.72
CA ASP I 79 3.66 -13.51 45.81
C ASP I 79 3.92 -14.20 44.48
N ARG I 80 3.00 -14.07 43.51
CA ARG I 80 3.21 -14.67 42.21
C ARG I 80 3.95 -13.76 41.24
N TYR I 81 4.20 -12.51 41.60
CA TYR I 81 4.93 -11.57 40.77
C TYR I 81 6.19 -11.01 41.42
N ARG I 82 6.26 -11.02 42.75
CA ARG I 82 7.37 -10.38 43.45
C ARG I 82 8.70 -11.05 43.11
N GLY I 83 9.71 -10.24 42.85
CA GLY I 83 11.06 -10.76 42.77
C GLY I 83 11.59 -11.06 44.17
N ARG I 84 12.28 -12.18 44.29
CA ARG I 84 12.76 -12.63 45.58
C ARG I 84 14.27 -12.84 45.52
N CYS I 85 14.96 -12.32 46.53
CA CYS I 85 16.39 -12.60 46.72
C CYS I 85 16.50 -13.88 47.54
N TYR I 86 16.86 -14.98 46.88
CA TYR I 86 16.89 -16.27 47.54
C TYR I 86 18.28 -16.65 48.04
N ASP I 87 19.26 -15.76 47.91
CA ASP I 87 20.61 -16.05 48.36
C ASP I 87 21.43 -14.77 48.37
N ILE I 88 22.28 -14.62 49.39
CA ILE I 88 23.30 -13.58 49.45
C ILE I 88 24.56 -14.22 49.98
N GLU I 89 25.66 -14.13 49.23
CA GLU I 89 26.93 -14.65 49.72
C GLU I 89 28.02 -13.61 49.54
N PRO I 90 28.78 -13.30 50.59
CA PRO I 90 29.88 -12.33 50.49
C PRO I 90 30.91 -12.73 49.45
N VAL I 91 31.40 -11.74 48.72
CA VAL I 91 32.47 -11.91 47.74
C VAL I 91 33.78 -12.04 48.51
N PRO I 92 34.70 -12.93 48.10
CA PRO I 92 35.98 -13.03 48.82
C PRO I 92 36.76 -11.73 48.77
N GLY I 93 37.41 -11.41 49.88
CA GLY I 93 38.23 -10.21 49.97
C GLY I 93 37.46 -8.93 49.80
N GLU I 94 36.26 -8.85 50.37
CA GLU I 94 35.41 -7.67 50.23
C GLU I 94 34.72 -7.36 51.55
N ASP I 95 34.94 -6.15 52.07
CA ASP I 95 34.27 -5.75 53.29
C ASP I 95 32.79 -5.51 53.09
N ASN I 96 32.39 -5.02 51.92
CA ASN I 96 31.00 -4.64 51.70
C ASN I 96 30.50 -5.01 50.30
N GLN I 97 30.98 -6.11 49.74
CA GLN I 97 30.58 -6.53 48.41
C GLN I 97 30.06 -7.97 48.46
N TYR I 98 28.82 -8.16 48.02
CA TYR I 98 28.15 -9.45 48.11
C TYR I 98 27.51 -9.81 46.78
N ILE I 99 27.50 -11.10 46.45
CA ILE I 99 26.73 -11.58 45.31
C ILE I 99 25.35 -12.00 45.79
N ALA I 100 24.32 -11.32 45.29
CA ALA I 100 22.93 -11.60 45.60
C ALA I 100 22.28 -12.28 44.41
N TYR I 101 21.59 -13.39 44.66
CA TYR I 101 20.88 -14.13 43.64
C TYR I 101 19.40 -13.81 43.77
N VAL I 102 18.83 -13.20 42.73
CA VAL I 102 17.43 -12.76 42.75
C VAL I 102 16.69 -13.55 41.68
N ALA I 103 15.51 -14.07 42.05
CA ALA I 103 14.69 -14.87 41.16
C ALA I 103 13.41 -14.11 40.82
N TYR I 104 13.11 -14.02 39.53
CA TYR I 104 11.96 -13.31 39.05
C TYR I 104 11.01 -14.28 38.37
N PRO I 105 9.71 -14.22 38.67
CA PRO I 105 8.75 -15.07 37.98
C PRO I 105 8.75 -14.81 36.47
N LEU I 106 8.52 -15.87 35.71
CA LEU I 106 8.41 -15.75 34.26
C LEU I 106 7.29 -14.81 33.85
N ASP I 107 6.29 -14.61 34.72
CA ASP I 107 5.12 -13.81 34.41
C ASP I 107 5.44 -12.31 34.29
N LEU I 108 6.60 -11.87 34.79
CA LEU I 108 6.92 -10.45 34.83
C LEU I 108 7.35 -9.87 33.49
N PHE I 109 7.78 -10.71 32.56
CA PHE I 109 8.51 -10.22 31.40
C PHE I 109 7.70 -10.41 30.13
N GLU I 110 7.78 -9.43 29.24
CA GLU I 110 7.13 -9.53 27.94
C GLU I 110 7.86 -10.56 27.09
N GLU I 111 7.09 -11.47 26.50
CA GLU I 111 7.67 -12.53 25.66
C GLU I 111 8.38 -11.93 24.46
N GLY I 112 9.60 -12.40 24.20
CA GLY I 112 10.32 -11.98 23.01
C GLY I 112 10.89 -10.59 23.05
N SER I 113 10.92 -9.94 24.21
CA SER I 113 11.40 -8.57 24.32
C SER I 113 12.63 -8.53 25.23
N VAL I 114 13.81 -8.33 24.63
CA VAL I 114 15.01 -8.10 25.42
C VAL I 114 14.93 -6.74 26.11
N THR I 115 14.35 -5.76 25.43
CA THR I 115 14.19 -4.42 25.99
C THR I 115 13.44 -4.46 27.30
N ASN I 116 12.32 -5.19 27.34
CA ASN I 116 11.53 -5.27 28.57
C ASN I 116 12.28 -6.00 29.66
N LEU I 117 13.00 -7.06 29.32
CA LEU I 117 13.81 -7.78 30.30
C LEU I 117 14.82 -6.85 30.96
N LEU I 118 15.55 -6.08 30.15
CA LEU I 118 16.55 -5.16 30.71
C LEU I 118 15.90 -4.03 31.48
N THR I 119 14.77 -3.51 31.00
CA THR I 119 14.09 -2.44 31.70
C THR I 119 13.62 -2.90 33.07
N SER I 120 13.17 -4.15 33.17
CA SER I 120 12.79 -4.69 34.47
C SER I 120 14.00 -4.89 35.36
N LEU I 121 15.06 -5.51 34.81
CA LEU I 121 16.21 -5.86 35.63
C LEU I 121 17.06 -4.65 35.96
N VAL I 122 17.60 -3.98 34.93
CA VAL I 122 18.58 -2.93 35.12
C VAL I 122 17.95 -1.54 34.99
N GLY I 123 16.65 -1.42 35.24
CA GLY I 123 15.93 -0.18 35.02
C GLY I 123 16.34 0.97 35.92
N ASN I 124 16.09 0.86 37.23
CA ASN I 124 16.41 1.94 38.15
C ASN I 124 17.09 1.50 39.44
N VAL I 125 17.34 0.20 39.63
CA VAL I 125 17.93 -0.25 40.87
C VAL I 125 19.40 0.14 40.99
N PHE I 126 20.07 0.41 39.86
CA PHE I 126 21.47 0.78 39.90
C PHE I 126 21.70 2.17 40.47
N GLY I 127 20.64 2.97 40.62
CA GLY I 127 20.78 4.29 41.20
C GLY I 127 20.13 4.41 42.56
N PHE I 128 19.94 3.29 43.25
CA PHE I 128 19.37 3.33 44.59
C PHE I 128 20.32 4.02 45.55
N LYS I 129 19.80 4.96 46.33
CA LYS I 129 20.63 5.75 47.22
C LYS I 129 21.31 4.89 48.28
N ALA I 130 20.61 3.87 48.79
CA ALA I 130 21.18 2.95 49.75
C ALA I 130 22.25 2.05 49.16
N LEU I 131 22.40 2.06 47.83
CA LEU I 131 23.39 1.26 47.13
C LEU I 131 24.58 2.14 46.75
N ARG I 132 25.79 1.62 46.92
CA ARG I 132 26.97 2.33 46.45
C ARG I 132 27.36 1.88 45.05
N ALA I 133 27.36 0.58 44.80
CA ALA I 133 27.71 0.08 43.47
C ALA I 133 26.92 -1.18 43.18
N LEU I 134 26.52 -1.35 41.92
CA LEU I 134 25.79 -2.54 41.53
C LEU I 134 26.28 -3.00 40.16
N ARG I 135 26.53 -4.30 40.04
CA ARG I 135 26.89 -4.91 38.78
C ARG I 135 26.01 -6.11 38.53
N LEU I 136 25.44 -6.21 37.34
CA LEU I 136 24.69 -7.40 36.95
C LEU I 136 25.69 -8.35 36.30
N GLU I 137 26.06 -9.41 37.04
CA GLU I 137 27.11 -10.29 36.57
C GLU I 137 26.58 -11.32 35.58
N ASP I 138 25.48 -11.98 35.89
CA ASP I 138 25.01 -13.08 35.06
C ASP I 138 23.49 -13.15 35.07
N LEU I 139 22.94 -13.87 34.10
CA LEU I 139 21.50 -14.01 33.96
C LEU I 139 21.19 -15.45 33.56
N ARG I 140 20.29 -16.08 34.30
CA ARG I 140 19.73 -17.36 33.89
C ARG I 140 18.44 -17.09 33.15
N ILE I 141 18.45 -17.30 31.85
CA ILE I 141 17.25 -17.18 31.02
C ILE I 141 16.62 -18.56 30.93
N PRO I 142 15.42 -18.76 31.47
CA PRO I 142 14.79 -20.09 31.41
C PRO I 142 14.44 -20.46 29.98
N VAL I 143 14.35 -21.77 29.75
CA VAL I 143 14.05 -22.28 28.42
C VAL I 143 12.71 -21.74 27.93
N ALA I 144 11.73 -21.64 28.84
CA ALA I 144 10.41 -21.14 28.46
C ALA I 144 10.48 -19.70 27.97
N TYR I 145 11.37 -18.89 28.57
CA TYR I 145 11.53 -17.54 28.06
C TYR I 145 12.33 -17.52 26.77
N VAL I 146 13.35 -18.38 26.66
CA VAL I 146 14.17 -18.44 25.46
C VAL I 146 13.31 -18.76 24.24
N LYS I 147 12.30 -19.61 24.43
CA LYS I 147 11.46 -20.03 23.31
C LYS I 147 10.67 -18.88 22.70
N THR I 148 10.46 -17.79 23.45
CA THR I 148 9.68 -16.67 22.93
C THR I 148 10.48 -15.74 22.01
N PHE I 149 11.78 -15.94 21.91
CA PHE I 149 12.63 -15.09 21.07
C PHE I 149 12.93 -15.78 19.75
N GLN I 150 13.25 -14.97 18.73
CA GLN I 150 13.72 -15.55 17.48
C GLN I 150 15.14 -16.07 17.60
N GLY I 151 15.96 -15.42 18.41
CA GLY I 151 17.35 -15.75 18.49
C GLY I 151 18.09 -15.16 17.31
N PRO I 152 19.28 -15.67 17.02
CA PRO I 152 20.01 -15.23 15.85
C PRO I 152 19.19 -15.47 14.59
N PRO I 153 19.24 -14.55 13.63
CA PRO I 153 18.51 -14.79 12.37
C PRO I 153 18.92 -16.09 11.70
N HIS I 154 20.20 -16.42 11.72
CA HIS I 154 20.68 -17.69 11.16
C HIS I 154 21.46 -18.53 12.16
N GLY I 155 22.46 -17.98 12.81
CA GLY I 155 23.32 -18.74 13.70
C GLY I 155 24.55 -19.27 12.97
N ILE I 156 25.41 -19.90 13.76
CA ILE I 156 26.75 -20.27 13.28
C ILE I 156 26.65 -21.25 12.12
N GLN I 157 25.92 -22.34 12.30
CA GLN I 157 25.94 -23.41 11.31
C GLN I 157 25.23 -22.99 10.02
N VAL I 158 24.10 -22.30 10.15
CA VAL I 158 23.41 -21.81 8.95
C VAL I 158 24.27 -20.77 8.24
N GLU I 159 24.97 -19.92 8.99
CA GLU I 159 25.86 -18.96 8.35
C GLU I 159 26.98 -19.65 7.58
N ARG I 160 27.60 -20.67 8.19
CA ARG I 160 28.67 -21.39 7.52
C ARG I 160 28.15 -22.10 6.28
N ASP I 161 26.94 -22.64 6.34
CA ASP I 161 26.33 -23.24 5.16
C ASP I 161 26.09 -22.19 4.08
N ARG I 162 25.64 -21.00 4.47
CA ARG I 162 25.28 -19.98 3.48
C ARG I 162 26.51 -19.39 2.80
N ILE I 163 27.60 -19.16 3.54
CA ILE I 163 28.81 -18.61 2.94
C ILE I 163 29.77 -19.70 2.49
N ASN I 164 29.41 -20.97 2.68
CA ASN I 164 30.19 -22.10 2.15
C ASN I 164 31.63 -22.06 2.66
N LYS I 165 31.78 -21.85 3.96
CA LYS I 165 33.09 -21.71 4.59
C LYS I 165 33.15 -22.66 5.78
N TYR I 166 34.07 -23.61 5.74
CA TYR I 166 34.17 -24.62 6.78
C TYR I 166 35.62 -24.86 7.14
N GLY I 167 35.85 -25.29 8.38
CA GLY I 167 37.11 -25.82 8.82
C GLY I 167 38.13 -24.83 9.32
N ARG I 168 37.78 -23.55 9.44
CA ARG I 168 38.73 -22.55 9.90
C ARG I 168 37.95 -21.35 10.43
N PRO I 169 38.57 -20.52 11.25
CA PRO I 169 37.97 -19.22 11.56
C PRO I 169 37.88 -18.37 10.31
N LEU I 170 36.87 -17.50 10.28
CA LEU I 170 36.77 -16.55 9.18
C LEU I 170 37.71 -15.38 9.43
N LEU I 171 38.06 -14.67 8.36
CA LEU I 171 38.97 -13.54 8.44
C LEU I 171 38.27 -12.28 7.94
N GLY I 172 38.44 -11.19 8.68
CA GLY I 172 37.84 -9.91 8.33
C GLY I 172 38.81 -8.78 8.58
N CYS I 173 38.35 -7.58 8.23
CA CYS I 173 39.12 -6.37 8.45
C CYS I 173 38.19 -5.17 8.39
N THR I 174 38.47 -4.19 9.24
CA THR I 174 37.82 -2.89 9.18
C THR I 174 38.65 -1.98 8.29
N ILE I 175 37.98 -1.31 7.36
CA ILE I 175 38.68 -0.36 6.49
C ILE I 175 39.10 0.85 7.31
N LYS I 176 40.38 1.17 7.26
CA LYS I 176 40.95 2.31 7.96
C LYS I 176 41.43 3.35 6.95
N PRO I 177 41.39 4.64 7.29
CA PRO I 177 40.93 5.24 8.56
C PRO I 177 39.44 5.02 8.80
N LYS I 178 38.99 5.18 10.05
CA LYS I 178 37.59 5.00 10.37
C LYS I 178 36.72 5.92 9.52
N LEU I 179 36.90 7.23 9.69
CA LEU I 179 36.15 8.24 8.95
C LEU I 179 37.10 9.09 8.14
N GLY I 180 36.67 9.46 6.94
CA GLY I 180 37.46 10.33 6.09
C GLY I 180 37.51 9.88 4.64
N LEU I 181 37.49 8.58 4.41
CA LEU I 181 37.63 8.04 3.06
C LEU I 181 36.37 8.29 2.23
N SER I 182 36.55 8.58 0.96
CA SER I 182 35.43 8.67 0.04
C SER I 182 34.87 7.28 -0.25
N ALA I 183 33.64 7.23 -0.75
CA ALA I 183 32.99 5.95 -1.01
C ALA I 183 33.79 5.12 -2.01
N LYS I 184 34.30 5.75 -3.07
CA LYS I 184 35.03 5.01 -4.09
C LYS I 184 36.36 4.47 -3.55
N ASN I 185 37.12 5.30 -2.83
CA ASN I 185 38.37 4.82 -2.25
C ASN I 185 38.10 3.74 -1.20
N TYR I 186 37.02 3.90 -0.45
CA TYR I 186 36.59 2.87 0.49
C TYR I 186 36.36 1.54 -0.22
N GLY I 187 35.61 1.57 -1.32
CA GLY I 187 35.39 0.36 -2.08
C GLY I 187 36.66 -0.21 -2.66
N ARG I 188 37.58 0.64 -3.07
CA ARG I 188 38.87 0.15 -3.58
C ARG I 188 39.65 -0.58 -2.50
N ALA I 189 39.69 0.00 -1.29
CA ALA I 189 40.33 -0.67 -0.16
C ALA I 189 39.64 -1.99 0.15
N VAL I 190 38.31 -2.00 0.09
CA VAL I 190 37.56 -3.23 0.31
C VAL I 190 37.98 -4.28 -0.72
N TYR I 191 38.08 -3.88 -1.99
CA TYR I 191 38.46 -4.82 -3.04
C TYR I 191 39.86 -5.38 -2.80
N GLU I 192 40.80 -4.50 -2.46
CA GLU I 192 42.17 -4.95 -2.27
C GLU I 192 42.27 -5.90 -1.07
N CYS I 193 41.56 -5.60 0.01
CA CYS I 193 41.54 -6.50 1.16
C CYS I 193 40.91 -7.84 0.79
N LEU I 194 39.78 -7.81 0.08
CA LEU I 194 39.03 -9.05 -0.17
C LEU I 194 39.76 -9.94 -1.17
N ARG I 195 40.36 -9.35 -2.20
CA ARG I 195 41.07 -10.16 -3.18
C ARG I 195 42.33 -10.80 -2.61
N GLY I 196 42.82 -10.31 -1.47
CA GLY I 196 43.99 -10.89 -0.85
C GLY I 196 43.73 -12.13 -0.03
N GLY I 197 42.47 -12.44 0.29
CA GLY I 197 42.18 -13.64 1.03
C GLY I 197 41.27 -13.49 2.24
N LEU I 198 40.92 -12.25 2.57
CA LEU I 198 39.97 -12.04 3.66
C LEU I 198 38.58 -12.47 3.23
N ASP I 199 37.90 -13.20 4.11
CA ASP I 199 36.51 -13.55 3.86
C ASP I 199 35.62 -12.31 3.88
N PHE I 200 35.87 -11.40 4.81
CA PHE I 200 34.98 -10.28 5.05
C PHE I 200 35.79 -8.99 5.16
N THR I 201 35.12 -7.89 4.82
CA THR I 201 35.59 -6.58 5.22
C THR I 201 34.43 -5.99 6.01
N ASP I 203 32.44 -2.13 7.74
CA ASP I 203 32.36 -0.71 8.04
C ASP I 203 32.79 -0.45 9.47
N ASP I 204 33.51 0.64 9.68
CA ASP I 204 33.72 1.10 11.04
C ASP I 204 32.37 1.48 11.65
N GLU I 205 32.24 1.22 12.95
CA GLU I 205 30.97 1.45 13.63
C GLU I 205 30.54 2.91 13.59
N ASN I 206 31.47 3.83 13.31
CA ASN I 206 31.13 5.24 13.15
C ASN I 206 30.64 5.57 11.74
N ILE I 207 31.00 4.76 10.75
CA ILE I 207 30.62 4.97 9.37
C ILE I 207 29.14 4.59 9.24
N ASN I 208 28.25 5.60 9.25
CA ASN I 208 26.86 5.36 8.90
C ASN I 208 26.47 6.09 7.63
N SER I 209 26.49 7.43 7.64
CA SER I 209 26.29 8.22 6.43
C SER I 209 26.78 9.63 6.78
N GLN I 210 27.90 10.02 6.19
CA GLN I 210 28.56 11.26 6.56
C GLN I 210 28.74 12.13 5.32
N PRO I 211 29.00 13.43 5.50
CA PRO I 211 29.18 14.30 4.32
C PRO I 211 30.28 13.85 3.39
N PHE I 212 31.40 13.32 3.91
CA PHE I 212 32.45 12.82 3.05
C PHE I 212 32.10 11.50 2.39
N GLN I 213 31.07 10.80 2.88
CA GLN I 213 30.74 9.48 2.37
C GLN I 213 29.26 9.21 2.64
N ARG I 214 28.44 9.36 1.61
CA ARG I 214 27.05 8.96 1.74
C ARG I 214 26.94 7.44 1.73
N TRP I 215 25.97 6.94 2.49
CA TRP I 215 25.86 5.50 2.68
C TRP I 215 25.49 4.77 1.39
N ARG I 216 24.69 5.40 0.53
CA ARG I 216 24.30 4.71 -0.70
C ARG I 216 25.47 4.53 -1.64
N ASP I 217 26.32 5.56 -1.77
CA ASP I 217 27.52 5.44 -2.59
C ASP I 217 28.46 4.38 -2.02
N ARG I 218 28.63 4.36 -0.69
CA ARG I 218 29.44 3.33 -0.06
C ARG I 218 28.91 1.95 -0.37
N PHE I 219 27.59 1.77 -0.25
CA PHE I 219 26.97 0.47 -0.52
C PHE I 219 27.23 0.04 -1.96
N LEU I 220 27.02 0.95 -2.91
CA LEU I 220 27.25 0.62 -4.32
C LEU I 220 28.70 0.21 -4.57
N PHE I 221 29.65 1.02 -4.11
CA PHE I 221 31.05 0.75 -4.40
C PHE I 221 31.53 -0.52 -3.69
N VAL I 222 31.07 -0.74 -2.46
CA VAL I 222 31.41 -1.95 -1.74
C VAL I 222 30.86 -3.18 -2.44
N ALA I 223 29.62 -3.10 -2.91
CA ALA I 223 29.03 -4.23 -3.64
C ALA I 223 29.85 -4.54 -4.89
N ASP I 224 30.27 -3.50 -5.62
CA ASP I 224 31.10 -3.74 -6.80
C ASP I 224 32.42 -4.39 -6.44
N ALA I 225 33.06 -3.91 -5.37
CA ALA I 225 34.33 -4.50 -4.95
C ALA I 225 34.15 -5.96 -4.55
N ILE I 226 33.04 -6.26 -3.86
CA ILE I 226 32.74 -7.63 -3.47
C ILE I 226 32.58 -8.50 -4.69
N HIS I 227 31.85 -8.02 -5.70
CA HIS I 227 31.68 -8.80 -6.92
C HIS I 227 33.01 -9.04 -7.62
N LYS I 228 33.84 -8.00 -7.71
CA LYS I 228 35.13 -8.14 -8.39
C LYS I 228 36.01 -9.16 -7.66
N SER I 229 36.12 -9.05 -6.34
CA SER I 229 36.99 -9.96 -5.59
C SER I 229 36.44 -11.38 -5.58
N GLN I 230 35.12 -11.54 -5.53
CA GLN I 230 34.52 -12.86 -5.64
C GLN I 230 34.82 -13.49 -6.99
N ALA I 231 34.72 -12.70 -8.06
CA ALA I 231 35.05 -13.20 -9.39
C ALA I 231 36.51 -13.59 -9.48
N GLU I 232 37.39 -12.83 -8.82
CA GLU I 232 38.82 -13.10 -8.91
C GLU I 232 39.19 -14.35 -8.12
N THR I 233 38.93 -14.35 -6.82
CA THR I 233 39.37 -15.43 -5.95
C THR I 233 38.53 -16.69 -6.08
N GLY I 234 37.26 -16.56 -6.46
CA GLY I 234 36.39 -17.72 -6.49
C GLY I 234 35.94 -18.17 -5.12
N GLU I 235 35.97 -17.28 -4.13
CA GLU I 235 35.47 -17.56 -2.80
C GLU I 235 34.40 -16.54 -2.46
N ILE I 236 33.46 -16.94 -1.61
CA ILE I 236 32.42 -16.03 -1.16
C ILE I 236 33.08 -14.88 -0.41
N LYS I 237 32.90 -13.66 -0.89
CA LYS I 237 33.40 -12.47 -0.22
C LYS I 237 32.23 -11.68 0.33
N GLY I 238 32.48 -11.00 1.44
CA GLY I 238 31.42 -10.23 2.07
C GLY I 238 31.97 -8.97 2.66
N HIS I 239 31.06 -8.04 2.95
CA HIS I 239 31.43 -6.82 3.64
C HIS I 239 30.29 -6.46 4.58
N TYR I 240 30.58 -6.35 5.87
CA TYR I 240 29.57 -5.94 6.83
C TYR I 240 29.20 -4.49 6.53
N LEU I 241 27.98 -4.28 6.04
CA LEU I 241 27.49 -2.94 5.74
C LEU I 241 26.78 -2.41 6.97
N ASN I 242 27.32 -1.34 7.56
CA ASN I 242 26.71 -0.73 8.73
C ASN I 242 25.38 -0.11 8.31
N VAL I 243 24.27 -0.68 8.78
CA VAL I 243 22.96 -0.12 8.56
C VAL I 243 22.46 0.67 9.76
N THR I 244 23.30 0.84 10.79
CA THR I 244 22.93 1.65 11.94
C THR I 244 22.57 3.05 11.48
N ALA I 245 21.41 3.54 11.92
CA ALA I 245 20.89 4.80 11.42
C ALA I 245 20.20 5.54 12.56
N ALA I 246 19.81 6.78 12.26
CA ALA I 246 19.14 7.61 13.25
C ALA I 246 17.78 7.05 13.61
N THR I 247 17.04 6.53 12.64
CA THR I 247 15.69 6.04 12.84
C THR I 247 15.56 4.63 12.30
N CYS I 248 14.48 3.98 12.71
CA CYS I 248 14.22 2.62 12.25
C CYS I 248 13.88 2.61 10.77
N GLU I 249 13.19 3.64 10.28
CA GLU I 249 12.92 3.73 8.85
C GLU I 249 14.21 3.84 8.05
N GLU I 250 15.16 4.65 8.52
CA GLU I 250 16.43 4.80 7.81
C GLU I 250 17.25 3.52 7.88
N MET I 251 17.26 2.85 9.04
CA MET I 251 17.94 1.56 9.15
C MET I 251 17.33 0.55 8.19
N MET I 252 16.00 0.52 8.10
CA MET I 252 15.33 -0.41 7.21
C MET I 252 15.60 -0.09 5.75
N LYS I 253 15.68 1.20 5.39
CA LYS I 253 16.05 1.57 4.02
C LYS I 253 17.45 1.11 3.70
N ARG I 254 18.39 1.30 4.61
CA ARG I 254 19.76 0.85 4.37
C ARG I 254 19.83 -0.67 4.25
N ALA I 255 19.11 -1.38 5.11
CA ALA I 255 19.07 -2.84 5.03
C ALA I 255 18.44 -3.30 3.71
N ALA I 256 17.36 -2.63 3.28
CA ALA I 256 16.71 -3.00 2.04
C ALA I 256 17.62 -2.76 0.84
N TYR I 257 18.37 -1.66 0.85
CA TYR I 257 19.33 -1.44 -0.23
C TYR I 257 20.44 -2.46 -0.21
N ALA I 258 20.92 -2.84 0.98
CA ALA I 258 21.92 -3.89 1.06
C ALA I 258 21.38 -5.21 0.49
N LYS I 259 20.11 -5.52 0.76
CA LYS I 259 19.47 -6.68 0.16
C LYS I 259 19.38 -6.53 -1.35
N GLU I 260 19.02 -5.34 -1.84
CA GLU I 260 18.90 -5.11 -3.27
C GLU I 260 20.23 -5.32 -3.98
N LEU I 261 21.33 -4.88 -3.37
CA LEU I 261 22.65 -5.10 -3.93
C LEU I 261 23.17 -6.51 -3.71
N GLU I 262 22.30 -7.43 -3.29
CA GLU I 262 22.65 -8.83 -3.09
C GLU I 262 23.80 -8.98 -2.10
N MET I 263 23.76 -8.20 -1.03
CA MET I 263 24.77 -8.32 0.01
C MET I 263 24.38 -9.43 0.99
N PRO I 264 25.33 -10.24 1.43
CA PRO I 264 25.01 -11.34 2.34
C PRO I 264 24.94 -10.98 3.81
N ILE I 265 25.43 -9.82 4.23
CA ILE I 265 25.55 -9.54 5.65
C ILE I 265 25.49 -8.03 5.87
N VAL I 266 24.86 -7.64 6.98
CA VAL I 266 24.79 -6.25 7.42
C VAL I 266 25.24 -6.18 8.87
N MET I 267 25.66 -5.00 9.28
CA MET I 267 26.17 -4.79 10.62
C MET I 267 25.28 -3.79 11.36
N HIS I 268 25.19 -3.95 12.68
CA HIS I 268 24.42 -3.04 13.51
C HIS I 268 25.09 -2.90 14.86
N ASP I 269 24.99 -1.71 15.45
CA ASP I 269 25.42 -1.47 16.82
C ASP I 269 24.21 -1.64 17.72
N PHE I 270 24.16 -2.76 18.45
CA PHE I 270 22.96 -3.09 19.21
C PHE I 270 22.78 -2.26 20.47
N LEU I 271 23.81 -1.55 20.93
CA LEU I 271 23.69 -0.73 22.14
C LEU I 271 23.45 0.74 21.82
N THR I 272 24.26 1.34 20.94
CA THR I 272 23.98 2.71 20.53
C THR I 272 22.75 2.77 19.65
N GLY I 273 22.58 1.80 18.75
CA GLY I 273 21.33 1.71 18.00
C GLY I 273 20.16 1.35 18.89
N GLY I 274 20.35 0.42 19.80
CA GLY I 274 19.32 0.01 20.73
C GLY I 274 18.80 -1.38 20.43
N PHE I 275 18.19 -1.98 21.46
CA PHE I 275 17.68 -3.34 21.32
C PHE I 275 16.37 -3.41 20.56
N THR I 276 15.55 -2.36 20.60
CA THR I 276 14.34 -2.34 19.79
C THR I 276 14.68 -2.43 18.31
N ALA I 277 15.56 -1.53 17.85
CA ALA I 277 15.98 -1.53 16.46
C ALA I 277 16.77 -2.78 16.13
N ASN I 278 17.55 -3.29 17.09
CA ASN I 278 18.30 -4.52 16.84
C ASN I 278 17.37 -5.70 16.60
N THR I 279 16.33 -5.83 17.42
CA THR I 279 15.38 -6.93 17.23
C THR I 279 14.60 -6.75 15.93
N THR I 280 14.21 -5.52 15.61
CA THR I 280 13.60 -5.23 14.32
C THR I 280 14.49 -5.70 13.19
N LEU I 281 15.77 -5.34 13.23
CA LEU I 281 16.69 -5.69 12.16
C LEU I 281 16.95 -7.19 12.12
N ALA I 282 16.99 -7.85 13.28
CA ALA I 282 17.20 -9.30 13.32
C ALA I 282 16.02 -10.03 12.71
N HIS I 283 14.80 -9.60 13.02
CA HIS I 283 13.62 -10.19 12.40
C HIS I 283 13.63 -9.94 10.89
N TRP I 284 13.97 -8.72 10.47
CA TRP I 284 14.10 -8.44 9.05
C TRP I 284 15.16 -9.33 8.40
N CYS I 285 16.28 -9.52 9.08
CA CYS I 285 17.37 -10.34 8.54
C CYS I 285 16.94 -11.79 8.37
N ARG I 286 16.22 -12.32 9.36
CA ARG I 286 15.68 -13.66 9.23
C ARG I 286 14.68 -13.73 8.07
N ASP I 287 13.86 -12.70 7.91
CA ASP I 287 12.86 -12.68 6.87
C ASP I 287 13.43 -12.49 5.47
N ASN I 288 14.65 -11.97 5.34
CA ASN I 288 15.23 -11.70 4.03
C ASN I 288 16.55 -12.43 3.81
N GLY I 289 16.89 -13.42 4.62
CA GLY I 289 18.08 -14.21 4.42
C GLY I 289 19.39 -13.44 4.52
N ILE I 290 19.43 -12.45 5.40
CA ILE I 290 20.60 -11.58 5.56
C ILE I 290 21.29 -11.92 6.87
N LEU I 291 22.61 -12.10 6.82
CA LEU I 291 23.38 -12.30 8.03
C LEU I 291 23.50 -10.98 8.79
N LEU I 292 23.65 -11.09 10.10
CA LEU I 292 23.63 -9.92 10.99
C LEU I 292 24.90 -9.92 11.84
N HIS I 293 25.86 -9.09 11.45
CA HIS I 293 27.02 -8.84 12.28
C HIS I 293 26.67 -7.79 13.33
N ILE I 294 27.06 -8.04 14.58
CA ILE I 294 26.69 -7.18 15.69
C ILE I 294 27.96 -6.58 16.30
N HIS I 295 28.04 -5.26 16.28
CA HIS I 295 29.15 -4.52 16.86
C HIS I 295 28.73 -4.02 18.24
N ARG I 296 29.62 -4.16 19.22
CA ARG I 296 29.28 -3.86 20.61
C ARG I 296 29.75 -2.48 21.03
N ALA I 297 29.65 -1.49 20.14
CA ALA I 297 30.03 -0.13 20.48
C ALA I 297 29.25 0.34 21.72
N MET I 298 29.96 1.02 22.61
CA MET I 298 29.50 1.52 23.92
C MET I 298 29.41 0.42 24.96
N HIS I 299 29.85 -0.80 24.66
CA HIS I 299 29.79 -1.85 25.67
C HIS I 299 30.66 -1.51 26.87
N ALA I 300 31.87 -0.98 26.64
CA ALA I 300 32.79 -0.71 27.73
C ALA I 300 32.31 0.39 28.65
N VAL I 301 31.39 1.25 28.18
CA VAL I 301 30.78 2.21 29.10
C VAL I 301 30.01 1.48 30.18
N ILE I 302 29.36 0.38 29.82
CA ILE I 302 28.56 -0.38 30.77
C ILE I 302 29.36 -1.44 31.52
N ASP I 303 30.29 -2.12 30.84
CA ASP I 303 30.83 -3.39 31.31
C ASP I 303 32.31 -3.32 31.66
N ARG I 304 32.88 -2.14 31.87
CA ARG I 304 34.32 -2.08 32.09
C ARG I 304 34.71 -2.29 33.54
N GLN I 305 33.95 -1.73 34.48
CA GLN I 305 34.31 -1.77 35.89
C GLN I 305 33.79 -3.05 36.54
N LYS I 306 34.54 -3.54 37.52
CA LYS I 306 34.11 -4.75 38.23
C LYS I 306 33.00 -4.46 39.21
N ASN I 307 32.98 -3.28 39.82
CA ASN I 307 32.04 -3.00 40.89
C ASN I 307 30.68 -2.49 40.41
N HIS I 308 30.60 -1.94 39.20
CA HIS I 308 29.36 -1.33 38.73
C HIS I 308 29.16 -1.58 37.26
N GLY I 309 27.88 -1.72 36.87
CA GLY I 309 27.50 -1.84 35.48
C GLY I 309 26.81 -3.16 35.19
N ILE I 310 26.93 -3.61 33.95
CA ILE I 310 26.43 -4.90 33.52
C ILE I 310 27.58 -5.63 32.86
N HIS I 311 27.89 -6.84 33.34
CA HIS I 311 28.94 -7.61 32.69
C HIS I 311 28.51 -7.97 31.27
N PHE I 312 29.50 -8.05 30.38
CA PHE I 312 29.20 -8.27 28.97
C PHE I 312 28.51 -9.61 28.71
N ARG I 313 28.62 -10.58 29.62
CA ARG I 313 27.94 -11.84 29.37
C ARG I 313 26.42 -11.67 29.40
N VAL I 314 25.91 -10.75 30.21
CA VAL I 314 24.48 -10.47 30.24
C VAL I 314 24.03 -9.85 28.91
N LEU I 315 24.78 -8.84 28.45
CA LEU I 315 24.48 -8.24 27.16
C LEU I 315 24.64 -9.24 26.03
N ALA I 316 25.54 -10.22 26.19
CA ALA I 316 25.75 -11.22 25.15
C ALA I 316 24.57 -12.17 25.07
N LYS I 317 24.06 -12.61 26.21
CA LYS I 317 22.84 -13.43 26.22
C LYS I 317 21.68 -12.65 25.62
N CYS I 318 21.57 -11.37 25.96
CA CYS I 318 20.47 -10.56 25.45
C CYS I 318 20.59 -10.34 23.95
N LEU I 319 21.83 -10.19 23.45
CA LEU I 319 22.03 -10.05 22.01
C LEU I 319 21.76 -11.37 21.29
N ARG I 320 22.10 -12.49 21.91
CA ARG I 320 21.77 -13.78 21.32
C ARG I 320 20.27 -13.95 21.17
N MET I 321 19.51 -13.55 22.19
CA MET I 321 18.06 -13.70 22.11
C MET I 321 17.45 -12.68 21.15
N SER I 322 17.88 -11.41 21.23
CA SER I 322 17.34 -10.39 20.35
C SER I 322 17.69 -10.67 18.89
N GLY I 323 18.90 -11.16 18.65
CA GLY I 323 19.26 -11.59 17.32
C GLY I 323 20.58 -11.06 16.82
N GLY I 324 21.43 -11.96 16.38
CA GLY I 324 22.71 -11.60 15.79
C GLY I 324 23.47 -12.84 15.39
N ASP I 325 24.03 -12.85 14.19
CA ASP I 325 24.83 -13.99 13.73
C ASP I 325 26.27 -13.88 14.20
N HIS I 326 26.82 -12.68 14.18
CA HIS I 326 28.14 -12.39 14.72
C HIS I 326 27.98 -11.48 15.92
N ILE I 327 28.97 -11.50 16.80
CA ILE I 327 29.06 -10.50 17.86
C ILE I 327 30.51 -10.35 18.26
N HIS I 328 30.92 -9.12 18.52
CA HIS I 328 32.26 -8.87 19.01
C HIS I 328 32.38 -9.34 20.45
N THR I 329 33.50 -9.99 20.76
CA THR I 329 33.74 -10.56 22.06
C THR I 329 35.05 -10.10 22.70
N GLY I 330 35.86 -9.33 21.98
CA GLY I 330 37.19 -8.99 22.46
C GLY I 330 38.20 -10.06 22.15
N THR I 331 39.41 -9.61 21.81
CA THR I 331 40.47 -10.50 21.35
C THR I 331 41.34 -11.04 22.47
N VAL I 332 41.09 -10.64 23.72
CA VAL I 332 41.93 -10.96 24.87
C VAL I 332 43.29 -10.28 24.71
N VAL I 333 44.01 -10.60 23.63
CA VAL I 333 45.41 -10.22 23.47
C VAL I 333 45.58 -8.95 22.63
N GLY I 334 44.51 -8.16 22.44
CA GLY I 334 44.55 -6.99 21.60
C GLY I 334 44.59 -5.69 22.39
N LYS I 335 44.19 -4.60 21.72
CA LYS I 335 44.25 -3.28 22.31
C LYS I 335 43.07 -2.97 23.24
N LEU I 336 42.07 -3.84 23.30
CA LEU I 336 40.89 -3.61 24.13
C LEU I 336 40.81 -4.65 25.24
N GLU I 337 40.22 -4.25 26.36
CA GLU I 337 40.28 -5.04 27.58
C GLU I 337 39.24 -6.16 27.58
N GLY I 338 39.71 -7.36 27.91
CA GLY I 338 38.84 -8.48 28.25
C GLY I 338 39.65 -9.66 28.78
N ASP I 339 39.29 -10.16 29.96
CA ASP I 339 40.06 -11.23 30.58
C ASP I 339 39.86 -12.54 29.82
N ARG I 340 40.82 -13.45 30.00
CA ARG I 340 40.76 -14.72 29.28
C ARG I 340 39.60 -15.57 29.77
N ALA I 341 39.45 -15.71 31.09
CA ALA I 341 38.48 -16.65 31.64
C ALA I 341 37.04 -16.17 31.38
N GLY I 342 36.76 -14.91 31.68
CA GLY I 342 35.43 -14.39 31.45
C GLY I 342 35.05 -14.39 29.97
N THR I 343 36.02 -14.10 29.10
CA THR I 343 35.75 -14.16 27.67
C THR I 343 35.47 -15.58 27.22
N LEU I 344 36.24 -16.55 27.70
CA LEU I 344 35.92 -17.94 27.42
C LEU I 344 34.51 -18.27 27.88
N GLY I 345 34.14 -17.78 29.06
CA GLY I 345 32.81 -18.04 29.58
C GLY I 345 31.70 -17.51 28.68
N PHE I 346 31.78 -16.23 28.30
CA PHE I 346 30.68 -15.70 27.50
C PHE I 346 30.77 -16.12 26.04
N VAL I 347 31.93 -16.55 25.56
CA VAL I 347 32.01 -17.13 24.24
C VAL I 347 31.30 -18.49 24.21
N ASP I 348 31.51 -19.30 25.26
CA ASP I 348 30.74 -20.53 25.39
C ASP I 348 29.24 -20.23 25.54
N LEU I 349 28.91 -19.18 26.29
CA LEU I 349 27.50 -18.80 26.43
C LEU I 349 26.89 -18.41 25.09
N LEU I 350 27.66 -17.73 24.24
CA LEU I 350 27.15 -17.27 22.95
C LEU I 350 27.10 -18.38 21.92
N ARG I 351 27.99 -19.36 21.99
CA ARG I 351 28.12 -20.34 20.92
C ARG I 351 27.51 -21.69 21.26
N GLU I 352 27.50 -22.09 22.52
CA GLU I 352 27.07 -23.43 22.89
C GLU I 352 25.57 -23.47 23.13
N ASN I 353 25.03 -24.69 23.10
CA ASN I 353 23.64 -24.93 23.47
C ASN I 353 23.48 -25.09 24.98
N TYR I 354 24.39 -25.81 25.62
CA TYR I 354 24.34 -26.04 27.06
C TYR I 354 25.66 -25.60 27.67
N ILE I 355 25.58 -24.73 28.67
CA ILE I 355 26.75 -24.26 29.40
C ILE I 355 26.46 -24.45 30.87
N GLU I 356 27.27 -25.29 31.53
CA GLU I 356 27.06 -25.60 32.94
C GLU I 356 27.58 -24.47 33.81
N GLN I 357 27.09 -24.46 35.05
CA GLN I 357 27.54 -23.46 36.02
C GLN I 357 29.04 -23.56 36.25
N ASP I 358 29.70 -22.40 36.26
CA ASP I 358 31.14 -22.35 36.49
C ASP I 358 31.48 -20.95 37.00
N LYS I 359 31.66 -20.82 38.32
CA LYS I 359 32.01 -19.52 38.88
C LYS I 359 33.40 -19.07 38.41
N SER I 360 34.28 -20.03 38.13
CA SER I 360 35.65 -19.68 37.74
C SER I 360 35.69 -18.97 36.40
N ARG I 361 34.67 -19.17 35.56
CA ARG I 361 34.59 -18.50 34.26
C ARG I 361 33.48 -17.47 34.21
N GLY I 362 32.91 -17.10 35.35
CA GLY I 362 31.85 -16.12 35.41
C GLY I 362 30.48 -16.66 35.07
N VAL I 363 30.33 -17.97 34.90
CA VAL I 363 29.03 -18.58 34.61
C VAL I 363 28.38 -18.85 35.96
N TYR I 364 27.60 -17.90 36.45
CA TYR I 364 26.92 -18.07 37.74
C TYR I 364 25.73 -19.01 37.66
N PHE I 365 25.17 -19.22 36.48
CA PHE I 365 24.03 -20.11 36.31
C PHE I 365 24.26 -21.06 35.15
N THR I 366 23.68 -22.25 35.26
CA THR I 366 23.63 -23.16 34.14
C THR I 366 22.61 -22.62 33.13
N GLN I 367 23.06 -22.41 31.89
CA GLN I 367 22.22 -21.83 30.85
C GLN I 367 22.00 -22.86 29.75
N ASP I 368 20.73 -23.13 29.46
CA ASP I 368 20.32 -24.03 28.39
C ASP I 368 19.60 -23.21 27.33
N TRP I 369 20.00 -23.37 26.08
CA TRP I 369 19.50 -22.53 25.01
C TRP I 369 18.37 -23.16 24.21
N ALA I 370 18.03 -24.43 24.48
CA ALA I 370 16.90 -25.10 23.86
C ALA I 370 16.95 -25.00 22.33
N SER I 371 18.14 -25.27 21.79
CA SER I 371 18.41 -25.27 20.35
C SER I 371 18.37 -23.88 19.72
N MET I 372 18.45 -22.83 20.53
CA MET I 372 18.68 -21.50 19.97
C MET I 372 20.06 -21.48 19.33
N PRO I 373 20.18 -21.14 18.05
CA PRO I 373 21.48 -21.20 17.38
C PRO I 373 22.50 -20.28 18.04
N GLY I 374 23.76 -20.69 17.97
CA GLY I 374 24.84 -19.91 18.55
C GLY I 374 25.25 -18.73 17.69
N VAL I 375 26.01 -17.83 18.30
CA VAL I 375 26.47 -16.61 17.66
C VAL I 375 27.98 -16.71 17.43
N MET I 376 28.41 -16.32 16.24
CA MET I 376 29.83 -16.31 15.91
C MET I 376 30.57 -15.28 16.77
N ALA I 377 31.75 -15.66 17.24
CA ALA I 377 32.57 -14.78 18.04
C ALA I 377 33.51 -13.98 17.14
N VAL I 378 33.61 -12.68 17.40
CA VAL I 378 34.38 -11.77 16.58
C VAL I 378 35.52 -11.20 17.42
N ALA I 379 36.74 -11.52 17.04
CA ALA I 379 37.94 -10.99 17.69
C ALA I 379 38.46 -9.82 16.86
N SER I 380 38.26 -8.60 17.36
CA SER I 380 38.65 -7.40 16.62
C SER I 380 39.31 -6.41 17.55
N GLY I 381 40.38 -5.78 17.07
CA GLY I 381 41.02 -4.72 17.81
C GLY I 381 42.47 -5.01 18.19
N GLY I 382 43.40 -4.34 17.52
CA GLY I 382 44.80 -4.39 17.88
C GLY I 382 45.43 -5.77 17.82
N ILE I 383 45.21 -6.50 16.73
CA ILE I 383 45.83 -7.81 16.56
C ILE I 383 46.51 -7.87 15.22
N HIS I 384 47.56 -8.68 15.14
CA HIS I 384 48.29 -8.93 13.92
C HIS I 384 48.54 -10.43 13.82
N VAL I 385 49.41 -10.82 12.90
CA VAL I 385 49.68 -12.24 12.68
C VAL I 385 50.25 -12.93 13.90
N TRP I 386 50.98 -12.21 14.76
CA TRP I 386 51.60 -12.84 15.92
C TRP I 386 50.56 -13.34 16.91
N HIS I 387 49.41 -12.66 17.01
CA HIS I 387 48.32 -13.14 17.86
C HIS I 387 47.55 -14.27 17.22
N MET I 388 47.83 -14.60 15.96
CA MET I 388 47.02 -15.58 15.25
C MET I 388 46.97 -16.95 15.92
N PRO I 389 48.08 -17.56 16.33
CA PRO I 389 47.96 -18.87 16.99
C PRO I 389 47.10 -18.83 18.24
N ALA I 390 47.38 -17.89 19.15
CA ALA I 390 46.61 -17.80 20.40
C ALA I 390 45.12 -17.66 20.12
N LEU I 391 44.74 -16.79 19.19
CA LEU I 391 43.33 -16.66 18.84
C LEU I 391 42.76 -17.98 18.34
N VAL I 392 43.47 -18.66 17.45
CA VAL I 392 43.01 -19.97 16.99
C VAL I 392 42.92 -20.93 18.16
N GLU I 393 43.80 -20.77 19.15
CA GLU I 393 43.70 -21.57 20.36
C GLU I 393 42.49 -21.15 21.18
N ILE I 394 42.22 -19.86 21.27
CA ILE I 394 41.19 -19.37 22.20
C ILE I 394 39.79 -19.62 21.63
N PHE I 395 39.53 -19.11 20.43
CA PHE I 395 38.17 -19.11 19.91
C PHE I 395 37.86 -20.32 19.04
N GLY I 396 38.86 -20.93 18.40
CA GLY I 396 38.57 -22.04 17.54
C GLY I 396 38.01 -21.60 16.20
N ASP I 397 37.35 -22.56 15.55
CA ASP I 397 36.90 -22.34 14.18
C ASP I 397 35.70 -21.40 14.12
N ASP I 398 34.77 -21.53 15.06
CA ASP I 398 33.47 -20.86 14.96
C ASP I 398 33.61 -19.40 15.43
N SER I 399 34.50 -18.69 14.75
CA SER I 399 34.84 -17.34 15.14
C SER I 399 35.29 -16.56 13.91
N VAL I 400 35.29 -15.23 14.06
CA VAL I 400 35.81 -14.32 13.05
C VAL I 400 36.96 -13.55 13.66
N LEU I 401 38.09 -13.54 12.96
CA LEU I 401 39.28 -12.82 13.39
C LEU I 401 39.41 -11.59 12.51
N GLN I 402 39.41 -10.42 13.13
CA GLN I 402 39.35 -9.15 12.40
C GLN I 402 40.64 -8.38 12.59
N PHE I 403 41.35 -8.16 11.48
CA PHE I 403 42.62 -7.44 11.46
C PHE I 403 42.43 -6.15 10.67
N GLY I 404 42.01 -5.08 11.34
CA GLY I 404 41.91 -3.79 10.69
C GLY I 404 43.26 -3.22 10.33
N GLY I 405 44.04 -2.83 11.35
CA GLY I 405 45.39 -2.34 11.12
C GLY I 405 46.39 -3.43 10.78
N GLY I 406 46.06 -4.69 11.11
CA GLY I 406 46.94 -5.80 10.78
C GLY I 406 46.90 -6.24 9.33
N THR I 407 46.02 -5.65 8.54
CA THR I 407 45.95 -5.92 7.11
C THR I 407 46.28 -4.70 6.28
N LEU I 408 45.60 -3.58 6.52
CA LEU I 408 45.89 -2.35 5.80
C LEU I 408 47.25 -1.77 6.19
N GLY I 409 47.71 -2.07 7.41
CA GLY I 409 48.99 -1.61 7.87
C GLY I 409 50.18 -2.41 7.41
N HIS I 410 49.95 -3.45 6.61
CA HIS I 410 51.05 -4.19 6.02
C HIS I 410 51.83 -3.28 5.07
N PRO I 411 53.16 -3.41 5.02
CA PRO I 411 53.94 -2.48 4.18
C PRO I 411 53.60 -2.54 2.71
N TRP I 412 53.24 -3.71 2.17
CA TRP I 412 53.04 -3.84 0.74
C TRP I 412 51.66 -3.38 0.28
N GLY I 413 50.68 -3.37 1.16
CA GLY I 413 49.35 -2.92 0.79
C GLY I 413 48.28 -3.81 1.41
N ASN I 414 47.04 -3.49 1.04
CA ASN I 414 45.90 -4.23 1.59
C ASN I 414 45.94 -5.70 1.19
N ALA I 415 46.11 -5.97 -0.11
CA ALA I 415 46.05 -7.35 -0.59
C ALA I 415 47.18 -8.21 -0.04
N PRO I 416 48.45 -7.79 -0.06
CA PRO I 416 49.49 -8.61 0.57
C PRO I 416 49.28 -8.80 2.07
N GLY I 417 48.75 -7.80 2.78
CA GLY I 417 48.47 -7.99 4.19
C GLY I 417 47.36 -8.99 4.44
N ALA I 418 46.30 -8.92 3.62
CA ALA I 418 45.24 -9.91 3.68
C ALA I 418 45.79 -11.30 3.43
N THR I 419 46.68 -11.44 2.44
CA THR I 419 47.28 -12.73 2.16
C THR I 419 48.16 -13.21 3.31
N ALA I 420 48.90 -12.30 3.93
CA ALA I 420 49.74 -12.67 5.07
C ALA I 420 48.89 -13.20 6.21
N ASN I 421 47.78 -12.52 6.50
CA ASN I 421 46.87 -13.00 7.54
C ASN I 421 46.26 -14.34 7.16
N ARG I 422 45.86 -14.50 5.90
CA ARG I 422 45.26 -15.76 5.47
C ARG I 422 46.26 -16.91 5.58
N VAL I 423 47.52 -16.66 5.25
CA VAL I 423 48.55 -17.69 5.33
C VAL I 423 48.84 -18.04 6.78
N ALA I 424 48.93 -17.03 7.66
CA ALA I 424 49.14 -17.30 9.07
C ALA I 424 47.98 -18.11 9.65
N LEU I 425 46.75 -17.73 9.31
CA LEU I 425 45.58 -18.45 9.80
C LEU I 425 45.56 -19.88 9.30
N GLU I 426 45.83 -20.08 8.01
CA GLU I 426 45.78 -21.42 7.44
C GLU I 426 46.89 -22.31 7.98
N ALA I 427 48.09 -21.73 8.19
CA ALA I 427 49.16 -22.50 8.81
C ALA I 427 48.82 -22.89 10.23
N CYS I 428 48.23 -21.97 10.99
CA CYS I 428 47.82 -22.28 12.36
C CYS I 428 46.77 -23.39 12.37
N VAL I 429 45.79 -23.31 11.46
CA VAL I 429 44.75 -24.33 11.40
C VAL I 429 45.35 -25.68 11.01
N GLN I 430 46.25 -25.67 10.03
CA GLN I 430 46.88 -26.91 9.59
C GLN I 430 47.67 -27.55 10.73
N ALA I 431 48.48 -26.76 11.44
CA ALA I 431 49.27 -27.28 12.54
C ALA I 431 48.39 -27.77 13.68
N ARG I 432 47.28 -27.07 13.93
CA ARG I 432 46.34 -27.52 14.95
C ARG I 432 45.73 -28.87 14.57
N ASN I 433 45.31 -29.00 13.31
CA ASN I 433 44.72 -30.25 12.85
C ASN I 433 45.73 -31.40 12.90
N GLU I 434 46.99 -31.13 12.55
CA GLU I 434 48.01 -32.16 12.54
C GLU I 434 48.31 -32.71 13.94
N GLY I 435 48.06 -31.93 14.98
CA GLY I 435 48.33 -32.38 16.33
C GLY I 435 49.47 -31.64 16.99
N ARG I 436 49.60 -30.35 16.70
CA ARG I 436 50.62 -29.51 17.31
C ARG I 436 50.02 -28.71 18.46
N ASN I 437 50.88 -28.27 19.37
CA ASN I 437 50.47 -27.43 20.48
C ASN I 437 50.58 -25.98 20.04
N LEU I 438 49.44 -25.40 19.65
CA LEU I 438 49.44 -24.04 19.13
C LEU I 438 49.89 -23.03 20.17
N ALA I 439 49.41 -23.17 21.41
CA ALA I 439 49.80 -22.25 22.47
C ALA I 439 51.30 -22.31 22.74
N ARG I 440 51.93 -23.42 22.39
CA ARG I 440 53.37 -23.60 22.62
C ARG I 440 54.19 -23.24 21.39
N GLU I 441 53.84 -23.80 20.23
CA GLU I 441 54.61 -23.64 19.01
C GLU I 441 53.97 -22.65 18.03
N GLY I 442 53.23 -21.67 18.53
CA GLY I 442 52.64 -20.68 17.63
C GLY I 442 53.68 -19.88 16.89
N GLY I 443 54.70 -19.40 17.61
CA GLY I 443 55.80 -18.70 16.95
C GLY I 443 56.54 -19.59 15.99
N ASP I 444 56.66 -20.87 16.30
CA ASP I 444 57.30 -21.81 15.38
C ASP I 444 56.51 -21.92 14.07
N ILE I 445 55.19 -22.07 14.17
CA ILE I 445 54.35 -22.17 12.97
C ILE I 445 54.44 -20.89 12.16
N ILE I 446 54.36 -19.74 12.83
CA ILE I 446 54.48 -18.46 12.14
C ILE I 446 55.82 -18.35 11.45
N ARG I 447 56.89 -18.81 12.10
CA ARG I 447 58.23 -18.68 11.53
C ARG I 447 58.38 -19.54 10.27
N GLU I 448 57.90 -20.78 10.29
CA GLU I 448 57.99 -21.59 9.08
C GLU I 448 57.14 -21.00 7.97
N ALA I 449 55.94 -20.52 8.30
CA ALA I 449 55.10 -19.91 7.28
C ALA I 449 55.76 -18.68 6.68
N CYS I 450 56.42 -17.87 7.51
CA CYS I 450 57.17 -16.72 7.00
C CYS I 450 58.30 -17.17 6.09
N LYS I 451 58.98 -18.25 6.46
CA LYS I 451 59.97 -18.83 5.56
C LYS I 451 59.36 -19.17 4.22
N TRP I 452 58.07 -19.53 4.21
CA TRP I 452 57.40 -19.79 2.95
C TRP I 452 56.65 -18.58 2.38
N SER I 453 56.16 -17.66 3.22
CA SER I 453 55.33 -16.57 2.74
C SER I 453 56.04 -15.23 2.90
N PRO I 454 56.34 -14.52 1.80
CA PRO I 454 57.01 -13.22 1.94
C PRO I 454 56.11 -12.14 2.53
N GLU I 455 54.83 -12.11 2.16
CA GLU I 455 53.91 -11.16 2.77
C GLU I 455 53.86 -11.36 4.28
N LEU I 456 53.79 -12.62 4.71
CA LEU I 456 53.81 -12.93 6.13
C LEU I 456 55.13 -12.52 6.76
N ALA I 457 56.24 -12.72 6.05
CA ALA I 457 57.54 -12.33 6.58
C ALA I 457 57.60 -10.84 6.84
N ALA I 458 57.14 -10.04 5.88
CA ALA I 458 57.12 -8.59 6.07
C ALA I 458 56.18 -8.19 7.20
N ALA I 459 55.01 -8.82 7.28
CA ALA I 459 54.07 -8.51 8.36
C ALA I 459 54.69 -8.79 9.73
N CYS I 460 55.31 -9.96 9.88
CA CYS I 460 55.87 -10.36 11.16
C CYS I 460 57.06 -9.49 11.55
N GLU I 461 57.91 -9.14 10.58
CA GLU I 461 59.03 -8.26 10.90
C GLU I 461 58.56 -6.85 11.21
N LEU I 462 57.38 -6.46 10.71
CA LEU I 462 56.86 -5.13 11.04
C LEU I 462 56.31 -5.08 12.46
N TRP I 463 55.60 -6.11 12.90
CA TRP I 463 54.84 -6.05 14.14
C TRP I 463 55.39 -6.99 15.22
N LYS I 464 56.66 -7.35 15.12
CA LYS I 464 57.22 -8.35 16.03
C LYS I 464 57.16 -7.89 17.49
N GLU I 465 57.42 -6.60 17.73
CA GLU I 465 57.48 -6.08 19.09
C GLU I 465 56.25 -5.25 19.46
N ILE I 466 55.09 -5.60 18.93
CA ILE I 466 53.84 -4.91 19.22
C ILE I 466 53.00 -5.82 20.09
N LYS I 467 52.61 -5.33 21.28
CA LYS I 467 51.97 -6.17 22.27
C LYS I 467 51.28 -5.30 23.30
N PHE I 468 49.99 -5.54 23.52
CA PHE I 468 49.20 -4.76 24.47
C PHE I 468 49.00 -5.60 25.73
N GLU I 469 49.67 -5.21 26.81
CA GLU I 469 49.46 -5.82 28.11
C GLU I 469 49.36 -4.75 29.17
N PHE I 470 48.30 -4.82 29.96
CA PHE I 470 48.07 -3.91 31.07
C PHE I 470 47.42 -4.69 32.20
N ASP I 471 47.09 -4.00 33.27
CA ASP I 471 46.32 -4.61 34.35
C ASP I 471 44.92 -4.94 33.87
N THR I 472 44.43 -6.12 34.24
CA THR I 472 43.07 -6.53 33.90
C THR I 472 42.11 -5.97 34.96
N VAL I 473 41.36 -4.94 34.58
CA VAL I 473 40.38 -4.35 35.49
C VAL I 473 39.18 -5.26 35.69
N ASP I 474 38.87 -6.13 34.73
CA ASP I 474 37.71 -7.03 34.80
C ASP I 474 38.20 -8.47 34.75
N THR I 475 38.53 -9.03 35.92
CA THR I 475 38.99 -10.40 35.99
C THR I 475 37.99 -11.25 36.76
N GLY J 11 52.28 15.97 0.41
CA GLY J 11 52.22 14.56 0.08
C GLY J 11 53.34 13.74 0.69
N ALA J 12 53.10 13.21 1.89
CA ALA J 12 54.10 12.44 2.61
C ALA J 12 54.14 11.01 2.10
N GLY J 13 55.24 10.32 2.42
CA GLY J 13 55.35 8.91 2.13
C GLY J 13 54.58 8.06 3.13
N TYR J 14 54.66 6.75 2.95
CA TYR J 14 53.93 5.81 3.78
C TYR J 14 54.90 5.12 4.72
N ASP J 15 54.69 5.29 6.02
CA ASP J 15 55.51 4.66 7.06
C ASP J 15 54.68 3.58 7.74
N ALA J 16 54.90 2.33 7.33
CA ALA J 16 54.26 1.21 7.99
C ALA J 16 54.88 0.99 9.37
N GLY J 17 54.04 0.81 10.37
CA GLY J 17 54.49 0.58 11.74
C GLY J 17 53.72 1.43 12.71
N VAL J 18 53.76 1.01 13.98
CA VAL J 18 53.04 1.75 15.02
C VAL J 18 53.84 2.98 15.42
N GLN J 19 53.12 4.00 15.88
CA GLN J 19 53.71 5.23 16.37
C GLN J 19 52.79 5.81 17.43
N ASP J 20 53.34 6.73 18.23
CA ASP J 20 52.58 7.33 19.31
C ASP J 20 51.39 8.12 18.77
N TYR J 21 50.28 8.06 19.51
CA TYR J 21 49.10 8.84 19.14
C TYR J 21 49.33 10.33 19.33
N ARG J 22 50.14 10.71 20.32
CA ARG J 22 50.34 12.11 20.66
C ARG J 22 50.97 12.90 19.53
N LEU J 23 51.64 12.25 18.58
CA LEU J 23 52.30 12.97 17.51
C LEU J 23 51.29 13.67 16.60
N THR J 24 50.17 13.00 16.31
CA THR J 24 49.19 13.51 15.36
C THR J 24 47.81 13.76 15.94
N TYR J 25 47.61 13.58 17.24
CA TYR J 25 46.28 13.70 17.84
C TYR J 25 46.24 14.57 19.09
N TYR J 26 47.37 15.12 19.52
CA TYR J 26 47.41 16.03 20.66
C TYR J 26 47.87 17.39 20.17
N ALA J 27 46.91 18.31 20.00
CA ALA J 27 47.18 19.66 19.51
C ALA J 27 46.84 20.65 20.62
N PRO J 28 47.73 20.80 21.61
CA PRO J 28 47.43 21.67 22.75
C PRO J 28 47.27 23.14 22.38
N ASP J 29 47.77 23.56 21.22
CA ASP J 29 47.64 24.94 20.78
C ASP J 29 46.36 25.20 20.00
N TYR J 30 45.64 24.15 19.61
CA TYR J 30 44.49 24.31 18.74
C TYR J 30 43.33 24.94 19.50
N THR J 31 42.72 25.95 18.90
CA THR J 31 41.52 26.51 19.48
C THR J 31 40.29 25.89 18.82
N PRO J 32 39.23 25.59 19.58
CA PRO J 32 38.06 24.92 18.98
C PRO J 32 37.34 25.84 17.99
N ARG J 33 37.06 25.30 16.81
CA ARG J 33 36.13 25.95 15.91
C ARG J 33 34.74 25.94 16.53
N ASP J 34 33.91 26.91 16.12
CA ASP J 34 32.57 26.99 16.68
C ASP J 34 31.65 25.89 16.17
N THR J 35 32.00 25.22 15.07
CA THR J 35 31.24 24.10 14.53
C THR J 35 31.72 22.75 15.06
N ASP J 36 32.76 22.73 15.90
CA ASP J 36 33.27 21.47 16.42
C ASP J 36 32.35 20.92 17.51
N ILE J 37 32.38 19.61 17.67
CA ILE J 37 31.79 18.95 18.83
C ILE J 37 32.87 18.84 19.90
N LEU J 38 32.59 19.35 21.08
CA LEU J 38 33.56 19.35 22.18
C LEU J 38 33.13 18.35 23.23
N ALA J 39 34.07 17.52 23.66
CA ALA J 39 33.81 16.49 24.66
C ALA J 39 34.78 16.67 25.81
N ALA J 40 34.26 16.66 27.02
CA ALA J 40 35.06 16.68 28.24
C ALA J 40 35.11 15.27 28.81
N PHE J 41 36.32 14.75 28.99
CA PHE J 41 36.53 13.39 29.46
C PHE J 41 37.25 13.43 30.79
N ARG J 42 36.66 12.78 31.80
CA ARG J 42 37.36 12.47 33.03
C ARG J 42 38.13 11.18 32.81
N MET J 43 39.44 11.28 32.73
CA MET J 43 40.31 10.21 32.26
C MET J 43 41.24 9.79 33.39
N THR J 44 41.28 8.49 33.66
CA THR J 44 42.21 7.90 34.62
C THR J 44 43.03 6.87 33.86
N PRO J 45 44.27 7.19 33.52
CA PRO J 45 45.12 6.23 32.79
C PRO J 45 45.78 5.23 33.73
N GLN J 46 46.32 4.18 33.13
CA GLN J 46 47.12 3.23 33.87
C GLN J 46 48.38 3.90 34.40
N PRO J 47 48.91 3.45 35.53
CA PRO J 47 50.20 3.95 35.99
C PRO J 47 51.26 3.77 34.91
N GLY J 48 52.08 4.80 34.73
CA GLY J 48 53.12 4.75 33.72
C GLY J 48 52.72 5.03 32.29
N VAL J 49 51.47 5.39 32.05
CA VAL J 49 50.93 5.77 30.74
C VAL J 49 50.88 7.28 30.70
N PRO J 50 51.54 7.96 29.75
CA PRO J 50 51.46 9.44 29.84
C PRO J 50 50.04 10.00 29.71
N PRO J 51 49.64 10.98 30.57
CA PRO J 51 48.26 11.44 30.38
C PRO J 51 47.96 11.96 28.98
N GLU J 52 48.88 12.70 28.37
CA GLU J 52 48.64 13.26 27.05
C GLU J 52 48.56 12.16 26.00
N GLU J 53 49.37 11.12 26.14
CA GLU J 53 49.23 9.97 25.25
C GLU J 53 47.88 9.29 25.43
N CYS J 54 47.40 9.21 26.67
CA CYS J 54 46.08 8.60 26.91
C CYS J 54 44.98 9.40 26.25
N ALA J 55 45.03 10.73 26.37
CA ALA J 55 44.03 11.59 25.74
C ALA J 55 44.13 11.53 24.22
N ALA J 56 45.35 11.45 23.69
CA ALA J 56 45.53 11.31 22.25
C ALA J 56 44.95 9.99 21.76
N ALA J 57 45.12 8.93 22.53
CA ALA J 57 44.50 7.64 22.18
C ALA J 57 42.98 7.76 22.18
N VAL J 58 42.43 8.47 23.17
CA VAL J 58 40.99 8.68 23.22
C VAL J 58 40.52 9.39 21.95
N ALA J 59 41.19 10.49 21.60
CA ALA J 59 40.79 11.26 20.42
C ALA J 59 40.94 10.44 19.14
N ALA J 60 42.04 9.70 19.01
CA ALA J 60 42.30 8.95 17.79
C ALA J 60 41.30 7.82 17.62
N GLU J 61 41.10 7.00 18.66
CA GLU J 61 40.18 5.89 18.55
C GLU J 61 38.73 6.33 18.52
N SER J 62 38.45 7.57 18.95
CA SER J 62 37.11 8.09 18.82
C SER J 62 36.84 8.77 17.48
N SER J 63 37.88 9.19 16.74
CA SER J 63 37.65 9.81 15.44
C SER J 63 38.20 9.00 14.28
N THR J 64 39.52 8.82 14.15
CA THR J 64 40.08 8.16 12.98
C THR J 64 41.22 7.21 13.31
N GLY J 65 41.80 7.26 14.50
CA GLY J 65 43.06 6.58 14.74
C GLY J 65 42.90 5.07 14.78
N THR J 66 43.91 4.39 14.27
CA THR J 66 44.07 2.95 14.43
C THR J 66 45.37 2.70 15.20
N TRP J 67 45.58 1.46 15.62
CA TRP J 67 46.73 1.15 16.45
C TRP J 67 48.04 1.34 15.70
N THR J 68 48.09 0.94 14.43
CA THR J 68 49.25 1.15 13.57
C THR J 68 48.87 2.07 12.42
N THR J 69 49.88 2.47 11.66
CA THR J 69 49.67 3.37 10.52
C THR J 69 49.12 2.60 9.32
N VAL J 70 48.14 3.19 8.65
CA VAL J 70 47.51 2.62 7.47
C VAL J 70 47.81 3.52 6.28
N TRP J 71 48.13 2.91 5.13
CA TRP J 71 48.49 3.69 3.95
C TRP J 71 47.30 4.42 3.35
N THR J 72 46.08 4.02 3.69
CA THR J 72 44.90 4.71 3.20
C THR J 72 44.68 6.05 3.88
N ASP J 73 45.42 6.34 4.96
CA ASP J 73 45.39 7.67 5.54
C ASP J 73 45.92 8.70 4.56
N LEU J 74 46.83 8.30 3.68
CA LEU J 74 47.45 9.24 2.77
C LEU J 74 46.52 9.65 1.63
N LEU J 75 45.61 8.77 1.22
CA LEU J 75 44.65 9.17 0.20
C LEU J 75 43.47 9.92 0.79
N THR J 76 43.77 10.91 1.63
CA THR J 76 42.79 11.67 2.40
C THR J 76 43.42 12.94 2.93
N ASP J 77 42.60 13.87 3.43
CA ASP J 77 43.10 14.97 4.24
C ASP J 77 42.76 14.66 5.69
N MET J 78 43.72 14.06 6.40
CA MET J 78 43.52 13.59 7.76
C MET J 78 43.22 14.72 8.73
N ASP J 79 43.91 15.85 8.59
CA ASP J 79 43.78 16.93 9.55
C ASP J 79 42.38 17.54 9.56
N ARG J 80 41.58 17.29 8.52
CA ARG J 80 40.22 17.81 8.48
C ARG J 80 39.21 16.88 9.14
N TYR J 81 39.60 15.67 9.52
CA TYR J 81 38.73 14.72 10.19
C TYR J 81 39.21 14.29 11.56
N ARG J 82 40.51 14.39 11.83
CA ARG J 82 41.06 13.88 13.08
C ARG J 82 40.48 14.60 14.29
N GLY J 83 40.12 13.84 15.31
CA GLY J 83 39.80 14.43 16.59
C GLY J 83 41.08 14.86 17.30
N ARG J 84 41.02 16.03 17.92
CA ARG J 84 42.19 16.60 18.56
C ARG J 84 41.90 16.89 20.02
N CYS J 85 42.81 16.49 20.90
CA CYS J 85 42.75 16.87 22.30
C CYS J 85 43.46 18.20 22.45
N TYR J 86 42.70 19.28 22.62
CA TYR J 86 43.26 20.62 22.66
C TYR J 86 43.52 21.11 24.08
N ASP J 87 43.28 20.28 25.09
CA ASP J 87 43.51 20.68 26.47
C ASP J 87 43.47 19.46 27.37
N ILE J 88 44.35 19.43 28.37
CA ILE J 88 44.31 18.46 29.46
C ILE J 88 44.60 19.22 30.74
N GLU J 89 43.69 19.13 31.71
CA GLU J 89 43.95 19.75 32.99
C GLU J 89 43.66 18.79 34.13
N PRO J 90 44.61 18.60 35.05
CA PRO J 90 44.39 17.68 36.18
C PRO J 90 43.19 18.08 37.03
N VAL J 91 42.45 17.07 37.47
CA VAL J 91 41.30 17.24 38.37
C VAL J 91 41.85 17.50 39.77
N PRO J 92 41.26 18.42 40.55
CA PRO J 92 41.75 18.65 41.91
C PRO J 92 41.66 17.39 42.76
N GLY J 93 42.68 17.19 43.60
CA GLY J 93 42.71 16.06 44.51
C GLY J 93 42.75 14.72 43.81
N GLU J 94 43.50 14.60 42.73
CA GLU J 94 43.56 13.37 41.94
C GLU J 94 44.99 13.12 41.48
N ASP J 95 45.54 11.97 41.86
CA ASP J 95 46.88 11.61 41.42
C ASP J 95 46.92 11.27 39.94
N ASN J 96 45.86 10.67 39.41
CA ASN J 96 45.88 10.19 38.04
C ASN J 96 44.56 10.43 37.31
N GLN J 97 43.86 11.52 37.61
CA GLN J 97 42.59 11.82 36.98
C GLN J 97 42.62 13.21 36.38
N TYR J 98 42.37 13.29 35.07
CA TYR J 98 42.49 14.55 34.33
C TYR J 98 41.25 14.77 33.48
N ILE J 99 40.86 16.03 33.33
CA ILE J 99 39.82 16.39 32.36
C ILE J 99 40.49 16.75 31.05
N ALA J 100 40.19 15.98 30.01
CA ALA J 100 40.70 16.20 28.66
C ALA J 100 39.58 16.74 27.79
N TYR J 101 39.87 17.82 27.08
CA TYR J 101 38.93 18.45 26.16
C TYR J 101 39.30 18.05 24.75
N VAL J 102 38.41 17.33 24.08
CA VAL J 102 38.66 16.82 22.72
C VAL J 102 37.68 17.48 21.77
N ALA J 103 38.19 17.95 20.63
CA ALA J 103 37.40 18.63 19.63
C ALA J 103 37.31 17.78 18.37
N TYR J 104 36.09 17.57 17.89
CA TYR J 104 35.84 16.76 16.73
C TYR J 104 35.25 17.62 15.62
N PRO J 105 35.76 17.50 14.39
CA PRO J 105 35.17 18.24 13.28
C PRO J 105 33.70 17.87 13.08
N LEU J 106 32.92 18.86 12.65
CA LEU J 106 31.51 18.63 12.34
C LEU J 106 31.35 17.60 11.23
N ASP J 107 32.37 17.41 10.40
CA ASP J 107 32.29 16.51 9.26
C ASP J 107 32.21 15.03 9.66
N LEU J 108 32.55 14.70 10.91
CA LEU J 108 32.64 13.31 11.33
C LEU J 108 31.28 12.66 11.60
N PHE J 109 30.24 13.46 11.82
CA PHE J 109 29.01 12.93 12.39
C PHE J 109 27.88 12.98 11.39
N GLU J 110 27.05 11.94 11.41
CA GLU J 110 25.86 11.92 10.57
C GLU J 110 24.84 12.92 11.08
N GLU J 111 24.33 13.74 10.17
CA GLU J 111 23.36 14.76 10.53
C GLU J 111 22.09 14.13 11.10
N GLY J 112 21.62 14.65 12.23
CA GLY J 112 20.36 14.20 12.79
C GLY J 112 20.39 12.85 13.46
N SER J 113 21.57 12.29 13.71
CA SER J 113 21.69 10.96 14.29
C SER J 113 22.39 11.06 15.65
N VAL J 114 21.63 10.89 16.74
CA VAL J 114 22.24 10.79 18.06
C VAL J 114 23.01 9.48 18.18
N THR J 115 22.49 8.42 17.57
CA THR J 115 23.15 7.12 17.60
C THR J 115 24.56 7.21 17.05
N ASN J 116 24.73 7.87 15.90
CA ASN J 116 26.06 7.99 15.30
C ASN J 116 26.98 8.84 16.15
N LEU J 117 26.46 9.92 16.73
CA LEU J 117 27.26 10.75 17.63
C LEU J 117 27.81 9.93 18.79
N LEU J 118 26.94 9.14 19.45
CA LEU J 118 27.39 8.34 20.58
C LEU J 118 28.33 7.23 20.14
N THR J 119 28.06 6.60 18.99
CA THR J 119 28.92 5.55 18.50
C THR J 119 30.32 6.08 18.20
N SER J 120 30.41 7.30 17.69
CA SER J 120 31.72 7.91 17.47
C SER J 120 32.39 8.25 18.79
N LEU J 121 31.65 8.88 19.70
CA LEU J 121 32.26 9.36 20.94
C LEU J 121 32.52 8.23 21.91
N VAL J 122 31.47 7.53 22.34
CA VAL J 122 31.57 6.55 23.40
C VAL J 122 31.62 5.12 22.87
N GLY J 123 32.07 4.94 21.62
CA GLY J 123 32.05 3.65 20.97
C GLY J 123 32.94 2.59 21.60
N ASN J 124 34.26 2.77 21.54
CA ASN J 124 35.18 1.79 22.07
C ASN J 124 36.32 2.36 22.90
N VAL J 125 36.40 3.68 23.08
CA VAL J 125 37.50 4.26 23.83
C VAL J 125 37.40 3.95 25.32
N PHE J 126 36.21 3.66 25.83
CA PHE J 126 36.06 3.37 27.24
C PHE J 126 36.67 2.04 27.65
N GLY J 127 37.03 1.20 26.69
CA GLY J 127 37.65 -0.07 27.00
C GLY J 127 39.11 -0.13 26.58
N PHE J 128 39.75 1.02 26.42
CA PHE J 128 41.16 1.04 26.06
C PHE J 128 42.00 0.49 27.19
N LYS J 129 42.92 -0.43 26.86
CA LYS J 129 43.71 -1.10 27.87
C LYS J 129 44.60 -0.13 28.64
N ALA J 130 45.14 0.88 27.96
CA ALA J 130 45.95 1.90 28.60
C ALA J 130 45.13 2.81 29.49
N LEU J 131 43.81 2.72 29.44
CA LEU J 131 42.91 3.52 30.26
C LEU J 131 42.41 2.69 31.43
N ARG J 132 42.36 3.30 32.62
CA ARG J 132 41.76 2.63 33.76
C ARG J 132 40.29 3.00 33.90
N ALA J 133 39.97 4.29 33.77
CA ALA J 133 38.57 4.71 33.88
C ALA J 133 38.32 5.89 32.97
N LEU J 134 37.14 5.95 32.38
CA LEU J 134 36.79 7.06 31.51
C LEU J 134 35.34 7.45 31.75
N ARG J 135 35.10 8.75 31.89
CA ARG J 135 33.76 9.29 32.02
C ARG J 135 33.58 10.41 31.02
N LEU J 136 32.49 10.39 30.26
CA LEU J 136 32.15 11.50 29.39
C LEU J 136 31.30 12.47 30.21
N GLU J 137 31.90 13.59 30.60
CA GLU J 137 31.23 14.50 31.51
C GLU J 137 30.26 15.42 30.77
N ASP J 138 30.70 16.04 29.68
CA ASP J 138 29.89 17.05 29.02
C ASP J 138 30.14 17.01 27.52
N LEU J 139 29.22 17.63 26.78
CA LEU J 139 29.29 17.68 25.32
C LEU J 139 28.86 19.06 24.86
N ARG J 140 29.69 19.69 24.04
CA ARG J 140 29.29 20.90 23.33
C ARG J 140 28.78 20.50 21.96
N ILE J 141 27.48 20.62 21.76
CA ILE J 141 26.86 20.37 20.46
C ILE J 141 26.78 21.70 19.73
N PRO J 142 27.49 21.86 18.61
CA PRO J 142 27.45 23.14 17.89
C PRO J 142 26.07 23.38 17.30
N VAL J 143 25.78 24.67 17.09
CA VAL J 143 24.48 25.06 16.55
C VAL J 143 24.24 24.41 15.19
N ALA J 144 25.29 24.32 14.37
CA ALA J 144 25.16 23.71 13.05
C ALA J 144 24.75 22.25 13.15
N TYR J 145 25.25 21.53 14.17
CA TYR J 145 24.81 20.16 14.35
C TYR J 145 23.41 20.10 14.95
N VAL J 146 23.10 21.01 15.87
CA VAL J 146 21.78 21.04 16.50
C VAL J 146 20.69 21.22 15.44
N LYS J 147 20.98 22.01 14.42
CA LYS J 147 19.98 22.30 13.39
C LYS J 147 19.57 21.06 12.60
N THR J 148 20.41 20.02 12.59
CA THR J 148 20.09 18.82 11.81
C THR J 148 19.12 17.88 12.53
N PHE J 149 18.80 18.15 13.79
CA PHE J 149 17.89 17.29 14.56
C PHE J 149 16.51 17.91 14.61
N GLN J 150 15.50 17.05 14.82
CA GLN J 150 14.16 17.56 15.05
C GLN J 150 14.03 18.18 16.44
N GLY J 151 14.74 17.64 17.42
CA GLY J 151 14.58 18.05 18.78
C GLY J 151 13.33 17.43 19.36
N PRO J 152 12.83 17.99 20.46
CA PRO J 152 11.59 17.51 21.04
C PRO J 152 10.47 17.61 20.02
N PRO J 153 9.57 16.63 19.99
CA PRO J 153 8.42 16.73 19.06
C PRO J 153 7.62 18.01 19.27
N HIS J 154 7.41 18.42 20.51
CA HIS J 154 6.71 19.67 20.81
C HIS J 154 7.53 20.63 21.67
N GLY J 155 8.05 20.18 22.80
CA GLY J 155 8.74 21.05 23.72
C GLY J 155 7.81 21.60 24.79
N ILE J 156 8.41 22.35 25.71
CA ILE J 156 7.71 22.76 26.94
C ILE J 156 6.51 23.64 26.61
N GLN J 157 6.74 24.70 25.82
CA GLN J 157 5.70 25.69 25.61
C GLN J 157 4.56 25.14 24.75
N VAL J 158 4.90 24.39 23.70
CA VAL J 158 3.86 23.78 22.88
C VAL J 158 3.09 22.75 23.69
N GLU J 159 3.77 22.00 24.56
CA GLU J 159 3.06 21.05 25.41
C GLU J 159 2.09 21.75 26.35
N ARG J 160 2.54 22.84 26.98
CA ARG J 160 1.67 23.59 27.88
C ARG J 160 0.47 24.16 27.13
N ASP J 161 0.70 24.64 25.91
CA ASP J 161 -0.41 25.11 25.08
C ASP J 161 -1.38 23.98 24.76
N ARG J 162 -0.86 22.79 24.46
CA ARG J 162 -1.71 21.68 24.03
C ARG J 162 -2.54 21.12 25.18
N ILE J 163 -1.96 21.01 26.39
CA ILE J 163 -2.71 20.50 27.53
C ILE J 163 -3.37 21.61 28.33
N ASN J 164 -3.21 22.87 27.91
CA ASN J 164 -3.91 24.00 28.52
C ASN J 164 -3.63 24.08 30.02
N LYS J 165 -2.36 23.97 30.38
CA LYS J 165 -1.93 23.96 31.78
C LYS J 165 -0.82 24.99 31.94
N TYR J 166 -1.07 26.00 32.77
CA TYR J 166 -0.13 27.08 32.96
C TYR J 166 -0.01 27.44 34.43
N GLY J 167 1.16 27.96 34.81
CA GLY J 167 1.36 28.61 36.08
C GLY J 167 1.76 27.71 37.24
N ARG J 168 2.01 26.42 37.00
CA ARG J 168 2.38 25.51 38.08
C ARG J 168 3.09 24.32 37.47
N PRO J 169 3.86 23.58 38.26
CA PRO J 169 4.34 22.27 37.80
C PRO J 169 3.17 21.33 37.60
N LEU J 170 3.33 20.41 36.66
CA LEU J 170 2.34 19.37 36.46
C LEU J 170 2.51 18.29 37.51
N LEU J 171 1.45 17.52 37.74
CA LEU J 171 1.45 16.46 38.73
C LEU J 171 1.14 15.13 38.05
N GLY J 172 1.92 14.10 38.41
CA GLY J 172 1.74 12.77 37.86
C GLY J 172 1.90 11.72 38.93
N CYS J 173 1.69 10.47 38.52
CA CYS J 173 1.87 9.33 39.39
C CYS J 173 2.03 8.08 38.55
N THR J 174 2.89 7.17 39.02
CA THR J 174 3.00 5.84 38.46
C THR J 174 2.06 4.92 39.22
N ILE J 175 1.28 4.14 38.47
CA ILE J 175 0.38 3.18 39.09
C ILE J 175 1.19 2.06 39.72
N LYS J 176 0.96 1.82 40.99
CA LYS J 176 1.64 0.77 41.74
C LYS J 176 0.63 -0.31 42.14
N PRO J 177 1.05 -1.57 42.24
CA PRO J 177 2.41 -2.11 42.02
C PRO J 177 2.87 -1.97 40.57
N LYS J 178 4.18 -2.06 40.33
CA LYS J 178 4.69 -1.94 38.98
C LYS J 178 4.05 -2.98 38.07
N LEU J 179 4.27 -4.26 38.36
CA LEU J 179 3.72 -5.36 37.58
C LEU J 179 2.82 -6.20 38.45
N GLY J 180 1.72 -6.69 37.87
CA GLY J 180 0.82 -7.57 38.59
C GLY J 180 -0.65 -7.22 38.39
N LEU J 181 -0.95 -5.94 38.24
CA LEU J 181 -2.33 -5.49 38.14
C LEU J 181 -2.94 -5.87 36.78
N SER J 182 -4.21 -6.24 36.79
CA SER J 182 -4.93 -6.47 35.55
C SER J 182 -5.21 -5.13 34.87
N ALA J 183 -5.51 -5.20 33.57
CA ALA J 183 -5.75 -3.99 32.80
C ALA J 183 -6.92 -3.18 33.38
N LYS J 184 -8.00 -3.85 33.77
CA LYS J 184 -9.16 -3.14 34.28
C LYS J 184 -8.87 -2.49 35.63
N ASN J 185 -8.23 -3.21 36.55
CA ASN J 185 -7.88 -2.62 37.84
C ASN J 185 -6.87 -1.49 37.66
N TYR J 186 -5.95 -1.65 36.72
CA TYR J 186 -5.02 -0.59 36.36
C TYR J 186 -5.77 0.66 35.93
N GLY J 187 -6.73 0.51 35.02
CA GLY J 187 -7.52 1.65 34.60
C GLY J 187 -8.33 2.26 35.73
N ARG J 188 -8.83 1.44 36.65
CA ARG J 188 -9.56 1.97 37.79
C ARG J 188 -8.65 2.82 38.68
N ALA J 189 -7.44 2.33 38.94
CA ALA J 189 -6.46 3.11 39.69
C ALA J 189 -6.12 4.41 38.97
N VAL J 190 -5.97 4.33 37.64
CA VAL J 190 -5.72 5.53 36.85
C VAL J 190 -6.86 6.53 37.03
N TYR J 191 -8.11 6.05 36.97
CA TYR J 191 -9.26 6.93 37.12
C TYR J 191 -9.28 7.59 38.49
N GLU J 192 -9.04 6.79 39.54
CA GLU J 192 -9.08 7.34 40.89
C GLU J 192 -7.98 8.38 41.10
N CYS J 193 -6.78 8.10 40.58
CA CYS J 193 -5.70 9.09 40.67
C CYS J 193 -6.05 10.36 39.90
N LEU J 194 -6.57 10.21 38.67
CA LEU J 194 -6.78 11.38 37.81
C LEU J 194 -7.92 12.25 38.32
N ARG J 195 -8.99 11.62 38.80
CA ARG J 195 -10.13 12.39 39.29
C ARG J 195 -9.80 13.15 40.58
N GLY J 196 -8.73 12.77 41.26
CA GLY J 196 -8.33 13.47 42.47
C GLY J 196 -7.55 14.75 42.25
N GLY J 197 -7.06 14.99 41.03
CA GLY J 197 -6.36 16.23 40.77
C GLY J 197 -5.02 16.11 40.07
N LEU J 198 -4.56 14.87 39.87
CA LEU J 198 -3.33 14.68 39.11
C LEU J 198 -3.57 15.00 37.64
N ASP J 199 -2.63 15.75 37.05
CA ASP J 199 -2.68 15.99 35.61
C ASP J 199 -2.45 14.71 34.83
N PHE J 200 -1.52 13.88 35.29
CA PHE J 200 -1.08 12.73 34.52
C PHE J 200 -1.02 11.50 35.42
N THR J 201 -1.18 10.35 34.80
CA THR J 201 -0.78 9.10 35.41
C THR J 201 0.22 8.49 34.42
N ASP J 203 2.47 4.65 33.00
CA ASP J 203 2.86 3.25 33.07
C ASP J 203 4.22 3.13 33.73
N ASP J 204 4.38 2.10 34.55
CA ASP J 204 5.72 1.75 34.99
C ASP J 204 6.55 1.33 33.78
N GLU J 205 7.84 1.67 33.83
CA GLU J 205 8.72 1.42 32.70
C GLU J 205 8.84 -0.07 32.37
N ASN J 206 8.47 -0.94 33.31
CA ASN J 206 8.45 -2.38 33.05
C ASN J 206 7.16 -2.84 32.38
N ILE J 207 6.08 -2.08 32.52
CA ILE J 207 4.79 -2.42 31.96
C ILE J 207 4.86 -2.13 30.46
N ASN J 208 5.07 -3.19 29.65
CA ASN J 208 4.93 -3.06 28.21
C ASN J 208 3.79 -3.91 27.68
N SER J 209 3.87 -5.24 27.80
CA SER J 209 2.77 -6.12 27.48
C SER J 209 3.11 -7.47 28.12
N GLN J 210 2.38 -7.83 29.16
CA GLN J 210 2.72 -9.00 29.95
C GLN J 210 1.53 -9.94 30.00
N PRO J 211 1.75 -11.21 30.38
CA PRO J 211 0.61 -12.15 30.44
C PRO J 211 -0.52 -11.70 31.35
N PHE J 212 -0.20 -11.07 32.49
CA PHE J 212 -1.25 -10.57 33.37
C PHE J 212 -1.92 -9.32 32.83
N GLN J 213 -1.32 -8.65 31.83
CA GLN J 213 -1.86 -7.39 31.35
C GLN J 213 -1.38 -7.20 29.91
N ARG J 214 -2.25 -7.46 28.95
CA ARG J 214 -1.94 -7.15 27.57
C ARG J 214 -2.02 -5.64 27.35
N TRP J 215 -1.15 -5.15 26.47
CA TRP J 215 -1.04 -3.71 26.30
C TRP J 215 -2.30 -3.10 25.69
N ARG J 216 -2.99 -3.82 24.82
CA ARG J 216 -4.18 -3.26 24.19
C ARG J 216 -5.30 -3.08 25.19
N ASP J 217 -5.49 -4.05 26.08
CA ASP J 217 -6.49 -3.92 27.13
C ASP J 217 -6.14 -2.77 28.07
N ARG J 218 -4.86 -2.65 28.43
CA ARG J 218 -4.42 -1.53 29.26
C ARG J 218 -4.73 -0.20 28.58
N PHE J 219 -4.42 -0.10 27.29
CA PHE J 219 -4.67 1.14 26.55
C PHE J 219 -6.16 1.48 26.56
N LEU J 220 -7.01 0.50 26.27
CA LEU J 220 -8.45 0.74 26.27
C LEU J 220 -8.94 1.22 27.62
N PHE J 221 -8.59 0.50 28.68
CA PHE J 221 -9.12 0.84 30.01
C PHE J 221 -8.57 2.18 30.49
N VAL J 222 -7.30 2.46 30.21
CA VAL J 222 -6.71 3.73 30.57
C VAL J 222 -7.39 4.87 29.83
N ALA J 223 -7.66 4.69 28.54
CA ALA J 223 -8.35 5.72 27.78
C ALA J 223 -9.73 5.99 28.37
N ASP J 224 -10.45 4.93 28.75
CA ASP J 224 -11.76 5.13 29.37
C ASP J 224 -11.65 5.89 30.69
N ALA J 225 -10.66 5.53 31.51
CA ALA J 225 -10.48 6.23 32.79
C ALA J 225 -10.15 7.69 32.56
N ILE J 226 -9.31 7.97 31.55
CA ILE J 226 -8.97 9.35 31.21
C ILE J 226 -10.20 10.12 30.81
N HIS J 227 -11.05 9.52 29.97
CA HIS J 227 -12.27 10.21 29.56
C HIS J 227 -13.19 10.47 30.75
N LYS J 228 -13.34 9.47 31.63
CA LYS J 228 -14.22 9.65 32.79
C LYS J 228 -13.70 10.78 33.70
N SER J 229 -12.41 10.76 34.01
CA SER J 229 -11.86 11.77 34.92
C SER J 229 -11.85 13.15 34.28
N GLN J 230 -11.61 13.24 32.97
CA GLN J 230 -11.70 14.51 32.27
C GLN J 230 -13.12 15.05 32.32
N ALA J 231 -14.11 14.18 32.11
CA ALA J 231 -15.50 14.61 32.20
C ALA J 231 -15.83 15.09 33.61
N GLU J 232 -15.28 14.43 34.62
CA GLU J 232 -15.61 14.78 36.00
C GLU J 232 -14.96 16.10 36.40
N THR J 233 -13.63 16.17 36.33
CA THR J 233 -12.92 17.34 36.82
C THR J 233 -12.99 18.54 35.89
N GLY J 234 -13.16 18.30 34.58
CA GLY J 234 -13.12 19.40 33.64
C GLY J 234 -11.74 19.92 33.37
N GLU J 235 -10.71 19.11 33.61
CA GLU J 235 -9.33 19.45 33.30
C GLU J 235 -8.78 18.40 32.37
N ILE J 236 -7.81 18.79 31.54
CA ILE J 236 -7.15 17.85 30.65
C ILE J 236 -6.44 16.81 31.50
N LYS J 237 -6.81 15.55 31.33
CA LYS J 237 -6.17 14.44 32.02
C LYS J 237 -5.39 13.62 31.00
N GLY J 238 -4.30 13.03 31.45
CA GLY J 238 -3.46 12.25 30.56
C GLY J 238 -2.88 11.07 31.29
N HIS J 239 -2.41 10.11 30.50
CA HIS J 239 -1.70 8.96 31.05
C HIS J 239 -0.57 8.60 30.10
N TYR J 240 0.66 8.61 30.59
CA TYR J 240 1.79 8.20 29.76
C TYR J 240 1.63 6.72 29.45
N LEU J 241 1.35 6.40 28.20
CA LEU J 241 1.22 5.01 27.76
C LEU J 241 2.57 4.53 27.28
N ASN J 242 3.13 3.54 27.98
CA ASN J 242 4.41 2.97 27.60
C ASN J 242 4.24 2.25 26.27
N VAL J 243 4.85 2.79 25.21
CA VAL J 243 4.87 2.13 23.92
C VAL J 243 6.18 1.40 23.67
N THR J 244 7.07 1.35 24.66
CA THR J 244 8.31 0.60 24.52
C THR J 244 8.00 -0.84 24.20
N ALA J 245 8.64 -1.37 23.16
CA ALA J 245 8.31 -2.69 22.66
C ALA J 245 9.59 -3.39 22.21
N ALA J 246 9.43 -4.67 21.87
CA ALA J 246 10.56 -5.47 21.41
C ALA J 246 11.09 -4.96 20.08
N THR J 247 10.21 -4.56 19.17
CA THR J 247 10.60 -4.15 17.84
C THR J 247 10.00 -2.79 17.53
N CYS J 248 10.53 -2.17 16.48
CA CYS J 248 10.03 -0.87 16.05
C CYS J 248 8.62 -0.97 15.49
N GLU J 249 8.31 -2.08 14.82
CA GLU J 249 6.95 -2.30 14.34
C GLU J 249 5.97 -2.38 15.50
N GLU J 250 6.33 -3.10 16.56
CA GLU J 250 5.44 -3.22 17.72
C GLU J 250 5.31 -1.89 18.45
N MET J 251 6.41 -1.14 18.59
CA MET J 251 6.33 0.19 19.18
C MET J 251 5.42 1.10 18.36
N MET J 252 5.53 1.03 17.04
CA MET J 252 4.71 1.86 16.17
C MET J 252 3.24 1.45 16.24
N LYS J 253 2.95 0.15 16.35
CA LYS J 253 1.58 -0.30 16.53
C LYS J 253 1.00 0.22 17.85
N ARG J 254 1.77 0.15 18.92
CA ARG J 254 1.29 0.67 20.21
C ARG J 254 1.07 2.18 20.15
N ALA J 255 1.99 2.90 19.52
CA ALA J 255 1.82 4.35 19.36
C ALA J 255 0.59 4.67 18.51
N ALA J 256 0.38 3.92 17.42
CA ALA J 256 -0.77 4.15 16.57
C ALA J 256 -2.07 3.88 17.31
N TYR J 257 -2.11 2.84 18.12
CA TYR J 257 -3.31 2.59 18.92
C TYR J 257 -3.53 3.68 19.95
N ALA J 258 -2.45 4.17 20.57
CA ALA J 258 -2.60 5.29 21.49
C ALA J 258 -3.15 6.53 20.78
N LYS J 259 -2.70 6.77 19.55
CA LYS J 259 -3.27 7.85 18.75
C LYS J 259 -4.74 7.59 18.44
N GLU J 260 -5.09 6.35 18.10
CA GLU J 260 -6.47 6.00 17.78
C GLU J 260 -7.39 6.25 18.97
N LEU J 261 -6.93 5.92 20.17
CA LEU J 261 -7.70 6.18 21.38
C LEU J 261 -7.65 7.63 21.83
N GLU J 262 -7.16 8.53 20.96
CA GLU J 262 -7.10 9.95 21.24
C GLU J 262 -6.31 10.24 22.51
N MET J 263 -5.20 9.54 22.68
CA MET J 263 -4.35 9.80 23.83
C MET J 263 -3.38 10.94 23.51
N PRO J 264 -3.15 11.84 24.47
CA PRO J 264 -2.27 12.99 24.20
C PRO J 264 -0.78 12.73 24.38
N ILE J 265 -0.38 11.63 25.01
CA ILE J 265 1.03 11.45 25.36
C ILE J 265 1.34 9.97 25.45
N VAL J 266 2.56 9.62 25.02
CA VAL J 266 3.09 8.26 25.12
C VAL J 266 4.45 8.32 25.78
N MET J 267 4.86 7.21 26.35
CA MET J 267 6.12 7.12 27.06
C MET J 267 7.04 6.13 26.37
N HIS J 268 8.35 6.38 26.47
CA HIS J 268 9.34 5.48 25.90
C HIS J 268 10.59 5.48 26.77
N ASP J 269 11.25 4.33 26.85
CA ASP J 269 12.55 4.21 27.50
C ASP J 269 13.62 4.37 26.43
N PHE J 270 14.27 5.53 26.40
CA PHE J 270 15.19 5.85 25.31
C PHE J 270 16.52 5.09 25.38
N LEU J 271 16.85 4.48 26.52
CA LEU J 271 18.10 3.75 26.64
C LEU J 271 17.92 2.25 26.46
N THR J 272 16.97 1.64 27.17
CA THR J 272 16.69 0.23 26.94
C THR J 272 16.01 0.03 25.59
N GLY J 273 15.10 0.93 25.22
CA GLY J 273 14.54 0.89 23.87
C GLY J 273 15.57 1.24 22.82
N GLY J 274 16.39 2.23 23.09
CA GLY J 274 17.44 2.64 22.17
C GLY J 274 17.14 3.98 21.52
N PHE J 275 18.21 4.61 21.03
CA PHE J 275 18.08 5.92 20.41
C PHE J 275 17.52 5.85 19.00
N THR J 276 17.76 4.76 18.27
CA THR J 276 17.14 4.62 16.95
C THR J 276 15.63 4.62 17.07
N ALA J 277 15.10 3.74 17.92
CA ALA J 277 13.66 3.67 18.13
C ALA J 277 13.13 4.94 18.77
N ASN J 278 13.92 5.56 19.65
CA ASN J 278 13.49 6.81 20.26
C ASN J 278 13.32 7.91 19.22
N THR J 279 14.29 8.04 18.31
CA THR J 279 14.18 9.07 17.27
C THR J 279 13.03 8.75 16.31
N THR J 280 12.85 7.48 15.97
CA THR J 280 11.69 7.06 15.20
C THR J 280 10.40 7.50 15.87
N LEU J 281 10.27 7.22 17.17
CA LEU J 281 9.05 7.55 17.89
C LEU J 281 8.89 9.06 18.03
N ALA J 282 9.98 9.80 18.19
CA ALA J 282 9.89 11.25 18.31
C ALA J 282 9.43 11.87 17.00
N HIS J 283 9.96 11.39 15.87
CA HIS J 283 9.49 11.86 14.57
C HIS J 283 8.02 11.51 14.37
N TRP J 284 7.63 10.28 14.74
CA TRP J 284 6.22 9.90 14.67
C TRP J 284 5.36 10.81 15.55
N CYS J 285 5.84 11.12 16.75
CA CYS J 285 5.09 11.96 17.68
C CYS J 285 4.90 13.37 17.13
N ARG J 286 5.95 13.92 16.53
CA ARG J 286 5.83 15.21 15.87
C ARG J 286 4.85 15.15 14.72
N ASP J 287 4.87 14.05 13.95
CA ASP J 287 4.00 13.90 12.81
C ASP J 287 2.54 13.65 13.18
N ASN J 288 2.26 13.19 14.40
CA ASN J 288 0.90 12.87 14.79
C ASN J 288 0.42 13.66 16.01
N GLY J 289 1.12 14.72 16.39
CA GLY J 289 0.68 15.57 17.49
C GLY J 289 0.63 14.88 18.84
N ILE J 290 1.56 13.97 19.09
CA ILE J 290 1.58 13.19 20.33
C ILE J 290 2.74 13.65 21.18
N LEU J 291 2.48 13.91 22.46
CA LEU J 291 3.54 14.24 23.39
C LEU J 291 4.35 13.00 23.72
N LEU J 292 5.62 13.20 24.05
CA LEU J 292 6.56 12.10 24.25
C LEU J 292 7.21 12.23 25.63
N HIS J 293 6.72 11.44 26.58
CA HIS J 293 7.38 11.32 27.87
C HIS J 293 8.53 10.33 27.75
N ILE J 294 9.69 10.69 28.31
CA ILE J 294 10.89 9.89 28.17
C ILE J 294 11.33 9.42 29.55
N HIS J 295 11.38 8.11 29.73
CA HIS J 295 11.83 7.48 30.96
C HIS J 295 13.28 7.05 30.79
N ARG J 296 14.10 7.32 31.80
CA ARG J 296 15.54 7.10 31.71
C ARG J 296 15.96 5.78 32.33
N ALA J 297 15.16 4.73 32.17
CA ALA J 297 15.53 3.42 32.68
C ALA J 297 16.89 3.00 32.14
N MET J 298 17.71 2.43 33.02
CA MET J 298 19.09 1.98 32.79
C MET J 298 20.08 3.15 32.78
N HIS J 299 19.64 4.37 33.09
CA HIS J 299 20.57 5.48 33.12
C HIS J 299 21.64 5.29 34.18
N ALA J 300 21.26 4.82 35.36
CA ALA J 300 22.21 4.68 36.46
C ALA J 300 23.26 3.61 36.20
N VAL J 301 22.99 2.67 35.29
CA VAL J 301 24.04 1.74 34.89
C VAL J 301 25.19 2.51 34.24
N ILE J 302 24.87 3.54 33.47
CA ILE J 302 25.89 4.31 32.77
C ILE J 302 26.43 5.47 33.60
N ASP J 303 25.57 6.15 34.36
CA ASP J 303 25.88 7.48 34.88
C ASP J 303 26.00 7.53 36.40
N ARG J 304 26.19 6.40 37.07
CA ARG J 304 26.19 6.45 38.53
C ARG J 304 27.54 6.79 39.12
N GLN J 305 28.62 6.25 38.55
CA GLN J 305 29.95 6.42 39.12
C GLN J 305 30.60 7.70 38.61
N LYS J 306 31.42 8.31 39.46
CA LYS J 306 32.11 9.53 39.07
C LYS J 306 33.27 9.25 38.13
N ASN J 307 33.94 8.10 38.29
CA ASN J 307 35.16 7.86 37.54
C ASN J 307 34.93 7.22 36.18
N HIS J 308 33.78 6.59 35.94
CA HIS J 308 33.55 5.87 34.70
C HIS J 308 32.11 6.00 34.25
N GLY J 309 31.92 6.04 32.93
CA GLY J 309 30.60 6.04 32.33
C GLY J 309 30.35 7.29 31.51
N ILE J 310 29.07 7.65 31.41
CA ILE J 310 28.65 8.88 30.77
C ILE J 310 27.78 9.63 31.75
N HIS J 311 28.13 10.88 32.04
CA HIS J 311 27.29 11.67 32.91
C HIS J 311 25.92 11.90 32.26
N PHE J 312 24.89 11.98 33.09
CA PHE J 312 23.53 12.08 32.57
C PHE J 312 23.30 13.35 31.76
N ARG J 313 24.11 14.39 31.93
CA ARG J 313 23.90 15.59 31.13
C ARG J 313 24.17 15.33 29.65
N VAL J 314 25.11 14.43 29.33
CA VAL J 314 25.38 14.07 27.95
C VAL J 314 24.18 13.33 27.35
N LEU J 315 23.67 12.34 28.10
CA LEU J 315 22.48 11.63 27.65
C LEU J 315 21.28 12.56 27.56
N ALA J 316 21.24 13.60 28.40
CA ALA J 316 20.12 14.53 28.38
C ALA J 316 20.16 15.40 27.14
N LYS J 317 21.34 15.89 26.78
CA LYS J 317 21.49 16.62 25.53
C LYS J 317 21.13 15.74 24.34
N CYS J 318 21.56 14.48 24.37
CA CYS J 318 21.27 13.57 23.27
C CYS J 318 19.78 13.26 23.18
N LEU J 319 19.11 13.15 24.33
CA LEU J 319 17.67 12.92 24.32
C LEU J 319 16.92 14.16 23.86
N ARG J 320 17.41 15.34 24.21
CA ARG J 320 16.80 16.57 23.70
C ARG J 320 16.88 16.64 22.19
N MET J 321 18.03 16.26 21.62
CA MET J 321 18.17 16.32 20.16
C MET J 321 17.37 15.20 19.49
N SER J 322 17.46 13.97 20.02
CA SER J 322 16.74 12.85 19.43
C SER J 322 15.23 13.04 19.54
N GLY J 323 14.77 13.59 20.65
CA GLY J 323 13.38 13.95 20.77
C GLY J 323 12.72 13.46 22.04
N GLY J 324 12.10 14.38 22.75
CA GLY J 324 11.34 14.06 23.94
C GLY J 324 10.75 15.32 24.55
N ASP J 325 9.48 15.27 24.91
CA ASP J 325 8.83 16.42 25.55
C ASP J 325 9.07 16.43 27.05
N HIS J 326 9.04 15.27 27.68
CA HIS J 326 9.39 15.10 29.08
C HIS J 326 10.66 14.27 29.17
N ILE J 327 11.37 14.41 30.28
CA ILE J 327 12.46 13.50 30.59
C ILE J 327 12.64 13.47 32.10
N HIS J 328 12.90 12.29 32.63
CA HIS J 328 13.20 12.15 34.05
C HIS J 328 14.57 12.73 34.34
N THR J 329 14.66 13.46 35.46
CA THR J 329 15.88 14.14 35.84
C THR J 329 16.32 13.82 37.26
N GLY J 330 15.54 13.05 38.01
CA GLY J 330 15.84 12.82 39.41
C GLY J 330 15.30 13.92 40.29
N THR J 331 14.80 13.53 41.46
CA THR J 331 14.13 14.44 42.38
C THR J 331 15.07 15.12 43.36
N VAL J 332 16.36 14.79 43.33
CA VAL J 332 17.34 15.24 44.31
C VAL J 332 17.02 14.63 45.68
N VAL J 333 15.83 14.92 46.20
CA VAL J 333 15.47 14.61 47.58
C VAL J 333 14.69 13.30 47.71
N GLY J 334 14.72 12.44 46.69
CA GLY J 334 13.95 11.21 46.68
C GLY J 334 14.81 9.98 46.93
N LYS J 335 14.27 8.82 46.52
CA LYS J 335 14.94 7.55 46.76
C LYS J 335 16.04 7.25 45.76
N LEU J 336 16.21 8.05 44.72
CA LEU J 336 17.23 7.80 43.71
C LEU J 336 18.27 8.91 43.71
N GLU J 337 19.49 8.55 43.32
CA GLU J 337 20.64 9.43 43.51
C GLU J 337 20.73 10.49 42.41
N GLY J 338 20.91 11.74 42.83
CA GLY J 338 21.30 12.82 41.95
C GLY J 338 21.63 14.08 42.74
N ASP J 339 22.82 14.65 42.53
CA ASP J 339 23.25 15.80 43.31
C ASP J 339 22.45 17.04 42.90
N ARG J 340 22.42 18.02 43.81
CA ARG J 340 21.65 19.22 43.56
C ARG J 340 22.26 20.04 42.42
N ALA J 341 23.57 20.26 42.47
CA ALA J 341 24.21 21.18 41.52
C ALA J 341 24.21 20.60 40.10
N GLY J 342 24.62 19.34 39.96
CA GLY J 342 24.63 18.72 38.65
C GLY J 342 23.23 18.60 38.05
N THR J 343 22.24 18.30 38.90
CA THR J 343 20.87 18.25 38.42
C THR J 343 20.39 19.61 37.97
N LEU J 344 20.69 20.66 38.74
CA LEU J 344 20.36 22.01 38.28
C LEU J 344 21.02 22.28 36.93
N GLY J 345 22.27 21.85 36.78
CA GLY J 345 22.98 22.06 35.52
C GLY J 345 22.29 21.41 34.34
N PHE J 346 21.98 20.11 34.44
CA PHE J 346 21.40 19.47 33.28
C PHE J 346 19.92 19.77 33.12
N VAL J 347 19.24 20.24 34.17
CA VAL J 347 17.89 20.74 33.99
C VAL J 347 17.89 22.04 33.21
N ASP J 348 18.84 22.93 33.50
CA ASP J 348 19.01 24.13 32.67
C ASP J 348 19.41 23.75 31.24
N LEU J 349 20.26 22.73 31.10
CA LEU J 349 20.65 22.27 29.77
C LEU J 349 19.44 21.76 28.99
N LEU J 350 18.53 21.06 29.66
CA LEU J 350 17.36 20.48 29.00
C LEU J 350 16.29 21.52 28.71
N ARG J 351 16.16 22.54 29.55
CA ARG J 351 15.02 23.46 29.44
C ARG J 351 15.37 24.79 28.79
N GLU J 352 16.59 25.28 28.94
CA GLU J 352 16.94 26.61 28.48
C GLU J 352 17.40 26.57 27.02
N ASN J 353 17.39 27.76 26.41
CA ASN J 353 17.96 27.93 25.08
C ASN J 353 19.45 28.19 25.13
N TYR J 354 19.90 29.01 26.07
CA TYR J 354 21.31 29.34 26.22
C TYR J 354 21.74 29.02 27.65
N ILE J 355 22.79 28.22 27.79
CA ILE J 355 23.36 27.88 29.08
C ILE J 355 24.84 28.15 29.01
N GLU J 356 25.31 29.09 29.84
CA GLU J 356 26.71 29.48 29.82
C GLU J 356 27.57 28.45 30.55
N GLN J 357 28.86 28.50 30.26
CA GLN J 357 29.82 27.60 30.91
C GLN J 357 29.80 27.81 32.42
N ASP J 358 29.77 26.70 33.16
CA ASP J 358 29.79 26.75 34.62
C ASP J 358 30.32 25.40 35.12
N LYS J 359 31.60 25.38 35.51
CA LYS J 359 32.18 24.16 36.04
C LYS J 359 31.53 23.76 37.36
N SER J 360 31.06 24.75 38.13
CA SER J 360 30.48 24.45 39.44
C SER J 360 29.19 23.66 39.33
N ARG J 361 28.52 23.72 38.19
CA ARG J 361 27.28 22.97 37.96
C ARG J 361 27.47 21.87 36.92
N GLY J 362 28.71 21.55 36.56
CA GLY J 362 28.99 20.52 35.59
C GLY J 362 28.83 20.94 34.15
N VAL J 363 28.61 22.22 33.88
CA VAL J 363 28.49 22.72 32.52
C VAL J 363 29.90 23.06 32.06
N TYR J 364 30.57 22.10 31.43
CA TYR J 364 31.93 22.32 30.95
C TYR J 364 31.98 23.17 29.70
N PHE J 365 30.89 23.27 28.95
CA PHE J 365 30.85 24.07 27.73
C PHE J 365 29.61 24.95 27.72
N THR J 366 29.74 26.11 27.08
CA THR J 366 28.58 26.93 26.80
C THR J 366 27.78 26.26 25.68
N GLN J 367 26.50 25.99 25.94
CA GLN J 367 25.63 25.28 25.01
C GLN J 367 24.53 26.22 24.56
N ASP J 368 24.42 26.39 23.24
CA ASP J 368 23.37 27.19 22.61
C ASP J 368 22.49 26.25 21.80
N TRP J 369 21.19 26.35 21.99
CA TRP J 369 20.26 25.40 21.39
C TRP J 369 19.61 25.90 20.11
N ALA J 370 19.85 27.16 19.73
CA ALA J 370 19.37 27.72 18.48
C ALA J 370 17.86 27.52 18.30
N SER J 371 17.13 27.81 19.37
CA SER J 371 15.66 27.74 19.42
C SER J 371 15.15 26.30 19.38
N MET J 372 15.99 25.31 19.66
CA MET J 372 15.48 23.97 19.90
C MET J 372 14.64 24.00 21.17
N PRO J 373 13.38 23.56 21.11
CA PRO J 373 12.51 23.65 22.29
C PRO J 373 13.06 22.85 23.46
N GLY J 374 12.77 23.33 24.67
CA GLY J 374 13.22 22.66 25.88
C GLY J 374 12.38 21.45 26.23
N VAL J 375 12.92 20.65 27.14
CA VAL J 375 12.29 19.41 27.58
C VAL J 375 11.83 19.58 29.03
N MET J 376 10.61 19.14 29.30
CA MET J 376 10.06 19.19 30.65
C MET J 376 10.86 18.27 31.58
N ALA J 377 11.12 18.76 32.79
CA ALA J 377 11.83 17.98 33.79
C ALA J 377 10.85 17.19 34.63
N VAL J 378 11.17 15.92 34.86
CA VAL J 378 10.29 15.00 35.56
C VAL J 378 10.98 14.56 36.85
N ALA J 379 10.39 14.91 37.98
CA ALA J 379 10.89 14.51 39.30
C ALA J 379 10.06 13.33 39.77
N SER J 380 10.65 12.14 39.73
CA SER J 380 9.94 10.91 40.08
C SER J 380 10.82 10.03 40.95
N GLY J 381 10.21 9.43 41.97
CA GLY J 381 10.91 8.46 42.80
C GLY J 381 11.05 8.87 44.26
N GLY J 382 10.27 8.22 45.12
CA GLY J 382 10.41 8.38 46.55
C GLY J 382 10.17 9.79 47.07
N ILE J 383 9.08 10.42 46.64
CA ILE J 383 8.74 11.75 47.13
C ILE J 383 7.31 11.76 47.59
N HIS J 384 7.02 12.62 48.56
CA HIS J 384 5.69 12.83 49.08
C HIS J 384 5.47 14.32 49.20
N VAL J 385 4.39 14.71 49.90
CA VAL J 385 4.04 16.12 50.03
C VAL J 385 5.12 16.93 50.72
N TRP J 386 5.90 16.32 51.62
CA TRP J 386 6.90 17.06 52.36
C TRP J 386 8.02 17.57 51.45
N HIS J 387 8.34 16.83 50.39
CA HIS J 387 9.31 17.30 49.41
C HIS J 387 8.73 18.34 48.47
N MET J 388 7.42 18.60 48.53
CA MET J 388 6.79 19.47 47.55
C MET J 388 7.37 20.87 47.50
N PRO J 389 7.57 21.58 48.62
CA PRO J 389 8.16 22.92 48.51
C PRO J 389 9.53 22.92 47.85
N ALA J 390 10.44 22.07 48.33
CA ALA J 390 11.79 22.02 47.77
C ALA J 390 11.76 21.77 46.27
N LEU J 391 10.95 20.82 45.81
CA LEU J 391 10.84 20.57 44.38
C LEU J 391 10.35 21.81 43.64
N VAL J 392 9.32 22.48 44.17
CA VAL J 392 8.86 23.72 43.55
C VAL J 392 9.97 24.75 43.56
N GLU J 393 10.81 24.72 44.60
CA GLU J 393 11.98 25.59 44.62
C GLU J 393 13.00 25.16 43.58
N ILE J 394 13.21 23.86 43.42
CA ILE J 394 14.31 23.38 42.58
C ILE J 394 13.96 23.50 41.10
N PHE J 395 12.85 22.89 40.69
CA PHE J 395 12.54 22.77 39.28
C PHE J 395 11.66 23.90 38.76
N GLY J 396 10.85 24.51 39.60
CA GLY J 396 9.97 25.55 39.11
C GLY J 396 8.76 24.98 38.38
N ASP J 397 8.15 25.85 37.57
CA ASP J 397 6.89 25.49 36.94
C ASP J 397 7.07 24.49 35.81
N ASP J 398 8.13 24.63 35.02
CA ASP J 398 8.29 23.87 33.78
C ASP J 398 8.81 22.47 34.08
N SER J 399 8.04 21.76 34.91
CA SER J 399 8.47 20.46 35.40
C SER J 399 7.23 19.63 35.72
N VAL J 400 7.45 18.32 35.83
CA VAL J 400 6.44 17.37 36.25
C VAL J 400 6.91 16.72 37.54
N LEU J 401 6.04 16.72 38.55
CA LEU J 401 6.32 16.12 39.84
C LEU J 401 5.51 14.83 39.92
N GLN J 402 6.20 13.70 40.10
CA GLN J 402 5.56 12.40 40.01
C GLN J 402 5.59 11.72 41.37
N PHE J 403 4.40 11.46 41.92
CA PHE J 403 4.23 10.82 43.22
C PHE J 403 3.56 9.47 43.00
N GLY J 404 4.35 8.43 42.77
CA GLY J 404 3.80 7.09 42.66
C GLY J 404 3.27 6.58 43.99
N GLY J 405 4.19 6.31 44.93
CA GLY J 405 3.78 5.89 46.26
C GLY J 405 3.23 7.01 47.11
N GLY J 406 3.52 8.27 46.76
CA GLY J 406 2.99 9.41 47.49
C GLY J 406 1.54 9.74 47.20
N THR J 407 0.93 9.04 46.26
CA THR J 407 -0.49 9.21 45.95
C THR J 407 -1.28 7.95 46.24
N LEU J 408 -0.86 6.81 45.69
CA LEU J 408 -1.55 5.56 45.95
C LEU J 408 -1.33 5.09 47.39
N GLY J 409 -0.23 5.50 48.01
CA GLY J 409 0.07 5.15 49.37
C GLY J 409 -0.63 5.99 50.42
N HIS J 410 -1.45 6.95 50.00
CA HIS J 410 -2.24 7.72 50.94
C HIS J 410 -3.25 6.79 51.64
N PRO J 411 -3.50 7.00 52.93
CA PRO J 411 -4.40 6.06 53.64
C PRO J 411 -5.80 5.99 53.08
N TRP J 412 -6.35 7.10 52.56
CA TRP J 412 -7.74 7.12 52.14
C TRP J 412 -7.95 6.54 50.74
N GLY J 413 -6.92 6.53 49.90
CA GLY J 413 -7.06 5.98 48.57
C GLY J 413 -6.34 6.84 47.54
N ASN J 414 -6.49 6.42 46.29
CA ASN J 414 -5.81 7.12 45.19
C ASN J 414 -6.31 8.56 45.07
N ALA J 415 -7.63 8.75 45.02
CA ALA J 415 -8.17 10.09 44.79
C ALA J 415 -7.86 11.05 45.93
N PRO J 416 -8.06 10.71 47.21
CA PRO J 416 -7.64 11.62 48.27
C PRO J 416 -6.15 11.92 48.28
N GLY J 417 -5.30 10.94 47.93
CA GLY J 417 -3.88 11.22 47.86
C GLY J 417 -3.52 12.15 46.73
N ALA J 418 -4.16 11.96 45.57
CA ALA J 418 -4.00 12.89 44.46
C ALA J 418 -4.41 14.29 44.86
N THR J 419 -5.54 14.41 45.58
CA THR J 419 -5.99 15.72 46.04
C THR J 419 -5.02 16.33 47.04
N ALA J 420 -4.46 15.51 47.93
CA ALA J 420 -3.50 16.01 48.90
C ALA J 420 -2.27 16.57 48.20
N ASN J 421 -1.77 15.85 47.20
CA ASN J 421 -0.63 16.33 46.43
C ASN J 421 -0.99 17.61 45.67
N ARG J 422 -2.18 17.66 45.07
CA ARG J 422 -2.58 18.85 44.34
C ARG J 422 -2.70 20.06 45.25
N VAL J 423 -3.22 19.85 46.47
CA VAL J 423 -3.36 20.96 47.41
C VAL J 423 -1.99 21.42 47.89
N ALA J 424 -1.08 20.49 48.19
CA ALA J 424 0.26 20.87 48.59
C ALA J 424 0.96 21.65 47.48
N LEU J 425 0.84 21.17 46.24
CA LEU J 425 1.46 21.85 45.11
C LEU J 425 0.89 23.24 44.91
N GLU J 426 -0.43 23.36 44.98
CA GLU J 426 -1.07 24.66 44.73
C GLU J 426 -0.77 25.63 45.86
N ALA J 427 -0.72 25.15 47.10
CA ALA J 427 -0.32 26.03 48.20
C ALA J 427 1.12 26.50 48.05
N CYS J 428 2.02 25.59 47.65
CA CYS J 428 3.40 25.98 47.43
C CYS J 428 3.52 27.01 46.31
N VAL J 429 2.78 26.81 45.22
CA VAL J 429 2.82 27.77 44.11
C VAL J 429 2.26 29.12 44.54
N GLN J 430 1.15 29.09 45.28
CA GLN J 430 0.55 30.34 45.75
C GLN J 430 1.50 31.11 46.66
N ALA J 431 2.12 30.41 47.62
CA ALA J 431 3.05 31.06 48.53
C ALA J 431 4.28 31.57 47.80
N ARG J 432 4.75 30.82 46.80
CA ARG J 432 5.87 31.29 45.98
C ARG J 432 5.50 32.57 45.23
N ASN J 433 4.32 32.59 44.62
CA ASN J 433 3.88 33.76 43.88
C ASN J 433 3.72 34.96 44.80
N GLU J 434 3.19 34.75 46.01
CA GLU J 434 2.95 35.84 46.94
C GLU J 434 4.25 36.51 47.40
N GLY J 435 5.37 35.79 47.37
CA GLY J 435 6.62 36.35 47.81
C GLY J 435 7.15 35.73 49.09
N ARG J 436 6.92 34.43 49.26
CA ARG J 436 7.42 33.71 50.42
C ARG J 436 8.69 32.95 50.06
N ASN J 437 9.48 32.63 51.08
CA ASN J 437 10.70 31.84 50.90
C ASN J 437 10.33 30.37 51.03
N LEU J 438 10.16 29.70 49.90
CA LEU J 438 9.72 28.32 49.92
C LEU J 438 10.74 27.40 50.60
N ALA J 439 12.03 27.61 50.30
CA ALA J 439 13.07 26.78 50.90
C ALA J 439 13.10 26.95 52.42
N ARG J 440 12.59 28.08 52.92
CA ARG J 440 12.59 28.35 54.35
C ARG J 440 11.26 27.97 55.01
N GLU J 441 10.14 28.42 54.44
CA GLU J 441 8.83 28.22 55.04
C GLU J 441 8.02 27.13 54.32
N GLY J 442 8.69 26.14 53.74
CA GLY J 442 7.95 25.05 53.09
C GLY J 442 7.11 24.26 54.07
N GLY J 443 7.69 23.90 55.21
CA GLY J 443 6.91 23.23 56.24
C GLY J 443 5.79 24.09 56.77
N ASP J 444 6.01 25.40 56.84
CA ASP J 444 4.94 26.31 57.26
C ASP J 444 3.77 26.27 56.29
N ILE J 445 4.05 26.35 54.98
CA ILE J 445 3.01 26.31 53.96
C ILE J 445 2.27 24.98 54.03
N ILE J 446 3.01 23.88 54.14
CA ILE J 446 2.40 22.57 54.22
C ILE J 446 1.50 22.49 55.46
N ARG J 447 1.96 23.05 56.58
CA ARG J 447 1.19 22.98 57.82
C ARG J 447 -0.12 23.74 57.71
N GLU J 448 -0.10 24.96 57.16
CA GLU J 448 -1.36 25.68 57.02
C GLU J 448 -2.30 24.96 56.05
N ALA J 449 -1.74 24.43 54.95
CA ALA J 449 -2.58 23.70 54.00
C ALA J 449 -3.21 22.47 54.66
N CYS J 450 -2.44 21.77 55.49
CA CYS J 450 -2.99 20.63 56.23
C CYS J 450 -4.10 21.09 57.18
N LYS J 451 -3.90 22.23 57.83
CA LYS J 451 -4.97 22.80 58.63
C LYS J 451 -6.23 23.01 57.80
N TRP J 452 -6.05 23.29 56.51
CA TRP J 452 -7.20 23.42 55.63
C TRP J 452 -7.58 22.12 54.90
N SER J 453 -6.62 21.24 54.60
CA SER J 453 -6.90 20.06 53.79
C SER J 453 -6.77 18.79 54.61
N PRO J 454 -7.85 18.03 54.79
CA PRO J 454 -7.74 16.78 55.56
C PRO J 454 -6.96 15.69 54.84
N GLU J 455 -7.12 15.56 53.53
CA GLU J 455 -6.31 14.60 52.78
C GLU J 455 -4.83 14.90 52.94
N LEU J 456 -4.48 16.18 52.85
CA LEU J 456 -3.09 16.60 53.06
C LEU J 456 -2.65 16.31 54.49
N ALA J 457 -3.53 16.53 55.46
CA ALA J 457 -3.19 16.26 56.85
C ALA J 457 -2.85 14.79 57.05
N ALA J 458 -3.68 13.90 56.52
CA ALA J 458 -3.41 12.47 56.62
C ALA J 458 -2.12 12.09 55.90
N ALA J 459 -1.90 12.66 54.71
CA ALA J 459 -0.67 12.37 53.97
C ALA J 459 0.57 12.78 54.76
N CYS J 460 0.55 14.00 55.31
CA CYS J 460 1.70 14.52 56.03
C CYS J 460 1.95 13.75 57.33
N GLU J 461 0.89 13.39 58.04
CA GLU J 461 1.08 12.60 59.26
C GLU J 461 1.55 11.19 58.94
N LEU J 462 1.26 10.69 57.73
CA LEU J 462 1.74 9.37 57.36
C LEU J 462 3.24 9.38 57.04
N TRP J 463 3.71 10.39 56.33
CA TRP J 463 5.06 10.38 55.77
C TRP J 463 5.98 11.43 56.41
N LYS J 464 5.67 11.85 57.63
CA LYS J 464 6.42 12.94 58.24
C LYS J 464 7.89 12.59 58.43
N GLU J 465 8.17 11.34 58.82
CA GLU J 465 9.54 10.92 59.12
C GLU J 465 10.14 10.04 58.02
N ILE J 466 9.77 10.29 56.78
CA ILE J 466 10.30 9.54 55.63
C ILE J 466 11.23 10.46 54.87
N LYS J 467 12.49 10.03 54.70
CA LYS J 467 13.52 10.90 54.16
C LYS J 467 14.69 10.06 53.70
N PHE J 468 15.09 10.24 52.44
CA PHE J 468 16.20 9.49 51.86
C PHE J 468 17.42 10.40 51.80
N GLU J 469 18.41 10.13 52.64
CA GLU J 469 19.69 10.82 52.59
C GLU J 469 20.81 9.82 52.73
N PHE J 470 21.75 9.88 51.80
CA PHE J 470 22.93 9.03 51.81
C PHE J 470 24.10 9.86 51.28
N ASP J 471 25.25 9.22 51.16
CA ASP J 471 26.40 9.87 50.53
C ASP J 471 26.12 10.07 49.05
N THR J 472 26.49 11.24 48.53
CA THR J 472 26.35 11.54 47.11
C THR J 472 27.57 11.00 46.37
N VAL J 473 27.37 9.91 45.64
CA VAL J 473 28.46 9.32 44.86
C VAL J 473 28.79 10.17 43.64
N ASP J 474 27.84 10.95 43.13
CA ASP J 474 28.03 11.77 41.93
C ASP J 474 27.81 13.24 42.30
N THR J 475 28.88 13.89 42.76
CA THR J 475 28.80 15.30 43.13
C THR J 475 29.66 16.14 42.20
N GLY K 11 -50.31 -20.69 5.43
CA GLY K 11 -49.94 -20.00 6.65
C GLY K 11 -50.43 -20.69 7.91
N ALA K 12 -49.60 -21.58 8.46
CA ALA K 12 -49.97 -22.34 9.64
C ALA K 12 -49.75 -21.51 10.90
N GLY K 13 -50.37 -21.97 11.99
CA GLY K 13 -50.15 -21.38 13.29
C GLY K 13 -48.84 -21.83 13.90
N TYR K 14 -48.56 -21.34 15.11
CA TYR K 14 -47.32 -21.64 15.79
C TYR K 14 -47.59 -22.62 16.92
N ASP K 15 -46.96 -23.79 16.86
CA ASP K 15 -47.08 -24.82 17.88
C ASP K 15 -45.77 -24.91 18.64
N ALA K 16 -45.72 -24.28 19.80
CA ALA K 16 -44.57 -24.39 20.68
C ALA K 16 -44.52 -25.79 21.30
N GLY K 17 -43.35 -26.40 21.27
CA GLY K 17 -43.15 -27.72 21.84
C GLY K 17 -42.36 -28.61 20.89
N VAL K 18 -41.79 -29.67 21.46
CA VAL K 18 -40.99 -30.59 20.64
C VAL K 18 -41.92 -31.52 19.88
N GLN K 19 -41.43 -31.99 18.73
CA GLN K 19 -42.14 -32.94 17.90
C GLN K 19 -41.11 -33.77 17.15
N ASP K 20 -41.57 -34.91 16.62
CA ASP K 20 -40.67 -35.82 15.93
C ASP K 20 -40.09 -35.16 14.68
N TYR K 21 -38.82 -35.48 14.41
CA TYR K 21 -38.17 -34.98 13.20
C TYR K 21 -38.76 -35.61 11.94
N ARG K 22 -39.21 -36.87 12.04
CA ARG K 22 -39.68 -37.61 10.88
C ARG K 22 -40.91 -36.97 10.24
N LEU K 23 -41.66 -36.15 10.97
CA LEU K 23 -42.86 -35.55 10.43
C LEU K 23 -42.54 -34.60 9.28
N THR K 24 -41.47 -33.81 9.43
CA THR K 24 -41.14 -32.77 8.47
C THR K 24 -39.80 -32.94 7.78
N TYR K 25 -39.07 -34.02 8.05
CA TYR K 25 -37.72 -34.19 7.50
C TYR K 25 -37.48 -35.55 6.86
N TYR K 26 -38.47 -36.43 6.84
CA TYR K 26 -38.34 -37.72 6.17
C TYR K 26 -39.35 -37.77 5.04
N ALA K 27 -38.87 -37.56 3.81
CA ALA K 27 -39.71 -37.54 2.61
C ALA K 27 -39.29 -38.72 1.73
N PRO K 28 -39.73 -39.93 2.05
CA PRO K 28 -39.31 -41.11 1.29
C PRO K 28 -39.77 -41.10 -0.16
N ASP K 29 -40.77 -40.30 -0.50
CA ASP K 29 -41.25 -40.23 -1.88
C ASP K 29 -40.51 -39.19 -2.70
N TYR K 30 -39.71 -38.33 -2.07
CA TYR K 30 -39.09 -37.22 -2.77
C TYR K 30 -37.99 -37.72 -3.69
N THR K 31 -38.00 -37.24 -4.92
CA THR K 31 -36.90 -37.55 -5.82
C THR K 31 -35.89 -36.41 -5.81
N PRO K 32 -34.59 -36.70 -5.84
CA PRO K 32 -33.60 -35.62 -5.76
C PRO K 32 -33.63 -34.73 -7.00
N ARG K 33 -33.67 -33.42 -6.76
CA ARG K 33 -33.40 -32.48 -7.83
C ARG K 33 -31.95 -32.61 -8.28
N ASP K 34 -31.69 -32.23 -9.53
CA ASP K 34 -30.33 -32.35 -10.05
C ASP K 34 -29.38 -31.31 -9.46
N THR K 35 -29.91 -30.25 -8.86
CA THR K 35 -29.10 -29.22 -8.20
C THR K 35 -28.90 -29.50 -6.71
N ASP K 36 -29.47 -30.58 -6.18
CA ASP K 36 -29.33 -30.89 -4.77
C ASP K 36 -27.94 -31.46 -4.47
N ILE K 37 -27.51 -31.28 -3.24
CA ILE K 37 -26.34 -31.98 -2.72
C ILE K 37 -26.84 -33.26 -2.06
N LEU K 38 -26.31 -34.40 -2.48
CA LEU K 38 -26.73 -35.70 -1.96
C LEU K 38 -25.64 -36.26 -1.07
N ALA K 39 -26.04 -36.73 0.10
CA ALA K 39 -25.12 -37.29 1.08
C ALA K 39 -25.58 -38.70 1.43
N ALA K 40 -24.65 -39.64 1.41
CA ALA K 40 -24.89 -41.01 1.85
C ALA K 40 -24.28 -41.17 3.24
N PHE K 41 -25.11 -41.58 4.19
CA PHE K 41 -24.68 -41.72 5.59
C PHE K 41 -24.82 -43.17 6.00
N ARG K 42 -23.72 -43.75 6.50
CA ARG K 42 -23.77 -45.01 7.21
C ARG K 42 -24.12 -44.71 8.66
N MET K 43 -25.33 -45.06 9.06
CA MET K 43 -25.93 -44.63 10.31
C MET K 43 -26.17 -45.83 11.20
N THR K 44 -25.71 -45.75 12.43
CA THR K 44 -25.96 -46.77 13.45
C THR K 44 -26.66 -46.06 14.61
N PRO K 45 -27.96 -46.22 14.75
CA PRO K 45 -28.68 -45.56 15.85
C PRO K 45 -28.59 -46.36 17.14
N GLN K 46 -28.97 -45.70 18.23
CA GLN K 46 -29.08 -46.38 19.50
C GLN K 46 -30.19 -47.43 19.44
N PRO K 47 -30.08 -48.51 20.21
CA PRO K 47 -31.18 -49.46 20.30
C PRO K 47 -32.46 -48.76 20.73
N GLY K 48 -33.57 -49.11 20.07
CA GLY K 48 -34.84 -48.49 20.39
C GLY K 48 -35.13 -47.14 19.79
N VAL K 49 -34.24 -46.62 18.95
CA VAL K 49 -34.39 -45.36 18.22
C VAL K 49 -34.83 -45.70 16.82
N PRO K 50 -35.97 -45.21 16.33
CA PRO K 50 -36.33 -45.66 14.95
C PRO K 50 -35.31 -45.24 13.88
N PRO K 51 -34.94 -46.16 12.95
CA PRO K 51 -33.95 -45.68 11.97
C PRO K 51 -34.38 -44.44 11.20
N GLU K 52 -35.65 -44.37 10.80
CA GLU K 52 -36.12 -43.22 10.02
C GLU K 52 -36.10 -41.96 10.85
N GLU K 53 -36.44 -42.06 12.13
CA GLU K 53 -36.31 -40.90 13.02
C GLU K 53 -34.85 -40.47 13.14
N CYS K 54 -33.92 -41.43 13.20
CA CYS K 54 -32.51 -41.10 13.28
C CYS K 54 -32.04 -40.36 12.04
N ALA K 55 -32.45 -40.83 10.86
CA ALA K 55 -32.09 -40.17 9.61
C ALA K 55 -32.74 -38.80 9.50
N ALA K 56 -33.98 -38.66 9.97
CA ALA K 56 -34.64 -37.36 9.97
C ALA K 56 -33.92 -36.39 10.90
N ALA K 57 -33.44 -36.87 12.04
CA ALA K 57 -32.64 -36.03 12.93
C ALA K 57 -31.35 -35.59 12.24
N VAL K 58 -30.71 -36.51 11.51
CA VAL K 58 -29.50 -36.16 10.78
C VAL K 58 -29.80 -35.05 9.78
N ALA K 59 -30.85 -35.21 8.98
CA ALA K 59 -31.20 -34.22 7.98
C ALA K 59 -31.56 -32.88 8.61
N ALA K 60 -32.35 -32.91 9.69
CA ALA K 60 -32.80 -31.68 10.32
C ALA K 60 -31.64 -30.91 10.95
N GLU K 61 -30.82 -31.59 11.75
CA GLU K 61 -29.72 -30.91 12.41
C GLU K 61 -28.62 -30.57 11.44
N SER K 62 -28.58 -31.18 10.26
CA SER K 62 -27.62 -30.79 9.25
C SER K 62 -28.12 -29.65 8.36
N SER K 63 -29.43 -29.41 8.27
CA SER K 63 -29.92 -28.31 7.44
C SER K 63 -30.59 -27.21 8.24
N THR K 64 -31.73 -27.46 8.89
CA THR K 64 -32.46 -26.39 9.56
C THR K 64 -33.04 -26.79 10.91
N GLY K 65 -33.11 -28.07 11.24
CA GLY K 65 -33.90 -28.50 12.37
C GLY K 65 -33.28 -28.10 13.71
N THR K 66 -34.15 -27.76 14.64
CA THR K 66 -33.78 -27.59 16.04
C THR K 66 -34.53 -28.63 16.87
N TRP K 67 -34.17 -28.75 18.14
CA TRP K 67 -34.77 -29.79 18.97
C TRP K 67 -36.25 -29.56 19.20
N THR K 68 -36.65 -28.30 19.41
CA THR K 68 -38.06 -27.93 19.55
C THR K 68 -38.46 -27.00 18.42
N THR K 69 -39.75 -26.72 18.34
CA THR K 69 -40.28 -25.85 17.29
C THR K 69 -40.02 -24.38 17.62
N VAL K 70 -39.60 -23.62 16.62
CA VAL K 70 -39.34 -22.20 16.75
C VAL K 70 -40.33 -21.44 15.88
N TRP K 71 -40.85 -20.33 16.41
CA TRP K 71 -41.86 -19.56 15.68
C TRP K 71 -41.28 -18.83 14.47
N THR K 72 -39.96 -18.66 14.42
CA THR K 72 -39.34 -18.03 13.27
C THR K 72 -39.30 -18.93 12.05
N ASP K 73 -39.62 -20.22 12.22
CA ASP K 73 -39.78 -21.10 11.06
C ASP K 73 -40.93 -20.63 10.19
N LEU K 74 -41.94 -20.00 10.79
CA LEU K 74 -43.12 -19.61 10.04
C LEU K 74 -42.87 -18.38 9.17
N LEU K 75 -41.97 -17.49 9.57
CA LEU K 75 -41.64 -16.37 8.71
C LEU K 75 -40.62 -16.74 7.65
N THR K 76 -40.87 -17.85 6.96
CA THR K 76 -39.96 -18.46 6.00
C THR K 76 -40.70 -19.47 5.14
N ASP K 77 -40.09 -19.91 4.05
CA ASP K 77 -40.54 -21.10 3.34
C ASP K 77 -39.60 -22.24 3.68
N MET K 78 -39.98 -23.02 4.70
CA MET K 78 -39.13 -24.08 5.23
C MET K 78 -38.85 -25.17 4.21
N ASP K 79 -39.86 -25.56 3.41
CA ASP K 79 -39.71 -26.68 2.50
C ASP K 79 -38.68 -26.41 1.41
N ARG K 80 -38.29 -25.14 1.20
CA ARG K 80 -37.29 -24.83 0.20
C ARG K 80 -35.87 -24.87 0.75
N TYR K 81 -35.70 -25.02 2.05
CA TYR K 81 -34.38 -25.12 2.67
C TYR K 81 -34.14 -26.41 3.44
N ARG K 82 -35.20 -27.09 3.87
CA ARG K 82 -35.05 -28.26 4.72
C ARG K 82 -34.30 -29.38 3.99
N GLY K 83 -33.36 -30.00 4.69
CA GLY K 83 -32.78 -31.23 4.19
C GLY K 83 -33.75 -32.38 4.38
N ARG K 84 -33.83 -33.24 3.37
CA ARG K 84 -34.79 -34.34 3.38
C ARG K 84 -34.05 -35.65 3.19
N CYS K 85 -34.39 -36.63 4.02
CA CYS K 85 -33.92 -38.01 3.84
C CYS K 85 -34.90 -38.71 2.91
N TYR K 86 -34.49 -38.91 1.66
CA TYR K 86 -35.38 -39.47 0.65
C TYR K 86 -35.22 -40.97 0.48
N ASP K 87 -34.37 -41.61 1.29
CA ASP K 87 -34.16 -43.04 1.19
C ASP K 87 -33.40 -43.53 2.41
N ILE K 88 -33.79 -44.72 2.90
CA ILE K 88 -33.04 -45.45 3.92
C ILE K 88 -33.03 -46.91 3.51
N GLU K 89 -31.84 -47.49 3.37
CA GLU K 89 -31.77 -48.90 3.06
C GLU K 89 -30.78 -49.60 3.99
N PRO K 90 -31.20 -50.69 4.64
CA PRO K 90 -30.29 -51.42 5.54
C PRO K 90 -29.04 -51.93 4.83
N VAL K 91 -27.92 -51.84 5.53
CA VAL K 91 -26.63 -52.35 5.06
C VAL K 91 -26.66 -53.87 5.21
N PRO K 92 -26.12 -54.63 4.25
CA PRO K 92 -26.11 -56.09 4.41
C PRO K 92 -25.32 -56.52 5.63
N GLY K 93 -25.82 -57.54 6.32
CA GLY K 93 -25.15 -58.09 7.48
C GLY K 93 -25.03 -57.11 8.63
N GLU K 94 -26.07 -56.33 8.88
CA GLU K 94 -26.04 -55.31 9.93
C GLU K 94 -27.38 -55.26 10.64
N ASP K 95 -27.36 -55.48 11.96
CA ASP K 95 -28.58 -55.40 12.73
C ASP K 95 -29.08 -53.97 12.87
N ASN K 96 -28.17 -52.99 12.94
CA ASN K 96 -28.57 -51.62 13.21
C ASN K 96 -27.77 -50.61 12.39
N GLN K 97 -27.38 -50.96 11.17
CA GLN K 97 -26.60 -50.07 10.33
C GLN K 97 -27.30 -49.89 8.99
N TYR K 98 -27.60 -48.64 8.64
CA TYR K 98 -28.38 -48.32 7.44
C TYR K 98 -27.69 -47.22 6.65
N ILE K 99 -27.80 -47.28 5.33
CA ILE K 99 -27.37 -46.17 4.48
C ILE K 99 -28.57 -45.28 4.24
N ALA K 100 -28.47 -44.03 4.69
CA ALA K 100 -29.49 -43.01 4.51
C ALA K 100 -29.02 -42.02 3.47
N TYR K 101 -29.88 -41.73 2.49
CA TYR K 101 -29.60 -40.77 1.44
C TYR K 101 -30.35 -39.48 1.76
N VAL K 102 -29.61 -38.40 2.00
CA VAL K 102 -30.18 -37.11 2.38
C VAL K 102 -29.89 -36.11 1.27
N ALA K 103 -30.92 -35.35 0.89
CA ALA K 103 -30.82 -34.36 -0.18
C ALA K 103 -30.96 -32.96 0.41
N TYR K 104 -30.02 -32.09 0.07
CA TYR K 104 -29.99 -30.74 0.57
C TYR K 104 -30.18 -29.77 -0.59
N PRO K 105 -31.05 -28.77 -0.44
CA PRO K 105 -31.19 -27.76 -1.50
C PRO K 105 -29.88 -27.03 -1.75
N LEU K 106 -29.66 -26.66 -3.01
CA LEU K 106 -28.49 -25.88 -3.37
C LEU K 106 -28.44 -24.55 -2.64
N ASP K 107 -29.59 -24.05 -2.18
CA ASP K 107 -29.68 -22.74 -1.54
C ASP K 107 -29.01 -22.71 -0.17
N LEU K 108 -28.72 -23.87 0.43
CA LEU K 108 -28.20 -23.90 1.79
C LEU K 108 -26.72 -23.57 1.90
N PHE K 109 -25.98 -23.66 0.80
CA PHE K 109 -24.53 -23.67 0.89
C PHE K 109 -23.93 -22.41 0.28
N GLU K 110 -22.88 -21.90 0.91
CA GLU K 110 -22.17 -20.76 0.37
C GLU K 110 -21.39 -21.18 -0.87
N GLU K 111 -21.55 -20.40 -1.93
CA GLU K 111 -20.87 -20.70 -3.20
C GLU K 111 -19.35 -20.65 -3.02
N GLY K 112 -18.68 -21.68 -3.53
CA GLY K 112 -17.23 -21.69 -3.53
C GLY K 112 -16.58 -21.96 -2.19
N SER K 113 -17.34 -22.41 -1.20
CA SER K 113 -16.81 -22.63 0.15
C SER K 113 -16.94 -24.11 0.50
N VAL K 114 -15.81 -24.83 0.50
CA VAL K 114 -15.80 -26.20 1.00
C VAL K 114 -16.03 -26.21 2.51
N THR K 115 -15.47 -25.21 3.20
CA THR K 115 -15.64 -25.10 4.65
C THR K 115 -17.10 -25.06 5.04
N ASN K 116 -17.89 -24.24 4.34
CA ASN K 116 -19.31 -24.12 4.67
C ASN K 116 -20.05 -25.41 4.35
N LEU K 117 -19.71 -26.07 3.24
CA LEU K 117 -20.32 -27.35 2.91
C LEU K 117 -20.10 -28.36 4.02
N LEU K 118 -18.86 -28.49 4.49
CA LEU K 118 -18.57 -29.46 5.55
C LEU K 118 -19.21 -29.05 6.86
N THR K 119 -19.22 -27.76 7.18
CA THR K 119 -19.83 -27.31 8.41
C THR K 119 -21.32 -27.60 8.42
N SER K 120 -21.98 -27.48 7.27
CA SER K 120 -23.39 -27.84 7.18
C SER K 120 -23.58 -29.35 7.31
N LEU K 121 -22.78 -30.12 6.56
CA LEU K 121 -22.98 -31.56 6.51
C LEU K 121 -22.49 -32.23 7.78
N VAL K 122 -21.19 -32.12 8.08
CA VAL K 122 -20.58 -32.87 9.15
C VAL K 122 -20.38 -32.03 10.40
N GLY K 123 -21.20 -30.98 10.58
CA GLY K 123 -21.02 -30.04 11.67
C GLY K 123 -21.23 -30.61 13.06
N ASN K 124 -22.47 -31.02 13.38
CA ASN K 124 -22.76 -31.52 14.71
C ASN K 124 -23.61 -32.79 14.73
N VAL K 125 -24.00 -33.31 13.58
CA VAL K 125 -24.87 -34.49 13.57
C VAL K 125 -24.12 -35.74 14.00
N PHE K 126 -22.79 -35.77 13.88
CA PHE K 126 -22.03 -36.94 14.28
C PHE K 126 -22.00 -37.15 15.78
N GLY K 127 -22.42 -36.16 16.56
CA GLY K 127 -22.46 -36.32 18.00
C GLY K 127 -23.86 -36.36 18.56
N PHE K 128 -24.83 -36.71 17.73
CA PHE K 128 -26.21 -36.82 18.20
C PHE K 128 -26.33 -37.98 19.18
N LYS K 129 -26.97 -37.72 20.32
CA LYS K 129 -27.07 -38.71 21.37
C LYS K 129 -27.85 -39.94 20.93
N ALA K 130 -28.89 -39.74 20.12
CA ALA K 130 -29.67 -40.85 19.58
C ALA K 130 -28.91 -41.66 18.55
N LEU K 131 -27.74 -41.18 18.12
CA LEU K 131 -26.89 -41.85 17.15
C LEU K 131 -25.75 -42.56 17.87
N ARG K 132 -25.45 -43.79 17.46
CA ARG K 132 -24.28 -44.47 17.99
C ARG K 132 -23.06 -44.24 17.11
N ALA K 133 -23.22 -44.35 15.79
CA ALA K 133 -22.10 -44.13 14.89
C ALA K 133 -22.60 -43.53 13.59
N LEU K 134 -21.80 -42.64 13.01
CA LEU K 134 -22.18 -42.03 11.74
C LEU K 134 -20.94 -41.91 10.86
N ARG K 135 -21.08 -42.29 9.60
CA ARG K 135 -20.03 -42.14 8.61
C ARG K 135 -20.61 -41.46 7.39
N LEU K 136 -19.94 -40.43 6.89
CA LEU K 136 -20.32 -39.81 5.63
C LEU K 136 -19.56 -40.55 4.53
N GLU K 137 -20.28 -41.39 3.79
CA GLU K 137 -19.63 -42.25 2.80
C GLU K 137 -19.36 -41.51 1.50
N ASP K 138 -20.35 -40.81 0.96
CA ASP K 138 -20.21 -40.22 -0.36
C ASP K 138 -20.98 -38.92 -0.43
N LEU K 139 -20.67 -38.11 -1.44
CA LEU K 139 -21.29 -36.82 -1.65
C LEU K 139 -21.52 -36.62 -3.14
N ARG K 140 -22.75 -36.29 -3.50
CA ARG K 140 -23.05 -35.84 -4.86
C ARG K 140 -23.01 -34.32 -4.86
N ILE K 141 -21.99 -33.77 -5.50
CA ILE K 141 -21.87 -32.32 -5.67
C ILE K 141 -22.49 -31.97 -7.02
N PRO K 142 -23.59 -31.22 -7.05
CA PRO K 142 -24.22 -30.88 -8.33
C PRO K 142 -23.32 -29.98 -9.15
N VAL K 143 -23.54 -30.02 -10.47
CA VAL K 143 -22.74 -29.23 -11.39
C VAL K 143 -22.85 -27.75 -11.07
N ALA K 144 -24.05 -27.30 -10.69
CA ALA K 144 -24.25 -25.89 -10.36
C ALA K 144 -23.40 -25.47 -9.16
N TYR K 145 -23.23 -26.37 -8.18
CA TYR K 145 -22.35 -26.05 -7.07
C TYR K 145 -20.88 -26.15 -7.47
N VAL K 146 -20.54 -27.13 -8.30
CA VAL K 146 -19.16 -27.30 -8.75
C VAL K 146 -18.67 -26.04 -9.47
N LYS K 147 -19.56 -25.40 -10.22
CA LYS K 147 -19.17 -24.23 -11.00
C LYS K 147 -18.74 -23.05 -10.13
N THR K 148 -19.14 -23.03 -8.85
CA THR K 148 -18.80 -21.91 -7.99
C THR K 148 -17.38 -22.03 -7.40
N PHE K 149 -16.71 -23.14 -7.60
CA PHE K 149 -15.36 -23.35 -7.06
C PHE K 149 -14.33 -23.13 -8.15
N GLN K 150 -13.11 -22.79 -7.72
CA GLN K 150 -12.00 -22.71 -8.67
C GLN K 150 -11.55 -24.10 -9.11
N GLY K 151 -11.63 -25.08 -8.21
CA GLY K 151 -11.09 -26.38 -8.47
C GLY K 151 -9.60 -26.37 -8.31
N PRO K 152 -8.91 -27.37 -8.87
CA PRO K 152 -7.46 -27.38 -8.82
C PRO K 152 -6.90 -26.14 -9.48
N PRO K 153 -5.83 -25.57 -8.93
CA PRO K 153 -5.22 -24.40 -9.58
C PRO K 153 -4.83 -24.67 -11.03
N HIS K 154 -4.31 -25.85 -11.32
CA HIS K 154 -3.97 -26.23 -12.69
C HIS K 154 -4.65 -27.52 -13.14
N GLY K 155 -4.53 -28.59 -12.39
CA GLY K 155 -5.05 -29.88 -12.80
C GLY K 155 -4.00 -30.71 -13.52
N ILE K 156 -4.40 -31.94 -13.85
CA ILE K 156 -3.44 -32.94 -14.33
C ILE K 156 -2.82 -32.50 -15.64
N GLN K 157 -3.63 -32.13 -16.63
CA GLN K 157 -3.11 -31.88 -17.96
C GLN K 157 -2.28 -30.60 -18.00
N VAL K 158 -2.75 -29.55 -17.32
CA VAL K 158 -1.97 -28.31 -17.27
C VAL K 158 -0.66 -28.55 -16.51
N GLU K 159 -0.69 -29.36 -15.46
CA GLU K 159 0.54 -29.67 -14.75
C GLU K 159 1.53 -30.41 -15.64
N ARG K 160 1.04 -31.40 -16.38
CA ARG K 160 1.91 -32.16 -17.27
C ARG K 160 2.49 -31.25 -18.36
N ASP K 161 1.69 -30.33 -18.87
CA ASP K 161 2.19 -29.35 -19.83
C ASP K 161 3.26 -28.46 -19.21
N ARG K 162 3.05 -28.04 -17.96
CA ARG K 162 3.97 -27.10 -17.33
C ARG K 162 5.31 -27.75 -16.98
N ILE K 163 5.30 -29.00 -16.50
CA ILE K 163 6.55 -29.68 -16.17
C ILE K 163 7.08 -30.50 -17.33
N ASN K 164 6.39 -30.49 -18.48
CA ASN K 164 6.89 -31.13 -19.70
C ASN K 164 7.19 -32.61 -19.47
N LYS K 165 6.26 -33.30 -18.84
CA LYS K 165 6.43 -34.71 -18.48
C LYS K 165 5.20 -35.47 -18.98
N TYR K 166 5.42 -36.42 -19.88
CA TYR K 166 4.34 -37.16 -20.49
C TYR K 166 4.69 -38.64 -20.57
N GLY K 167 3.65 -39.48 -20.56
CA GLY K 167 3.76 -40.88 -20.90
C GLY K 167 4.14 -41.83 -19.78
N ARG K 168 4.23 -41.34 -18.54
CA ARG K 168 4.60 -42.21 -17.42
C ARG K 168 4.12 -41.56 -16.14
N PRO K 169 3.98 -42.33 -15.07
CA PRO K 169 3.79 -41.72 -13.76
C PRO K 169 5.02 -40.93 -13.36
N LEU K 170 4.79 -39.88 -12.57
CA LEU K 170 5.92 -39.12 -12.03
C LEU K 170 6.50 -39.85 -10.84
N LEU K 171 7.75 -39.53 -10.52
CA LEU K 171 8.46 -40.16 -9.41
C LEU K 171 8.88 -39.10 -8.40
N GLY K 172 8.66 -39.40 -7.12
CA GLY K 172 9.01 -38.49 -6.04
C GLY K 172 9.60 -39.25 -4.88
N CYS K 173 10.00 -38.48 -3.87
CA CYS K 173 10.54 -39.04 -2.65
C CYS K 173 10.47 -38.00 -1.55
N THR K 174 10.18 -38.45 -0.33
CA THR K 174 10.28 -37.63 0.86
C THR K 174 11.68 -37.79 1.44
N ILE K 175 12.31 -36.66 1.75
CA ILE K 175 13.63 -36.70 2.37
C ILE K 175 13.50 -37.24 3.79
N LYS K 176 14.27 -38.27 4.09
CA LYS K 176 14.29 -38.88 5.40
C LYS K 176 15.66 -38.66 6.06
N PRO K 177 15.72 -38.55 7.39
CA PRO K 177 14.61 -38.63 8.37
C PRO K 177 13.62 -37.49 8.22
N LYS K 178 12.41 -37.65 8.78
CA LYS K 178 11.41 -36.60 8.69
C LYS K 178 11.94 -35.29 9.27
N LEU K 179 12.26 -35.30 10.57
CA LEU K 179 12.78 -34.13 11.26
C LEU K 179 14.16 -34.43 11.80
N GLY K 180 15.04 -33.43 11.75
CA GLY K 180 16.37 -33.58 12.30
C GLY K 180 17.47 -33.04 11.40
N LEU K 181 17.28 -33.13 10.09
CA LEU K 181 18.31 -32.73 9.14
C LEU K 181 18.43 -31.21 9.08
N SER K 182 19.65 -30.73 8.94
CA SER K 182 19.87 -29.32 8.70
C SER K 182 19.45 -28.94 7.28
N ALA K 183 19.25 -27.64 7.06
CA ALA K 183 18.78 -27.18 5.76
C ALA K 183 19.76 -27.57 4.65
N LYS K 184 21.06 -27.41 4.90
CA LYS K 184 22.05 -27.71 3.88
C LYS K 184 22.11 -29.21 3.57
N ASN K 185 22.13 -30.05 4.59
CA ASN K 185 22.13 -31.50 4.35
C ASN K 185 20.84 -31.93 3.68
N TYR K 186 19.73 -31.31 4.06
CA TYR K 186 18.45 -31.55 3.40
C TYR K 186 18.55 -31.25 1.91
N GLY K 187 19.09 -30.09 1.56
CA GLY K 187 19.26 -29.76 0.16
C GLY K 187 20.21 -30.69 -0.56
N ARG K 188 21.24 -31.16 0.12
CA ARG K 188 22.16 -32.13 -0.49
C ARG K 188 21.45 -33.44 -0.80
N ALA K 189 20.64 -33.92 0.14
CA ALA K 189 19.84 -35.12 -0.10
C ALA K 189 18.86 -34.90 -1.26
N VAL K 190 18.25 -33.72 -1.30
CA VAL K 190 17.36 -33.38 -2.41
C VAL K 190 18.12 -33.45 -3.73
N TYR K 191 19.33 -32.89 -3.77
CA TYR K 191 20.11 -32.90 -5.00
C TYR K 191 20.45 -34.32 -5.43
N GLU K 192 20.88 -35.14 -4.47
CA GLU K 192 21.27 -36.50 -4.82
C GLU K 192 20.07 -37.31 -5.31
N CYS K 193 18.91 -37.14 -4.68
CA CYS K 193 17.70 -37.80 -5.15
C CYS K 193 17.31 -37.32 -6.55
N LEU K 194 17.35 -36.01 -6.77
CA LEU K 194 16.84 -35.46 -8.03
C LEU K 194 17.77 -35.79 -9.19
N ARG K 195 19.08 -35.73 -8.97
CA ARG K 195 20.01 -36.04 -10.05
C ARG K 195 19.98 -37.51 -10.45
N GLY K 196 19.43 -38.37 -9.60
CA GLY K 196 19.33 -39.78 -9.92
C GLY K 196 18.17 -40.15 -10.83
N GLY K 197 17.20 -39.25 -11.02
CA GLY K 197 16.10 -39.56 -11.92
C GLY K 197 14.72 -39.30 -11.39
N LEU K 198 14.61 -38.93 -10.11
CA LEU K 198 13.31 -38.56 -9.57
C LEU K 198 12.86 -37.23 -10.14
N ASP K 199 11.59 -37.18 -10.54
CA ASP K 199 11.01 -35.91 -10.97
C ASP K 199 10.90 -34.93 -9.82
N PHE K 200 10.52 -35.42 -8.64
CA PHE K 200 10.20 -34.56 -7.52
C PHE K 200 10.87 -35.08 -6.26
N THR K 201 11.13 -34.16 -5.34
CA THR K 201 11.40 -34.52 -3.97
C THR K 201 10.34 -33.77 -3.17
N ASP K 203 9.03 -32.16 1.02
CA ASP K 203 9.14 -31.98 2.46
C ASP K 203 8.25 -32.97 3.18
N ASP K 204 8.74 -33.50 4.29
CA ASP K 204 7.86 -34.23 5.18
C ASP K 204 6.79 -33.27 5.72
N GLU K 205 5.59 -33.80 5.91
CA GLU K 205 4.46 -32.97 6.33
C GLU K 205 4.70 -32.32 7.69
N ASN K 206 5.64 -32.84 8.48
CA ASN K 206 6.01 -32.22 9.75
C ASN K 206 7.02 -31.09 9.59
N ILE K 207 7.78 -31.09 8.50
CA ILE K 207 8.79 -30.08 8.24
C ILE K 207 8.07 -28.80 7.82
N ASN K 208 7.91 -27.85 8.75
CA ASN K 208 7.43 -26.53 8.39
C ASN K 208 8.49 -25.48 8.66
N SER K 209 8.87 -25.27 9.92
CA SER K 209 9.99 -24.39 10.27
C SER K 209 10.34 -24.74 11.71
N GLN K 210 11.49 -25.37 11.91
CA GLN K 210 11.86 -25.89 13.21
C GLN K 210 13.21 -25.32 13.62
N PRO K 211 13.56 -25.41 14.91
CA PRO K 211 14.86 -24.87 15.34
C PRO K 211 16.05 -25.48 14.63
N PHE K 212 16.01 -26.78 14.32
CA PHE K 212 17.11 -27.39 13.58
C PHE K 212 17.10 -27.00 12.11
N GLN K 213 15.99 -26.46 11.59
CA GLN K 213 15.88 -26.17 10.17
C GLN K 213 14.85 -25.06 9.98
N ARG K 214 15.33 -23.84 9.77
CA ARG K 214 14.44 -22.76 9.42
C ARG K 214 13.96 -22.92 7.98
N TRP K 215 12.71 -22.52 7.75
CA TRP K 215 12.10 -22.77 6.45
C TRP K 215 12.77 -21.98 5.33
N ARG K 216 13.26 -20.77 5.62
CA ARG K 216 13.89 -19.98 4.56
C ARG K 216 15.19 -20.60 4.10
N ASP K 217 16.00 -21.11 5.04
CA ASP K 217 17.24 -21.79 4.66
C ASP K 217 16.93 -23.06 3.88
N ARG K 218 15.92 -23.82 4.30
CA ARG K 218 15.51 -25.00 3.55
C ARG K 218 15.11 -24.63 2.13
N PHE K 219 14.31 -23.57 1.99
CA PHE K 219 13.87 -23.14 0.66
C PHE K 219 15.05 -22.78 -0.22
N LEU K 220 15.99 -22.00 0.32
CA LEU K 220 17.17 -21.61 -0.45
C LEU K 220 17.97 -22.82 -0.91
N PHE K 221 18.29 -23.71 0.03
CA PHE K 221 19.14 -24.85 -0.31
C PHE K 221 18.44 -25.81 -1.26
N VAL K 222 17.14 -26.01 -1.07
CA VAL K 222 16.37 -26.86 -1.96
C VAL K 222 16.33 -26.28 -3.36
N ALA K 223 16.13 -24.96 -3.47
CA ALA K 223 16.12 -24.32 -4.78
C ALA K 223 17.46 -24.50 -5.47
N ASP K 224 18.56 -24.36 -4.73
CA ASP K 224 19.88 -24.57 -5.33
C ASP K 224 20.06 -26.00 -5.81
N ALA K 225 19.62 -26.97 -4.99
CA ALA K 225 19.74 -28.37 -5.39
C ALA K 225 18.90 -28.65 -6.64
N ILE K 226 17.71 -28.06 -6.70
CA ILE K 226 16.85 -28.21 -7.88
C ILE K 226 17.54 -27.66 -9.11
N HIS K 227 18.14 -26.48 -9.00
CA HIS K 227 18.83 -25.91 -10.14
C HIS K 227 20.01 -26.78 -10.58
N LYS K 228 20.79 -27.28 -9.61
CA LYS K 228 21.93 -28.11 -9.96
C LYS K 228 21.48 -29.39 -10.67
N SER K 229 20.48 -30.08 -10.12
CA SER K 229 20.04 -31.34 -10.72
C SER K 229 19.35 -31.12 -12.06
N GLN K 230 18.62 -30.02 -12.21
CA GLN K 230 18.04 -29.68 -13.51
C GLN K 230 19.13 -29.43 -14.54
N ALA K 231 20.18 -28.71 -14.15
CA ALA K 231 21.29 -28.47 -15.06
C ALA K 231 21.98 -29.77 -15.43
N GLU K 232 22.08 -30.70 -14.49
CA GLU K 232 22.78 -31.95 -14.76
C GLU K 232 21.96 -32.86 -15.67
N THR K 233 20.77 -33.24 -15.23
CA THR K 233 19.97 -34.21 -15.96
C THR K 233 19.30 -33.64 -17.20
N GLY K 234 19.02 -32.33 -17.22
CA GLY K 234 18.29 -31.76 -18.34
C GLY K 234 16.82 -32.08 -18.32
N GLU K 235 16.27 -32.41 -17.16
CA GLU K 235 14.85 -32.65 -16.98
C GLU K 235 14.32 -31.68 -15.92
N ILE K 236 13.05 -31.33 -16.03
CA ILE K 236 12.43 -30.47 -15.04
C ILE K 236 12.45 -31.20 -13.70
N LYS K 237 13.11 -30.60 -12.71
CA LYS K 237 13.14 -31.13 -11.36
C LYS K 237 12.33 -30.23 -10.45
N GLY K 238 11.74 -30.84 -9.43
CA GLY K 238 10.91 -30.08 -8.51
C GLY K 238 11.05 -30.61 -7.12
N HIS K 239 10.63 -29.79 -6.16
CA HIS K 239 10.57 -30.22 -4.77
C HIS K 239 9.35 -29.59 -4.13
N TYR K 240 8.46 -30.42 -3.60
CA TYR K 240 7.29 -29.91 -2.91
C TYR K 240 7.76 -29.19 -1.65
N LEU K 241 7.62 -27.88 -1.63
CA LEU K 241 7.99 -27.08 -0.47
C LEU K 241 6.79 -26.93 0.43
N ASN K 242 6.88 -27.48 1.64
CA ASN K 242 5.78 -27.38 2.59
C ASN K 242 5.65 -25.92 3.02
N VAL K 243 4.55 -25.29 2.62
CA VAL K 243 4.24 -23.94 3.05
C VAL K 243 3.23 -23.92 4.19
N THR K 244 2.85 -25.09 4.71
CA THR K 244 1.95 -25.16 5.85
C THR K 244 2.55 -24.39 7.01
N ALA K 245 1.75 -23.50 7.60
CA ALA K 245 2.25 -22.60 8.61
C ALA K 245 1.19 -22.39 9.68
N ALA K 246 1.59 -21.70 10.75
CA ALA K 246 0.68 -21.42 11.85
C ALA K 246 -0.45 -20.50 11.42
N THR K 247 -0.16 -19.50 10.60
CA THR K 247 -1.13 -18.51 10.18
C THR K 247 -1.15 -18.40 8.67
N CYS K 248 -2.20 -17.76 8.18
CA CYS K 248 -2.33 -17.56 6.74
C CYS K 248 -1.28 -16.58 6.23
N GLU K 249 -0.93 -15.58 7.03
CA GLU K 249 0.14 -14.67 6.64
C GLU K 249 1.46 -15.40 6.50
N GLU K 250 1.78 -16.30 7.43
CA GLU K 250 3.02 -17.05 7.36
C GLU K 250 3.01 -18.02 6.18
N MET K 251 1.88 -18.68 5.93
CA MET K 251 1.76 -19.55 4.77
C MET K 251 1.95 -18.76 3.48
N MET K 252 1.37 -17.56 3.41
CA MET K 252 1.51 -16.73 2.22
C MET K 252 2.94 -16.24 2.05
N LYS K 253 3.63 -15.91 3.14
CA LYS K 253 5.04 -15.54 3.04
C LYS K 253 5.88 -16.69 2.52
N ARG K 254 5.64 -17.90 3.02
CA ARG K 254 6.39 -19.06 2.54
C ARG K 254 6.10 -19.33 1.06
N ALA K 255 4.83 -19.22 0.67
CA ALA K 255 4.47 -19.40 -0.74
C ALA K 255 5.11 -18.33 -1.61
N ALA K 256 5.12 -17.07 -1.15
CA ALA K 256 5.72 -16.00 -1.91
C ALA K 256 7.22 -16.20 -2.07
N TYR K 257 7.89 -16.66 -1.02
CA TYR K 257 9.32 -16.95 -1.15
C TYR K 257 9.56 -18.11 -2.09
N ALA K 258 8.71 -19.15 -2.05
CA ALA K 258 8.84 -20.24 -3.01
C ALA K 258 8.67 -19.74 -4.45
N LYS K 259 7.74 -18.81 -4.66
CA LYS K 259 7.59 -18.18 -5.96
C LYS K 259 8.83 -17.38 -6.33
N GLU K 260 9.39 -16.64 -5.37
CA GLU K 260 10.57 -15.83 -5.63
C GLU K 260 11.75 -16.69 -6.05
N LEU K 261 11.92 -17.85 -5.42
CA LEU K 261 12.97 -18.79 -5.78
C LEU K 261 12.64 -19.59 -7.04
N GLU K 262 11.61 -19.18 -7.78
CA GLU K 262 11.23 -19.83 -9.03
C GLU K 262 10.94 -21.31 -8.83
N MET K 263 10.25 -21.63 -7.73
CA MET K 263 9.86 -23.01 -7.49
C MET K 263 8.55 -23.31 -8.21
N PRO K 264 8.43 -24.49 -8.82
CA PRO K 264 7.21 -24.82 -9.57
C PRO K 264 6.07 -25.37 -8.74
N ILE K 265 6.29 -25.79 -7.50
CA ILE K 265 5.26 -26.50 -6.76
C ILE K 265 5.48 -26.29 -5.26
N VAL K 266 4.36 -26.18 -4.53
CA VAL K 266 4.36 -26.08 -3.08
C VAL K 266 3.41 -27.13 -2.53
N MET K 267 3.61 -27.48 -1.27
CA MET K 267 2.81 -28.50 -0.62
C MET K 267 2.06 -27.89 0.55
N HIS K 268 0.88 -28.44 0.84
CA HIS K 268 0.07 -28.00 1.96
C HIS K 268 -0.68 -29.18 2.55
N ASP K 269 -0.87 -29.16 3.87
CA ASP K 269 -1.72 -30.13 4.56
C ASP K 269 -3.11 -29.52 4.68
N PHE K 270 -4.05 -30.00 3.86
CA PHE K 270 -5.36 -29.37 3.78
C PHE K 270 -6.25 -29.65 4.98
N LEU K 271 -5.92 -30.63 5.82
CA LEU K 271 -6.74 -30.94 6.99
C LEU K 271 -6.19 -30.33 8.27
N THR K 272 -4.90 -30.52 8.56
CA THR K 272 -4.31 -29.85 9.71
C THR K 272 -4.17 -28.36 9.46
N GLY K 273 -3.80 -27.97 8.24
CA GLY K 273 -3.81 -26.56 7.88
C GLY K 273 -5.23 -26.01 7.82
N GLY K 274 -6.14 -26.76 7.26
CA GLY K 274 -7.53 -26.36 7.16
C GLY K 274 -7.93 -26.01 5.74
N PHE K 275 -9.25 -26.06 5.51
CA PHE K 275 -9.77 -25.79 4.17
C PHE K 275 -9.81 -24.31 3.84
N THR K 276 -9.95 -23.44 4.83
CA THR K 276 -9.88 -22.01 4.56
C THR K 276 -8.51 -21.64 3.99
N ALA K 277 -7.45 -22.03 4.70
CA ALA K 277 -6.10 -21.76 4.24
C ALA K 277 -5.79 -22.51 2.97
N ASN K 278 -6.33 -23.72 2.81
CA ASN K 278 -6.11 -24.47 1.58
C ASN K 278 -6.70 -23.76 0.38
N THR K 279 -7.93 -23.26 0.51
CA THR K 279 -8.55 -22.54 -0.60
C THR K 279 -7.82 -21.23 -0.88
N THR K 280 -7.40 -20.53 0.17
CA THR K 280 -6.56 -19.35 0.01
C THR K 280 -5.31 -19.69 -0.80
N LEU K 281 -4.62 -20.76 -0.43
CA LEU K 281 -3.38 -21.13 -1.10
C LEU K 281 -3.65 -21.60 -2.52
N ALA K 282 -4.76 -22.28 -2.76
CA ALA K 282 -5.10 -22.73 -4.11
C ALA K 282 -5.39 -21.55 -5.02
N HIS K 283 -6.12 -20.56 -4.53
CA HIS K 283 -6.36 -19.35 -5.31
C HIS K 283 -5.04 -18.62 -5.57
N TRP K 284 -4.18 -18.51 -4.55
CA TRP K 284 -2.87 -17.92 -4.76
C TRP K 284 -2.07 -18.69 -5.80
N CYS K 285 -2.12 -20.02 -5.74
CA CYS K 285 -1.37 -20.86 -6.67
C CYS K 285 -1.86 -20.66 -8.10
N ARG K 286 -3.17 -20.59 -8.29
CA ARG K 286 -3.71 -20.29 -9.60
C ARG K 286 -3.28 -18.91 -10.07
N ASP K 287 -3.25 -17.93 -9.16
CA ASP K 287 -2.88 -16.57 -9.50
C ASP K 287 -1.39 -16.39 -9.78
N ASN K 288 -0.54 -17.30 -9.31
CA ASN K 288 0.90 -17.16 -9.48
C ASN K 288 1.52 -18.33 -10.23
N GLY K 289 0.74 -19.17 -10.88
CA GLY K 289 1.28 -20.26 -11.68
C GLY K 289 2.05 -21.30 -10.90
N ILE K 290 1.63 -21.58 -9.67
CA ILE K 290 2.32 -22.51 -8.79
C ILE K 290 1.49 -23.77 -8.66
N LEU K 291 2.13 -24.93 -8.83
CA LEU K 291 1.46 -26.20 -8.60
C LEU K 291 1.26 -26.42 -7.11
N LEU K 292 0.23 -27.18 -6.77
CA LEU K 292 -0.18 -27.36 -5.38
C LEU K 292 -0.25 -28.86 -5.07
N HIS K 293 0.77 -29.37 -4.41
CA HIS K 293 0.72 -30.73 -3.88
C HIS K 293 -0.01 -30.71 -2.54
N ILE K 294 -0.92 -31.67 -2.36
CA ILE K 294 -1.78 -31.71 -1.19
C ILE K 294 -1.48 -32.99 -0.40
N HIS K 295 -1.05 -32.82 0.83
CA HIS K 295 -0.78 -33.92 1.74
C HIS K 295 -1.98 -34.10 2.67
N ARG K 296 -2.39 -35.35 2.87
CA ARG K 296 -3.61 -35.65 3.61
C ARG K 296 -3.33 -36.01 5.06
N ALA K 297 -2.37 -35.34 5.69
CA ALA K 297 -2.09 -35.58 7.10
C ALA K 297 -3.36 -35.40 7.94
N MET K 298 -3.55 -36.31 8.89
CA MET K 298 -4.71 -36.41 9.79
C MET K 298 -5.93 -37.01 9.10
N HIS K 299 -5.80 -37.48 7.85
CA HIS K 299 -6.96 -38.08 7.20
C HIS K 299 -7.42 -39.33 7.92
N ALA K 300 -6.49 -40.17 8.37
CA ALA K 300 -6.85 -41.43 9.00
C ALA K 300 -7.53 -41.24 10.34
N VAL K 301 -7.36 -40.08 10.98
CA VAL K 301 -8.14 -39.80 12.18
C VAL K 301 -9.62 -39.76 11.83
N ILE K 302 -9.96 -39.22 10.67
CA ILE K 302 -11.35 -39.09 10.25
C ILE K 302 -11.87 -40.33 9.51
N ASP K 303 -11.03 -40.93 8.66
CA ASP K 303 -11.52 -41.85 7.63
C ASP K 303 -11.06 -43.29 7.83
N ARG K 304 -10.62 -43.67 9.02
CA ARG K 304 -10.07 -45.01 9.17
C ARG K 304 -11.13 -46.06 9.45
N GLN K 305 -12.12 -45.74 10.29
CA GLN K 305 -13.12 -46.71 10.72
C GLN K 305 -14.27 -46.77 9.72
N LYS K 306 -14.85 -47.97 9.59
CA LYS K 306 -15.98 -48.14 8.69
C LYS K 306 -17.26 -47.57 9.27
N ASN K 307 -17.43 -47.62 10.58
CA ASN K 307 -18.70 -47.25 11.18
C ASN K 307 -18.83 -45.76 11.49
N HIS K 308 -17.71 -45.03 11.61
CA HIS K 308 -17.77 -43.63 12.01
C HIS K 308 -16.72 -42.81 11.28
N GLY K 309 -17.08 -41.56 11.00
CA GLY K 309 -16.16 -40.60 10.42
C GLY K 309 -16.63 -40.10 9.07
N ILE K 310 -15.68 -39.71 8.24
CA ILE K 310 -15.94 -39.31 6.87
C ILE K 310 -15.03 -40.13 5.98
N HIS K 311 -15.62 -40.83 5.00
CA HIS K 311 -14.78 -41.58 4.07
C HIS K 311 -13.92 -40.62 3.26
N PHE K 312 -12.72 -41.08 2.90
CA PHE K 312 -11.78 -40.21 2.22
C PHE K 312 -12.28 -39.73 0.87
N ARG K 313 -13.24 -40.40 0.25
CA ARG K 313 -13.73 -39.92 -1.03
C ARG K 313 -14.45 -38.58 -0.89
N VAL K 314 -15.13 -38.36 0.25
CA VAL K 314 -15.77 -37.07 0.50
C VAL K 314 -14.72 -35.97 0.64
N LEU K 315 -13.68 -36.23 1.45
CA LEU K 315 -12.60 -35.26 1.58
C LEU K 315 -11.88 -35.06 0.27
N ALA K 316 -11.84 -36.08 -0.59
CA ALA K 316 -11.17 -35.96 -1.87
C ALA K 316 -11.95 -35.07 -2.82
N LYS K 317 -13.26 -35.23 -2.86
CA LYS K 317 -14.11 -34.31 -3.64
C LYS K 317 -13.96 -32.89 -3.13
N CYS K 318 -13.94 -32.73 -1.81
CA CYS K 318 -13.82 -31.39 -1.23
C CYS K 318 -12.47 -30.77 -1.52
N LEU K 319 -11.41 -31.59 -1.53
CA LEU K 319 -10.08 -31.07 -1.87
C LEU K 319 -9.99 -30.74 -3.35
N ARG K 320 -10.65 -31.52 -4.20
CA ARG K 320 -10.69 -31.19 -5.62
C ARG K 320 -11.36 -29.84 -5.85
N MET K 321 -12.46 -29.58 -5.15
CA MET K 321 -13.15 -28.31 -5.33
C MET K 321 -12.38 -27.15 -4.70
N SER K 322 -11.87 -27.34 -3.47
CA SER K 322 -11.12 -26.29 -2.81
C SER K 322 -9.83 -25.97 -3.54
N GLY K 323 -9.17 -26.99 -4.07
CA GLY K 323 -8.03 -26.77 -4.92
C GLY K 323 -6.81 -27.59 -4.56
N GLY K 324 -6.28 -28.29 -5.54
CA GLY K 324 -5.06 -29.07 -5.38
C GLY K 324 -4.71 -29.76 -6.67
N ASP K 325 -3.45 -29.69 -7.07
CA ASP K 325 -3.00 -30.38 -8.28
C ASP K 325 -2.64 -31.83 -8.01
N HIS K 326 -2.01 -32.09 -6.88
CA HIS K 326 -1.72 -33.44 -6.40
C HIS K 326 -2.54 -33.69 -5.14
N ILE K 327 -2.78 -34.96 -4.86
CA ILE K 327 -3.33 -35.35 -3.56
C ILE K 327 -2.90 -36.77 -3.27
N HIS K 328 -2.55 -37.03 -2.02
CA HIS K 328 -2.24 -38.39 -1.60
C HIS K 328 -3.50 -39.23 -1.57
N THR K 329 -3.38 -40.47 -2.06
CA THR K 329 -4.50 -41.37 -2.16
C THR K 329 -4.24 -42.72 -1.50
N GLY K 330 -3.04 -42.96 -1.00
CA GLY K 330 -2.69 -44.28 -0.49
C GLY K 330 -2.22 -45.20 -1.60
N THR K 331 -1.22 -46.02 -1.27
CA THR K 331 -0.57 -46.89 -2.24
C THR K 331 -1.22 -48.26 -2.37
N VAL K 332 -2.26 -48.54 -1.59
CA VAL K 332 -2.88 -49.86 -1.49
C VAL K 332 -1.88 -50.85 -0.87
N VAL K 333 -0.73 -51.04 -1.53
CA VAL K 333 0.19 -52.11 -1.20
C VAL K 333 1.32 -51.64 -0.28
N GLY K 334 1.18 -50.49 0.38
CA GLY K 334 2.22 -49.94 1.21
C GLY K 334 1.96 -50.11 2.69
N LYS K 335 2.62 -49.26 3.50
CA LYS K 335 2.53 -49.35 4.94
C LYS K 335 1.28 -48.70 5.52
N LEU K 336 0.49 -48.01 4.71
CA LEU K 336 -0.71 -47.33 5.19
C LEU K 336 -1.95 -47.95 4.57
N GLU K 337 -3.07 -47.88 5.32
CA GLU K 337 -4.26 -48.63 4.97
C GLU K 337 -5.08 -47.93 3.90
N GLY K 338 -5.47 -48.70 2.88
CA GLY K 338 -6.48 -48.30 1.92
C GLY K 338 -6.85 -49.44 1.00
N ASP K 339 -8.14 -49.77 0.91
CA ASP K 339 -8.57 -50.91 0.12
C ASP K 339 -8.42 -50.62 -1.37
N ARG K 340 -8.35 -51.69 -2.16
CA ARG K 340 -8.15 -51.54 -3.59
C ARG K 340 -9.36 -50.90 -4.25
N ALA K 341 -10.56 -51.42 -3.95
CA ALA K 341 -11.76 -50.98 -4.67
C ALA K 341 -12.12 -49.53 -4.32
N GLY K 342 -12.15 -49.20 -3.03
CA GLY K 342 -12.46 -47.84 -2.64
C GLY K 342 -11.44 -46.83 -3.14
N THR K 343 -10.16 -47.22 -3.13
CA THR K 343 -9.13 -46.34 -3.67
C THR K 343 -9.30 -46.14 -5.16
N LEU K 344 -9.59 -47.20 -5.90
CA LEU K 344 -9.90 -47.04 -7.32
C LEU K 344 -11.07 -46.08 -7.50
N GLY K 345 -12.09 -46.21 -6.65
CA GLY K 345 -13.25 -45.34 -6.73
C GLY K 345 -12.90 -43.87 -6.55
N PHE K 346 -12.20 -43.54 -5.47
CA PHE K 346 -11.94 -42.12 -5.25
C PHE K 346 -10.80 -41.60 -6.12
N VAL K 347 -9.96 -42.48 -6.67
CA VAL K 347 -8.99 -42.02 -7.67
C VAL K 347 -9.70 -41.64 -8.96
N ASP K 348 -10.69 -42.44 -9.38
CA ASP K 348 -11.52 -42.04 -10.51
C ASP K 348 -12.30 -40.76 -10.20
N LEU K 349 -12.78 -40.63 -8.96
CA LEU K 349 -13.49 -39.41 -8.57
C LEU K 349 -12.58 -38.19 -8.66
N LEU K 350 -11.31 -38.34 -8.29
CA LEU K 350 -10.36 -37.23 -8.29
C LEU K 350 -9.86 -36.90 -9.68
N ARG K 351 -9.74 -37.89 -10.56
CA ARG K 351 -9.09 -37.67 -11.85
C ARG K 351 -10.04 -37.54 -13.02
N GLU K 352 -11.20 -38.18 -12.98
CA GLU K 352 -12.09 -38.21 -14.12
C GLU K 352 -13.04 -37.02 -14.10
N ASN K 353 -13.63 -36.75 -15.27
CA ASN K 353 -14.69 -35.76 -15.38
C ASN K 353 -16.05 -36.34 -15.05
N TYR K 354 -16.33 -37.55 -15.51
CA TYR K 354 -17.60 -38.21 -15.24
C TYR K 354 -17.34 -39.57 -14.61
N ILE K 355 -17.94 -39.81 -13.45
CA ILE K 355 -17.84 -41.08 -12.76
C ILE K 355 -19.25 -41.54 -12.45
N GLU K 356 -19.63 -42.69 -13.01
CA GLU K 356 -20.97 -43.20 -12.83
C GLU K 356 -21.12 -43.87 -11.48
N GLN K 357 -22.38 -44.02 -11.06
CA GLN K 357 -22.68 -44.68 -9.79
C GLN K 357 -22.15 -46.11 -9.79
N ASP K 358 -21.50 -46.49 -8.69
CA ASP K 358 -20.97 -47.84 -8.53
C ASP K 358 -20.83 -48.11 -7.04
N LYS K 359 -21.79 -48.86 -6.48
CA LYS K 359 -21.72 -49.20 -5.06
C LYS K 359 -20.53 -50.11 -4.78
N SER K 360 -20.12 -50.92 -5.76
CA SER K 360 -19.03 -51.87 -5.54
C SER K 360 -17.70 -51.16 -5.32
N ARG K 361 -17.56 -49.91 -5.78
CA ARG K 361 -16.35 -49.13 -5.60
C ARG K 361 -16.57 -47.96 -4.66
N GLY K 362 -17.69 -47.93 -3.94
CA GLY K 362 -17.98 -46.86 -3.01
C GLY K 362 -18.53 -45.60 -3.65
N VAL K 363 -18.83 -45.62 -4.94
CA VAL K 363 -19.40 -44.47 -5.63
C VAL K 363 -20.91 -44.57 -5.45
N TYR K 364 -21.43 -43.95 -4.40
CA TYR K 364 -22.87 -43.99 -4.15
C TYR K 364 -23.66 -43.08 -5.07
N PHE K 365 -23.02 -42.09 -5.68
CA PHE K 365 -23.70 -41.17 -6.58
C PHE K 365 -22.90 -41.01 -7.86
N THR K 366 -23.61 -40.76 -8.96
CA THR K 366 -22.97 -40.36 -10.19
C THR K 366 -22.49 -38.91 -10.03
N GLN K 367 -21.20 -38.70 -10.24
CA GLN K 367 -20.58 -37.38 -10.04
C GLN K 367 -20.08 -36.87 -11.38
N ASP K 368 -20.54 -35.68 -11.75
CA ASP K 368 -20.12 -34.98 -12.96
C ASP K 368 -19.37 -33.73 -12.55
N TRP K 369 -18.19 -33.52 -13.11
CA TRP K 369 -17.31 -32.44 -12.68
C TRP K 369 -17.39 -31.20 -13.55
N ALA K 370 -18.14 -31.26 -14.67
CA ALA K 370 -18.38 -30.10 -15.52
C ALA K 370 -17.07 -29.43 -15.94
N SER K 371 -16.10 -30.26 -16.35
CA SER K 371 -14.79 -29.83 -16.83
C SER K 371 -13.90 -29.26 -15.73
N MET K 372 -14.23 -29.52 -14.46
CA MET K 372 -13.29 -29.23 -13.40
C MET K 372 -12.07 -30.13 -13.57
N PRO K 373 -10.87 -29.58 -13.67
CA PRO K 373 -9.68 -30.42 -13.93
C PRO K 373 -9.47 -31.45 -12.83
N GLY K 374 -8.90 -32.59 -13.22
CA GLY K 374 -8.63 -33.66 -12.28
C GLY K 374 -7.39 -33.40 -11.44
N VAL K 375 -7.26 -34.19 -10.38
CA VAL K 375 -6.16 -34.09 -9.43
C VAL K 375 -5.26 -35.31 -9.58
N MET K 376 -3.96 -35.06 -9.61
CA MET K 376 -2.98 -36.14 -9.68
C MET K 376 -3.03 -37.00 -8.42
N ALA K 377 -2.95 -38.31 -8.60
CA ALA K 377 -2.94 -39.25 -7.48
C ALA K 377 -1.52 -39.50 -7.02
N VAL K 378 -1.32 -39.49 -5.71
CA VAL K 378 -0.01 -39.61 -5.11
C VAL K 378 0.02 -40.89 -4.28
N ALA K 379 0.85 -41.85 -4.68
CA ALA K 379 1.05 -43.09 -3.95
C ALA K 379 2.32 -42.95 -3.12
N SER K 380 2.16 -42.79 -1.81
CA SER K 380 3.29 -42.58 -0.91
C SER K 380 3.13 -43.42 0.34
N GLY K 381 4.24 -44.00 0.79
CA GLY K 381 4.24 -44.72 2.05
C GLY K 381 4.55 -46.20 1.92
N GLY K 382 5.76 -46.59 2.34
CA GLY K 382 6.14 -47.98 2.43
C GLY K 382 6.10 -48.74 1.12
N ILE K 383 6.70 -48.18 0.07
CA ILE K 383 6.77 -48.87 -1.22
C ILE K 383 8.20 -48.85 -1.71
N HIS K 384 8.54 -49.88 -2.49
CA HIS K 384 9.84 -49.99 -3.11
C HIS K 384 9.62 -50.43 -4.54
N VAL K 385 10.70 -50.83 -5.22
CA VAL K 385 10.62 -51.21 -6.63
C VAL K 385 9.69 -52.38 -6.87
N TRP K 386 9.55 -53.29 -5.89
CA TRP K 386 8.73 -54.47 -6.09
C TRP K 386 7.25 -54.11 -6.25
N HIS K 387 6.80 -53.05 -5.59
CA HIS K 387 5.43 -52.58 -5.77
C HIS K 387 5.26 -51.80 -7.07
N MET K 388 6.34 -51.53 -7.80
CA MET K 388 6.26 -50.66 -8.96
C MET K 388 5.29 -51.17 -10.03
N PRO K 389 5.32 -52.43 -10.46
CA PRO K 389 4.35 -52.86 -11.47
C PRO K 389 2.91 -52.67 -11.04
N ALA K 390 2.56 -53.18 -9.85
CA ALA K 390 1.19 -53.08 -9.36
C ALA K 390 0.71 -51.63 -9.34
N LEU K 391 1.54 -50.71 -8.84
CA LEU K 391 1.17 -49.30 -8.85
C LEU K 391 0.93 -48.80 -10.26
N VAL K 392 1.82 -49.13 -11.19
CA VAL K 392 1.60 -48.75 -12.59
C VAL K 392 0.32 -49.38 -13.10
N GLU K 393 -0.01 -50.57 -12.62
CA GLU K 393 -1.28 -51.18 -12.97
C GLU K 393 -2.45 -50.44 -12.32
N ILE K 394 -2.28 -50.01 -11.08
CA ILE K 394 -3.42 -49.46 -10.33
C ILE K 394 -3.71 -48.03 -10.76
N PHE K 395 -2.71 -47.15 -10.68
CA PHE K 395 -2.94 -45.73 -10.88
C PHE K 395 -2.73 -45.28 -12.31
N GLY K 396 -1.88 -45.96 -13.07
CA GLY K 396 -1.63 -45.51 -14.42
C GLY K 396 -0.69 -44.31 -14.45
N ASP K 397 -0.73 -43.61 -15.59
CA ASP K 397 0.24 -42.56 -15.83
C ASP K 397 -0.04 -41.32 -14.99
N ASP K 398 -1.31 -40.96 -14.82
CA ASP K 398 -1.68 -39.68 -14.23
C ASP K 398 -1.59 -39.75 -12.71
N SER K 399 -0.38 -40.09 -12.24
CA SER K 399 -0.16 -40.33 -10.83
C SER K 399 1.29 -40.02 -10.49
N VAL K 400 1.54 -39.85 -9.20
CA VAL K 400 2.88 -39.67 -8.66
C VAL K 400 3.16 -40.83 -7.73
N LEU K 401 4.30 -41.49 -7.92
CA LEU K 401 4.74 -42.59 -7.09
C LEU K 401 5.87 -42.08 -6.21
N GLN K 402 5.70 -42.16 -4.90
CA GLN K 402 6.62 -41.55 -3.96
C GLN K 402 7.32 -42.63 -3.15
N PHE K 403 8.65 -42.69 -3.29
CA PHE K 403 9.49 -43.66 -2.60
C PHE K 403 10.41 -42.90 -1.65
N GLY K 404 9.96 -42.66 -0.43
CA GLY K 404 10.80 -42.04 0.57
C GLY K 404 11.93 -42.96 1.01
N GLY K 405 11.58 -44.04 1.73
CA GLY K 405 12.57 -45.02 2.13
C GLY K 405 13.03 -45.93 1.00
N GLY K 406 12.25 -46.01 -0.08
CA GLY K 406 12.64 -46.82 -1.22
C GLY K 406 13.69 -46.19 -2.12
N THR K 407 14.07 -44.95 -1.84
CA THR K 407 15.14 -44.28 -2.57
C THR K 407 16.33 -43.98 -1.69
N LEU K 408 16.11 -43.30 -0.56
CA LEU K 408 17.20 -43.00 0.36
C LEU K 408 17.70 -44.26 1.06
N GLY K 409 16.85 -45.28 1.19
CA GLY K 409 17.23 -46.53 1.80
C GLY K 409 17.97 -47.49 0.90
N HIS K 410 18.22 -47.10 -0.34
CA HIS K 410 19.03 -47.91 -1.23
C HIS K 410 20.46 -48.00 -0.67
N PRO K 411 21.12 -49.15 -0.79
CA PRO K 411 22.46 -49.28 -0.18
C PRO K 411 23.49 -48.32 -0.73
N TRP K 412 23.42 -47.96 -2.02
CA TRP K 412 24.47 -47.15 -2.62
C TRP K 412 24.30 -45.66 -2.35
N GLY K 413 23.09 -45.21 -2.07
CA GLY K 413 22.86 -43.80 -1.79
C GLY K 413 21.58 -43.31 -2.43
N ASN K 414 21.35 -42.01 -2.27
CA ASN K 414 20.13 -41.40 -2.80
C ASN K 414 20.07 -41.51 -4.32
N ALA K 415 21.15 -41.10 -5.01
CA ALA K 415 21.12 -41.07 -6.47
C ALA K 415 20.99 -42.46 -7.08
N PRO K 416 21.75 -43.48 -6.67
CA PRO K 416 21.51 -44.82 -7.21
C PRO K 416 20.12 -45.36 -6.91
N GLY K 417 19.56 -45.05 -5.74
CA GLY K 417 18.20 -45.50 -5.45
C GLY K 417 17.17 -44.82 -6.32
N ALA K 418 17.34 -43.51 -6.55
CA ALA K 418 16.49 -42.79 -7.48
C ALA K 418 16.57 -43.40 -8.87
N THR K 419 17.79 -43.73 -9.31
CA THR K 419 17.96 -44.36 -10.62
C THR K 419 17.30 -45.73 -10.67
N ALA K 420 17.42 -46.51 -9.59
CA ALA K 420 16.78 -47.83 -9.56
C ALA K 420 15.27 -47.71 -9.70
N ASN K 421 14.69 -46.75 -8.97
CA ASN K 421 13.25 -46.53 -9.08
C ASN K 421 12.88 -46.05 -10.49
N ARG K 422 13.67 -45.15 -11.06
CA ARG K 422 13.38 -44.66 -12.40
C ARG K 422 13.45 -45.78 -13.44
N VAL K 423 14.43 -46.68 -13.28
CA VAL K 423 14.57 -47.79 -14.23
C VAL K 423 13.42 -48.77 -14.06
N ALA K 424 13.04 -49.07 -12.82
CA ALA K 424 11.89 -49.96 -12.60
C ALA K 424 10.62 -49.36 -13.20
N LEU K 425 10.40 -48.07 -12.96
CA LEU K 425 9.22 -47.40 -13.50
C LEU K 425 9.21 -47.40 -15.02
N GLU K 426 10.36 -47.08 -15.63
CA GLU K 426 10.41 -47.01 -17.09
C GLU K 426 10.28 -48.38 -17.71
N ALA K 427 10.85 -49.41 -17.09
CA ALA K 427 10.65 -50.77 -17.60
C ALA K 427 9.20 -51.20 -17.50
N CYS K 428 8.55 -50.87 -16.38
CA CYS K 428 7.14 -51.20 -16.23
C CYS K 428 6.29 -50.49 -17.28
N VAL K 429 6.58 -49.20 -17.53
CA VAL K 429 5.82 -48.46 -18.53
C VAL K 429 6.06 -49.02 -19.91
N GLN K 430 7.31 -49.36 -20.22
CA GLN K 430 7.63 -49.92 -21.54
C GLN K 430 6.91 -51.25 -21.75
N ALA K 431 6.96 -52.13 -20.75
CA ALA K 431 6.29 -53.43 -20.87
C ALA K 431 4.78 -53.27 -20.96
N ARG K 432 4.22 -52.29 -20.24
CA ARG K 432 2.80 -52.02 -20.34
C ARG K 432 2.43 -51.56 -21.75
N ASN K 433 3.22 -50.64 -22.30
CA ASN K 433 2.96 -50.13 -23.63
C ASN K 433 3.09 -51.23 -24.69
N GLU K 434 4.07 -52.12 -24.53
CA GLU K 434 4.30 -53.19 -25.49
C GLU K 434 3.13 -54.18 -25.54
N GLY K 435 2.37 -54.31 -24.46
CA GLY K 435 1.27 -55.25 -24.43
C GLY K 435 1.50 -56.42 -23.50
N ARG K 436 2.16 -56.17 -22.38
CA ARG K 436 2.40 -57.19 -21.37
C ARG K 436 1.38 -57.05 -20.24
N ASN K 437 1.18 -58.15 -19.52
CA ASN K 437 0.30 -58.15 -18.36
C ASN K 437 1.12 -57.78 -17.13
N LEU K 438 1.05 -56.52 -16.73
CA LEU K 438 1.87 -56.04 -15.63
C LEU K 438 1.51 -56.73 -14.32
N ALA K 439 0.22 -56.92 -14.05
CA ALA K 439 -0.20 -57.58 -12.82
C ALA K 439 0.30 -59.02 -12.77
N ARG K 440 0.59 -59.61 -13.92
CA ARG K 440 1.06 -60.99 -13.99
C ARG K 440 2.58 -61.08 -14.05
N GLU K 441 3.19 -60.33 -14.97
CA GLU K 441 4.63 -60.42 -15.21
C GLU K 441 5.39 -59.24 -14.61
N GLY K 442 4.89 -58.65 -13.53
CA GLY K 442 5.63 -57.55 -12.90
C GLY K 442 6.97 -57.97 -12.38
N GLY K 443 7.02 -59.11 -11.67
CA GLY K 443 8.29 -59.63 -11.21
C GLY K 443 9.21 -59.99 -12.36
N ASP K 444 8.65 -60.46 -13.47
CA ASP K 444 9.46 -60.75 -14.65
C ASP K 444 10.12 -59.49 -15.19
N ILE K 445 9.34 -58.41 -15.33
CA ILE K 445 9.87 -57.14 -15.83
C ILE K 445 10.95 -56.62 -14.89
N ILE K 446 10.69 -56.67 -13.58
CA ILE K 446 11.67 -56.22 -12.61
C ILE K 446 12.94 -57.05 -12.71
N ARG K 447 12.80 -58.36 -12.91
CA ARG K 447 13.96 -59.24 -12.97
C ARG K 447 14.83 -58.94 -14.18
N GLU K 448 14.22 -58.76 -15.36
CA GLU K 448 15.04 -58.42 -16.52
C GLU K 448 15.71 -57.06 -16.35
N ALA K 449 14.96 -56.09 -15.79
CA ALA K 449 15.56 -54.77 -15.57
C ALA K 449 16.74 -54.86 -14.60
N CYS K 450 16.61 -55.67 -13.55
CA CYS K 450 17.72 -55.89 -12.63
C CYS K 450 18.90 -56.52 -13.34
N LYS K 451 18.63 -57.48 -14.22
CA LYS K 451 19.69 -58.03 -15.05
C LYS K 451 20.40 -56.94 -15.83
N TRP K 452 19.67 -55.88 -16.19
CA TRP K 452 20.31 -54.75 -16.86
C TRP K 452 20.75 -53.63 -15.92
N SER K 453 20.07 -53.43 -14.79
CA SER K 453 20.37 -52.29 -13.92
C SER K 453 20.96 -52.76 -12.60
N PRO K 454 22.20 -52.39 -12.29
CA PRO K 454 22.80 -52.80 -11.01
C PRO K 454 22.17 -52.10 -9.81
N GLU K 455 21.85 -50.81 -9.92
CA GLU K 455 21.16 -50.13 -8.84
C GLU K 455 19.84 -50.81 -8.52
N LEU K 456 19.10 -51.17 -9.57
CA LEU K 456 17.85 -51.90 -9.39
C LEU K 456 18.09 -53.27 -8.78
N ALA K 457 19.17 -53.94 -9.19
CA ALA K 457 19.49 -55.25 -8.63
C ALA K 457 19.71 -55.16 -7.13
N ALA K 458 20.51 -54.17 -6.69
CA ALA K 458 20.76 -53.98 -5.27
C ALA K 458 19.47 -53.62 -4.53
N ALA K 459 18.65 -52.76 -5.12
CA ALA K 459 17.39 -52.38 -4.48
C ALA K 459 16.49 -53.60 -4.28
N CYS K 460 16.34 -54.41 -5.33
CA CYS K 460 15.45 -55.56 -5.27
C CYS K 460 15.96 -56.62 -4.30
N GLU K 461 17.28 -56.85 -4.28
CA GLU K 461 17.81 -57.82 -3.33
C GLU K 461 17.72 -57.31 -1.90
N LEU K 462 17.67 -55.98 -1.72
CA LEU K 462 17.51 -55.45 -0.37
C LEU K 462 16.08 -55.62 0.15
N TRP K 463 15.08 -55.38 -0.69
CA TRP K 463 13.70 -55.28 -0.24
C TRP K 463 12.82 -56.42 -0.75
N LYS K 464 13.43 -57.55 -1.10
CA LYS K 464 12.67 -58.62 -1.74
C LYS K 464 11.58 -59.16 -0.82
N GLU K 465 11.86 -59.28 0.48
CA GLU K 465 10.92 -59.87 1.43
C GLU K 465 10.25 -58.82 2.31
N ILE K 466 10.01 -57.63 1.78
CA ILE K 466 9.35 -56.55 2.52
C ILE K 466 7.96 -56.38 1.93
N LYS K 467 6.94 -56.50 2.79
CA LYS K 467 5.56 -56.56 2.31
C LYS K 467 4.62 -56.27 3.47
N PHE K 468 3.74 -55.30 3.29
CA PHE K 468 2.78 -54.91 4.33
C PHE K 468 1.41 -55.47 3.95
N GLU K 469 0.96 -56.48 4.69
CA GLU K 469 -0.39 -57.01 4.54
C GLU K 469 -1.01 -57.22 5.90
N PHE K 470 -2.20 -56.68 6.08
CA PHE K 470 -2.96 -56.82 7.31
C PHE K 470 -4.44 -56.92 6.93
N ASP K 471 -5.29 -57.00 7.94
CA ASP K 471 -6.73 -56.94 7.70
C ASP K 471 -7.11 -55.56 7.21
N THR K 472 -8.00 -55.51 6.22
CA THR K 472 -8.50 -54.24 5.70
C THR K 472 -9.68 -53.80 6.57
N VAL K 473 -9.45 -52.79 7.40
CA VAL K 473 -10.52 -52.25 8.24
C VAL K 473 -11.54 -51.46 7.43
N ASP K 474 -11.15 -50.90 6.29
CA ASP K 474 -12.03 -50.08 5.45
C ASP K 474 -12.15 -50.73 4.08
N THR K 475 -13.10 -51.66 3.95
CA THR K 475 -13.32 -52.33 2.68
C THR K 475 -14.69 -51.97 2.12
N GLY L 11 29.95 -42.86 15.95
CA GLY L 11 29.78 -42.91 14.51
C GLY L 11 29.60 -44.31 13.96
N ALA L 12 28.35 -44.74 13.86
CA ALA L 12 28.04 -46.08 13.38
C ALA L 12 28.08 -46.13 11.86
N GLY L 13 28.16 -47.35 11.33
CA GLY L 13 28.05 -47.57 9.90
C GLY L 13 26.61 -47.51 9.43
N TYR L 14 26.43 -47.72 8.13
CA TYR L 14 25.13 -47.63 7.51
C TYR L 14 24.63 -49.04 7.18
N ASP L 15 23.50 -49.42 7.77
CA ASP L 15 22.88 -50.72 7.53
C ASP L 15 21.60 -50.50 6.73
N ALA L 16 21.70 -50.72 5.42
CA ALA L 16 20.52 -50.67 4.57
C ALA L 16 19.63 -51.89 4.83
N GLY L 17 18.34 -51.64 4.98
CA GLY L 17 17.37 -52.71 5.22
C GLY L 17 16.43 -52.34 6.34
N VAL L 18 15.30 -53.03 6.38
CA VAL L 18 14.29 -52.75 7.39
C VAL L 18 14.70 -53.43 8.70
N GLN L 19 14.25 -52.83 9.80
CA GLN L 19 14.49 -53.35 11.13
C GLN L 19 13.33 -52.94 12.02
N ASP L 20 13.20 -53.62 13.16
CA ASP L 20 12.10 -53.35 14.07
C ASP L 20 12.18 -51.93 14.62
N TYR L 21 11.02 -51.31 14.79
CA TYR L 21 10.95 -49.98 15.39
C TYR L 21 11.33 -50.01 16.86
N ARG L 22 11.02 -51.10 17.56
CA ARG L 22 11.23 -51.19 19.00
C ARG L 22 12.70 -51.07 19.38
N LEU L 23 13.62 -51.34 18.46
CA LEU L 23 15.03 -51.29 18.79
C LEU L 23 15.48 -49.87 19.13
N THR L 24 14.98 -48.88 18.39
CA THR L 24 15.43 -47.50 18.54
C THR L 24 14.34 -46.53 18.95
N TYR L 25 13.12 -46.99 19.21
CA TYR L 25 12.00 -46.09 19.50
C TYR L 25 11.20 -46.47 20.73
N TYR L 26 11.56 -47.55 21.42
CA TYR L 26 10.89 -47.95 22.65
C TYR L 26 11.91 -47.89 23.78
N ALA L 27 11.83 -46.82 24.57
CA ALA L 27 12.75 -46.58 25.69
C ALA L 27 11.94 -46.64 26.99
N PRO L 28 11.61 -47.83 27.47
CA PRO L 28 10.77 -47.94 28.67
C PRO L 28 11.42 -47.38 29.93
N ASP L 29 12.73 -47.20 29.94
CA ASP L 29 13.41 -46.65 31.10
C ASP L 29 13.50 -45.13 31.07
N TYR L 30 13.17 -44.51 29.94
CA TYR L 30 13.36 -43.08 29.78
C TYR L 30 12.34 -42.31 30.62
N THR L 31 12.82 -41.32 31.36
CA THR L 31 11.91 -40.45 32.07
C THR L 31 11.67 -39.18 31.24
N PRO L 32 10.45 -38.67 31.20
CA PRO L 32 10.17 -37.49 30.35
C PRO L 32 10.89 -36.25 30.88
N ARG L 33 11.57 -35.56 29.97
CA ARG L 33 12.03 -34.21 30.27
C ARG L 33 10.84 -33.29 30.45
N ASP L 34 11.04 -32.21 31.22
CA ASP L 34 9.93 -31.29 31.46
C ASP L 34 9.59 -30.44 30.24
N THR L 35 10.48 -30.37 29.25
CA THR L 35 10.23 -29.65 28.01
C THR L 35 9.66 -30.54 26.91
N ASP L 36 9.47 -31.84 27.18
CA ASP L 36 8.94 -32.75 26.18
C ASP L 36 7.43 -32.55 26.01
N ILE L 37 6.95 -32.88 24.83
CA ILE L 37 5.52 -33.01 24.58
C ILE L 37 5.14 -34.46 24.85
N LEU L 38 4.17 -34.68 25.72
CA LEU L 38 3.75 -36.02 26.09
C LEU L 38 2.39 -36.31 25.49
N ALA L 39 2.26 -37.47 24.86
CA ALA L 39 1.03 -37.89 24.21
C ALA L 39 0.61 -39.23 24.78
N ALA L 40 -0.65 -39.34 25.16
CA ALA L 40 -1.25 -40.59 25.60
C ALA L 40 -2.09 -41.15 24.46
N PHE L 41 -1.79 -42.37 24.05
CA PHE L 41 -2.46 -43.01 22.92
C PHE L 41 -3.19 -44.25 23.41
N ARG L 42 -4.49 -44.31 23.13
CA ARG L 42 -5.24 -45.55 23.26
C ARG L 42 -5.05 -46.34 21.97
N MET L 43 -4.31 -47.42 22.05
CA MET L 43 -3.80 -48.15 20.91
C MET L 43 -4.39 -49.55 20.89
N THR L 44 -4.95 -49.94 19.76
CA THR L 44 -5.46 -51.29 19.54
C THR L 44 -4.71 -51.84 18.33
N PRO L 45 -3.73 -52.71 18.53
CA PRO L 45 -2.99 -53.27 17.40
C PRO L 45 -3.71 -54.46 16.78
N GLN L 46 -3.24 -54.84 15.60
CA GLN L 46 -3.73 -56.03 14.95
C GLN L 46 -3.35 -57.26 15.78
N PRO L 47 -4.15 -58.32 15.73
CA PRO L 47 -3.75 -59.57 16.38
C PRO L 47 -2.39 -60.03 15.87
N GLY L 48 -1.55 -60.47 16.79
CA GLY L 48 -0.21 -60.93 16.43
C GLY L 48 0.84 -59.87 16.21
N VAL L 49 0.53 -58.60 16.45
CA VAL L 49 1.45 -57.47 16.37
C VAL L 49 1.87 -57.14 17.78
N PRO L 50 3.18 -57.15 18.11
CA PRO L 50 3.48 -56.87 19.54
C PRO L 50 3.04 -55.47 20.00
N PRO L 51 2.41 -55.35 21.20
CA PRO L 51 2.02 -53.98 21.56
C PRO L 51 3.17 -52.98 21.58
N GLU L 52 4.33 -53.38 22.09
CA GLU L 52 5.46 -52.46 22.17
C GLU L 52 5.97 -52.09 20.79
N GLU L 53 5.97 -53.04 19.86
CA GLU L 53 6.30 -52.72 18.49
C GLU L 53 5.30 -51.74 17.88
N CYS L 54 4.02 -51.91 18.21
CA CYS L 54 3.00 -50.99 17.70
C CYS L 54 3.23 -49.58 18.22
N ALA L 55 3.53 -49.45 19.51
CA ALA L 55 3.79 -48.13 20.10
C ALA L 55 5.07 -47.53 19.54
N ALA L 56 6.09 -48.37 19.31
CA ALA L 56 7.33 -47.88 18.70
C ALA L 56 7.07 -47.38 17.29
N ALA L 57 6.22 -48.07 16.54
CA ALA L 57 5.85 -47.59 15.21
C ALA L 57 5.13 -46.25 15.29
N VAL L 58 4.24 -46.11 16.28
CA VAL L 58 3.55 -44.84 16.47
C VAL L 58 4.56 -43.73 16.72
N ALA L 59 5.49 -43.94 17.65
CA ALA L 59 6.48 -42.93 17.98
C ALA L 59 7.38 -42.61 16.79
N ALA L 60 7.82 -43.63 16.06
CA ALA L 60 8.74 -43.43 14.95
C ALA L 60 8.07 -42.68 13.81
N GLU L 61 6.88 -43.13 13.39
CA GLU L 61 6.21 -42.47 12.28
C GLU L 61 5.65 -41.13 12.68
N SER L 62 5.50 -40.86 13.97
CA SER L 62 5.09 -39.54 14.41
C SER L 62 6.26 -38.56 14.60
N SER L 63 7.49 -39.06 14.76
CA SER L 63 8.63 -38.16 14.92
C SER L 63 9.62 -38.23 13.77
N THR L 64 10.32 -39.35 13.59
CA THR L 64 11.38 -39.42 12.58
C THR L 64 11.40 -40.73 11.80
N GLY L 65 10.73 -41.77 12.26
CA GLY L 65 10.96 -43.09 11.72
C GLY L 65 10.42 -43.25 10.30
N THR L 66 11.15 -44.01 9.50
CA THR L 66 10.69 -44.48 8.20
C THR L 66 10.62 -46.00 8.24
N TRP L 67 10.03 -46.59 7.21
CA TRP L 67 9.83 -48.04 7.21
C TRP L 67 11.15 -48.79 7.16
N THR L 68 12.10 -48.32 6.36
CA THR L 68 13.44 -48.89 6.30
C THR L 68 14.46 -47.88 6.77
N THR L 69 15.70 -48.33 6.91
CA THR L 69 16.78 -47.47 7.38
C THR L 69 17.29 -46.57 6.25
N VAL L 70 17.51 -45.30 6.57
CA VAL L 70 18.02 -44.31 5.63
C VAL L 70 19.40 -43.86 6.10
N TRP L 71 20.32 -43.72 5.15
CA TRP L 71 21.70 -43.35 5.48
C TRP L 71 21.81 -41.91 5.96
N THR L 72 20.81 -41.08 5.68
CA THR L 72 20.84 -39.71 6.16
C THR L 72 20.55 -39.60 7.65
N ASP L 73 20.10 -40.68 8.28
CA ASP L 73 19.98 -40.70 9.73
C ASP L 73 21.34 -40.52 10.38
N LEU L 74 22.41 -40.98 9.72
CA LEU L 74 23.72 -40.93 10.32
C LEU L 74 24.31 -39.52 10.32
N LEU L 75 23.96 -38.70 9.34
CA LEU L 75 24.44 -37.32 9.35
C LEU L 75 23.58 -36.43 10.24
N THR L 76 23.32 -36.91 11.46
CA THR L 76 22.42 -36.28 12.42
C THR L 76 22.65 -36.86 13.81
N ASP L 77 22.10 -36.21 14.84
CA ASP L 77 21.98 -36.82 16.15
C ASP L 77 20.53 -37.26 16.33
N MET L 78 20.26 -38.51 16.01
CA MET L 78 18.90 -39.05 16.01
C MET L 78 18.28 -39.04 17.40
N ASP L 79 19.05 -39.38 18.43
CA ASP L 79 18.50 -39.52 19.77
C ASP L 79 17.98 -38.20 20.32
N ARG L 80 18.36 -37.06 19.73
CA ARG L 80 17.87 -35.77 20.19
C ARG L 80 16.57 -35.36 19.52
N TYR L 81 16.11 -36.09 18.51
CA TYR L 81 14.86 -35.80 17.82
C TYR L 81 13.85 -36.93 17.88
N ARG L 82 14.29 -38.17 18.08
CA ARG L 82 13.40 -39.31 18.02
C ARG L 82 12.32 -39.24 19.09
N GLY L 83 11.08 -39.53 18.71
CA GLY L 83 10.04 -39.74 19.69
C GLY L 83 10.21 -41.10 20.35
N ARG L 84 10.00 -41.13 21.66
CA ARG L 84 10.21 -42.35 22.42
C ARG L 84 8.94 -42.71 23.17
N CYS L 85 8.56 -43.98 23.10
CA CYS L 85 7.48 -44.51 23.92
C CYS L 85 8.09 -44.97 25.25
N TYR L 86 7.87 -44.19 26.30
CA TYR L 86 8.49 -44.46 27.58
C TYR L 86 7.59 -45.25 28.52
N ASP L 87 6.40 -45.67 28.07
CA ASP L 87 5.50 -46.43 28.91
C ASP L 87 4.39 -47.02 28.06
N ILE L 88 4.00 -48.25 28.38
CA ILE L 88 2.81 -48.89 27.82
C ILE L 88 2.11 -49.60 28.96
N GLU L 89 0.84 -49.28 29.20
CA GLU L 89 0.09 -49.99 30.21
C GLU L 89 -1.26 -50.43 29.67
N PRO L 90 -1.61 -51.71 29.81
CA PRO L 90 -2.91 -52.20 29.32
C PRO L 90 -4.09 -51.47 29.95
N VAL L 91 -5.09 -51.20 29.14
CA VAL L 91 -6.35 -50.60 29.58
C VAL L 91 -7.16 -51.67 30.30
N PRO L 92 -7.84 -51.36 31.41
CA PRO L 92 -8.65 -52.37 32.08
C PRO L 92 -9.75 -52.91 31.18
N GLY L 93 -9.99 -54.22 31.28
CA GLY L 93 -11.04 -54.86 30.52
C GLY L 93 -10.83 -54.80 29.03
N GLU L 94 -9.59 -54.98 28.57
CA GLU L 94 -9.27 -54.89 27.15
C GLU L 94 -8.26 -55.97 26.77
N ASP L 95 -8.63 -56.82 25.82
CA ASP L 95 -7.70 -57.84 25.36
C ASP L 95 -6.56 -57.26 24.55
N ASN L 96 -6.81 -56.19 23.79
CA ASN L 96 -5.81 -55.66 22.88
C ASN L 96 -5.79 -54.14 22.85
N GLN L 97 -6.08 -53.48 23.97
CA GLN L 97 -6.11 -52.03 24.02
C GLN L 97 -5.20 -51.54 25.13
N TYR L 98 -4.22 -50.69 24.78
CA TYR L 98 -3.21 -50.24 25.72
C TYR L 98 -3.05 -48.74 25.63
N ILE L 99 -2.76 -48.09 26.76
CA ILE L 99 -2.38 -46.68 26.76
C ILE L 99 -0.86 -46.60 26.68
N ALA L 100 -0.38 -46.00 25.60
CA ALA L 100 1.04 -45.78 25.37
C ALA L 100 1.37 -44.31 25.58
N TYR L 101 2.40 -44.04 26.36
CA TYR L 101 2.86 -42.69 26.64
C TYR L 101 4.10 -42.43 25.80
N VAL L 102 4.01 -41.47 24.88
CA VAL L 102 5.10 -41.16 23.95
C VAL L 102 5.59 -39.75 24.25
N ALA L 103 6.91 -39.59 24.32
CA ALA L 103 7.54 -38.31 24.62
C ALA L 103 8.28 -37.81 23.40
N TYR L 104 8.02 -36.56 23.03
CA TYR L 104 8.62 -35.95 21.87
C TYR L 104 9.49 -34.78 22.31
N PRO L 105 10.72 -34.67 21.80
CA PRO L 105 11.56 -33.52 22.12
C PRO L 105 10.89 -32.21 21.68
N LEU L 106 11.14 -31.16 22.46
CA LEU L 106 10.63 -29.84 22.12
C LEU L 106 11.17 -29.36 20.78
N ASP L 107 12.31 -29.90 20.33
CA ASP L 107 12.96 -29.46 19.11
C ASP L 107 12.17 -29.84 17.85
N LEU L 108 11.21 -30.77 17.95
CA LEU L 108 10.52 -31.28 16.78
C LEU L 108 9.45 -30.33 16.24
N PHE L 109 8.98 -29.40 17.05
CA PHE L 109 7.75 -28.68 16.72
C PHE L 109 8.03 -27.23 16.42
N GLU L 110 7.31 -26.69 15.44
CA GLU L 110 7.41 -25.27 15.12
C GLU L 110 6.77 -24.45 16.22
N GLU L 111 7.50 -23.45 16.68
CA GLU L 111 7.01 -22.59 17.76
C GLU L 111 5.74 -21.86 17.33
N GLY L 112 4.73 -21.87 18.19
CA GLY L 112 3.51 -21.12 17.93
C GLY L 112 2.59 -21.69 16.88
N SER L 113 2.81 -22.93 16.45
CA SER L 113 2.02 -23.54 15.39
C SER L 113 1.28 -24.75 15.94
N VAL L 114 -0.04 -24.62 16.14
CA VAL L 114 -0.85 -25.78 16.49
C VAL L 114 -0.94 -26.74 15.30
N THR L 115 -0.99 -26.18 14.09
CA THR L 115 -1.06 -27.01 12.88
C THR L 115 0.11 -27.96 12.80
N ASN L 116 1.32 -27.46 13.05
CA ASN L 116 2.51 -28.32 12.98
C ASN L 116 2.50 -29.37 14.08
N LEU L 117 2.07 -28.99 15.28
CA LEU L 117 1.96 -29.96 16.37
C LEU L 117 1.05 -31.12 16.00
N LEU L 118 -0.14 -30.80 15.46
CA LEU L 118 -1.08 -31.86 15.08
C LEU L 118 -0.57 -32.66 13.90
N THR L 119 0.06 -32.01 12.93
CA THR L 119 0.60 -32.72 11.78
C THR L 119 1.68 -33.70 12.20
N SER L 120 2.50 -33.33 13.19
CA SER L 120 3.49 -34.26 13.71
C SER L 120 2.83 -35.40 14.48
N LEU L 121 1.90 -35.06 15.37
CA LEU L 121 1.31 -36.07 16.24
C LEU L 121 0.32 -36.95 15.50
N VAL L 122 -0.75 -36.36 14.96
CA VAL L 122 -1.84 -37.11 14.39
C VAL L 122 -1.78 -37.16 12.87
N GLY L 123 -0.59 -37.01 12.29
CA GLY L 123 -0.43 -36.91 10.85
C GLY L 123 -0.80 -38.16 10.08
N ASN L 124 -0.05 -39.25 10.25
CA ASN L 124 -0.31 -40.47 9.51
C ASN L 124 -0.27 -41.74 10.34
N VAL L 125 -0.01 -41.66 11.65
CA VAL L 125 0.08 -42.86 12.45
C VAL L 125 -1.28 -43.52 12.66
N PHE L 126 -2.37 -42.76 12.54
CA PHE L 126 -3.69 -43.34 12.73
C PHE L 126 -4.10 -44.29 11.62
N GLY L 127 -3.37 -44.30 10.51
CA GLY L 127 -3.68 -45.22 9.43
C GLY L 127 -2.63 -46.30 9.25
N PHE L 128 -1.86 -46.58 10.29
CA PHE L 128 -0.85 -47.63 10.21
C PHE L 128 -1.53 -48.99 10.08
N LYS L 129 -1.06 -49.79 9.11
CA LYS L 129 -1.70 -51.06 8.83
C LYS L 129 -1.61 -52.02 10.01
N ALA L 130 -0.50 -52.00 10.75
CA ALA L 130 -0.34 -52.82 11.94
C ALA L 130 -1.22 -52.37 13.08
N LEU L 131 -1.86 -51.21 12.96
CA LEU L 131 -2.75 -50.66 13.97
C LEU L 131 -4.21 -50.92 13.57
N ARG L 132 -5.03 -51.31 14.54
CA ARG L 132 -6.46 -51.44 14.27
C ARG L 132 -7.19 -50.15 14.65
N ALA L 133 -6.88 -49.59 15.82
CA ALA L 133 -7.54 -48.35 16.23
C ALA L 133 -6.57 -47.50 17.04
N LEU L 134 -6.66 -46.19 16.88
CA LEU L 134 -5.80 -45.29 17.64
C LEU L 134 -6.61 -44.08 18.06
N ARG L 135 -6.47 -43.70 19.33
CA ARG L 135 -7.09 -42.50 19.86
C ARG L 135 -6.03 -41.69 20.59
N LEU L 136 -5.96 -40.40 20.30
CA LEU L 136 -5.10 -39.50 21.06
C LEU L 136 -5.92 -38.97 22.23
N GLU L 137 -5.62 -39.48 23.43
CA GLU L 137 -6.45 -39.15 24.58
C GLU L 137 -6.05 -37.81 25.19
N ASP L 138 -4.77 -37.58 25.41
CA ASP L 138 -4.34 -36.39 26.13
C ASP L 138 -2.99 -35.91 25.61
N LEU L 139 -2.66 -34.67 25.93
CA LEU L 139 -1.42 -34.05 25.49
C LEU L 139 -0.85 -33.22 26.64
N ARG L 140 0.40 -33.46 26.97
CA ARG L 140 1.13 -32.57 27.87
C ARG L 140 1.89 -31.57 27.03
N ILE L 141 1.45 -30.32 27.06
CA ILE L 141 2.14 -29.23 26.38
C ILE L 141 3.08 -28.59 27.39
N PRO L 142 4.40 -28.67 27.19
CA PRO L 142 5.33 -28.07 28.16
C PRO L 142 5.20 -26.56 28.17
N VAL L 143 5.60 -25.98 29.31
CA VAL L 143 5.51 -24.53 29.48
C VAL L 143 6.33 -23.81 28.42
N ALA L 144 7.49 -24.37 28.07
CA ALA L 144 8.35 -23.75 27.06
C ALA L 144 7.64 -23.70 25.70
N TYR L 145 6.85 -24.72 25.38
CA TYR L 145 6.10 -24.66 24.14
C TYR L 145 4.90 -23.73 24.26
N VAL L 146 4.25 -23.73 25.41
CA VAL L 146 3.09 -22.86 25.63
C VAL L 146 3.47 -21.40 25.43
N LYS L 147 4.68 -21.04 25.84
CA LYS L 147 5.11 -19.65 25.76
C LYS L 147 5.22 -19.14 24.32
N THR L 148 5.35 -20.05 23.35
CA THR L 148 5.49 -19.62 21.96
C THR L 148 4.15 -19.27 21.29
N PHE L 149 3.04 -19.53 21.96
CA PHE L 149 1.72 -19.25 21.39
C PHE L 149 1.17 -17.95 21.97
N GLN L 150 0.25 -17.33 21.22
CA GLN L 150 -0.46 -16.18 21.76
C GLN L 150 -1.49 -16.59 22.80
N GLY L 151 -2.10 -17.76 22.62
CA GLY L 151 -3.18 -18.17 23.46
C GLY L 151 -4.45 -17.47 23.05
N PRO L 152 -5.45 -17.44 23.94
CA PRO L 152 -6.67 -16.71 23.66
C PRO L 152 -6.36 -15.25 23.40
N PRO L 153 -7.05 -14.62 22.45
CA PRO L 153 -6.82 -13.18 22.23
C PRO L 153 -7.03 -12.36 23.48
N HIS L 154 -8.04 -12.68 24.28
CA HIS L 154 -8.28 -11.99 25.55
C HIS L 154 -8.31 -12.93 26.75
N GLY L 155 -9.11 -13.97 26.71
CA GLY L 155 -9.28 -14.85 27.85
C GLY L 155 -10.46 -14.43 28.71
N ILE L 156 -10.72 -15.26 29.72
CA ILE L 156 -11.96 -15.14 30.51
C ILE L 156 -12.02 -13.78 31.22
N GLN L 157 -10.97 -13.44 31.96
CA GLN L 157 -11.03 -12.26 32.81
C GLN L 157 -11.04 -10.98 31.99
N VAL L 158 -10.22 -10.92 30.94
CA VAL L 158 -10.23 -9.74 30.07
C VAL L 158 -11.57 -9.62 29.35
N GLU L 159 -12.16 -10.75 28.95
CA GLU L 159 -13.47 -10.69 28.32
C GLU L 159 -14.53 -10.15 29.29
N ARG L 160 -14.51 -10.64 30.53
CA ARG L 160 -15.48 -10.17 31.51
C ARG L 160 -15.29 -8.68 31.79
N ASP L 161 -14.04 -8.23 31.84
CA ASP L 161 -13.77 -6.80 31.99
C ASP L 161 -14.30 -6.01 30.81
N ARG L 162 -14.13 -6.54 29.59
CA ARG L 162 -14.51 -5.79 28.40
C ARG L 162 -16.03 -5.70 28.24
N ILE L 163 -16.76 -6.78 28.54
CA ILE L 163 -18.22 -6.74 28.42
C ILE L 163 -18.88 -6.34 29.73
N ASN L 164 -18.11 -6.07 30.78
CA ASN L 164 -18.64 -5.54 32.04
C ASN L 164 -19.71 -6.46 32.61
N LYS L 165 -19.41 -7.75 32.65
CA LYS L 165 -20.36 -8.77 33.11
C LYS L 165 -19.66 -9.64 34.15
N TYR L 166 -20.18 -9.63 35.37
CA TYR L 166 -19.56 -10.34 36.47
C TYR L 166 -20.61 -11.06 37.29
N GLY L 167 -20.20 -12.16 37.93
CA GLY L 167 -20.97 -12.80 38.96
C GLY L 167 -21.98 -13.85 38.51
N ARG L 168 -22.02 -14.18 37.22
CA ARG L 168 -22.97 -15.15 36.73
C ARG L 168 -22.46 -15.70 35.40
N PRO L 169 -22.95 -16.87 34.99
CA PRO L 169 -22.70 -17.30 33.61
C PRO L 169 -23.37 -16.35 32.63
N LEU L 170 -22.79 -16.24 31.45
CA LEU L 170 -23.40 -15.45 30.39
C LEU L 170 -24.49 -16.27 29.72
N LEU L 171 -25.41 -15.59 29.06
CA LEU L 171 -26.53 -16.23 28.39
C LEU L 171 -26.50 -15.89 26.90
N GLY L 172 -26.70 -16.91 26.06
CA GLY L 172 -26.70 -16.73 24.62
C GLY L 172 -27.80 -17.55 23.99
N CYS L 173 -27.92 -17.40 22.67
CA CYS L 173 -28.87 -18.16 21.89
C CYS L 173 -28.45 -18.13 20.43
N THR L 174 -28.67 -19.25 19.75
CA THR L 174 -28.53 -19.33 18.31
C THR L 174 -29.88 -19.01 17.67
N ILE L 175 -29.86 -18.13 16.68
CA ILE L 175 -31.09 -17.80 15.97
C ILE L 175 -31.52 -18.99 15.13
N LYS L 176 -32.75 -19.42 15.32
CA LYS L 176 -33.33 -20.54 14.59
C LYS L 176 -34.46 -20.03 13.69
N PRO L 177 -34.69 -20.67 12.53
CA PRO L 177 -33.99 -21.84 11.97
C PRO L 177 -32.53 -21.55 11.64
N LYS L 178 -31.72 -22.60 11.49
CA LYS L 178 -30.31 -22.40 11.16
C LYS L 178 -30.18 -21.61 9.86
N LEU L 179 -30.67 -22.16 8.76
CA LEU L 179 -30.61 -21.51 7.46
C LEU L 179 -32.01 -21.27 6.94
N GLY L 180 -32.21 -20.14 6.27
CA GLY L 180 -33.48 -19.83 5.68
C GLY L 180 -33.95 -18.41 5.91
N LEU L 181 -33.61 -17.85 7.06
CA LEU L 181 -34.09 -16.52 7.43
C LEU L 181 -33.38 -15.44 6.61
N SER L 182 -34.12 -14.40 6.25
CA SER L 182 -33.52 -13.24 5.62
C SER L 182 -32.71 -12.44 6.64
N ALA L 183 -31.82 -11.60 6.15
CA ALA L 183 -30.95 -10.82 7.03
C ALA L 183 -31.78 -9.93 7.97
N LYS L 184 -32.82 -9.29 7.44
CA LYS L 184 -33.62 -8.39 8.27
C LYS L 184 -34.40 -9.15 9.34
N ASN L 185 -35.04 -10.26 8.97
CA ASN L 185 -35.76 -11.05 9.97
C ASN L 185 -34.80 -11.65 10.98
N TYR L 186 -33.61 -12.04 10.53
CA TYR L 186 -32.57 -12.50 11.42
C TYR L 186 -32.23 -11.43 12.45
N GLY L 187 -32.00 -10.21 12.00
CA GLY L 187 -31.72 -9.13 12.92
C GLY L 187 -32.88 -8.83 13.86
N ARG L 188 -34.11 -8.96 13.38
CA ARG L 188 -35.26 -8.77 14.25
C ARG L 188 -35.31 -9.82 15.36
N ALA L 189 -35.06 -11.08 15.00
CA ALA L 189 -34.98 -12.14 16.00
C ALA L 189 -33.85 -11.87 16.99
N VAL L 190 -32.71 -11.40 16.48
CA VAL L 190 -31.60 -11.05 17.35
C VAL L 190 -32.03 -9.96 18.33
N TYR L 191 -32.73 -8.94 17.84
CA TYR L 191 -33.16 -7.85 18.71
C TYR L 191 -34.12 -8.35 19.79
N GLU L 192 -35.08 -9.18 19.39
CA GLU L 192 -36.06 -9.67 20.35
C GLU L 192 -35.40 -10.54 21.41
N CYS L 193 -34.46 -11.40 21.00
CA CYS L 193 -33.72 -12.20 21.98
C CYS L 193 -32.90 -11.32 22.91
N LEU L 194 -32.19 -10.33 22.36
CA LEU L 194 -31.26 -9.55 23.17
C LEU L 194 -32.00 -8.63 24.14
N ARG L 195 -33.10 -8.03 23.69
CA ARG L 195 -33.84 -7.13 24.57
C ARG L 195 -34.53 -7.88 25.72
N GLY L 196 -34.67 -9.20 25.60
CA GLY L 196 -35.27 -9.98 26.66
C GLY L 196 -34.34 -10.33 27.81
N GLY L 197 -33.03 -10.15 27.64
CA GLY L 197 -32.12 -10.43 28.73
C GLY L 197 -30.92 -11.29 28.41
N LEU L 198 -30.87 -11.81 27.18
CA LEU L 198 -29.69 -12.56 26.77
C LEU L 198 -28.51 -11.62 26.57
N ASP L 199 -27.36 -12.03 27.10
CA ASP L 199 -26.13 -11.29 26.85
C ASP L 199 -25.73 -11.35 25.39
N PHE L 200 -25.88 -12.52 24.77
CA PHE L 200 -25.36 -12.75 23.44
C PHE L 200 -26.42 -13.44 22.58
N THR L 201 -26.31 -13.21 21.28
CA THR L 201 -26.96 -14.05 20.31
C THR L 201 -25.83 -14.57 19.43
N ASP L 203 -24.63 -16.55 15.36
CA ASP L 203 -24.89 -17.17 14.07
C ASP L 203 -24.80 -18.68 14.19
N ASP L 204 -25.68 -19.38 13.50
CA ASP L 204 -25.49 -20.80 13.33
C ASP L 204 -24.19 -21.05 12.55
N GLU L 205 -23.51 -22.13 12.91
CA GLU L 205 -22.21 -22.42 12.30
C GLU L 205 -22.30 -22.62 10.80
N ASN L 206 -23.50 -22.90 10.28
CA ASN L 206 -23.70 -23.01 8.83
C ASN L 206 -23.92 -21.66 8.16
N ILE L 207 -24.35 -20.65 8.91
CA ILE L 207 -24.62 -19.32 8.38
C ILE L 207 -23.27 -18.65 8.15
N ASN L 208 -22.80 -18.65 6.89
CA ASN L 208 -21.65 -17.84 6.53
C ASN L 208 -22.02 -16.75 5.55
N SER L 209 -22.44 -17.10 4.34
CA SER L 209 -22.98 -16.15 3.37
C SER L 209 -23.71 -16.99 2.32
N GLN L 210 -25.03 -16.89 2.31
CA GLN L 210 -25.84 -17.76 1.48
C GLN L 210 -26.74 -16.91 0.59
N PRO L 211 -27.30 -17.50 -0.48
CA PRO L 211 -28.18 -16.70 -1.36
C PRO L 211 -29.36 -16.07 -0.65
N PHE L 212 -29.96 -16.75 0.33
CA PHE L 212 -31.06 -16.16 1.07
C PHE L 212 -30.59 -15.10 2.06
N GLN L 213 -29.30 -15.05 2.37
CA GLN L 213 -28.80 -14.14 3.39
C GLN L 213 -27.32 -13.86 3.11
N ARG L 214 -27.04 -12.70 2.52
CA ARG L 214 -25.66 -12.28 2.37
C ARG L 214 -25.10 -11.85 3.72
N TRP L 215 -23.81 -12.11 3.90
CA TRP L 215 -23.20 -11.88 5.20
C TRP L 215 -23.15 -10.40 5.56
N ARG L 216 -22.98 -9.52 4.58
CA ARG L 216 -22.88 -8.09 4.89
C ARG L 216 -24.21 -7.55 5.37
N ASP L 217 -25.32 -7.97 4.74
CA ASP L 217 -26.63 -7.56 5.20
C ASP L 217 -26.91 -8.09 6.60
N ARG L 218 -26.54 -9.35 6.86
CA ARG L 218 -26.69 -9.91 8.20
C ARG L 218 -25.92 -9.10 9.22
N PHE L 219 -24.67 -8.75 8.89
CA PHE L 219 -23.84 -7.98 9.81
C PHE L 219 -24.48 -6.64 10.11
N LEU L 220 -24.94 -5.94 9.08
CA LEU L 220 -25.58 -4.63 9.28
C LEU L 220 -26.80 -4.74 10.18
N PHE L 221 -27.70 -5.67 9.85
CA PHE L 221 -28.96 -5.76 10.61
C PHE L 221 -28.71 -6.23 12.04
N VAL L 222 -27.77 -7.15 12.23
CA VAL L 222 -27.42 -7.61 13.56
C VAL L 222 -26.83 -6.48 14.38
N ALA L 223 -25.95 -5.68 13.77
CA ALA L 223 -25.37 -4.54 14.49
C ALA L 223 -26.46 -3.57 14.92
N ASP L 224 -27.43 -3.30 14.03
CA ASP L 224 -28.52 -2.42 14.41
C ASP L 224 -29.34 -2.98 15.56
N ALA L 225 -29.64 -4.29 15.51
CA ALA L 225 -30.40 -4.91 16.59
C ALA L 225 -29.64 -4.84 17.90
N ILE L 226 -28.32 -5.05 17.85
CA ILE L 226 -27.48 -4.96 19.04
C ILE L 226 -27.54 -3.56 19.62
N HIS L 227 -27.43 -2.54 18.76
CA HIS L 227 -27.51 -1.17 19.25
C HIS L 227 -28.87 -0.87 19.88
N LYS L 228 -29.94 -1.32 19.23
CA LYS L 228 -31.28 -1.06 19.77
C LYS L 228 -31.46 -1.73 21.14
N SER L 229 -31.08 -3.00 21.25
CA SER L 229 -31.27 -3.72 22.51
C SER L 229 -30.35 -3.19 23.60
N GLN L 230 -29.13 -2.79 23.25
CA GLN L 230 -28.24 -2.15 24.22
C GLN L 230 -28.83 -0.85 24.73
N ALA L 231 -29.39 -0.05 23.82
CA ALA L 231 -30.04 1.19 24.23
C ALA L 231 -31.22 0.92 25.14
N GLU L 232 -31.96 -0.14 24.87
CA GLU L 232 -33.16 -0.43 25.65
C GLU L 232 -32.80 -0.95 27.04
N THR L 233 -32.07 -2.06 27.10
CA THR L 233 -31.79 -2.70 28.38
C THR L 233 -30.72 -2.00 29.20
N GLY L 234 -29.80 -1.29 28.54
CA GLY L 234 -28.69 -0.70 29.26
C GLY L 234 -27.64 -1.69 29.69
N GLU L 235 -27.56 -2.83 29.01
CA GLU L 235 -26.53 -3.83 29.26
C GLU L 235 -25.79 -4.07 27.96
N ILE L 236 -24.52 -4.45 28.07
CA ILE L 236 -23.72 -4.78 26.90
C ILE L 236 -24.36 -5.97 26.20
N LYS L 237 -24.77 -5.80 24.95
CA LYS L 237 -25.33 -6.86 24.15
C LYS L 237 -24.33 -7.22 23.05
N GLY L 238 -24.33 -8.48 22.66
CA GLY L 238 -23.41 -8.94 21.64
C GLY L 238 -24.06 -9.98 20.77
N HIS L 239 -23.44 -10.20 19.62
CA HIS L 239 -23.87 -11.27 18.72
C HIS L 239 -22.63 -11.87 18.08
N TYR L 240 -22.43 -13.17 18.27
CA TYR L 240 -21.30 -13.84 17.63
C TYR L 240 -21.54 -13.82 16.13
N LEU L 241 -20.74 -13.06 15.41
CA LEU L 241 -20.83 -12.98 13.95
C LEU L 241 -19.91 -14.03 13.35
N ASN L 242 -20.49 -15.01 12.66
CA ASN L 242 -19.70 -16.05 12.02
C ASN L 242 -18.90 -15.41 10.89
N VAL L 243 -17.57 -15.36 11.06
CA VAL L 243 -16.69 -14.89 10.01
C VAL L 243 -16.04 -16.04 9.25
N THR L 244 -16.42 -17.29 9.55
CA THR L 244 -15.91 -18.44 8.82
C THR L 244 -16.21 -18.27 7.34
N ALA L 245 -15.19 -18.44 6.51
CA ALA L 245 -15.31 -18.15 5.10
C ALA L 245 -14.51 -19.17 4.30
N ALA L 246 -14.66 -19.10 2.98
CA ALA L 246 -13.96 -20.02 2.09
C ALA L 246 -12.46 -19.78 2.14
N THR L 247 -12.03 -18.52 2.20
CA THR L 247 -10.63 -18.17 2.16
C THR L 247 -10.28 -17.27 3.33
N CYS L 248 -8.98 -17.14 3.57
CA CYS L 248 -8.51 -16.28 4.65
C CYS L 248 -8.78 -14.82 4.33
N GLU L 249 -8.68 -14.42 3.07
CA GLU L 249 -9.02 -13.06 2.69
C GLU L 249 -10.48 -12.75 2.98
N GLU L 250 -11.38 -13.69 2.66
CA GLU L 250 -12.81 -13.47 2.92
C GLU L 250 -13.10 -13.45 4.41
N MET L 251 -12.46 -14.34 5.18
CA MET L 251 -12.61 -14.32 6.63
C MET L 251 -12.13 -12.99 7.20
N MET L 252 -11.00 -12.49 6.70
CA MET L 252 -10.47 -11.23 7.18
C MET L 252 -11.36 -10.06 6.80
N LYS L 253 -11.96 -10.09 5.61
CA LYS L 253 -12.91 -9.05 5.22
C LYS L 253 -14.13 -9.06 6.14
N ARG L 254 -14.66 -10.24 6.44
CA ARG L 254 -15.80 -10.33 7.35
C ARG L 254 -15.44 -9.84 8.75
N ALA L 255 -14.26 -10.22 9.24
CA ALA L 255 -13.81 -9.75 10.54
C ALA L 255 -13.62 -8.23 10.55
N ALA L 256 -13.05 -7.68 9.48
CA ALA L 256 -12.84 -6.24 9.40
C ALA L 256 -14.17 -5.50 9.37
N TYR L 257 -15.16 -6.02 8.65
CA TYR L 257 -16.47 -5.39 8.67
C TYR L 257 -17.12 -5.48 10.03
N ALA L 258 -16.96 -6.62 10.72
CA ALA L 258 -17.48 -6.72 12.08
C ALA L 258 -16.82 -5.70 13.00
N LYS L 259 -15.53 -5.48 12.83
CA LYS L 259 -14.83 -4.43 13.57
C LYS L 259 -15.38 -3.05 13.21
N GLU L 260 -15.62 -2.81 11.92
CA GLU L 260 -16.13 -1.52 11.47
C GLU L 260 -17.50 -1.22 12.07
N LEU L 261 -18.36 -2.23 12.17
CA LEU L 261 -19.66 -2.08 12.80
C LEU L 261 -19.59 -2.07 14.33
N GLU L 262 -18.38 -1.94 14.89
CA GLU L 262 -18.18 -1.87 16.33
C GLU L 262 -18.76 -3.10 17.04
N MET L 263 -18.55 -4.27 16.44
CA MET L 263 -19.00 -5.49 17.08
C MET L 263 -17.94 -5.98 18.07
N PRO L 264 -18.35 -6.47 19.24
CA PRO L 264 -17.38 -6.91 20.24
C PRO L 264 -16.87 -8.33 20.08
N ILE L 265 -17.49 -9.16 19.26
CA ILE L 265 -17.15 -10.59 19.22
C ILE L 265 -17.48 -11.16 17.86
N VAL L 266 -16.62 -12.08 17.40
CA VAL L 266 -16.82 -12.82 16.17
C VAL L 266 -16.68 -14.30 16.46
N MET L 267 -17.26 -15.11 15.60
CA MET L 267 -17.25 -16.56 15.78
C MET L 267 -16.51 -17.21 14.62
N HIS L 268 -15.87 -18.35 14.91
CA HIS L 268 -15.17 -19.11 13.89
C HIS L 268 -15.27 -20.59 14.20
N ASP L 269 -15.33 -21.41 13.15
CA ASP L 269 -15.25 -22.85 13.27
C ASP L 269 -13.81 -23.27 13.08
N PHE L 270 -13.13 -23.62 14.18
CA PHE L 270 -11.69 -23.86 14.13
C PHE L 270 -11.31 -25.18 13.46
N LEU L 271 -12.26 -26.10 13.26
CA LEU L 271 -11.94 -27.38 12.63
C LEU L 271 -12.31 -27.40 11.15
N THR L 272 -13.53 -27.00 10.80
CA THR L 272 -13.87 -26.90 9.39
C THR L 272 -13.16 -25.72 8.74
N GLY L 273 -13.05 -24.60 9.45
CA GLY L 273 -12.23 -23.50 8.96
C GLY L 273 -10.76 -23.85 8.96
N GLY L 274 -10.29 -24.51 10.00
CA GLY L 274 -8.90 -24.93 10.09
C GLY L 274 -8.13 -24.14 11.13
N PHE L 275 -7.03 -24.73 11.58
CA PHE L 275 -6.21 -24.10 12.61
C PHE L 275 -5.35 -22.97 12.07
N THR L 276 -4.94 -23.04 10.81
CA THR L 276 -4.20 -21.92 10.22
C THR L 276 -5.04 -20.66 10.24
N ALA L 277 -6.25 -20.74 9.69
CA ALA L 277 -7.16 -19.60 9.67
C ALA L 277 -7.58 -19.21 11.07
N ASN L 278 -7.74 -20.19 11.96
CA ASN L 278 -8.10 -19.88 13.34
C ASN L 278 -7.02 -19.06 14.03
N THR L 279 -5.76 -19.46 13.86
CA THR L 279 -4.67 -18.71 14.48
C THR L 279 -4.53 -17.32 13.85
N THR L 280 -4.71 -17.24 12.53
CA THR L 280 -4.76 -15.94 11.87
C THR L 280 -5.82 -15.05 12.49
N LEU L 281 -7.03 -15.59 12.65
CA LEU L 281 -8.13 -14.80 13.19
C LEU L 281 -7.91 -14.45 14.65
N ALA L 282 -7.29 -15.35 15.42
CA ALA L 282 -7.02 -15.08 16.83
C ALA L 282 -5.99 -13.96 16.97
N HIS L 283 -4.94 -13.98 16.15
CA HIS L 283 -3.98 -12.89 16.15
C HIS L 283 -4.64 -11.58 15.74
N TRP L 284 -5.47 -11.63 14.69
CA TRP L 284 -6.21 -10.43 14.30
C TRP L 284 -7.11 -9.93 15.43
N CYS L 285 -7.77 -10.85 16.12
CA CYS L 285 -8.67 -10.48 17.22
C CYS L 285 -7.91 -9.82 18.36
N ARG L 286 -6.75 -10.36 18.70
CA ARG L 286 -5.90 -9.72 19.70
C ARG L 286 -5.46 -8.34 19.23
N ASP L 287 -5.12 -8.21 17.95
CA ASP L 287 -4.65 -6.95 17.41
C ASP L 287 -5.75 -5.90 17.27
N ASN L 288 -7.02 -6.29 17.25
CA ASN L 288 -8.11 -5.35 17.06
C ASN L 288 -9.12 -5.35 18.20
N GLY L 289 -8.79 -5.95 19.34
CA GLY L 289 -9.67 -5.93 20.49
C GLY L 289 -11.00 -6.63 20.30
N ILE L 290 -11.02 -7.71 19.52
CA ILE L 290 -12.24 -8.43 19.20
C ILE L 290 -12.23 -9.75 19.94
N LEU L 291 -13.34 -10.06 20.61
CA LEU L 291 -13.49 -11.37 21.24
C LEU L 291 -13.72 -12.44 20.18
N LEU L 292 -13.30 -13.67 20.50
CA LEU L 292 -13.32 -14.77 19.55
C LEU L 292 -14.09 -15.94 20.14
N HIS L 293 -15.34 -16.10 19.70
CA HIS L 293 -16.11 -17.29 20.03
C HIS L 293 -15.73 -18.41 19.07
N ILE L 294 -15.51 -19.60 19.61
CA ILE L 294 -15.03 -20.73 18.83
C ILE L 294 -16.09 -21.83 18.84
N HIS L 295 -16.57 -22.19 17.67
CA HIS L 295 -17.54 -23.25 17.49
C HIS L 295 -16.80 -24.51 17.05
N ARG L 296 -17.16 -25.65 17.65
CA ARG L 296 -16.43 -26.90 17.43
C ARG L 296 -17.11 -27.78 16.40
N ALA L 297 -17.67 -27.19 15.35
CA ALA L 297 -18.28 -27.98 14.28
C ALA L 297 -17.27 -28.99 13.72
N MET L 298 -17.76 -30.20 13.49
CA MET L 298 -17.01 -31.39 13.03
C MET L 298 -16.19 -32.03 14.13
N HIS L 299 -16.32 -31.58 15.38
CA HIS L 299 -15.56 -32.20 16.45
C HIS L 299 -15.97 -33.66 16.63
N ALA L 300 -17.26 -33.96 16.57
CA ALA L 300 -17.74 -35.31 16.82
C ALA L 300 -17.31 -36.30 15.75
N VAL L 301 -16.96 -35.81 14.55
CA VAL L 301 -16.37 -36.70 13.56
C VAL L 301 -15.05 -37.26 14.08
N ILE L 302 -14.28 -36.45 14.79
CA ILE L 302 -12.99 -36.87 15.30
C ILE L 302 -13.08 -37.53 16.68
N ASP L 303 -13.94 -37.01 17.57
CA ASP L 303 -13.84 -37.28 18.99
C ASP L 303 -15.01 -38.08 19.55
N ARG L 304 -15.79 -38.76 18.71
CA ARG L 304 -16.98 -39.42 19.23
C ARG L 304 -16.70 -40.81 19.77
N GLN L 305 -15.86 -41.58 19.09
CA GLN L 305 -15.62 -42.97 19.45
C GLN L 305 -14.52 -43.07 20.50
N LYS L 306 -14.64 -44.06 21.37
CA LYS L 306 -13.63 -44.27 22.41
C LYS L 306 -12.37 -44.90 21.84
N ASN L 307 -12.49 -45.75 20.82
CA ASN L 307 -11.35 -46.52 20.36
C ASN L 307 -10.51 -45.79 19.31
N HIS L 308 -11.07 -44.80 18.62
CA HIS L 308 -10.36 -44.16 17.53
C HIS L 308 -10.67 -42.67 17.48
N GLY L 309 -9.66 -41.89 17.08
CA GLY L 309 -9.82 -40.47 16.86
C GLY L 309 -8.92 -39.65 17.76
N ILE L 310 -9.36 -38.43 18.05
CA ILE L 310 -8.69 -37.55 18.99
C ILE L 310 -9.72 -37.12 20.01
N HIS L 311 -9.44 -37.33 21.29
CA HIS L 311 -10.34 -36.86 22.32
C HIS L 311 -10.41 -35.34 22.30
N PHE L 312 -11.59 -34.81 22.63
CA PHE L 312 -11.80 -33.37 22.53
C PHE L 312 -10.89 -32.57 23.46
N ARG L 313 -10.33 -33.18 24.51
CA ARG L 313 -9.44 -32.41 25.37
C ARG L 313 -8.16 -32.01 24.64
N VAL L 314 -7.69 -32.84 23.70
CA VAL L 314 -6.52 -32.49 22.91
C VAL L 314 -6.84 -31.30 22.00
N LEU L 315 -7.98 -31.38 21.30
CA LEU L 315 -8.39 -30.26 20.46
C LEU L 315 -8.65 -29.02 21.29
N ALA L 316 -9.07 -29.19 22.55
CA ALA L 316 -9.34 -28.04 23.40
C ALA L 316 -8.05 -27.35 23.82
N LYS L 317 -7.04 -28.13 24.18
CA LYS L 317 -5.72 -27.54 24.46
C LYS L 317 -5.18 -26.84 23.22
N CYS L 318 -5.34 -27.45 22.05
CA CYS L 318 -4.84 -26.85 20.82
C CYS L 318 -5.59 -25.57 20.47
N LEU L 319 -6.90 -25.54 20.75
CA LEU L 319 -7.67 -24.32 20.50
C LEU L 319 -7.30 -23.23 21.51
N ARG L 320 -7.01 -23.62 22.75
CA ARG L 320 -6.55 -22.64 23.73
C ARG L 320 -5.25 -22.00 23.29
N MET L 321 -4.32 -22.80 22.77
CA MET L 321 -3.04 -22.24 22.34
C MET L 321 -3.19 -21.43 21.05
N SER L 322 -3.93 -21.97 20.06
CA SER L 322 -4.12 -21.26 18.81
C SER L 322 -4.89 -19.97 19.00
N GLY L 323 -5.88 -19.99 19.88
CA GLY L 323 -6.57 -18.77 20.24
C GLY L 323 -8.07 -18.86 20.19
N GLY L 324 -8.71 -18.49 21.28
CA GLY L 324 -10.14 -18.43 21.36
C GLY L 324 -10.59 -17.99 22.74
N ASP L 325 -11.53 -17.05 22.80
CA ASP L 325 -12.05 -16.59 24.09
C ASP L 325 -13.16 -17.49 24.60
N HIS L 326 -14.02 -17.95 23.72
CA HIS L 326 -15.06 -18.93 24.02
C HIS L 326 -14.73 -20.22 23.28
N ILE L 327 -15.26 -21.33 23.80
CA ILE L 327 -15.23 -22.58 23.05
C ILE L 327 -16.39 -23.43 23.53
N HIS L 328 -17.04 -24.12 22.60
CA HIS L 328 -18.09 -25.05 22.94
C HIS L 328 -17.49 -26.28 23.61
N THR L 329 -18.15 -26.74 24.67
CA THR L 329 -17.68 -27.86 25.45
C THR L 329 -18.72 -28.96 25.62
N GLY L 330 -19.94 -28.76 25.13
CA GLY L 330 -21.01 -29.70 25.38
C GLY L 330 -21.69 -29.44 26.71
N THR L 331 -23.02 -29.62 26.72
CA THR L 331 -23.84 -29.30 27.87
C THR L 331 -24.00 -30.45 28.85
N VAL L 332 -23.43 -31.62 28.56
CA VAL L 332 -23.63 -32.85 29.31
C VAL L 332 -25.09 -33.31 29.19
N VAL L 333 -26.02 -32.46 29.62
CA VAL L 333 -27.41 -32.84 29.78
C VAL L 333 -28.28 -32.45 28.58
N GLY L 334 -27.66 -32.15 27.43
CA GLY L 334 -28.39 -31.71 26.25
C GLY L 334 -28.51 -32.77 25.19
N LYS L 335 -28.76 -32.32 23.95
CA LYS L 335 -28.99 -33.23 22.84
C LYS L 335 -27.71 -33.79 22.24
N LEU L 336 -26.55 -33.31 22.65
CA LEU L 336 -25.28 -33.77 22.09
C LEU L 336 -24.45 -34.49 23.16
N GLU L 337 -23.63 -35.44 22.71
CA GLU L 337 -22.97 -36.36 23.62
C GLU L 337 -21.73 -35.75 24.25
N GLY L 338 -21.63 -35.88 25.58
CA GLY L 338 -20.41 -35.63 26.31
C GLY L 338 -20.54 -36.06 27.77
N ASP L 339 -19.63 -36.89 28.24
CA ASP L 339 -19.73 -37.42 29.59
C ASP L 339 -19.44 -36.32 30.62
N ARG L 340 -19.93 -36.55 31.84
CA ARG L 340 -19.76 -35.55 32.89
C ARG L 340 -18.30 -35.41 33.29
N ALA L 341 -17.62 -36.54 33.53
CA ALA L 341 -16.27 -36.49 34.09
C ALA L 341 -15.27 -35.94 33.07
N GLY L 342 -15.30 -36.45 31.84
CA GLY L 342 -14.39 -35.96 30.83
C GLY L 342 -14.62 -34.49 30.50
N THR L 343 -15.89 -34.08 30.48
CA THR L 343 -16.19 -32.67 30.25
C THR L 343 -15.67 -31.80 31.38
N LEU L 344 -15.86 -32.24 32.63
CA LEU L 344 -15.26 -31.51 33.74
C LEU L 344 -13.76 -31.41 33.57
N GLY L 345 -13.13 -32.50 33.13
CA GLY L 345 -11.69 -32.50 32.92
C GLY L 345 -11.24 -31.47 31.90
N PHE L 346 -11.85 -31.49 30.71
CA PHE L 346 -11.35 -30.55 29.70
C PHE L 346 -11.86 -29.12 29.92
N VAL L 347 -12.92 -28.94 30.70
CA VAL L 347 -13.31 -27.60 31.09
C VAL L 347 -12.30 -27.01 32.06
N ASP L 348 -11.82 -27.82 33.01
CA ASP L 348 -10.72 -27.37 33.86
C ASP L 348 -9.46 -27.12 33.04
N LEU L 349 -9.20 -27.98 32.04
CA LEU L 349 -8.05 -27.78 31.18
C LEU L 349 -8.14 -26.46 30.41
N LEU L 350 -9.34 -26.10 29.97
CA LEU L 350 -9.54 -24.88 29.19
C LEU L 350 -9.54 -23.64 30.05
N ARG L 351 -9.99 -23.72 31.29
CA ARG L 351 -10.21 -22.53 32.11
C ARG L 351 -9.13 -22.29 33.15
N GLU L 352 -8.51 -23.34 33.68
CA GLU L 352 -7.59 -23.20 34.79
C GLU L 352 -6.17 -22.94 34.28
N ASN L 353 -5.35 -22.44 35.18
CA ASN L 353 -3.92 -22.29 34.92
C ASN L 353 -3.15 -23.57 35.21
N TYR L 354 -3.47 -24.24 36.30
CA TYR L 354 -2.81 -25.49 36.67
C TYR L 354 -3.86 -26.57 36.86
N ILE L 355 -3.68 -27.69 36.16
CA ILE L 355 -4.56 -28.84 36.28
C ILE L 355 -3.69 -30.05 36.53
N GLU L 356 -3.88 -30.68 37.69
CA GLU L 356 -3.07 -31.82 38.08
C GLU L 356 -3.53 -33.08 37.37
N GLN L 357 -2.64 -34.06 37.33
CA GLN L 357 -2.96 -35.35 36.72
C GLN L 357 -4.16 -36.00 37.41
N ASP L 358 -5.09 -36.51 36.61
CA ASP L 358 -6.27 -37.19 37.13
C ASP L 358 -6.79 -38.12 36.04
N LYS L 359 -6.49 -39.41 36.17
CA LYS L 359 -6.98 -40.37 35.20
C LYS L 359 -8.50 -40.49 35.25
N SER L 360 -9.09 -40.26 36.43
CA SER L 360 -10.54 -40.41 36.58
C SER L 360 -11.31 -39.38 35.78
N ARG L 361 -10.68 -38.25 35.45
CA ARG L 361 -11.31 -37.21 34.65
C ARG L 361 -10.68 -37.09 33.27
N GLY L 362 -9.86 -38.05 32.86
CA GLY L 362 -9.22 -38.03 31.57
C GLY L 362 -7.99 -37.16 31.49
N VAL L 363 -7.52 -36.61 32.61
CA VAL L 363 -6.32 -35.79 32.63
C VAL L 363 -5.14 -36.75 32.81
N TYR L 364 -4.57 -37.21 31.71
CA TYR L 364 -3.44 -38.13 31.77
C TYR L 364 -2.14 -37.45 32.17
N PHE L 365 -2.04 -36.14 32.00
CA PHE L 365 -0.83 -35.40 32.34
C PHE L 365 -1.18 -34.16 33.15
N THR L 366 -0.27 -33.78 34.04
CA THR L 366 -0.37 -32.49 34.70
C THR L 366 -0.04 -31.39 33.69
N GLN L 367 -0.96 -30.45 33.50
CA GLN L 367 -0.82 -29.40 32.51
C GLN L 367 -0.72 -28.06 33.23
N ASP L 368 0.35 -27.32 32.95
CA ASP L 368 0.58 -25.99 33.48
C ASP L 368 0.55 -25.02 32.31
N TRP L 369 -0.23 -23.95 32.45
CA TRP L 369 -0.46 -23.03 31.34
C TRP L 369 0.41 -21.79 31.38
N ALA L 370 1.20 -21.61 32.45
CA ALA L 370 2.15 -20.51 32.55
C ALA L 370 1.50 -19.15 32.28
N SER L 371 0.34 -18.95 32.91
CA SER L 371 -0.44 -17.72 32.83
C SER L 371 -1.07 -17.50 31.45
N MET L 372 -1.17 -18.54 30.63
CA MET L 372 -1.99 -18.43 29.43
C MET L 372 -3.45 -18.28 29.86
N PRO L 373 -4.14 -17.24 29.42
CA PRO L 373 -5.51 -17.01 29.88
C PRO L 373 -6.43 -18.17 29.52
N GLY L 374 -7.43 -18.39 30.37
CA GLY L 374 -8.39 -19.46 30.14
C GLY L 374 -9.44 -19.11 29.10
N VAL L 375 -10.15 -20.14 28.66
CA VAL L 375 -11.17 -20.01 27.63
C VAL L 375 -12.54 -20.24 28.26
N MET L 376 -13.49 -19.38 27.92
CA MET L 376 -14.86 -19.52 28.41
C MET L 376 -15.49 -20.81 27.86
N ALA L 377 -16.22 -21.50 28.73
CA ALA L 377 -16.91 -22.72 28.33
C ALA L 377 -18.31 -22.39 27.85
N VAL L 378 -18.70 -23.00 26.73
CA VAL L 378 -19.97 -22.72 26.09
C VAL L 378 -20.81 -23.99 26.11
N ALA L 379 -21.93 -23.94 26.81
CA ALA L 379 -22.88 -25.04 26.88
C ALA L 379 -24.02 -24.75 25.90
N SER L 380 -24.03 -25.46 24.77
CA SER L 380 -25.02 -25.22 23.72
C SER L 380 -25.55 -26.54 23.20
N GLY L 381 -26.85 -26.59 22.96
CA GLY L 381 -27.46 -27.75 22.33
C GLY L 381 -28.48 -28.47 23.20
N GLY L 382 -29.76 -28.30 22.86
CA GLY L 382 -30.82 -29.05 23.49
C GLY L 382 -30.96 -28.84 24.99
N ILE L 383 -30.97 -27.58 25.42
CA ILE L 383 -31.17 -27.28 26.83
C ILE L 383 -32.25 -26.24 26.98
N HIS L 384 -32.95 -26.29 28.11
CA HIS L 384 -33.98 -25.34 28.45
C HIS L 384 -33.77 -24.94 29.90
N VAL L 385 -34.76 -24.25 30.48
CA VAL L 385 -34.64 -23.76 31.85
C VAL L 385 -34.45 -24.88 32.86
N TRP L 386 -34.98 -26.07 32.59
CA TRP L 386 -34.88 -27.16 33.56
C TRP L 386 -33.44 -27.62 33.74
N HIS L 387 -32.62 -27.54 32.70
CA HIS L 387 -31.20 -27.85 32.83
C HIS L 387 -30.42 -26.73 33.49
N MET L 388 -31.04 -25.58 33.74
CA MET L 388 -30.31 -24.42 34.23
C MET L 388 -29.58 -24.66 35.54
N PRO L 389 -30.21 -25.22 36.59
CA PRO L 389 -29.44 -25.45 37.82
C PRO L 389 -28.22 -26.34 37.62
N ALA L 390 -28.41 -27.50 36.99
CA ALA L 390 -27.30 -28.43 36.78
C ALA L 390 -26.15 -27.75 36.04
N LEU L 391 -26.44 -27.00 34.98
CA LEU L 391 -25.38 -26.28 34.27
C LEU L 391 -24.67 -25.30 35.20
N VAL L 392 -25.42 -24.54 35.98
CA VAL L 392 -24.79 -23.63 36.94
C VAL L 392 -23.97 -24.42 37.93
N GLU L 393 -24.41 -25.64 38.26
CA GLU L 393 -23.61 -26.51 39.10
C GLU L 393 -22.37 -27.00 38.37
N ILE L 394 -22.50 -27.33 37.09
CA ILE L 394 -21.40 -27.98 36.38
C ILE L 394 -20.33 -26.97 36.00
N PHE L 395 -20.71 -25.93 35.27
CA PHE L 395 -19.73 -25.03 34.68
C PHE L 395 -19.42 -23.82 35.56
N GLY L 396 -20.34 -23.40 36.40
CA GLY L 396 -20.07 -22.23 37.21
C GLY L 396 -20.23 -20.94 36.41
N ASP L 397 -19.62 -19.89 36.95
CA ASP L 397 -19.82 -18.56 36.39
C ASP L 397 -19.09 -18.37 35.07
N ASP L 398 -17.87 -18.91 34.96
CA ASP L 398 -16.99 -18.60 33.83
C ASP L 398 -17.38 -19.44 32.62
N SER L 399 -18.64 -19.28 32.22
CA SER L 399 -19.19 -20.10 31.16
C SER L 399 -20.30 -19.32 30.46
N VAL L 400 -20.65 -19.79 29.27
CA VAL L 400 -21.76 -19.27 28.50
C VAL L 400 -22.78 -20.39 28.32
N LEU L 401 -24.03 -20.10 28.65
CA LEU L 401 -25.13 -21.05 28.50
C LEU L 401 -25.96 -20.61 27.30
N GLN L 402 -26.08 -21.47 26.31
CA GLN L 402 -26.70 -21.12 25.04
C GLN L 402 -27.99 -21.89 24.86
N PHE L 403 -29.10 -21.15 24.77
CA PHE L 403 -30.44 -21.71 24.60
C PHE L 403 -30.97 -21.27 23.24
N GLY L 404 -30.68 -22.03 22.19
CA GLY L 404 -31.24 -21.74 20.89
C GLY L 404 -32.73 -21.98 20.84
N GLY L 405 -33.14 -23.26 20.91
CA GLY L 405 -34.55 -23.59 20.95
C GLY L 405 -35.21 -23.30 22.28
N GLY L 406 -34.42 -23.17 23.35
CA GLY L 406 -34.97 -22.85 24.66
C GLY L 406 -35.35 -21.40 24.86
N THR L 407 -35.07 -20.56 23.88
CA THR L 407 -35.47 -19.15 23.91
C THR L 407 -36.45 -18.82 22.81
N LEU L 408 -36.12 -19.13 21.56
CA LEU L 408 -37.02 -18.87 20.45
C LEU L 408 -38.22 -19.81 20.49
N GLY L 409 -38.08 -20.98 21.10
CA GLY L 409 -39.15 -21.93 21.23
C GLY L 409 -40.12 -21.65 22.36
N HIS L 410 -39.91 -20.58 23.11
CA HIS L 410 -40.86 -20.19 24.14
C HIS L 410 -42.19 -19.80 23.48
N PRO L 411 -43.32 -20.13 24.10
CA PRO L 411 -44.61 -19.85 23.44
C PRO L 411 -44.85 -18.37 23.17
N TRP L 412 -44.39 -17.47 24.03
CA TRP L 412 -44.72 -16.06 23.89
C TRP L 412 -43.84 -15.34 22.87
N GLY L 413 -42.64 -15.85 22.60
CA GLY L 413 -41.77 -15.21 21.64
C GLY L 413 -40.33 -15.21 22.12
N ASN L 414 -39.49 -14.58 21.31
CA ASN L 414 -38.05 -14.54 21.62
C ASN L 414 -37.79 -13.80 22.93
N ALA L 415 -38.35 -12.59 23.07
CA ALA L 415 -38.06 -11.78 24.25
C ALA L 415 -38.56 -12.40 25.54
N PRO L 416 -39.81 -12.89 25.64
CA PRO L 416 -40.22 -13.58 26.86
C PRO L 416 -39.41 -14.83 27.16
N GLY L 417 -38.99 -15.57 26.14
CA GLY L 417 -38.14 -16.73 26.39
C GLY L 417 -36.77 -16.36 26.91
N ALA L 418 -36.18 -15.30 26.33
CA ALA L 418 -34.93 -14.76 26.84
C ALA L 418 -35.07 -14.34 28.29
N THR L 419 -36.18 -13.68 28.62
CA THR L 419 -36.42 -13.27 30.00
C THR L 419 -36.59 -14.47 30.93
N ALA L 420 -37.28 -15.51 30.45
CA ALA L 420 -37.47 -16.70 31.26
C ALA L 420 -36.12 -17.35 31.58
N ASN L 421 -35.26 -17.44 30.57
CA ASN L 421 -33.92 -17.99 30.79
C ASN L 421 -33.12 -17.11 31.74
N ARG L 422 -33.20 -15.79 31.57
CA ARG L 422 -32.45 -14.88 32.44
C ARG L 422 -32.92 -15.00 33.88
N VAL L 423 -34.23 -15.14 34.09
CA VAL L 423 -34.78 -15.26 35.44
C VAL L 423 -34.37 -16.60 36.06
N ALA L 424 -34.42 -17.69 35.29
CA ALA L 424 -33.99 -18.97 35.80
C ALA L 424 -32.50 -18.93 36.17
N LEU L 425 -31.68 -18.34 35.31
CA LEU L 425 -30.25 -18.24 35.59
C LEU L 425 -29.98 -17.41 36.82
N GLU L 426 -30.65 -16.26 36.94
CA GLU L 426 -30.40 -15.37 38.07
C GLU L 426 -30.90 -15.99 39.37
N ALA L 427 -32.04 -16.69 39.33
CA ALA L 427 -32.49 -17.39 40.53
C ALA L 427 -31.53 -18.48 40.94
N CYS L 428 -31.01 -19.24 39.97
CA CYS L 428 -30.04 -20.28 40.28
C CYS L 428 -28.77 -19.68 40.89
N VAL L 429 -28.30 -18.57 40.33
CA VAL L 429 -27.10 -17.92 40.85
C VAL L 429 -27.35 -17.40 42.27
N GLN L 430 -28.51 -16.78 42.48
CA GLN L 430 -28.84 -16.25 43.79
C GLN L 430 -28.91 -17.37 44.84
N ALA L 431 -29.58 -18.47 44.51
CA ALA L 431 -29.69 -19.59 45.43
C ALA L 431 -28.33 -20.23 45.69
N ARG L 432 -27.49 -20.31 44.66
CA ARG L 432 -26.14 -20.82 44.84
C ARG L 432 -25.34 -19.93 45.80
N ASN L 433 -25.41 -18.62 45.60
CA ASN L 433 -24.69 -17.69 46.45
C ASN L 433 -25.20 -17.75 47.89
N GLU L 434 -26.51 -17.89 48.08
CA GLU L 434 -27.08 -17.93 49.42
C GLU L 434 -26.63 -19.16 50.22
N GLY L 435 -26.26 -20.24 49.55
CA GLY L 435 -25.84 -21.44 50.23
C GLY L 435 -26.81 -22.59 50.08
N ARG L 436 -27.43 -22.70 48.91
CA ARG L 436 -28.35 -23.79 48.62
C ARG L 436 -27.63 -24.86 47.80
N ASN L 437 -28.17 -26.08 47.85
CA ASN L 437 -27.64 -27.19 47.07
C ASN L 437 -28.35 -27.20 45.72
N LEU L 438 -27.69 -26.64 44.71
CA LEU L 438 -28.32 -26.51 43.40
C LEU L 438 -28.62 -27.86 42.78
N ALA L 439 -27.69 -28.82 42.89
CA ALA L 439 -27.90 -30.15 42.33
C ALA L 439 -29.08 -30.84 42.99
N ARG L 440 -29.44 -30.44 44.21
CA ARG L 440 -30.53 -31.04 44.95
C ARG L 440 -31.84 -30.26 44.78
N GLU L 441 -31.80 -28.94 45.01
CA GLU L 441 -33.00 -28.11 44.99
C GLU L 441 -33.11 -27.27 43.72
N GLY L 442 -32.58 -27.76 42.60
CA GLY L 442 -32.72 -27.01 41.35
C GLY L 442 -34.15 -26.86 40.92
N GLY L 443 -34.92 -27.97 40.96
CA GLY L 443 -36.34 -27.88 40.66
C GLY L 443 -37.08 -26.99 41.63
N ASP L 444 -36.66 -26.98 42.89
CA ASP L 444 -37.28 -26.10 43.87
C ASP L 444 -37.07 -24.63 43.50
N ILE L 445 -35.83 -24.26 43.15
CA ILE L 445 -35.52 -22.89 42.75
C ILE L 445 -36.30 -22.50 41.51
N ILE L 446 -36.34 -23.40 40.52
CA ILE L 446 -37.09 -23.13 39.30
C ILE L 446 -38.57 -22.94 39.62
N ARG L 447 -39.11 -23.75 40.53
CA ARG L 447 -40.53 -23.67 40.86
C ARG L 447 -40.87 -22.35 41.53
N GLU L 448 -40.07 -21.89 42.49
CA GLU L 448 -40.36 -20.60 43.10
C GLU L 448 -40.23 -19.47 42.10
N ALA L 449 -39.21 -19.54 41.23
CA ALA L 449 -39.04 -18.50 40.22
C ALA L 449 -40.24 -18.48 39.27
N CYS L 450 -40.74 -19.65 38.89
CA CYS L 450 -41.94 -19.72 38.06
C CYS L 450 -43.14 -19.11 38.79
N LYS L 451 -43.26 -19.38 40.08
CA LYS L 451 -44.29 -18.72 40.87
C LYS L 451 -44.16 -17.21 40.78
N TRP L 452 -42.93 -16.71 40.61
CA TRP L 452 -42.74 -15.28 40.42
C TRP L 452 -42.69 -14.84 38.96
N SER L 453 -42.22 -15.70 38.04
CA SER L 453 -42.02 -15.29 36.66
C SER L 453 -42.99 -16.00 35.73
N PRO L 454 -43.89 -15.27 35.05
CA PRO L 454 -44.82 -15.95 34.13
C PRO L 454 -44.15 -16.49 32.88
N GLU L 455 -43.19 -15.76 32.32
CA GLU L 455 -42.44 -16.29 31.18
C GLU L 455 -41.76 -17.60 31.54
N LEU L 456 -41.14 -17.64 32.72
CA LEU L 456 -40.52 -18.87 33.20
C LEU L 456 -41.56 -19.96 33.41
N ALA L 457 -42.73 -19.60 33.93
CA ALA L 457 -43.79 -20.59 34.14
C ALA L 457 -44.20 -21.23 32.82
N ALA L 458 -44.41 -20.43 31.80
CA ALA L 458 -44.77 -20.96 30.48
C ALA L 458 -43.64 -21.82 29.91
N ALA L 459 -42.40 -21.36 30.05
CA ALA L 459 -41.27 -22.14 29.55
C ALA L 459 -41.19 -23.51 30.22
N CYS L 460 -41.31 -23.53 31.55
CA CYS L 460 -41.20 -24.78 32.29
C CYS L 460 -42.35 -25.72 32.00
N GLU L 461 -43.57 -25.19 31.89
CA GLU L 461 -44.69 -26.06 31.55
C GLU L 461 -44.60 -26.57 30.12
N LEU L 462 -43.88 -25.84 29.24
CA LEU L 462 -43.71 -26.33 27.88
C LEU L 462 -42.71 -27.48 27.81
N TRP L 463 -41.60 -27.39 28.53
CA TRP L 463 -40.48 -28.30 28.36
C TRP L 463 -40.26 -29.21 29.57
N LYS L 464 -41.29 -29.42 30.37
CA LYS L 464 -41.12 -30.17 31.61
C LYS L 464 -40.66 -31.60 31.36
N GLU L 465 -41.19 -32.24 30.31
CA GLU L 465 -40.88 -33.64 30.03
C GLU L 465 -39.93 -33.82 28.86
N ILE L 466 -39.01 -32.88 28.67
CA ILE L 466 -38.02 -32.94 27.59
C ILE L 466 -36.67 -33.24 28.22
N LYS L 467 -36.04 -34.33 27.77
CA LYS L 467 -34.84 -34.82 28.43
C LYS L 467 -34.12 -35.77 27.50
N PHE L 468 -32.84 -35.52 27.26
CA PHE L 468 -32.02 -36.34 26.38
C PHE L 468 -31.11 -37.22 27.23
N GLU L 469 -31.40 -38.51 27.27
CA GLU L 469 -30.53 -39.48 27.92
C GLU L 469 -30.37 -40.70 27.04
N PHE L 470 -29.12 -41.08 26.81
CA PHE L 470 -28.78 -42.26 26.03
C PHE L 470 -27.54 -42.89 26.64
N ASP L 471 -27.06 -43.94 26.02
CA ASP L 471 -25.79 -44.53 26.44
C ASP L 471 -24.65 -43.57 26.14
N THR L 472 -23.71 -43.46 27.07
CA THR L 472 -22.53 -42.62 26.88
C THR L 472 -21.47 -43.43 26.15
N VAL L 473 -21.28 -43.12 24.87
CA VAL L 473 -20.26 -43.81 24.08
C VAL L 473 -18.85 -43.38 24.48
N ASP L 474 -18.68 -42.18 25.03
CA ASP L 474 -17.37 -41.66 25.41
C ASP L 474 -17.37 -41.38 26.91
N THR L 475 -17.04 -42.41 27.70
CA THR L 475 -16.98 -42.26 29.15
C THR L 475 -15.56 -42.43 29.64
N GLY M 11 -35.11 37.63 -18.44
CA GLY M 11 -35.74 36.86 -17.38
C GLY M 11 -37.21 36.59 -17.62
N ALA M 12 -37.50 35.46 -18.27
CA ALA M 12 -38.87 35.10 -18.60
C ALA M 12 -39.57 34.47 -17.40
N GLY M 13 -40.90 34.43 -17.47
CA GLY M 13 -41.69 33.75 -16.48
C GLY M 13 -41.67 32.24 -16.69
N TYR M 14 -42.40 31.53 -15.83
CA TYR M 14 -42.43 30.09 -15.86
C TYR M 14 -43.77 29.63 -16.41
N ASP M 15 -43.73 28.90 -17.53
CA ASP M 15 -44.93 28.35 -18.17
C ASP M 15 -44.93 26.84 -17.98
N ALA M 16 -45.69 26.38 -16.99
CA ALA M 16 -45.87 24.96 -16.79
C ALA M 16 -46.75 24.38 -17.90
N GLY M 17 -46.32 23.26 -18.47
CA GLY M 17 -47.06 22.60 -19.53
C GLY M 17 -46.14 22.20 -20.67
N VAL M 18 -46.62 21.26 -21.47
CA VAL M 18 -45.82 20.77 -22.60
C VAL M 18 -45.91 21.76 -23.75
N GLN M 19 -44.86 21.79 -24.56
CA GLN M 19 -44.79 22.63 -25.75
C GLN M 19 -43.91 21.93 -26.76
N ASP M 20 -44.02 22.37 -28.02
CA ASP M 20 -43.26 21.75 -29.09
C ASP M 20 -41.76 21.93 -28.88
N TYR M 21 -41.00 20.91 -29.25
CA TYR M 21 -39.54 20.98 -29.18
C TYR M 21 -38.98 21.96 -30.19
N ARG M 22 -39.63 22.09 -31.35
CA ARG M 22 -39.12 22.91 -32.44
C ARG M 22 -39.02 24.38 -32.07
N LEU M 23 -39.76 24.84 -31.06
CA LEU M 23 -39.73 26.24 -30.70
C LEU M 23 -38.37 26.66 -30.17
N THR M 24 -37.73 25.80 -29.36
CA THR M 24 -36.48 26.14 -28.70
C THR M 24 -35.31 25.25 -29.07
N TYR M 25 -35.47 24.31 -29.99
CA TYR M 25 -34.41 23.36 -30.31
C TYR M 25 -34.15 23.20 -31.80
N TYR M 26 -34.86 23.92 -32.65
CA TYR M 26 -34.62 23.89 -34.09
C TYR M 26 -34.20 25.28 -34.52
N ALA M 27 -32.89 25.47 -34.73
CA ALA M 27 -32.30 26.75 -35.12
C ALA M 27 -31.71 26.59 -36.52
N PRO M 28 -32.54 26.61 -37.56
CA PRO M 28 -32.03 26.39 -38.91
C PRO M 28 -31.06 27.46 -39.40
N ASP M 29 -31.05 28.63 -38.77
CA ASP M 29 -30.13 29.69 -39.17
C ASP M 29 -28.79 29.62 -38.45
N TYR M 30 -28.68 28.78 -37.42
CA TYR M 30 -27.49 28.75 -36.59
C TYR M 30 -26.32 28.13 -37.36
N THR M 31 -25.18 28.80 -37.32
CA THR M 31 -23.98 28.20 -37.89
C THR M 31 -23.18 27.52 -36.79
N PRO M 32 -22.59 26.35 -37.05
CA PRO M 32 -21.87 25.64 -36.00
C PRO M 32 -20.61 26.39 -35.56
N ARG M 33 -20.45 26.54 -34.25
CA ARG M 33 -19.17 26.97 -33.72
C ARG M 33 -18.13 25.90 -33.97
N ASP M 34 -16.86 26.31 -34.02
CA ASP M 34 -15.80 25.34 -34.29
C ASP M 34 -15.52 24.43 -33.10
N THR M 35 -15.98 24.80 -31.90
CA THR M 35 -15.83 23.97 -30.70
C THR M 35 -17.04 23.06 -30.47
N ASP M 36 -18.07 23.13 -31.32
CA ASP M 36 -19.24 22.29 -31.15
C ASP M 36 -18.97 20.85 -31.57
N ILE M 37 -19.71 19.94 -30.98
CA ILE M 37 -19.77 18.56 -31.45
C ILE M 37 -20.92 18.47 -32.45
N LEU M 38 -20.63 17.99 -33.65
CA LEU M 38 -21.62 17.89 -34.71
C LEU M 38 -21.98 16.44 -34.94
N ALA M 39 -23.28 16.16 -34.99
CA ALA M 39 -23.78 14.81 -35.18
C ALA M 39 -24.70 14.80 -36.40
N ALA M 40 -24.48 13.84 -37.28
CA ALA M 40 -25.35 13.61 -38.43
C ALA M 40 -26.24 12.41 -38.12
N PHE M 41 -27.55 12.62 -38.20
CA PHE M 41 -28.52 11.58 -37.85
C PHE M 41 -29.34 11.25 -39.10
N ARG M 42 -29.37 9.97 -39.45
CA ARG M 42 -30.34 9.45 -40.41
C ARG M 42 -31.62 9.15 -39.65
N MET M 43 -32.64 9.95 -39.87
CA MET M 43 -33.84 9.98 -39.06
C MET M 43 -35.03 9.57 -39.90
N THR M 44 -35.80 8.61 -39.41
CA THR M 44 -37.05 8.18 -40.03
C THR M 44 -38.14 8.38 -38.99
N PRO M 45 -38.95 9.42 -39.11
CA PRO M 45 -40.03 9.65 -38.13
C PRO M 45 -41.27 8.84 -38.47
N GLN M 46 -42.17 8.78 -37.49
CA GLN M 46 -43.46 8.17 -37.70
C GLN M 46 -44.25 8.98 -38.73
N PRO M 47 -45.13 8.34 -39.49
CA PRO M 47 -46.02 9.09 -40.38
C PRO M 47 -46.81 10.13 -39.59
N GLY M 48 -46.91 11.33 -40.16
CA GLY M 48 -47.63 12.40 -39.48
C GLY M 48 -46.89 13.17 -38.41
N VAL M 49 -45.62 12.87 -38.19
CA VAL M 49 -44.73 13.55 -37.24
C VAL M 49 -43.89 14.52 -38.03
N PRO M 50 -43.92 15.83 -37.75
CA PRO M 50 -43.09 16.70 -38.64
C PRO M 50 -41.59 16.38 -38.59
N PRO M 51 -40.89 16.33 -39.75
CA PRO M 51 -39.46 16.00 -39.61
C PRO M 51 -38.69 16.95 -38.71
N GLU M 52 -38.97 18.25 -38.78
CA GLU M 52 -38.23 19.22 -37.97
C GLU M 52 -38.56 19.04 -36.50
N GLU M 53 -39.80 18.73 -36.18
CA GLU M 53 -40.14 18.40 -34.79
C GLU M 53 -39.41 17.16 -34.32
N CYS M 54 -39.26 16.16 -35.19
CA CYS M 54 -38.54 14.94 -34.84
C CYS M 54 -37.08 15.25 -34.54
N ALA M 55 -36.44 16.06 -35.38
CA ALA M 55 -35.05 16.43 -35.17
C ALA M 55 -34.89 17.29 -33.92
N ALA M 56 -35.86 18.18 -33.66
CA ALA M 56 -35.82 18.98 -32.44
C ALA M 56 -35.95 18.10 -31.21
N ALA M 57 -36.79 17.07 -31.27
CA ALA M 57 -36.88 16.11 -30.17
C ALA M 57 -35.56 15.39 -29.96
N VAL M 58 -34.91 15.00 -31.07
CA VAL M 58 -33.61 14.35 -30.96
C VAL M 58 -32.62 15.26 -30.25
N ALA M 59 -32.53 16.52 -30.68
CA ALA M 59 -31.59 17.46 -30.08
C ALA M 59 -31.92 17.72 -28.62
N ALA M 60 -33.20 17.90 -28.30
CA ALA M 60 -33.60 18.22 -26.93
C ALA M 60 -33.33 17.06 -25.98
N GLU M 61 -33.78 15.85 -26.35
CA GLU M 61 -33.58 14.71 -25.48
C GLU M 61 -32.14 14.26 -25.45
N SER M 62 -31.33 14.66 -26.43
CA SER M 62 -29.91 14.36 -26.37
C SER M 62 -29.10 15.41 -25.60
N SER M 63 -29.61 16.63 -25.43
CA SER M 63 -28.86 17.63 -24.67
C SER M 63 -29.53 18.04 -23.37
N THR M 64 -30.70 18.69 -23.41
CA THR M 64 -31.31 19.20 -22.19
C THR M 64 -32.82 19.01 -22.13
N GLY M 65 -33.48 18.69 -23.23
CA GLY M 65 -34.93 18.79 -23.27
C GLY M 65 -35.61 17.70 -22.44
N THR M 66 -36.71 18.08 -21.83
CA THR M 66 -37.63 17.15 -21.20
C THR M 66 -38.98 17.24 -21.91
N TRP M 67 -39.88 16.32 -21.60
CA TRP M 67 -41.15 16.27 -22.31
C TRP M 67 -42.01 17.50 -22.04
N THR M 68 -42.03 17.96 -20.79
CA THR M 68 -42.73 19.19 -20.42
C THR M 68 -41.73 20.22 -19.92
N THR M 69 -42.22 21.44 -19.70
CA THR M 69 -41.38 22.53 -19.24
C THR M 69 -41.11 22.41 -17.73
N VAL M 70 -39.86 22.64 -17.34
CA VAL M 70 -39.44 22.60 -15.95
C VAL M 70 -38.99 24.00 -15.54
N TRP M 71 -39.38 24.41 -14.32
CA TRP M 71 -39.06 25.75 -13.85
C TRP M 71 -37.57 25.93 -13.56
N THR M 72 -36.83 24.83 -13.40
CA THR M 72 -35.40 24.94 -13.18
C THR M 72 -34.63 25.30 -14.43
N ASP M 73 -35.29 25.28 -15.60
CA ASP M 73 -34.67 25.80 -16.81
C ASP M 73 -34.39 27.29 -16.67
N LEU M 74 -35.20 28.00 -15.89
CA LEU M 74 -35.06 29.44 -15.79
C LEU M 74 -33.86 29.84 -14.92
N LEU M 75 -33.50 29.02 -13.93
CA LEU M 75 -32.31 29.34 -13.15
C LEU M 75 -31.04 28.87 -13.84
N THR M 76 -30.92 29.21 -15.12
CA THR M 76 -29.84 28.76 -16.00
C THR M 76 -29.79 29.61 -17.25
N ASP M 77 -28.71 29.51 -18.02
CA ASP M 77 -28.68 30.02 -19.38
C ASP M 77 -28.83 28.84 -20.33
N MET M 78 -30.07 28.58 -20.73
CA MET M 78 -30.38 27.41 -21.55
C MET M 78 -29.71 27.44 -22.91
N ASP M 79 -29.67 28.61 -23.55
CA ASP M 79 -29.15 28.71 -24.91
C ASP M 79 -27.67 28.36 -25.00
N ARG M 80 -26.95 28.35 -23.87
CA ARG M 80 -25.55 27.99 -23.89
C ARG M 80 -25.31 26.50 -23.73
N TYR M 81 -26.35 25.72 -23.44
CA TYR M 81 -26.23 24.27 -23.30
C TYR M 81 -27.11 23.48 -24.27
N ARG M 82 -28.18 24.08 -24.78
CA ARG M 82 -29.13 23.36 -25.60
C ARG M 82 -28.48 22.85 -26.89
N GLY M 83 -28.76 21.60 -27.23
CA GLY M 83 -28.41 21.11 -28.54
C GLY M 83 -29.37 21.66 -29.58
N ARG M 84 -28.82 22.04 -30.73
CA ARG M 84 -29.61 22.68 -31.77
C ARG M 84 -29.47 21.90 -33.06
N CYS M 85 -30.59 21.63 -33.72
CA CYS M 85 -30.59 21.07 -35.07
C CYS M 85 -30.51 22.22 -36.05
N TYR M 86 -29.33 22.42 -36.65
CA TYR M 86 -29.10 23.55 -37.52
C TYR M 86 -29.31 23.23 -39.00
N ASP M 87 -29.73 22.01 -39.32
CA ASP M 87 -29.96 21.62 -40.70
C ASP M 87 -30.72 20.31 -40.75
N ILE M 88 -31.65 20.21 -41.71
CA ILE M 88 -32.32 18.96 -42.05
C ILE M 88 -32.39 18.89 -43.56
N GLU M 89 -31.85 17.82 -44.14
CA GLU M 89 -31.97 17.65 -45.58
C GLU M 89 -32.44 16.24 -45.91
N PRO M 90 -33.49 16.11 -46.73
CA PRO M 90 -33.99 14.78 -47.10
C PRO M 90 -32.93 13.93 -47.80
N VAL M 91 -32.92 12.65 -47.47
CA VAL M 91 -32.05 11.66 -48.09
C VAL M 91 -32.61 11.34 -49.47
N PRO M 92 -31.77 11.18 -50.51
CA PRO M 92 -32.30 10.84 -51.83
C PRO M 92 -33.04 9.51 -51.81
N GLY M 93 -34.14 9.46 -52.56
CA GLY M 93 -34.93 8.24 -52.68
C GLY M 93 -35.54 7.78 -51.37
N GLU M 94 -36.03 8.71 -50.56
CA GLU M 94 -36.59 8.38 -49.26
C GLU M 94 -37.84 9.21 -49.00
N ASP M 95 -38.96 8.55 -48.77
CA ASP M 95 -40.18 9.28 -48.45
C ASP M 95 -40.14 9.89 -47.06
N ASN M 96 -39.47 9.25 -46.11
CA ASN M 96 -39.51 9.70 -44.73
C ASN M 96 -38.15 9.57 -44.03
N GLN M 97 -37.05 9.73 -44.76
CA GLN M 97 -35.72 9.60 -44.19
C GLN M 97 -34.91 10.85 -44.47
N TYR M 98 -34.43 11.50 -43.41
CA TYR M 98 -33.73 12.78 -43.53
C TYR M 98 -32.43 12.74 -42.74
N ILE M 99 -31.42 13.43 -43.24
CA ILE M 99 -30.19 13.65 -42.47
C ILE M 99 -30.33 14.96 -41.72
N ALA M 100 -30.31 14.88 -40.39
CA ALA M 100 -30.37 16.03 -39.51
C ALA M 100 -29.00 16.29 -38.90
N TYR M 101 -28.55 17.52 -38.97
CA TYR M 101 -27.27 17.94 -38.41
C TYR M 101 -27.54 18.67 -37.10
N VAL M 102 -27.06 18.10 -35.99
CA VAL M 102 -27.30 18.65 -34.66
C VAL M 102 -25.96 19.08 -34.07
N ALA M 103 -25.94 20.29 -33.50
CA ALA M 103 -24.74 20.86 -32.92
C ALA M 103 -24.89 20.96 -31.41
N TYR M 104 -23.90 20.45 -30.68
CA TYR M 104 -23.92 20.44 -29.25
C TYR M 104 -22.79 21.31 -28.72
N PRO M 105 -23.05 22.17 -27.73
CA PRO M 105 -21.97 22.95 -27.14
C PRO M 105 -20.91 22.05 -26.51
N LEU M 106 -19.66 22.51 -26.57
CA LEU M 106 -18.56 21.80 -25.94
C LEU M 106 -18.77 21.66 -24.44
N ASP M 107 -19.57 22.53 -23.83
CA ASP M 107 -19.78 22.54 -22.39
C ASP M 107 -20.56 21.33 -21.89
N LEU M 108 -21.24 20.60 -22.78
CA LEU M 108 -22.12 19.51 -22.37
C LEU M 108 -21.38 18.24 -22.00
N PHE M 109 -20.14 18.08 -22.43
CA PHE M 109 -19.50 16.77 -22.39
C PHE M 109 -18.35 16.76 -21.40
N GLU M 110 -18.21 15.65 -20.69
CA GLU M 110 -17.08 15.47 -19.78
C GLU M 110 -15.80 15.29 -20.57
N GLU M 111 -14.78 16.05 -20.20
CA GLU M 111 -13.49 16.00 -20.89
C GLU M 111 -12.88 14.61 -20.76
N GLY M 112 -12.41 14.08 -21.89
CA GLY M 112 -11.70 12.81 -21.88
C GLY M 112 -12.56 11.58 -21.68
N SER M 113 -13.88 11.71 -21.79
CA SER M 113 -14.79 10.59 -21.54
C SER M 113 -15.55 10.28 -22.83
N VAL M 114 -15.21 9.17 -23.48
CA VAL M 114 -16.00 8.69 -24.61
C VAL M 114 -17.35 8.19 -24.12
N THR M 115 -17.37 7.57 -22.94
CA THR M 115 -18.61 7.05 -22.37
C THR M 115 -19.64 8.16 -22.22
N ASN M 116 -19.23 9.31 -21.68
CA ASN M 116 -20.16 10.41 -21.48
C ASN M 116 -20.63 10.98 -22.82
N LEU M 117 -19.73 11.08 -23.80
CA LEU M 117 -20.12 11.54 -25.13
C LEU M 117 -21.21 10.66 -25.71
N LEU M 118 -21.02 9.34 -25.66
CA LEU M 118 -22.02 8.43 -26.22
C LEU M 118 -23.31 8.45 -25.41
N THR M 119 -23.21 8.53 -24.08
CA THR M 119 -24.39 8.58 -23.26
C THR M 119 -25.22 9.83 -23.56
N SER M 120 -24.56 10.95 -23.83
CA SER M 120 -25.29 12.15 -24.22
C SER M 120 -25.91 11.99 -25.60
N LEU M 121 -25.12 11.51 -26.56
CA LEU M 121 -25.59 11.45 -27.94
C LEU M 121 -26.58 10.32 -28.15
N VAL M 122 -26.15 9.08 -27.93
CA VAL M 122 -26.94 7.92 -28.27
C VAL M 122 -27.64 7.32 -27.05
N GLY M 123 -27.89 8.13 -26.02
CA GLY M 123 -28.43 7.64 -24.77
C GLY M 123 -29.84 7.08 -24.85
N ASN M 124 -30.83 7.93 -25.15
CA ASN M 124 -32.21 7.49 -25.19
C ASN M 124 -33.01 7.99 -26.38
N VAL M 125 -32.40 8.78 -27.27
CA VAL M 125 -33.15 9.33 -28.39
C VAL M 125 -33.49 8.26 -29.42
N PHE M 126 -32.74 7.15 -29.46
CA PHE M 126 -33.02 6.11 -30.43
C PHE M 126 -34.30 5.34 -30.13
N GLY M 127 -34.87 5.52 -28.95
CA GLY M 127 -36.12 4.86 -28.62
C GLY M 127 -37.29 5.82 -28.49
N PHE M 128 -37.18 6.99 -29.11
CA PHE M 128 -38.28 7.95 -29.08
C PHE M 128 -39.47 7.40 -29.85
N LYS M 129 -40.65 7.47 -29.23
CA LYS M 129 -41.85 6.90 -29.82
C LYS M 129 -42.21 7.57 -31.14
N ALA M 130 -42.01 8.88 -31.24
CA ALA M 130 -42.26 9.62 -32.47
C ALA M 130 -41.26 9.29 -33.57
N LEU M 131 -40.20 8.55 -33.23
CA LEU M 131 -39.17 8.14 -34.18
C LEU M 131 -39.41 6.69 -34.60
N ARG M 132 -39.25 6.41 -35.89
CA ARG M 132 -39.31 5.02 -36.34
C ARG M 132 -37.91 4.41 -36.40
N ALA M 133 -36.94 5.13 -36.94
CA ALA M 133 -35.59 4.62 -37.01
C ALA M 133 -34.59 5.75 -36.88
N LEU M 134 -33.47 5.49 -36.23
CA LEU M 134 -32.44 6.51 -36.07
C LEU M 134 -31.07 5.86 -36.23
N ARG M 135 -30.21 6.50 -37.02
CA ARG M 135 -28.84 6.07 -37.18
C ARG M 135 -27.92 7.25 -36.96
N LEU M 136 -26.90 7.08 -36.14
CA LEU M 136 -25.87 8.10 -35.99
C LEU M 136 -24.80 7.82 -37.03
N GLU M 137 -24.78 8.64 -38.08
CA GLU M 137 -23.89 8.37 -39.21
C GLU M 137 -22.47 8.87 -38.94
N ASP M 138 -22.32 10.10 -38.47
CA ASP M 138 -21.00 10.69 -38.35
C ASP M 138 -20.96 11.63 -37.15
N LEU M 139 -19.74 11.96 -36.73
CA LEU M 139 -19.52 12.82 -35.59
C LEU M 139 -18.35 13.75 -35.90
N ARG M 140 -18.56 15.04 -35.72
CA ARG M 140 -17.47 16.01 -35.75
C ARG M 140 -17.01 16.24 -34.32
N ILE M 141 -15.83 15.74 -33.99
CA ILE M 141 -15.22 15.97 -32.68
C ILE M 141 -14.32 17.19 -32.81
N PRO M 142 -14.63 18.29 -32.12
CA PRO M 142 -13.79 19.49 -32.23
C PRO M 142 -12.41 19.25 -31.65
N VAL M 143 -11.45 20.04 -32.13
CA VAL M 143 -10.07 19.90 -31.68
C VAL M 143 -9.97 20.12 -30.17
N ALA M 144 -10.75 21.06 -29.64
CA ALA M 144 -10.73 21.33 -28.20
C ALA M 144 -11.18 20.11 -27.40
N TYR M 145 -12.15 19.35 -27.93
CA TYR M 145 -12.54 18.14 -27.24
C TYR M 145 -11.51 17.03 -27.44
N VAL M 146 -10.94 16.94 -28.64
CA VAL M 146 -9.94 15.91 -28.93
C VAL M 146 -8.75 16.04 -27.98
N LYS M 147 -8.39 17.27 -27.63
CA LYS M 147 -7.23 17.50 -26.78
C LYS M 147 -7.40 16.93 -25.38
N THR M 148 -8.64 16.70 -24.93
CA THR M 148 -8.87 16.19 -23.59
C THR M 148 -8.69 14.67 -23.48
N PHE M 149 -8.50 13.98 -24.59
CA PHE M 149 -8.34 12.53 -24.59
C PHE M 149 -6.87 12.17 -24.72
N GLN M 150 -6.53 10.97 -24.25
CA GLN M 150 -5.18 10.46 -24.47
C GLN M 150 -4.99 10.02 -25.92
N GLY M 151 -6.04 9.50 -26.55
CA GLY M 151 -5.93 8.93 -27.86
C GLY M 151 -5.33 7.55 -27.77
N PRO M 152 -4.81 7.04 -28.89
CA PRO M 152 -4.13 5.76 -28.86
C PRO M 152 -2.97 5.79 -27.90
N PRO M 153 -2.73 4.71 -27.17
CA PRO M 153 -1.56 4.68 -26.27
C PRO M 153 -0.26 4.96 -27.00
N HIS M 154 -0.09 4.44 -28.20
CA HIS M 154 1.10 4.70 -29.01
C HIS M 154 0.77 5.28 -30.39
N GLY M 155 -0.09 4.64 -31.15
CA GLY M 155 -0.37 5.06 -32.51
C GLY M 155 0.50 4.33 -33.51
N ILE M 156 0.23 4.61 -34.78
CA ILE M 156 0.81 3.83 -35.88
C ILE M 156 2.32 3.96 -35.89
N GLN M 157 2.84 5.20 -35.88
CA GLN M 157 4.26 5.40 -36.07
C GLN M 157 5.07 4.92 -34.87
N VAL M 158 4.58 5.20 -33.65
CA VAL M 158 5.26 4.71 -32.46
C VAL M 158 5.22 3.19 -32.41
N GLU M 159 4.11 2.59 -32.83
CA GLU M 159 4.04 1.13 -32.87
C GLU M 159 5.06 0.55 -33.85
N ARG M 160 5.14 1.13 -35.04
CA ARG M 160 6.10 0.67 -36.04
C ARG M 160 7.53 0.82 -35.53
N ASP M 161 7.82 1.92 -34.84
CA ASP M 161 9.13 2.10 -34.23
C ASP M 161 9.40 1.03 -33.17
N ARG M 162 8.39 0.71 -32.36
CA ARG M 162 8.59 -0.21 -31.25
C ARG M 162 8.78 -1.65 -31.73
N ILE M 163 8.02 -2.08 -32.75
CA ILE M 163 8.18 -3.44 -33.27
C ILE M 163 9.17 -3.51 -34.41
N ASN M 164 9.77 -2.39 -34.80
CA ASN M 164 10.84 -2.36 -35.80
C ASN M 164 10.39 -2.99 -37.11
N LYS M 165 9.21 -2.59 -37.57
CA LYS M 165 8.60 -3.15 -38.77
C LYS M 165 8.19 -2.00 -39.68
N TYR M 166 8.78 -1.93 -40.87
CA TYR M 166 8.53 -0.84 -41.79
C TYR M 166 8.36 -1.36 -43.20
N GLY M 167 7.60 -0.62 -44.01
CA GLY M 167 7.55 -0.80 -45.44
C GLY M 167 6.53 -1.81 -45.95
N ARG M 168 5.70 -2.37 -45.09
CA ARG M 168 4.72 -3.36 -45.53
C ARG M 168 3.60 -3.42 -44.50
N PRO M 169 2.44 -3.93 -44.87
CA PRO M 169 1.44 -4.27 -43.87
C PRO M 169 1.94 -5.38 -42.96
N LEU M 170 1.47 -5.37 -41.72
CA LEU M 170 1.80 -6.46 -40.81
C LEU M 170 0.90 -7.65 -41.10
N LEU M 171 1.34 -8.83 -40.67
CA LEU M 171 0.60 -10.06 -40.88
C LEU M 171 0.28 -10.70 -39.54
N GLY M 172 -0.97 -11.15 -39.40
CA GLY M 172 -1.43 -11.80 -38.19
C GLY M 172 -2.31 -12.99 -38.50
N CYS M 173 -2.72 -13.66 -37.44
CA CYS M 173 -3.62 -14.80 -37.56
C CYS M 173 -4.27 -15.06 -36.21
N THR M 174 -5.54 -15.45 -36.24
CA THR M 174 -6.24 -15.94 -35.07
C THR M 174 -6.07 -17.45 -35.00
N ILE M 175 -5.70 -17.94 -33.83
CA ILE M 175 -5.57 -19.38 -33.64
C ILE M 175 -6.95 -20.02 -33.68
N LYS M 176 -7.11 -21.00 -34.54
CA LYS M 176 -8.36 -21.74 -34.68
C LYS M 176 -8.15 -23.19 -34.23
N PRO M 177 -9.19 -23.84 -33.69
CA PRO M 177 -10.57 -23.35 -33.45
C PRO M 177 -10.61 -22.21 -32.44
N LYS M 178 -11.71 -21.45 -32.42
CA LYS M 178 -11.84 -20.35 -31.48
C LYS M 178 -11.69 -20.86 -30.05
N LEU M 179 -12.60 -21.73 -29.62
CA LEU M 179 -12.58 -22.29 -28.28
C LEU M 179 -12.43 -23.80 -28.36
N GLY M 180 -11.67 -24.36 -27.43
CA GLY M 180 -11.50 -25.80 -27.36
C GLY M 180 -10.08 -26.24 -27.13
N LEU M 181 -9.12 -25.49 -27.66
CA LEU M 181 -7.72 -25.88 -27.58
C LEU M 181 -7.17 -25.69 -26.17
N SER M 182 -6.32 -26.60 -25.74
CA SER M 182 -5.62 -26.44 -24.49
C SER M 182 -4.56 -25.35 -24.61
N ALA M 183 -4.11 -24.84 -23.46
CA ALA M 183 -3.13 -23.75 -23.46
C ALA M 183 -1.85 -24.17 -24.18
N LYS M 184 -1.37 -25.39 -23.93
CA LYS M 184 -0.12 -25.83 -24.54
C LYS M 184 -0.26 -26.00 -26.05
N ASN M 185 -1.34 -26.63 -26.51
CA ASN M 185 -1.53 -26.77 -27.95
C ASN M 185 -1.75 -25.42 -28.60
N TYR M 186 -2.43 -24.52 -27.91
CA TYR M 186 -2.58 -23.15 -28.37
C TYR M 186 -1.22 -22.49 -28.58
N GLY M 187 -0.35 -22.60 -27.59
CA GLY M 187 0.98 -22.05 -27.74
C GLY M 187 1.78 -22.70 -28.85
N ARG M 188 1.60 -24.00 -29.05
CA ARG M 188 2.28 -24.68 -30.15
C ARG M 188 1.82 -24.15 -31.50
N ALA M 189 0.50 -23.96 -31.66
CA ALA M 189 -0.03 -23.36 -32.88
C ALA M 189 0.50 -21.95 -33.07
N VAL M 190 0.57 -21.19 -31.97
CA VAL M 190 1.14 -19.84 -32.04
C VAL M 190 2.58 -19.90 -32.53
N TYR M 191 3.37 -20.84 -32.00
CA TYR M 191 4.77 -20.95 -32.40
C TYR M 191 4.88 -21.30 -33.88
N GLU M 192 4.08 -22.26 -34.33
CA GLU M 192 4.17 -22.68 -35.73
C GLU M 192 3.76 -21.55 -36.67
N CYS M 193 2.71 -20.80 -36.31
CA CYS M 193 2.32 -19.65 -37.12
C CYS M 193 3.41 -18.58 -37.13
N LEU M 194 3.98 -18.28 -35.96
CA LEU M 194 4.92 -17.16 -35.87
C LEU M 194 6.25 -17.49 -36.55
N ARG M 195 6.72 -18.72 -36.41
CA ARG M 195 7.98 -19.09 -37.04
C ARG M 195 7.89 -19.14 -38.56
N GLY M 196 6.67 -19.20 -39.10
CA GLY M 196 6.49 -19.21 -40.54
C GLY M 196 6.56 -17.85 -41.21
N GLY M 197 6.50 -16.76 -40.44
CA GLY M 197 6.61 -15.45 -41.03
C GLY M 197 5.56 -14.44 -40.63
N LEU M 198 4.56 -14.87 -39.87
CA LEU M 198 3.58 -13.93 -39.35
C LEU M 198 4.20 -13.04 -38.30
N ASP M 199 3.92 -11.73 -38.40
CA ASP M 199 4.34 -10.81 -37.36
C ASP M 199 3.61 -11.08 -36.05
N PHE M 200 2.32 -11.37 -36.13
CA PHE M 200 1.48 -11.46 -34.95
C PHE M 200 0.63 -12.72 -35.01
N THR M 201 0.26 -13.21 -33.83
CA THR M 201 -0.83 -14.14 -33.71
C THR M 201 -1.80 -13.45 -32.75
N ASP M 203 -5.45 -13.96 -29.87
CA ASP M 203 -6.53 -14.69 -29.22
C ASP M 203 -7.84 -14.43 -29.93
N ASP M 204 -8.66 -15.45 -30.06
CA ASP M 204 -10.04 -15.23 -30.46
C ASP M 204 -10.73 -14.38 -29.39
N GLU M 205 -11.63 -13.51 -29.85
CA GLU M 205 -12.30 -12.59 -28.94
C GLU M 205 -13.12 -13.30 -27.87
N ASN M 206 -13.45 -14.58 -28.09
CA ASN M 206 -14.14 -15.37 -27.07
C ASN M 206 -13.19 -15.98 -26.05
N ILE M 207 -11.92 -16.13 -26.40
CA ILE M 207 -10.92 -16.72 -25.52
C ILE M 207 -10.57 -15.67 -24.46
N ASN M 208 -11.15 -15.80 -23.26
CA ASN M 208 -10.71 -14.98 -22.14
C ASN M 208 -10.12 -15.84 -21.04
N SER M 209 -10.90 -16.71 -20.41
CA SER M 209 -10.40 -17.70 -19.46
C SER M 209 -11.51 -18.73 -19.30
N GLN M 210 -11.27 -19.93 -19.81
CA GLN M 210 -12.32 -20.95 -19.87
C GLN M 210 -11.83 -22.21 -19.18
N PRO M 211 -12.74 -23.12 -18.83
CA PRO M 211 -12.31 -24.36 -18.16
C PRO M 211 -11.30 -25.17 -18.95
N PHE M 212 -11.43 -25.23 -20.28
CA PHE M 212 -10.45 -25.94 -21.09
C PHE M 212 -9.14 -25.19 -21.21
N GLN M 213 -9.11 -23.90 -20.88
CA GLN M 213 -7.91 -23.09 -21.09
C GLN M 213 -7.95 -21.92 -20.11
N ARG M 214 -7.20 -22.02 -19.03
CA ARG M 214 -7.04 -20.89 -18.14
C ARG M 214 -6.14 -19.84 -18.78
N TRP M 215 -6.45 -18.58 -18.49
CA TRP M 215 -5.76 -17.49 -19.16
C TRP M 215 -4.28 -17.42 -18.78
N ARG M 216 -3.94 -17.77 -17.54
CA ARG M 216 -2.53 -17.69 -17.14
C ARG M 216 -1.69 -18.71 -17.86
N ASP M 217 -2.19 -19.94 -18.01
CA ASP M 217 -1.48 -20.97 -18.76
C ASP M 217 -1.34 -20.56 -20.23
N ARG M 218 -2.40 -20.00 -20.81
CA ARG M 218 -2.32 -19.51 -22.18
C ARG M 218 -1.24 -18.44 -22.31
N PHE M 219 -1.22 -17.50 -21.37
CA PHE M 219 -0.22 -16.42 -21.41
C PHE M 219 1.18 -16.99 -21.34
N LEU M 220 1.42 -17.91 -20.41
CA LEU M 220 2.75 -18.51 -20.29
C LEU M 220 3.18 -19.21 -21.57
N PHE M 221 2.31 -20.08 -22.10
CA PHE M 221 2.69 -20.86 -23.27
C PHE M 221 2.86 -19.98 -24.50
N VAL M 222 2.00 -18.98 -24.65
CA VAL M 222 2.12 -18.05 -25.76
C VAL M 222 3.42 -17.26 -25.67
N ALA M 223 3.78 -16.81 -24.46
CA ALA M 223 5.03 -16.08 -24.29
C ALA M 223 6.21 -16.96 -24.68
N ASP M 224 6.18 -18.23 -24.28
CA ASP M 224 7.27 -19.14 -24.66
C ASP M 224 7.34 -19.33 -26.16
N ALA M 225 6.19 -19.49 -26.81
CA ALA M 225 6.18 -19.65 -28.27
C ALA M 225 6.71 -18.41 -28.96
N ILE M 226 6.35 -17.23 -28.44
CA ILE M 226 6.84 -15.98 -28.99
C ILE M 226 8.35 -15.90 -28.87
N HIS M 227 8.89 -16.27 -27.70
CA HIS M 227 10.34 -16.25 -27.53
C HIS M 227 11.03 -17.22 -28.48
N LYS M 228 10.48 -18.43 -28.62
CA LYS M 228 11.09 -19.41 -29.51
C LYS M 228 11.09 -18.92 -30.96
N SER M 229 9.96 -18.42 -31.43
CA SER M 229 9.87 -17.98 -32.83
C SER M 229 10.70 -16.73 -33.08
N GLN M 230 10.78 -15.83 -32.10
CA GLN M 230 11.66 -14.67 -32.22
C GLN M 230 13.11 -15.09 -32.31
N ALA M 231 13.51 -16.06 -31.48
CA ALA M 231 14.87 -16.57 -31.54
C ALA M 231 15.15 -17.22 -32.88
N GLU M 232 14.17 -17.91 -33.45
CA GLU M 232 14.38 -18.61 -34.71
C GLU M 232 14.47 -17.64 -35.88
N THR M 233 13.42 -16.87 -36.11
CA THR M 233 13.35 -16.01 -37.27
C THR M 233 14.20 -14.75 -37.16
N GLY M 234 14.45 -14.27 -35.94
CA GLY M 234 15.17 -13.02 -35.78
C GLY M 234 14.34 -11.80 -36.10
N GLU M 235 13.01 -11.92 -36.03
CA GLU M 235 12.10 -10.81 -36.21
C GLU M 235 11.24 -10.67 -34.96
N ILE M 236 10.81 -9.45 -34.68
CA ILE M 236 9.92 -9.22 -33.55
C ILE M 236 8.63 -9.98 -33.80
N LYS M 237 8.30 -10.90 -32.89
CA LYS M 237 7.06 -11.65 -32.95
C LYS M 237 6.16 -11.21 -31.81
N GLY M 238 4.86 -11.26 -32.05
CA GLY M 238 3.91 -10.84 -31.04
C GLY M 238 2.68 -11.70 -31.08
N HIS M 239 1.92 -11.63 -29.99
CA HIS M 239 0.63 -12.29 -29.93
C HIS M 239 -0.33 -11.41 -29.15
N TYR M 240 -1.43 -11.03 -29.77
CA TYR M 240 -2.44 -10.24 -29.07
C TYR M 240 -3.04 -11.11 -27.98
N LEU M 241 -2.75 -10.76 -26.73
CA LEU M 241 -3.30 -11.48 -25.59
C LEU M 241 -4.59 -10.82 -25.16
N ASN M 242 -5.70 -11.55 -25.29
CA ASN M 242 -7.00 -11.03 -24.89
C ASN M 242 -7.00 -10.85 -23.37
N VAL M 243 -7.03 -9.60 -22.92
CA VAL M 243 -7.17 -9.29 -21.51
C VAL M 243 -8.59 -8.94 -21.13
N THR M 244 -9.54 -9.05 -22.07
CA THR M 244 -10.94 -8.80 -21.77
C THR M 244 -11.38 -9.72 -20.65
N ALA M 245 -12.01 -9.15 -19.63
CA ALA M 245 -12.34 -9.89 -18.43
C ALA M 245 -13.69 -9.42 -17.90
N ALA M 246 -14.17 -10.14 -16.88
CA ALA M 246 -15.45 -9.81 -16.27
C ALA M 246 -15.40 -8.47 -15.56
N THR M 247 -14.29 -8.17 -14.89
CA THR M 247 -14.15 -6.96 -14.10
C THR M 247 -12.89 -6.23 -14.50
N CYS M 248 -12.82 -4.97 -14.08
CA CYS M 248 -11.64 -4.16 -14.36
C CYS M 248 -10.42 -4.66 -13.59
N GLU M 249 -10.63 -5.16 -12.38
CA GLU M 249 -9.53 -5.76 -11.63
C GLU M 249 -8.96 -6.97 -12.35
N GLU M 250 -9.83 -7.83 -12.89
CA GLU M 250 -9.36 -9.01 -13.60
C GLU M 250 -8.68 -8.63 -14.91
N MET M 251 -9.22 -7.64 -15.63
CA MET M 251 -8.57 -7.15 -16.84
C MET M 251 -7.18 -6.59 -16.52
N MET M 252 -7.08 -5.84 -15.42
CA MET M 252 -5.80 -5.27 -15.03
C MET M 252 -4.81 -6.35 -14.60
N LYS M 253 -5.28 -7.40 -13.92
CA LYS M 253 -4.40 -8.52 -13.58
C LYS M 253 -3.88 -9.20 -14.82
N ARG M 254 -4.75 -9.44 -15.80
CA ARG M 254 -4.31 -10.07 -17.04
C ARG M 254 -3.31 -9.18 -17.79
N ALA M 255 -3.59 -7.88 -17.84
CA ALA M 255 -2.66 -6.95 -18.48
C ALA M 255 -1.31 -6.92 -17.75
N ALA M 256 -1.34 -6.92 -16.41
CA ALA M 256 -0.11 -6.90 -15.64
C ALA M 256 0.70 -8.17 -15.87
N TYR M 257 0.04 -9.31 -15.94
CA TYR M 257 0.77 -10.54 -16.24
C TYR M 257 1.34 -10.53 -17.64
N ALA M 258 0.59 -9.98 -18.62
CA ALA M 258 1.13 -9.85 -19.97
C ALA M 258 2.38 -8.95 -19.97
N LYS M 259 2.35 -7.88 -19.19
CA LYS M 259 3.53 -7.04 -19.02
C LYS M 259 4.67 -7.81 -18.37
N GLU M 260 4.37 -8.61 -17.34
CA GLU M 260 5.39 -9.38 -16.65
C GLU M 260 6.07 -10.36 -17.58
N LEU M 261 5.31 -11.00 -18.46
CA LEU M 261 5.86 -11.91 -19.45
C LEU M 261 6.51 -11.19 -20.63
N GLU M 262 6.73 -9.87 -20.51
CA GLU M 262 7.38 -9.08 -21.53
C GLU M 262 6.65 -9.18 -22.87
N MET M 263 5.33 -9.14 -22.82
CA MET M 263 4.55 -9.16 -24.05
C MET M 263 4.41 -7.74 -24.59
N PRO M 264 4.52 -7.56 -25.91
CA PRO M 264 4.44 -6.21 -26.48
C PRO M 264 3.03 -5.70 -26.74
N ILE M 265 2.01 -6.54 -26.72
CA ILE M 265 0.69 -6.12 -27.17
C ILE M 265 -0.37 -6.95 -26.46
N VAL M 266 -1.49 -6.29 -26.14
CA VAL M 266 -2.66 -6.94 -25.56
C VAL M 266 -3.88 -6.55 -26.38
N MET M 267 -4.91 -7.37 -26.29
CA MET M 267 -6.13 -7.16 -27.05
C MET M 267 -7.30 -6.93 -26.10
N HIS M 268 -8.27 -6.14 -26.54
CA HIS M 268 -9.47 -5.88 -25.76
C HIS M 268 -10.65 -5.70 -26.70
N ASP M 269 -11.83 -6.14 -26.24
CA ASP M 269 -13.08 -5.88 -26.93
C ASP M 269 -13.70 -4.63 -26.34
N PHE M 270 -13.63 -3.52 -27.08
CA PHE M 270 -14.03 -2.23 -26.53
C PHE M 270 -15.54 -2.06 -26.41
N LEU M 271 -16.34 -2.90 -27.05
CA LEU M 271 -17.80 -2.78 -26.97
C LEU M 271 -18.40 -3.75 -25.96
N THR M 272 -18.06 -5.04 -26.03
CA THR M 272 -18.53 -5.96 -25.01
C THR M 272 -17.83 -5.71 -23.68
N GLY M 273 -16.53 -5.40 -23.71
CA GLY M 273 -15.85 -4.98 -22.49
C GLY M 273 -16.34 -3.62 -22.02
N GLY M 274 -16.54 -2.69 -22.93
CA GLY M 274 -17.03 -1.37 -22.60
C GLY M 274 -15.97 -0.31 -22.75
N PHE M 275 -16.44 0.93 -22.89
CA PHE M 275 -15.52 2.06 -23.10
C PHE M 275 -14.84 2.50 -21.81
N THR M 276 -15.49 2.32 -20.65
CA THR M 276 -14.82 2.63 -19.39
C THR M 276 -13.58 1.77 -19.22
N ALA M 277 -13.75 0.45 -19.33
CA ALA M 277 -12.63 -0.47 -19.21
C ALA M 277 -11.64 -0.28 -20.34
N ASN M 278 -12.12 0.05 -21.54
CA ASN M 278 -11.21 0.29 -22.65
C ASN M 278 -10.31 1.49 -22.38
N THR M 279 -10.88 2.59 -21.89
CA THR M 279 -10.07 3.76 -21.59
C THR M 279 -9.11 3.48 -20.43
N THR M 280 -9.58 2.75 -19.42
CA THR M 280 -8.69 2.30 -18.35
C THR M 280 -7.51 1.54 -18.92
N LEU M 281 -7.78 0.57 -19.79
CA LEU M 281 -6.71 -0.26 -20.34
C LEU M 281 -5.81 0.55 -21.26
N ALA M 282 -6.35 1.51 -22.00
CA ALA M 282 -5.54 2.34 -22.88
C ALA M 282 -4.59 3.22 -22.08
N HIS M 283 -5.08 3.81 -20.98
CA HIS M 283 -4.22 4.58 -20.10
C HIS M 283 -3.15 3.69 -19.49
N TRP M 284 -3.53 2.49 -19.03
CA TRP M 284 -2.54 1.56 -18.52
C TRP M 284 -1.51 1.19 -19.58
N CYS M 285 -1.96 0.98 -20.81
CA CYS M 285 -1.06 0.61 -21.91
C CYS M 285 -0.07 1.73 -22.21
N ARG M 286 -0.54 2.97 -22.21
CA ARG M 286 0.36 4.11 -22.37
C ARG M 286 1.35 4.18 -21.22
N ASP M 287 0.88 3.91 -19.99
CA ASP M 287 1.73 3.98 -18.82
C ASP M 287 2.74 2.84 -18.73
N ASN M 288 2.52 1.73 -19.42
CA ASN M 288 3.41 0.59 -19.32
C ASN M 288 4.01 0.18 -20.66
N GLY M 289 3.92 1.01 -21.68
CA GLY M 289 4.54 0.72 -22.97
C GLY M 289 3.98 -0.49 -23.68
N ILE M 290 2.68 -0.75 -23.54
CA ILE M 290 2.03 -1.91 -24.12
C ILE M 290 1.16 -1.47 -25.27
N LEU M 291 1.30 -2.14 -26.41
CA LEU M 291 0.42 -1.89 -27.54
C LEU M 291 -0.97 -2.45 -27.26
N LEU M 292 -1.97 -1.84 -27.88
CA LEU M 292 -3.37 -2.16 -27.60
C LEU M 292 -4.08 -2.50 -28.91
N HIS M 293 -4.27 -3.79 -29.15
CA HIS M 293 -5.11 -4.22 -30.26
C HIS M 293 -6.57 -4.20 -29.82
N ILE M 294 -7.43 -3.66 -30.67
CA ILE M 294 -8.83 -3.47 -30.33
C ILE M 294 -9.69 -4.31 -31.27
N HIS M 295 -10.45 -5.23 -30.70
CA HIS M 295 -11.37 -6.07 -31.44
C HIS M 295 -12.78 -5.49 -31.31
N ARG M 296 -13.50 -5.45 -32.43
CA ARG M 296 -14.80 -4.78 -32.49
C ARG M 296 -15.95 -5.75 -32.34
N ALA M 297 -15.81 -6.76 -31.49
CA ALA M 297 -16.90 -7.70 -31.24
C ALA M 297 -18.16 -6.95 -30.81
N MET M 298 -19.29 -7.38 -31.36
CA MET M 298 -20.64 -6.81 -31.17
C MET M 298 -20.84 -5.53 -31.98
N HIS M 299 -19.88 -5.14 -32.83
CA HIS M 299 -20.07 -3.94 -33.63
C HIS M 299 -21.26 -4.10 -34.58
N ALA M 300 -21.40 -5.25 -35.22
CA ALA M 300 -22.46 -5.45 -36.20
C ALA M 300 -23.84 -5.45 -35.58
N VAL M 301 -23.96 -5.69 -34.28
CA VAL M 301 -25.25 -5.51 -33.62
C VAL M 301 -25.69 -4.06 -33.72
N ILE M 302 -24.74 -3.13 -33.61
CA ILE M 302 -25.05 -1.71 -33.64
C ILE M 302 -25.04 -1.14 -35.06
N ASP M 303 -24.10 -1.57 -35.90
CA ASP M 303 -23.75 -0.84 -37.12
C ASP M 303 -24.09 -1.58 -38.40
N ARG M 304 -24.96 -2.58 -38.36
CA ARG M 304 -25.20 -3.36 -39.57
C ARG M 304 -26.25 -2.75 -40.48
N GLN M 305 -27.33 -2.22 -39.91
CA GLN M 305 -28.45 -1.72 -40.70
C GLN M 305 -28.22 -0.27 -41.11
N LYS M 306 -28.73 0.08 -42.28
CA LYS M 306 -28.59 1.45 -42.76
C LYS M 306 -29.54 2.40 -42.05
N ASN M 307 -30.72 1.93 -41.67
CA ASN M 307 -31.74 2.82 -41.14
C ASN M 307 -31.64 3.05 -39.63
N HIS M 308 -30.97 2.16 -38.89
CA HIS M 308 -30.94 2.27 -37.44
C HIS M 308 -29.60 1.84 -36.89
N GLY M 309 -29.18 2.50 -35.80
CA GLY M 309 -27.98 2.13 -35.08
C GLY M 309 -26.97 3.26 -35.06
N ILE M 310 -25.70 2.88 -34.96
CA ILE M 310 -24.59 3.80 -35.04
C ILE M 310 -23.64 3.28 -36.09
N HIS M 311 -23.33 4.11 -37.08
CA HIS M 311 -22.36 3.69 -38.09
C HIS M 311 -20.99 3.49 -37.44
N PHE M 312 -20.24 2.53 -37.97
CA PHE M 312 -18.97 2.17 -37.36
C PHE M 312 -17.96 3.31 -37.36
N ARG M 313 -18.12 4.32 -38.22
CA ARG M 313 -17.17 5.42 -38.20
C ARG M 313 -17.27 6.22 -36.90
N VAL M 314 -18.47 6.32 -36.32
CA VAL M 314 -18.63 6.99 -35.03
C VAL M 314 -17.92 6.21 -33.93
N LEU M 315 -18.15 4.88 -33.89
CA LEU M 315 -17.45 4.05 -32.92
C LEU M 315 -15.95 4.06 -33.15
N ALA M 316 -15.52 4.24 -34.41
CA ALA M 316 -14.09 4.27 -34.70
C ALA M 316 -13.45 5.55 -34.18
N LYS M 317 -14.11 6.68 -34.37
CA LYS M 317 -13.63 7.93 -33.77
C LYS M 317 -13.58 7.82 -32.26
N CYS M 318 -14.61 7.22 -31.67
CA CYS M 318 -14.65 7.09 -30.22
C CYS M 318 -13.56 6.15 -29.71
N LEU M 319 -13.27 5.09 -30.47
CA LEU M 319 -12.19 4.18 -30.08
C LEU M 319 -10.83 4.85 -30.25
N ARG M 320 -10.68 5.68 -31.28
CA ARG M 320 -9.43 6.43 -31.44
C ARG M 320 -9.20 7.35 -30.25
N MET M 321 -10.25 8.03 -29.79
CA MET M 321 -10.07 8.94 -28.66
C MET M 321 -9.88 8.17 -27.35
N SER M 322 -10.70 7.13 -27.12
CA SER M 322 -10.58 6.36 -25.89
C SER M 322 -9.25 5.63 -25.82
N GLY M 323 -8.78 5.12 -26.94
CA GLY M 323 -7.45 4.56 -27.00
C GLY M 323 -7.38 3.19 -27.64
N GLY M 324 -6.51 3.06 -28.62
CA GLY M 324 -6.25 1.80 -29.28
C GLY M 324 -5.22 1.96 -30.36
N ASP M 325 -4.24 1.06 -30.41
CA ASP M 325 -3.22 1.10 -31.45
C ASP M 325 -3.68 0.41 -32.72
N HIS M 326 -4.37 -0.70 -32.58
CA HIS M 326 -5.00 -1.41 -33.69
C HIS M 326 -6.51 -1.32 -33.52
N ILE M 327 -7.22 -1.47 -34.63
CA ILE M 327 -8.67 -1.66 -34.58
C ILE M 327 -9.09 -2.41 -35.81
N HIS M 328 -10.03 -3.34 -35.64
CA HIS M 328 -10.60 -4.05 -36.77
C HIS M 328 -11.49 -3.11 -37.58
N THR M 329 -11.38 -3.21 -38.91
CA THR M 329 -12.10 -2.34 -39.81
C THR M 329 -12.89 -3.11 -40.86
N GLY M 330 -12.78 -4.43 -40.91
CA GLY M 330 -13.39 -5.20 -41.97
C GLY M 330 -12.52 -5.25 -43.20
N THR M 331 -12.52 -6.42 -43.85
CA THR M 331 -11.64 -6.69 -44.98
C THR M 331 -12.24 -6.31 -46.33
N VAL M 332 -13.48 -5.82 -46.35
CA VAL M 332 -14.24 -5.55 -47.57
C VAL M 332 -14.54 -6.88 -48.29
N VAL M 333 -13.48 -7.61 -48.66
CA VAL M 333 -13.60 -8.75 -49.55
C VAL M 333 -13.67 -10.08 -48.79
N GLY M 334 -13.95 -10.06 -47.49
CA GLY M 334 -13.98 -11.25 -46.68
C GLY M 334 -15.37 -11.73 -46.35
N LYS M 335 -15.46 -12.53 -45.27
CA LYS M 335 -16.72 -13.13 -44.88
C LYS M 335 -17.63 -12.20 -44.10
N LEU M 336 -17.16 -11.01 -43.72
CA LEU M 336 -17.96 -10.08 -42.94
C LEU M 336 -18.23 -8.82 -43.74
N GLU M 337 -19.38 -8.18 -43.45
CA GLU M 337 -19.90 -7.11 -44.29
C GLU M 337 -19.22 -5.78 -44.00
N GLY M 338 -18.79 -5.11 -45.07
CA GLY M 338 -18.39 -3.72 -45.02
C GLY M 338 -18.13 -3.17 -46.41
N ASP M 339 -18.79 -2.06 -46.76
CA ASP M 339 -18.67 -1.52 -48.11
C ASP M 339 -17.28 -0.92 -48.33
N ARG M 340 -16.90 -0.81 -49.60
CA ARG M 340 -15.58 -0.29 -49.92
C ARG M 340 -15.46 1.18 -49.56
N ALA M 341 -16.44 2.00 -49.96
CA ALA M 341 -16.32 3.44 -49.81
C ALA M 341 -16.38 3.85 -48.33
N GLY M 342 -17.36 3.34 -47.59
CA GLY M 342 -17.45 3.67 -46.18
C GLY M 342 -16.25 3.19 -45.38
N THR M 343 -15.73 2.00 -45.73
CA THR M 343 -14.54 1.51 -45.06
C THR M 343 -13.34 2.38 -45.37
N LEU M 344 -13.17 2.79 -46.62
CA LEU M 344 -12.11 3.74 -46.94
C LEU M 344 -12.27 5.01 -46.12
N GLY M 345 -13.51 5.48 -45.97
CA GLY M 345 -13.77 6.68 -45.19
C GLY M 345 -13.33 6.55 -43.74
N PHE M 346 -13.78 5.49 -43.06
CA PHE M 346 -13.43 5.42 -41.64
C PHE M 346 -12.00 4.93 -41.42
N VAL M 347 -11.38 4.30 -42.42
CA VAL M 347 -9.96 3.99 -42.31
C VAL M 347 -9.14 5.27 -42.39
N ASP M 348 -9.51 6.18 -43.30
CA ASP M 348 -8.87 7.50 -43.31
C ASP M 348 -9.15 8.25 -42.01
N LEU M 349 -10.37 8.12 -41.48
CA LEU M 349 -10.70 8.78 -40.21
C LEU M 349 -9.83 8.24 -39.08
N LEU M 350 -9.56 6.94 -39.08
CA LEU M 350 -8.78 6.31 -38.02
C LEU M 350 -7.29 6.57 -38.16
N ARG M 351 -6.78 6.70 -39.38
CA ARG M 351 -5.34 6.76 -39.60
C ARG M 351 -4.81 8.16 -39.87
N GLU M 352 -5.60 9.03 -40.48
CA GLU M 352 -5.11 10.33 -40.90
C GLU M 352 -5.25 11.35 -39.78
N ASN M 353 -4.52 12.45 -39.93
CA ASN M 353 -4.66 13.60 -39.04
C ASN M 353 -5.77 14.53 -39.50
N TYR M 354 -5.87 14.77 -40.80
CA TYR M 354 -6.90 15.64 -41.36
C TYR M 354 -7.67 14.88 -42.42
N ILE M 355 -8.99 14.83 -42.27
CA ILE M 355 -9.87 14.20 -43.23
C ILE M 355 -10.95 15.20 -43.59
N GLU M 356 -11.00 15.59 -44.87
CA GLU M 356 -11.95 16.58 -45.31
C GLU M 356 -13.33 15.97 -45.50
N GLN M 357 -14.33 16.85 -45.51
CA GLN M 357 -15.72 16.41 -45.72
C GLN M 357 -15.86 15.70 -47.06
N ASP M 358 -16.55 14.56 -47.04
CA ASP M 358 -16.80 13.79 -48.26
C ASP M 358 -18.03 12.93 -48.02
N LYS M 359 -19.18 13.37 -48.55
CA LYS M 359 -20.40 12.60 -48.40
C LYS M 359 -20.31 11.27 -49.15
N SER M 360 -19.53 11.23 -50.23
CA SER M 360 -19.44 10.01 -51.04
C SER M 360 -18.76 8.88 -50.28
N ARG M 361 -17.96 9.19 -49.26
CA ARG M 361 -17.30 8.19 -48.44
C ARG M 361 -17.85 8.15 -47.02
N GLY M 362 -18.98 8.80 -46.77
CA GLY M 362 -19.59 8.82 -45.46
C GLY M 362 -18.98 9.80 -44.50
N VAL M 363 -18.07 10.66 -44.95
CA VAL M 363 -17.47 11.67 -44.09
C VAL M 363 -18.38 12.89 -44.16
N TYR M 364 -19.33 12.97 -43.23
CA TYR M 364 -20.26 14.09 -43.20
C TYR M 364 -19.63 15.37 -42.66
N PHE M 365 -18.54 15.27 -41.92
CA PHE M 365 -17.87 16.43 -41.36
C PHE M 365 -16.37 16.36 -41.62
N THR M 366 -15.76 17.52 -41.76
CA THR M 366 -14.31 17.60 -41.78
C THR M 366 -13.80 17.37 -40.36
N GLN M 367 -12.92 16.38 -40.20
CA GLN M 367 -12.41 15.98 -38.89
C GLN M 367 -10.93 16.25 -38.84
N ASP M 368 -10.51 17.03 -37.85
CA ASP M 368 -9.11 17.34 -37.59
C ASP M 368 -8.73 16.72 -36.25
N TRP M 369 -7.62 15.99 -36.23
CA TRP M 369 -7.24 15.22 -35.05
C TRP M 369 -6.21 15.91 -34.18
N ALA M 370 -5.68 17.06 -34.61
CA ALA M 370 -4.77 17.87 -33.80
C ALA M 370 -3.59 17.04 -33.29
N SER M 371 -3.01 16.24 -34.20
CA SER M 371 -1.84 15.40 -33.93
C SER M 371 -2.15 14.21 -33.01
N MET M 372 -3.43 13.87 -32.85
CA MET M 372 -3.76 12.61 -32.21
C MET M 372 -3.27 11.47 -33.10
N PRO M 373 -2.44 10.57 -32.59
CA PRO M 373 -1.88 9.51 -33.45
C PRO M 373 -2.97 8.64 -34.05
N GLY M 374 -2.69 8.13 -35.25
CA GLY M 374 -3.63 7.27 -35.95
C GLY M 374 -3.64 5.85 -35.41
N VAL M 375 -4.67 5.11 -35.80
CA VAL M 375 -4.88 3.73 -35.37
C VAL M 375 -4.66 2.80 -36.56
N MET M 376 -3.92 1.72 -36.32
CA MET M 376 -3.68 0.72 -37.34
C MET M 376 -4.99 0.03 -37.74
N ALA M 377 -5.17 -0.19 -39.04
CA ALA M 377 -6.36 -0.86 -39.54
C ALA M 377 -6.10 -2.36 -39.62
N VAL M 378 -7.07 -3.14 -39.16
CA VAL M 378 -6.95 -4.58 -39.06
C VAL M 378 -7.98 -5.21 -40.00
N ALA M 379 -7.52 -5.92 -41.02
CA ALA M 379 -8.37 -6.65 -41.94
C ALA M 379 -8.39 -8.11 -41.52
N SER M 380 -9.50 -8.54 -40.94
CA SER M 380 -9.62 -9.91 -40.42
C SER M 380 -10.96 -10.49 -40.80
N GLY M 381 -10.96 -11.77 -41.18
CA GLY M 381 -12.20 -12.48 -41.45
C GLY M 381 -12.36 -12.95 -42.88
N GLY M 382 -12.21 -14.26 -43.09
CA GLY M 382 -12.49 -14.87 -44.37
C GLY M 382 -11.64 -14.37 -45.53
N ILE M 383 -10.33 -14.30 -45.33
CA ILE M 383 -9.43 -13.89 -46.41
C ILE M 383 -8.31 -14.91 -46.53
N HIS M 384 -7.79 -15.03 -47.75
CA HIS M 384 -6.68 -15.90 -48.05
C HIS M 384 -5.72 -15.11 -48.94
N VAL M 385 -4.74 -15.81 -49.53
CA VAL M 385 -3.73 -15.16 -50.35
C VAL M 385 -4.33 -14.45 -51.56
N TRP M 386 -5.45 -14.93 -52.09
CA TRP M 386 -6.03 -14.33 -53.28
C TRP M 386 -6.53 -12.91 -53.01
N HIS M 387 -6.99 -12.64 -51.80
CA HIS M 387 -7.38 -11.28 -51.43
C HIS M 387 -6.18 -10.40 -51.14
N MET M 388 -4.98 -10.95 -51.10
CA MET M 388 -3.81 -10.19 -50.67
C MET M 388 -3.55 -8.94 -51.52
N PRO M 389 -3.54 -9.00 -52.85
CA PRO M 389 -3.30 -7.76 -53.61
C PRO M 389 -4.32 -6.68 -53.31
N ALA M 390 -5.61 -7.01 -53.39
CA ALA M 390 -6.67 -6.02 -53.15
C ALA M 390 -6.51 -5.37 -51.79
N LEU M 391 -6.25 -6.16 -50.74
CA LEU M 391 -6.03 -5.58 -49.42
C LEU M 391 -4.84 -4.63 -49.43
N VAL M 392 -3.73 -5.03 -50.03
CA VAL M 392 -2.58 -4.13 -50.14
C VAL M 392 -2.97 -2.89 -50.92
N GLU M 393 -3.87 -3.04 -51.89
CA GLU M 393 -4.38 -1.88 -52.60
C GLU M 393 -5.28 -1.03 -51.70
N ILE M 394 -6.10 -1.68 -50.88
CA ILE M 394 -7.12 -0.94 -50.13
C ILE M 394 -6.50 -0.23 -48.93
N PHE M 395 -5.83 -0.99 -48.06
CA PHE M 395 -5.38 -0.44 -46.79
C PHE M 395 -3.97 0.11 -46.83
N GLY M 396 -3.12 -0.39 -47.71
CA GLY M 396 -1.75 0.09 -47.73
C GLY M 396 -0.93 -0.51 -46.60
N ASP M 397 0.18 0.18 -46.32
CA ASP M 397 1.16 -0.37 -45.39
C ASP M 397 0.68 -0.30 -43.95
N ASP M 398 0.01 0.79 -43.57
CA ASP M 398 -0.30 1.07 -42.17
C ASP M 398 -1.52 0.27 -41.73
N SER M 399 -1.41 -1.05 -41.88
CA SER M 399 -2.53 -1.93 -41.63
C SER M 399 -2.00 -3.30 -41.21
N VAL M 400 -2.89 -4.08 -40.62
CA VAL M 400 -2.62 -5.47 -40.26
C VAL M 400 -3.58 -6.35 -41.03
N LEU M 401 -3.04 -7.36 -41.70
CA LEU M 401 -3.83 -8.32 -42.46
C LEU M 401 -3.84 -9.62 -41.68
N GLN M 402 -5.04 -10.08 -41.31
CA GLN M 402 -5.18 -11.22 -40.41
C GLN M 402 -5.80 -12.39 -41.15
N PHE M 403 -5.05 -13.49 -41.24
CA PHE M 403 -5.48 -14.71 -41.91
C PHE M 403 -5.59 -15.82 -40.87
N GLY M 404 -6.76 -15.94 -40.24
CA GLY M 404 -6.99 -17.03 -39.32
C GLY M 404 -7.05 -18.37 -40.02
N GLY M 405 -8.12 -18.59 -40.80
CA GLY M 405 -8.24 -19.81 -41.58
C GLY M 405 -7.34 -19.85 -42.81
N GLY M 406 -6.85 -18.69 -43.25
CA GLY M 406 -5.95 -18.64 -44.39
C GLY M 406 -4.52 -19.03 -44.08
N THR M 407 -4.21 -19.28 -42.81
CA THR M 407 -2.89 -19.75 -42.41
C THR M 407 -2.94 -21.14 -41.81
N LEU M 408 -3.80 -21.35 -40.80
CA LEU M 408 -3.93 -22.67 -40.20
C LEU M 408 -4.61 -23.65 -41.15
N GLY M 409 -5.43 -23.14 -42.07
CA GLY M 409 -6.09 -23.97 -43.05
C GLY M 409 -5.26 -24.37 -44.24
N HIS M 410 -4.00 -23.95 -44.28
CA HIS M 410 -3.10 -24.39 -45.33
C HIS M 410 -2.88 -25.90 -45.21
N PRO M 411 -2.78 -26.62 -46.32
CA PRO M 411 -2.66 -28.10 -46.23
C PRO M 411 -1.42 -28.56 -45.48
N TRP M 412 -0.30 -27.85 -45.58
CA TRP M 412 0.94 -28.34 -45.00
C TRP M 412 1.05 -28.06 -43.50
N GLY M 413 0.35 -27.05 -43.00
CA GLY M 413 0.41 -26.74 -41.58
C GLY M 413 0.44 -25.24 -41.35
N ASN M 414 0.57 -24.89 -40.07
CA ASN M 414 0.57 -23.48 -39.69
C ASN M 414 1.76 -22.75 -40.30
N ALA M 415 2.97 -23.29 -40.13
CA ALA M 415 4.17 -22.59 -40.59
C ALA M 415 4.22 -22.43 -42.10
N PRO M 416 3.97 -23.47 -42.92
CA PRO M 416 3.92 -23.24 -44.36
C PRO M 416 2.83 -22.27 -44.79
N GLY M 417 1.68 -22.27 -44.12
CA GLY M 417 0.65 -21.30 -44.47
C GLY M 417 1.04 -19.88 -44.13
N ALA M 418 1.68 -19.69 -42.96
CA ALA M 418 2.24 -18.40 -42.61
C ALA M 418 3.25 -17.94 -43.64
N THR M 419 4.12 -18.85 -44.08
CA THR M 419 5.10 -18.50 -45.10
C THR M 419 4.43 -18.15 -46.43
N ALA M 420 3.38 -18.88 -46.80
CA ALA M 420 2.67 -18.58 -48.04
C ALA M 420 2.07 -17.18 -48.00
N ASN M 421 1.46 -16.83 -46.86
CA ASN M 421 0.91 -15.49 -46.71
C ASN M 421 2.01 -14.44 -46.74
N ARG M 422 3.13 -14.71 -46.06
CA ARG M 422 4.23 -13.74 -46.04
C ARG M 422 4.80 -13.53 -47.45
N VAL M 423 4.90 -14.60 -48.23
CA VAL M 423 5.43 -14.49 -49.58
C VAL M 423 4.45 -13.74 -50.48
N ALA M 424 3.16 -14.03 -50.36
CA ALA M 424 2.16 -13.29 -51.14
C ALA M 424 2.19 -11.81 -50.79
N LEU M 425 2.26 -11.50 -49.49
CA LEU M 425 2.31 -10.10 -49.06
C LEU M 425 3.54 -9.40 -49.57
N GLU M 426 4.70 -10.06 -49.45
CA GLU M 426 5.96 -9.42 -49.86
C GLU M 426 6.02 -9.25 -51.37
N ALA M 427 5.50 -10.22 -52.12
CA ALA M 427 5.44 -10.05 -53.57
C ALA M 427 4.52 -8.91 -53.96
N CYS M 428 3.36 -8.80 -53.30
CA CYS M 428 2.45 -7.70 -53.58
C CYS M 428 3.10 -6.35 -53.26
N VAL M 429 3.81 -6.27 -52.13
CA VAL M 429 4.47 -5.02 -51.77
C VAL M 429 5.57 -4.68 -52.76
N GLN M 430 6.35 -5.69 -53.16
CA GLN M 430 7.43 -5.46 -54.12
C GLN M 430 6.87 -4.97 -55.45
N ALA M 431 5.83 -5.62 -55.96
CA ALA M 431 5.23 -5.22 -57.23
C ALA M 431 4.61 -3.83 -57.13
N ARG M 432 4.00 -3.52 -55.98
CA ARG M 432 3.46 -2.17 -55.78
C ARG M 432 4.57 -1.12 -55.81
N ASN M 433 5.68 -1.40 -55.11
CA ASN M 433 6.79 -0.46 -55.08
C ASN M 433 7.40 -0.29 -56.47
N GLU M 434 7.51 -1.37 -57.24
CA GLU M 434 8.12 -1.31 -58.56
C GLU M 434 7.31 -0.44 -59.53
N GLY M 435 6.00 -0.31 -59.32
CA GLY M 435 5.17 0.47 -60.20
C GLY M 435 4.19 -0.36 -60.99
N ARG M 436 3.66 -1.42 -60.38
CA ARG M 436 2.66 -2.26 -61.00
C ARG M 436 1.27 -1.87 -60.51
N ASN M 437 0.26 -2.23 -61.31
CA ASN M 437 -1.14 -1.99 -60.94
C ASN M 437 -1.63 -3.21 -60.17
N LEU M 438 -1.64 -3.10 -58.85
CA LEU M 438 -2.01 -4.24 -58.02
C LEU M 438 -3.45 -4.66 -58.24
N ALA M 439 -4.36 -3.69 -58.35
CA ALA M 439 -5.77 -4.01 -58.57
C ALA M 439 -5.97 -4.72 -59.90
N ARG M 440 -5.05 -4.54 -60.84
CA ARG M 440 -5.15 -5.16 -62.16
C ARG M 440 -4.37 -6.47 -62.24
N GLU M 441 -3.10 -6.45 -61.83
CA GLU M 441 -2.22 -7.61 -61.97
C GLU M 441 -2.00 -8.34 -60.65
N GLY M 442 -2.97 -8.30 -59.74
CA GLY M 442 -2.82 -9.03 -58.48
C GLY M 442 -2.70 -10.52 -58.69
N GLY M 443 -3.59 -11.09 -59.52
CA GLY M 443 -3.48 -12.49 -59.85
C GLY M 443 -2.18 -12.83 -60.56
N ASP M 444 -1.68 -11.91 -61.38
CA ASP M 444 -0.39 -12.13 -62.03
C ASP M 444 0.73 -12.22 -61.01
N ILE M 445 0.77 -11.30 -60.05
CA ILE M 445 1.80 -11.31 -59.01
C ILE M 445 1.71 -12.59 -58.19
N ILE M 446 0.48 -12.97 -57.81
CA ILE M 446 0.29 -14.19 -57.05
C ILE M 446 0.77 -15.40 -57.85
N ARG M 447 0.50 -15.41 -59.15
CA ARG M 447 0.87 -16.55 -59.98
C ARG M 447 2.38 -16.69 -60.09
N GLU M 448 3.10 -15.59 -60.32
CA GLU M 448 4.56 -15.70 -60.37
C GLU M 448 5.13 -16.13 -59.02
N ALA M 449 4.58 -15.57 -57.93
CA ALA M 449 5.06 -15.96 -56.60
C ALA M 449 4.82 -17.45 -56.35
N CYS M 450 3.66 -17.96 -56.77
CA CYS M 450 3.39 -19.39 -56.65
C CYS M 450 4.38 -20.20 -57.47
N LYS M 451 4.70 -19.73 -58.67
CA LYS M 451 5.75 -20.37 -59.45
C LYS M 451 7.05 -20.43 -58.67
N TRP M 452 7.28 -19.44 -57.80
CA TRP M 452 8.47 -19.49 -56.95
C TRP M 452 8.23 -20.11 -55.57
N SER M 453 7.02 -20.01 -55.02
CA SER M 453 6.77 -20.46 -53.65
C SER M 453 5.85 -21.67 -53.64
N PRO M 454 6.31 -22.83 -53.17
CA PRO M 454 5.43 -24.01 -53.13
C PRO M 454 4.33 -23.90 -52.08
N GLU M 455 4.63 -23.34 -50.91
CA GLU M 455 3.59 -23.12 -49.91
C GLU M 455 2.48 -22.24 -50.47
N LEU M 456 2.88 -21.17 -51.17
CA LEU M 456 1.91 -20.29 -51.82
C LEU M 456 1.14 -21.03 -52.90
N ALA M 457 1.82 -21.89 -53.65
CA ALA M 457 1.14 -22.66 -54.70
C ALA M 457 0.05 -23.53 -54.12
N ALA M 458 0.36 -24.25 -53.02
CA ALA M 458 -0.64 -25.10 -52.37
C ALA M 458 -1.78 -24.25 -51.81
N ALA M 459 -1.45 -23.11 -51.20
CA ALA M 459 -2.49 -22.24 -50.65
C ALA M 459 -3.45 -21.76 -51.74
N CYS M 460 -2.89 -21.29 -52.86
CA CYS M 460 -3.71 -20.76 -53.94
C CYS M 460 -4.54 -21.83 -54.61
N GLU M 461 -3.97 -23.02 -54.80
CA GLU M 461 -4.77 -24.09 -55.39
C GLU M 461 -5.84 -24.58 -54.44
N LEU M 462 -5.65 -24.39 -53.13
CA LEU M 462 -6.68 -24.78 -52.18
C LEU M 462 -7.86 -23.81 -52.19
N TRP M 463 -7.60 -22.51 -52.25
CA TRP M 463 -8.62 -21.50 -52.03
C TRP M 463 -8.95 -20.70 -53.29
N LYS M 464 -8.68 -21.26 -54.46
CA LYS M 464 -8.84 -20.50 -55.69
C LYS M 464 -10.28 -20.06 -55.92
N GLU M 465 -11.24 -20.93 -55.59
CA GLU M 465 -12.65 -20.65 -55.85
C GLU M 465 -13.42 -20.29 -54.58
N ILE M 466 -12.77 -19.64 -53.63
CA ILE M 466 -13.40 -19.21 -52.38
C ILE M 466 -13.55 -17.70 -52.44
N LYS M 467 -14.79 -17.23 -52.28
CA LYS M 467 -15.09 -15.81 -52.51
C LYS M 467 -16.43 -15.49 -51.87
N PHE M 468 -16.44 -14.46 -51.02
CA PHE M 468 -17.66 -14.04 -50.33
C PHE M 468 -18.18 -12.77 -51.00
N GLU M 469 -19.29 -12.90 -51.71
CA GLU M 469 -19.99 -11.75 -52.28
C GLU M 469 -21.48 -11.88 -52.04
N PHE M 470 -22.06 -10.83 -51.48
CA PHE M 470 -23.49 -10.76 -51.22
C PHE M 470 -23.93 -9.32 -51.46
N ASP M 471 -25.20 -9.06 -51.22
CA ASP M 471 -25.70 -7.69 -51.26
C ASP M 471 -25.10 -6.88 -50.12
N THR M 472 -24.70 -5.65 -50.41
CA THR M 472 -24.17 -4.74 -49.40
C THR M 472 -25.34 -4.04 -48.71
N VAL M 473 -25.62 -4.44 -47.48
CA VAL M 473 -26.69 -3.81 -46.71
C VAL M 473 -26.31 -2.41 -46.25
N ASP M 474 -25.01 -2.13 -46.09
CA ASP M 474 -24.53 -0.83 -45.61
C ASP M 474 -23.64 -0.21 -46.68
N THR M 475 -24.26 0.52 -47.61
CA THR M 475 -23.52 1.18 -48.67
C THR M 475 -23.63 2.69 -48.53
N GLY N 11 -10.43 -40.92 -34.72
CA GLY N 11 -9.34 -40.12 -35.24
C GLY N 11 -9.37 -39.95 -36.74
N ALA N 12 -10.03 -38.89 -37.20
CA ALA N 12 -10.16 -38.64 -38.63
C ALA N 12 -8.91 -37.98 -39.18
N GLY N 13 -8.78 -38.02 -40.51
CA GLY N 13 -7.72 -37.31 -41.19
C GLY N 13 -8.02 -35.83 -41.31
N TYR N 14 -7.10 -35.11 -41.94
CA TYR N 14 -7.21 -33.67 -42.08
C TYR N 14 -7.58 -33.34 -43.52
N ASP N 15 -8.74 -32.69 -43.70
CA ASP N 15 -9.21 -32.26 -45.02
C ASP N 15 -9.11 -30.75 -45.10
N ALA N 16 -8.05 -30.26 -45.73
CA ALA N 16 -7.91 -28.84 -45.99
C ALA N 16 -8.91 -28.40 -47.06
N GLY N 17 -9.61 -27.30 -46.80
CA GLY N 17 -10.58 -26.76 -47.74
C GLY N 17 -11.86 -26.39 -47.04
N VAL N 18 -12.65 -25.54 -47.69
CA VAL N 18 -13.90 -25.09 -47.11
C VAL N 18 -14.96 -26.16 -47.30
N GLN N 19 -15.92 -26.18 -46.38
CA GLN N 19 -17.06 -27.10 -46.44
C GLN N 19 -18.24 -26.42 -45.76
N ASP N 20 -19.43 -26.95 -46.03
CA ASP N 20 -20.65 -26.37 -45.49
C ASP N 20 -20.65 -26.44 -43.97
N TYR N 21 -21.20 -25.40 -43.34
CA TYR N 21 -21.35 -25.38 -41.89
C TYR N 21 -22.38 -26.40 -41.42
N ARG N 22 -23.42 -26.64 -42.23
CA ARG N 22 -24.52 -27.50 -41.83
C ARG N 22 -24.08 -28.94 -41.57
N LEU N 23 -22.94 -29.37 -42.12
CA LEU N 23 -22.50 -30.73 -41.94
C LEU N 23 -22.17 -31.03 -40.48
N THR N 24 -21.52 -30.08 -39.80
CA THR N 24 -21.04 -30.30 -38.44
C THR N 24 -21.64 -29.37 -37.40
N TYR N 25 -22.58 -28.50 -37.77
CA TYR N 25 -23.12 -27.51 -36.84
C TYR N 25 -24.64 -27.45 -36.81
N TYR N 26 -25.33 -28.27 -37.59
CA TYR N 26 -26.78 -28.32 -37.57
C TYR N 26 -27.19 -29.72 -37.12
N ALA N 27 -27.58 -29.83 -35.85
CA ALA N 27 -27.98 -31.11 -35.24
C ALA N 27 -29.46 -31.01 -34.88
N PRO N 28 -30.36 -31.15 -35.85
CA PRO N 28 -31.79 -31.00 -35.57
C PRO N 28 -32.35 -32.04 -34.61
N ASP N 29 -31.67 -33.16 -34.42
CA ASP N 29 -32.13 -34.19 -33.50
C ASP N 29 -31.63 -33.98 -32.08
N TYR N 30 -30.69 -33.07 -31.87
CA TYR N 30 -30.06 -32.91 -30.57
C TYR N 30 -31.03 -32.27 -29.58
N THR N 31 -31.13 -32.87 -28.41
CA THR N 31 -31.92 -32.24 -27.35
C THR N 31 -31.00 -31.43 -26.44
N PRO N 32 -31.42 -30.25 -25.98
CA PRO N 32 -30.53 -29.42 -25.16
C PRO N 32 -30.26 -30.06 -23.80
N ARG N 33 -28.98 -30.12 -23.44
CA ARG N 33 -28.62 -30.42 -22.07
C ARG N 33 -29.10 -29.31 -21.15
N ASP N 34 -29.33 -29.64 -19.88
CA ASP N 34 -29.81 -28.63 -18.94
C ASP N 34 -28.73 -27.62 -18.56
N THR N 35 -27.46 -27.93 -18.80
CA THR N 35 -26.35 -27.01 -18.53
C THR N 35 -25.99 -26.17 -19.75
N ASP N 36 -26.67 -26.36 -20.89
CA ASP N 36 -26.36 -25.59 -22.08
C ASP N 36 -26.91 -24.17 -21.97
N ILE N 37 -26.27 -23.26 -22.68
CA ILE N 37 -26.81 -21.92 -22.91
C ILE N 37 -27.62 -21.97 -24.20
N LEU N 38 -28.88 -21.57 -24.13
CA LEU N 38 -29.77 -21.61 -25.28
C LEU N 38 -30.03 -20.20 -25.77
N ALA N 39 -29.90 -20.00 -27.08
CA ALA N 39 -30.10 -18.70 -27.70
C ALA N 39 -31.15 -18.84 -28.78
N ALA N 40 -32.12 -17.93 -28.77
CA ALA N 40 -33.13 -17.83 -29.82
C ALA N 40 -32.76 -16.68 -30.74
N PHE N 41 -32.62 -16.96 -32.02
CA PHE N 41 -32.19 -15.97 -33.00
C PHE N 41 -33.31 -15.78 -34.02
N ARG N 42 -33.73 -14.53 -34.20
CA ARG N 42 -34.56 -14.14 -35.33
C ARG N 42 -33.63 -13.86 -36.50
N MET N 43 -33.64 -14.74 -37.49
CA MET N 43 -32.65 -14.78 -38.55
C MET N 43 -33.32 -14.51 -39.88
N THR N 44 -32.77 -13.56 -40.63
CA THR N 44 -33.22 -13.26 -41.99
C THR N 44 -32.01 -13.44 -42.89
N PRO N 45 -31.94 -14.54 -43.63
CA PRO N 45 -30.80 -14.77 -44.53
C PRO N 45 -30.98 -14.06 -45.86
N GLN N 46 -29.88 -13.99 -46.60
CA GLN N 46 -29.93 -13.47 -47.96
C GLN N 46 -30.77 -14.40 -48.83
N PRO N 47 -31.43 -13.87 -49.86
CA PRO N 47 -32.12 -14.73 -50.82
C PRO N 47 -31.15 -15.76 -51.40
N GLY N 48 -31.62 -17.00 -51.50
CA GLY N 48 -30.79 -18.07 -52.03
C GLY N 48 -29.79 -18.70 -51.09
N VAL N 49 -29.79 -18.32 -49.82
CA VAL N 49 -28.95 -18.88 -48.76
C VAL N 49 -29.80 -19.85 -47.98
N PRO N 50 -29.44 -21.13 -47.87
CA PRO N 50 -30.39 -22.01 -47.12
C PRO N 50 -30.59 -21.60 -45.66
N PRO N 51 -31.86 -21.58 -45.15
CA PRO N 51 -31.96 -21.16 -43.74
C PRO N 51 -31.12 -21.99 -42.78
N GLU N 52 -31.08 -23.31 -42.97
CA GLU N 52 -30.33 -24.17 -42.06
C GLU N 52 -28.84 -23.91 -42.16
N GLU N 53 -28.35 -23.65 -43.37
CA GLU N 53 -26.96 -23.25 -43.51
C GLU N 53 -26.68 -21.93 -42.81
N CYS N 54 -27.62 -20.99 -42.87
CA CYS N 54 -27.45 -19.71 -42.19
C CYS N 54 -27.37 -19.90 -40.68
N ALA N 55 -28.25 -20.73 -40.13
CA ALA N 55 -28.23 -21.01 -38.69
C ALA N 55 -26.97 -21.76 -38.29
N ALA N 56 -26.51 -22.68 -39.14
CA ALA N 56 -25.27 -23.39 -38.86
C ALA N 56 -24.09 -22.43 -38.86
N ALA N 57 -24.09 -21.47 -39.77
CA ALA N 57 -23.04 -20.44 -39.76
C ALA N 57 -23.09 -19.62 -38.49
N VAL N 58 -24.30 -19.28 -38.04
CA VAL N 58 -24.43 -18.54 -36.78
C VAL N 58 -23.83 -19.34 -35.64
N ALA N 59 -24.20 -20.62 -35.53
CA ALA N 59 -23.69 -21.45 -34.44
C ALA N 59 -22.18 -21.63 -34.52
N ALA N 60 -21.66 -21.86 -35.73
CA ALA N 60 -20.23 -22.11 -35.89
C ALA N 60 -19.40 -20.86 -35.56
N GLU N 61 -19.77 -19.72 -36.15
CA GLU N 61 -19.01 -18.51 -35.91
C GLU N 61 -19.24 -17.97 -34.51
N SER N 62 -20.30 -18.39 -33.83
CA SER N 62 -20.48 -18.00 -32.45
C SER N 62 -19.80 -18.93 -31.45
N SER N 63 -19.46 -20.17 -31.85
CA SER N 63 -18.78 -21.08 -30.92
C SER N 63 -17.36 -21.42 -31.36
N THR N 64 -17.18 -22.14 -32.47
CA THR N 64 -15.85 -22.61 -32.85
C THR N 64 -15.56 -22.50 -34.34
N GLY N 65 -16.57 -22.31 -35.19
CA GLY N 65 -16.38 -22.49 -36.61
C GLY N 65 -15.52 -21.39 -37.23
N THR N 66 -14.72 -21.80 -38.20
CA THR N 66 -14.01 -20.88 -39.08
C THR N 66 -14.51 -21.10 -40.51
N TRP N 67 -14.11 -20.22 -41.42
CA TRP N 67 -14.62 -20.30 -42.78
C TRP N 67 -14.14 -21.55 -43.49
N THR N 68 -12.88 -21.93 -43.29
CA THR N 68 -12.33 -23.17 -43.84
C THR N 68 -11.93 -24.10 -42.71
N THR N 69 -11.56 -25.32 -43.08
CA THR N 69 -11.17 -26.32 -42.09
C THR N 69 -9.74 -26.08 -41.61
N VAL N 70 -9.53 -26.21 -40.30
CA VAL N 70 -8.23 -26.04 -39.68
C VAL N 70 -7.81 -27.38 -39.08
N TRP N 71 -6.53 -27.72 -39.24
CA TRP N 71 -6.02 -29.01 -38.77
C TRP N 71 -5.96 -29.07 -37.25
N THR N 72 -5.98 -27.93 -36.57
CA THR N 72 -5.98 -27.93 -35.12
C THR N 72 -7.31 -28.33 -34.52
N ASP N 73 -8.36 -28.43 -35.35
CA ASP N 73 -9.61 -29.00 -34.88
C ASP N 73 -9.44 -30.45 -34.48
N LEU N 74 -8.49 -31.16 -35.11
CA LEU N 74 -8.33 -32.57 -34.85
C LEU N 74 -7.64 -32.84 -33.52
N LEU N 75 -6.77 -31.93 -33.06
CA LEU N 75 -6.16 -32.12 -31.76
C LEU N 75 -7.07 -31.62 -30.64
N THR N 76 -8.33 -32.04 -30.68
CA THR N 76 -9.39 -31.59 -29.79
C THR N 76 -10.58 -32.53 -29.86
N ASP N 77 -11.52 -32.41 -28.92
CA ASP N 77 -12.83 -33.03 -29.07
C ASP N 77 -13.81 -31.92 -29.44
N MET N 78 -14.04 -31.76 -30.73
CA MET N 78 -14.86 -30.67 -31.25
C MET N 78 -16.31 -30.77 -30.80
N ASP N 79 -16.87 -31.98 -30.76
CA ASP N 79 -18.28 -32.14 -30.46
C ASP N 79 -18.62 -31.71 -29.03
N ARG N 80 -17.62 -31.57 -28.16
CA ARG N 80 -17.88 -31.13 -26.80
C ARG N 80 -17.85 -29.61 -26.65
N TYR N 81 -17.46 -28.88 -27.67
CA TYR N 81 -17.43 -27.42 -27.65
C TYR N 81 -18.29 -26.76 -28.71
N ARG N 82 -18.59 -27.46 -29.80
CA ARG N 82 -19.30 -26.85 -30.92
C ARG N 82 -20.70 -26.40 -30.51
N GLY N 83 -21.06 -25.20 -30.93
CA GLY N 83 -22.45 -24.78 -30.81
C GLY N 83 -23.29 -25.47 -31.88
N ARG N 84 -24.48 -25.89 -31.48
CA ARG N 84 -25.35 -26.65 -32.37
C ARG N 84 -26.69 -25.95 -32.48
N CYS N 85 -27.18 -25.80 -33.71
CA CYS N 85 -28.54 -25.34 -33.95
C CYS N 85 -29.45 -26.56 -33.94
N TYR N 86 -30.22 -26.72 -32.85
CA TYR N 86 -31.04 -27.90 -32.68
C TYR N 86 -32.48 -27.69 -33.12
N ASP N 87 -32.81 -26.52 -33.68
CA ASP N 87 -34.16 -26.25 -34.13
C ASP N 87 -34.18 -25.00 -34.99
N ILE N 88 -34.98 -25.02 -36.06
CA ILE N 88 -35.29 -23.84 -36.86
C ILE N 88 -36.77 -23.88 -37.16
N GLU N 89 -37.49 -22.83 -36.80
CA GLU N 89 -38.90 -22.76 -37.13
C GLU N 89 -39.24 -21.42 -37.75
N PRO N 90 -39.90 -21.41 -38.92
CA PRO N 90 -40.27 -20.14 -39.56
C PRO N 90 -41.17 -19.28 -38.68
N VAL N 91 -40.92 -17.99 -38.72
CA VAL N 91 -41.73 -16.98 -38.02
C VAL N 91 -43.03 -16.80 -38.81
N PRO N 92 -44.18 -16.67 -38.15
CA PRO N 92 -45.43 -16.46 -38.90
C PRO N 92 -45.38 -15.18 -39.71
N GLY N 93 -45.95 -15.24 -40.92
CA GLY N 93 -46.02 -14.09 -41.79
C GLY N 93 -44.67 -13.57 -42.23
N GLU N 94 -43.73 -14.47 -42.53
CA GLU N 94 -42.38 -14.08 -42.91
C GLU N 94 -41.88 -14.97 -44.04
N ASP N 95 -41.52 -14.37 -45.16
CA ASP N 95 -40.97 -15.14 -46.26
C ASP N 95 -39.57 -15.65 -45.97
N ASN N 96 -38.77 -14.90 -45.22
CA ASN N 96 -37.38 -15.26 -45.01
C ASN N 96 -36.91 -14.99 -43.58
N GLN N 97 -37.79 -15.14 -42.59
CA GLN N 97 -37.44 -14.89 -41.20
C GLN N 97 -37.77 -16.10 -40.36
N TYR N 98 -36.76 -16.64 -39.67
CA TYR N 98 -36.90 -17.88 -38.91
C TYR N 98 -36.33 -17.71 -37.52
N ILE N 99 -36.93 -18.37 -36.54
CA ILE N 99 -36.35 -18.45 -35.20
C ILE N 99 -35.51 -19.71 -35.13
N ALA N 100 -34.22 -19.54 -34.91
CA ALA N 100 -33.26 -20.63 -34.76
C ALA N 100 -32.86 -20.76 -33.30
N TYR N 101 -32.93 -21.96 -32.77
CA TYR N 101 -32.54 -22.26 -31.40
C TYR N 101 -31.17 -22.91 -31.42
N VAL N 102 -30.19 -22.23 -30.82
CA VAL N 102 -28.80 -22.70 -30.81
C VAL N 102 -28.40 -23.01 -29.38
N ALA N 103 -27.76 -24.17 -29.18
CA ALA N 103 -27.35 -24.62 -27.87
C ALA N 103 -25.82 -24.62 -27.79
N TYR N 104 -25.30 -24.01 -26.74
CA TYR N 104 -23.88 -23.89 -26.54
C TYR N 104 -23.48 -24.65 -25.28
N PRO N 105 -22.42 -25.45 -25.33
CA PRO N 105 -21.95 -26.13 -24.12
C PRO N 105 -21.55 -25.12 -23.04
N LEU N 106 -21.77 -25.51 -21.79
CA LEU N 106 -21.37 -24.68 -20.66
C LEU N 106 -19.86 -24.45 -20.65
N ASP N 107 -19.09 -25.32 -21.29
CA ASP N 107 -17.63 -25.24 -21.27
C ASP N 107 -17.09 -24.05 -22.06
N LEU N 108 -17.91 -23.43 -22.91
CA LEU N 108 -17.43 -22.37 -23.79
C LEU N 108 -17.26 -21.03 -23.10
N PHE N 109 -17.89 -20.82 -21.95
CA PHE N 109 -18.02 -19.48 -21.40
C PHE N 109 -17.23 -19.33 -20.13
N GLU N 110 -16.62 -18.16 -19.96
CA GLU N 110 -15.91 -17.86 -18.73
C GLU N 110 -16.90 -17.66 -17.59
N GLU N 111 -16.64 -18.32 -16.48
CA GLU N 111 -17.52 -18.24 -15.32
C GLU N 111 -17.58 -16.81 -14.79
N GLY N 112 -18.80 -16.34 -14.53
CA GLY N 112 -18.98 -15.03 -13.93
C GLY N 112 -18.72 -13.84 -14.83
N SER N 113 -18.61 -14.05 -16.14
CA SER N 113 -18.30 -12.98 -17.08
C SER N 113 -19.46 -12.81 -18.05
N VAL N 114 -20.24 -11.73 -17.88
CA VAL N 114 -21.25 -11.38 -18.87
C VAL N 114 -20.59 -10.93 -20.16
N THR N 115 -19.46 -10.23 -20.04
CA THR N 115 -18.73 -9.75 -21.22
C THR N 115 -18.36 -10.90 -22.13
N ASN N 116 -17.82 -11.98 -21.56
CA ASN N 116 -17.42 -13.13 -22.37
C ASN N 116 -18.63 -13.81 -23.00
N LEU N 117 -19.73 -13.93 -22.26
CA LEU N 117 -20.95 -14.51 -22.80
C LEU N 117 -21.42 -13.75 -24.03
N LEU N 118 -21.47 -12.41 -23.93
CA LEU N 118 -21.92 -11.60 -25.07
C LEU N 118 -20.92 -11.64 -26.21
N THR N 119 -19.62 -11.63 -25.91
CA THR N 119 -18.62 -11.69 -26.95
C THR N 119 -18.71 -13.00 -27.72
N SER N 120 -19.01 -14.10 -27.03
CA SER N 120 -19.21 -15.37 -27.72
C SER N 120 -20.49 -15.34 -28.55
N LEU N 121 -21.59 -14.88 -27.95
CA LEU N 121 -22.88 -14.95 -28.62
C LEU N 121 -23.01 -13.91 -29.72
N VAL N 122 -22.92 -12.62 -29.35
CA VAL N 122 -23.22 -11.53 -30.25
C VAL N 122 -21.94 -10.90 -30.81
N GLY N 123 -20.84 -11.64 -30.84
CA GLY N 123 -19.54 -11.10 -31.23
C GLY N 123 -19.44 -10.64 -32.67
N ASN N 124 -19.53 -11.57 -33.63
CA ASN N 124 -19.38 -11.21 -35.03
C ASN N 124 -20.40 -11.85 -35.95
N VAL N 125 -21.33 -12.66 -35.43
CA VAL N 125 -22.28 -13.33 -36.30
C VAL N 125 -23.31 -12.36 -36.87
N PHE N 126 -23.53 -11.22 -36.22
CA PHE N 126 -24.51 -10.26 -36.71
C PHE N 126 -24.06 -9.56 -37.98
N GLY N 127 -22.79 -9.69 -38.36
CA GLY N 127 -22.32 -9.08 -39.59
C GLY N 127 -21.95 -10.10 -40.65
N PHE N 128 -22.51 -11.30 -40.55
CA PHE N 128 -22.25 -12.32 -41.56
C PHE N 128 -22.85 -11.90 -42.90
N LYS N 129 -22.05 -12.01 -43.97
CA LYS N 129 -22.49 -11.55 -45.27
C LYS N 129 -23.69 -12.33 -45.78
N ALA N 130 -23.74 -13.64 -45.50
CA ALA N 130 -24.87 -14.47 -45.88
C ALA N 130 -26.13 -14.15 -45.08
N LEU N 131 -26.01 -13.34 -44.04
CA LEU N 131 -27.13 -12.93 -43.20
C LEU N 131 -27.59 -11.53 -43.60
N ARG N 132 -28.90 -11.33 -43.66
CA ARG N 132 -29.42 -9.98 -43.88
C ARG N 132 -29.73 -9.30 -42.56
N ALA N 133 -30.37 -10.00 -41.63
CA ALA N 133 -30.70 -9.40 -40.34
C ALA N 133 -30.65 -10.47 -39.26
N LEU N 134 -30.19 -10.09 -38.07
CA LEU N 134 -30.14 -11.03 -36.96
C LEU N 134 -30.54 -10.31 -35.69
N ARG N 135 -31.41 -10.95 -34.91
CA ARG N 135 -31.81 -10.45 -33.61
C ARG N 135 -31.66 -11.55 -32.59
N LEU N 136 -31.03 -11.26 -31.47
CA LEU N 136 -30.97 -12.20 -30.35
C LEU N 136 -32.19 -11.94 -29.48
N GLU N 137 -33.18 -12.83 -29.56
CA GLU N 137 -34.44 -12.60 -28.88
C GLU N 137 -34.37 -12.98 -27.40
N ASP N 138 -33.85 -14.16 -27.09
CA ASP N 138 -33.90 -14.66 -25.73
C ASP N 138 -32.67 -15.50 -25.44
N LEU N 139 -32.43 -15.72 -24.15
CA LEU N 139 -31.28 -16.49 -23.69
C LEU N 139 -31.71 -17.36 -22.53
N ARG N 140 -31.42 -18.65 -22.61
CA ARG N 140 -31.56 -19.55 -21.47
C ARG N 140 -30.21 -19.65 -20.80
N ILE N 141 -30.10 -19.06 -19.61
CA ILE N 141 -28.89 -19.16 -18.80
C ILE N 141 -29.08 -20.33 -17.84
N PRO N 142 -28.29 -21.39 -17.96
CA PRO N 142 -28.45 -22.54 -17.07
C PRO N 142 -28.10 -22.17 -15.64
N VAL N 143 -28.68 -22.94 -14.71
CA VAL N 143 -28.46 -22.69 -13.29
C VAL N 143 -26.97 -22.79 -12.95
N ALA N 144 -26.27 -23.73 -13.57
CA ALA N 144 -24.84 -23.90 -13.31
C ALA N 144 -24.06 -22.65 -13.73
N TYR N 145 -24.47 -22.00 -14.81
CA TYR N 145 -23.80 -20.76 -15.18
C TYR N 145 -24.23 -19.61 -14.28
N VAL N 146 -25.51 -19.57 -13.90
CA VAL N 146 -26.01 -18.51 -13.03
C VAL N 146 -25.25 -18.50 -11.70
N LYS N 147 -24.89 -19.68 -11.21
CA LYS N 147 -24.21 -19.77 -9.92
C LYS N 147 -22.84 -19.11 -9.92
N THR N 148 -22.22 -18.93 -11.09
CA THR N 148 -20.89 -18.34 -11.15
C THR N 148 -20.91 -16.81 -11.06
N PHE N 149 -22.08 -16.19 -11.10
CA PHE N 149 -22.18 -14.73 -11.04
C PHE N 149 -22.57 -14.29 -9.64
N GLN N 150 -22.23 -13.05 -9.31
CA GLN N 150 -22.69 -12.47 -8.05
C GLN N 150 -24.17 -12.13 -8.11
N GLY N 151 -24.66 -11.72 -9.28
CA GLY N 151 -26.00 -11.24 -9.41
C GLY N 151 -26.09 -9.82 -8.90
N PRO N 152 -27.30 -9.36 -8.60
CA PRO N 152 -27.47 -8.04 -8.02
C PRO N 152 -26.69 -7.94 -6.72
N PRO N 153 -26.08 -6.79 -6.45
CA PRO N 153 -25.37 -6.63 -5.17
C PRO N 153 -26.28 -6.88 -3.97
N HIS N 154 -27.52 -6.43 -4.03
CA HIS N 154 -28.49 -6.68 -2.96
C HIS N 154 -29.76 -7.37 -3.45
N GLY N 155 -30.41 -6.84 -4.47
CA GLY N 155 -31.68 -7.37 -4.91
C GLY N 155 -32.86 -6.67 -4.25
N ILE N 156 -34.05 -7.06 -4.69
CA ILE N 156 -35.26 -6.31 -4.33
C ILE N 156 -35.51 -6.35 -2.83
N GLN N 157 -35.50 -7.55 -2.24
CA GLN N 157 -35.90 -7.68 -0.85
C GLN N 157 -34.87 -7.07 0.09
N VAL N 158 -33.58 -7.29 -0.19
CA VAL N 158 -32.54 -6.68 0.63
C VAL N 158 -32.58 -5.16 0.49
N GLU N 159 -32.85 -4.66 -0.72
CA GLU N 159 -32.97 -3.22 -0.89
C GLU N 159 -34.13 -2.65 -0.08
N ARG N 160 -35.28 -3.31 -0.13
CA ARG N 160 -36.44 -2.86 0.63
C ARG N 160 -36.15 -2.89 2.13
N ASP N 161 -35.44 -3.91 2.59
CA ASP N 161 -35.04 -3.97 3.99
C ASP N 161 -34.10 -2.82 4.34
N ARG N 162 -33.17 -2.50 3.44
CA ARG N 162 -32.16 -1.48 3.74
C ARG N 162 -32.75 -0.08 3.75
N ILE N 163 -33.67 0.23 2.82
CA ILE N 163 -34.28 1.56 2.80
C ILE N 163 -35.57 1.61 3.60
N ASN N 164 -35.97 0.49 4.21
CA ASN N 164 -37.12 0.47 5.13
C ASN N 164 -38.38 0.97 4.43
N LYS N 165 -38.63 0.47 3.23
CA LYS N 165 -39.76 0.90 2.41
C LYS N 165 -40.52 -0.33 1.94
N TYR N 166 -41.78 -0.45 2.36
CA TYR N 166 -42.58 -1.62 2.05
C TYR N 166 -43.98 -1.21 1.63
N GLY N 167 -44.61 -2.06 0.82
CA GLY N 167 -46.02 -1.98 0.53
C GLY N 167 -46.43 -1.07 -0.62
N ARG N 168 -45.49 -0.50 -1.35
CA ARG N 168 -45.83 0.39 -2.45
C ARG N 168 -44.64 0.46 -3.40
N PRO N 169 -44.86 0.87 -4.64
CA PRO N 169 -43.73 1.21 -5.51
C PRO N 169 -42.99 2.41 -4.94
N LEU N 170 -41.70 2.47 -5.22
CA LEU N 170 -40.91 3.63 -4.84
C LEU N 170 -41.13 4.74 -5.86
N LEU N 171 -40.84 5.97 -5.44
CA LEU N 171 -41.02 7.14 -6.29
C LEU N 171 -39.68 7.86 -6.45
N GLY N 172 -39.38 8.24 -7.69
CA GLY N 172 -38.15 8.94 -8.01
C GLY N 172 -38.40 10.05 -9.01
N CYS N 173 -37.33 10.78 -9.30
CA CYS N 173 -37.37 11.83 -10.29
C CYS N 173 -35.96 12.15 -10.74
N THR N 174 -35.81 12.46 -12.02
CA THR N 174 -34.58 12.99 -12.57
C THR N 174 -34.64 14.51 -12.51
N ILE N 175 -33.56 15.11 -12.00
CA ILE N 175 -33.49 16.56 -11.94
C ILE N 175 -33.35 17.11 -13.35
N LYS N 176 -34.23 18.02 -13.72
CA LYS N 176 -34.23 18.66 -15.02
C LYS N 176 -33.91 20.15 -14.85
N PRO N 177 -33.25 20.77 -15.84
CA PRO N 177 -32.76 20.22 -17.12
C PRO N 177 -31.69 19.15 -16.94
N LYS N 178 -31.46 18.33 -17.96
CA LYS N 178 -30.44 17.30 -17.87
C LYS N 178 -29.09 17.91 -17.55
N LEU N 179 -28.58 18.75 -18.44
CA LEU N 179 -27.29 19.41 -18.25
C LEU N 179 -27.49 20.91 -18.23
N GLY N 180 -26.72 21.59 -17.38
CA GLY N 180 -26.76 23.03 -17.30
C GLY N 180 -26.79 23.58 -15.89
N LEU N 181 -27.41 22.85 -14.98
CA LEU N 181 -27.58 23.33 -13.61
C LEU N 181 -26.25 23.28 -12.85
N SER N 182 -26.03 24.27 -12.01
CA SER N 182 -24.89 24.23 -11.12
C SER N 182 -25.10 23.21 -10.01
N ALA N 183 -24.01 22.81 -9.36
CA ALA N 183 -24.10 21.79 -8.32
C ALA N 183 -25.03 22.23 -7.19
N LYS N 184 -24.93 23.49 -6.77
CA LYS N 184 -25.75 23.96 -5.66
C LYS N 184 -27.23 24.01 -6.03
N ASN N 185 -27.55 24.55 -7.21
CA ASN N 185 -28.95 24.57 -7.63
C ASN N 185 -29.48 23.16 -7.85
N TYR N 186 -28.63 22.27 -8.35
CA TYR N 186 -28.99 20.87 -8.48
C TYR N 186 -29.36 20.28 -7.12
N GLY N 187 -28.53 20.51 -6.11
CA GLY N 187 -28.85 20.03 -4.78
C GLY N 187 -30.11 20.66 -4.21
N ARG N 188 -30.36 21.93 -4.51
CA ARG N 188 -31.59 22.56 -4.06
C ARG N 188 -32.82 21.91 -4.68
N ALA N 189 -32.75 21.64 -5.99
CA ALA N 189 -33.84 20.92 -6.65
C ALA N 189 -34.03 19.52 -6.05
N VAL N 190 -32.91 18.85 -5.76
CA VAL N 190 -32.98 17.54 -5.12
C VAL N 190 -33.69 17.66 -3.78
N TYR N 191 -33.34 18.67 -2.98
CA TYR N 191 -33.97 18.84 -1.68
C TYR N 191 -35.46 19.09 -1.81
N GLU N 192 -35.84 19.97 -2.74
CA GLU N 192 -37.26 20.29 -2.89
C GLU N 192 -38.05 19.07 -3.36
N CYS N 193 -37.49 18.29 -4.29
CA CYS N 193 -38.15 17.06 -4.71
C CYS N 193 -38.27 16.06 -3.56
N LEU N 194 -37.19 15.88 -2.80
CA LEU N 194 -37.18 14.83 -1.78
C LEU N 194 -38.08 15.19 -0.61
N ARG N 195 -38.08 16.46 -0.19
CA ARG N 195 -38.92 16.85 0.93
C ARG N 195 -40.41 16.79 0.60
N GLY N 196 -40.76 16.74 -0.69
CA GLY N 196 -42.15 16.64 -1.08
C GLY N 196 -42.74 15.24 -1.02
N GLY N 197 -41.90 14.21 -0.88
CA GLY N 197 -42.43 12.86 -0.77
C GLY N 197 -41.81 11.82 -1.67
N LEU N 198 -40.92 12.25 -2.57
CA LEU N 198 -40.21 11.29 -3.40
C LEU N 198 -39.21 10.51 -2.57
N ASP N 199 -39.19 9.19 -2.76
CA ASP N 199 -38.17 8.37 -2.12
C ASP N 199 -36.78 8.68 -2.66
N PHE N 200 -36.68 8.89 -3.97
CA PHE N 200 -35.39 9.01 -4.62
C PHE N 200 -35.40 10.21 -5.57
N THR N 201 -34.21 10.75 -5.78
CA THR N 201 -33.97 11.62 -6.91
C THR N 201 -32.83 10.95 -7.67
N ASP N 203 -29.46 11.44 -10.87
CA ASP N 203 -28.70 12.15 -11.89
C ASP N 203 -29.17 11.75 -13.27
N ASP N 204 -29.24 12.72 -14.17
CA ASP N 204 -29.40 12.38 -15.57
C ASP N 204 -28.19 11.57 -16.04
N GLU N 205 -28.45 10.62 -16.93
CA GLU N 205 -27.40 9.72 -17.39
C GLU N 205 -26.26 10.45 -18.08
N ASN N 206 -26.50 11.69 -18.53
CA ASN N 206 -25.44 12.51 -19.12
C ASN N 206 -24.61 13.24 -18.07
N ILE N 207 -25.16 13.46 -16.88
CA ILE N 207 -24.49 14.16 -15.80
C ILE N 207 -23.43 13.22 -15.22
N ASN N 208 -22.17 13.39 -15.63
CA ASN N 208 -21.08 12.69 -14.97
C ASN N 208 -20.14 13.66 -14.27
N SER N 209 -19.46 14.52 -15.02
CA SER N 209 -18.66 15.60 -14.45
C SER N 209 -18.39 16.58 -15.59
N GLN N 210 -19.01 17.75 -15.53
CA GLN N 210 -18.96 18.69 -16.63
C GLN N 210 -18.43 20.02 -16.14
N PRO N 211 -17.99 20.90 -17.06
CA PRO N 211 -17.48 22.21 -16.61
C PRO N 211 -18.47 23.02 -15.79
N PHE N 212 -19.76 22.97 -16.13
CA PHE N 212 -20.75 23.69 -15.33
C PHE N 212 -21.04 23.01 -14.00
N GLN N 213 -20.64 21.75 -13.84
CA GLN N 213 -20.97 21.01 -12.63
C GLN N 213 -19.94 19.90 -12.43
N ARG N 214 -18.99 20.13 -11.53
CA ARG N 214 -18.07 19.08 -11.17
C ARG N 214 -18.77 18.04 -10.30
N TRP N 215 -18.36 16.79 -10.47
CA TRP N 215 -19.07 15.70 -9.81
C TRP N 215 -18.92 15.75 -8.30
N ARG N 216 -17.78 16.21 -7.79
CA ARG N 216 -17.59 16.23 -6.34
C ARG N 216 -18.49 17.26 -5.69
N ASP N 217 -18.63 18.44 -6.31
CA ASP N 217 -19.54 19.44 -5.79
C ASP N 217 -20.99 18.95 -5.83
N ARG N 218 -21.37 18.29 -6.93
CA ARG N 218 -22.70 17.70 -7.02
C ARG N 218 -22.93 16.70 -5.90
N PHE N 219 -21.95 15.82 -5.67
CA PHE N 219 -22.07 14.81 -4.62
C PHE N 219 -22.27 15.47 -3.26
N LEU N 220 -21.44 16.47 -2.95
CA LEU N 220 -21.56 17.15 -1.66
C LEU N 220 -22.93 17.79 -1.49
N PHE N 221 -23.37 18.56 -2.48
CA PHE N 221 -24.64 19.28 -2.33
C PHE N 221 -25.82 18.32 -2.30
N VAL N 222 -25.77 17.26 -3.09
CA VAL N 222 -26.83 16.26 -3.08
C VAL N 222 -26.89 15.57 -1.73
N ALA N 223 -25.73 15.22 -1.16
CA ALA N 223 -25.71 14.59 0.15
C ALA N 223 -26.33 15.51 1.20
N ASP N 224 -26.01 16.80 1.14
CA ASP N 224 -26.61 17.74 2.09
C ASP N 224 -28.12 17.83 1.92
N ALA N 225 -28.59 17.88 0.67
CA ALA N 225 -30.03 17.93 0.43
C ALA N 225 -30.72 16.68 0.94
N ILE N 226 -30.08 15.52 0.74
CA ILE N 226 -30.62 14.26 1.24
C ILE N 226 -30.72 14.29 2.75
N HIS N 227 -29.68 14.77 3.43
CA HIS N 227 -29.74 14.85 4.89
C HIS N 227 -30.85 15.79 5.35
N LYS N 228 -30.97 16.94 4.70
CA LYS N 228 -32.00 17.90 5.10
C LYS N 228 -33.40 17.31 4.92
N SER N 229 -33.66 16.71 3.77
CA SER N 229 -35.00 16.17 3.50
C SER N 229 -35.29 14.96 4.38
N GLN N 230 -34.29 14.13 4.66
CA GLN N 230 -34.47 13.02 5.59
C GLN N 230 -34.81 13.52 6.98
N ALA N 231 -34.12 14.57 7.43
CA ALA N 231 -34.42 15.16 8.73
C ALA N 231 -35.82 15.73 8.76
N GLU N 232 -36.27 16.31 7.65
CA GLU N 232 -37.59 16.94 7.62
C GLU N 232 -38.70 15.89 7.60
N THR N 233 -38.71 15.04 6.58
CA THR N 233 -39.80 14.09 6.40
C THR N 233 -39.74 12.91 7.35
N GLY N 234 -38.55 12.53 7.81
CA GLY N 234 -38.43 11.34 8.63
C GLY N 234 -38.54 10.05 7.85
N GLU N 235 -38.27 10.10 6.55
CA GLU N 235 -38.24 8.92 5.70
C GLU N 235 -36.88 8.82 5.06
N ILE N 236 -36.45 7.60 4.75
CA ILE N 236 -35.19 7.39 4.06
C ILE N 236 -35.27 8.05 2.70
N LYS N 237 -34.39 9.02 2.45
CA LYS N 237 -34.30 9.69 1.17
C LYS N 237 -33.00 9.27 0.48
N GLY N 238 -33.04 9.23 -0.84
CA GLY N 238 -31.87 8.82 -1.60
C GLY N 238 -31.77 9.60 -2.87
N HIS N 239 -30.58 9.56 -3.46
CA HIS N 239 -30.36 10.14 -4.77
C HIS N 239 -29.39 9.26 -5.53
N TYR N 240 -29.81 8.77 -6.69
CA TYR N 240 -28.91 7.97 -7.52
C TYR N 240 -27.79 8.88 -8.00
N LEU N 241 -26.59 8.64 -7.51
CA LEU N 241 -25.42 9.41 -7.93
C LEU N 241 -24.76 8.70 -9.09
N ASN N 242 -24.75 9.35 -10.25
CA ASN N 242 -24.13 8.78 -11.44
C ASN N 242 -22.62 8.71 -11.20
N VAL N 243 -22.09 7.49 -11.08
CA VAL N 243 -20.67 7.28 -10.97
C VAL N 243 -20.05 6.87 -12.30
N THR N 244 -20.83 6.85 -13.38
CA THR N 244 -20.30 6.54 -14.70
C THR N 244 -19.19 7.52 -15.03
N ALA N 245 -18.04 6.98 -15.45
CA ALA N 245 -16.86 7.78 -15.65
C ALA N 245 -16.10 7.27 -16.87
N ALA N 246 -15.06 8.03 -17.24
CA ALA N 246 -14.24 7.66 -18.39
C ALA N 246 -13.47 6.38 -18.13
N THR N 247 -12.96 6.20 -16.92
CA THR N 247 -12.13 5.06 -16.58
C THR N 247 -12.67 4.38 -15.34
N CYS N 248 -12.19 3.16 -15.11
CA CYS N 248 -12.61 2.41 -13.94
C CYS N 248 -12.07 3.03 -12.66
N GLU N 249 -10.87 3.61 -12.71
CA GLU N 249 -10.34 4.32 -11.56
C GLU N 249 -11.21 5.51 -11.20
N GLU N 250 -11.66 6.28 -12.19
CA GLU N 250 -12.51 7.43 -11.92
C GLU N 250 -13.88 7.00 -11.42
N MET N 251 -14.45 5.94 -11.99
CA MET N 251 -15.71 5.40 -11.49
C MET N 251 -15.57 4.95 -10.04
N MET N 252 -14.46 4.29 -9.72
CA MET N 252 -14.24 3.82 -8.36
C MET N 252 -14.03 4.99 -7.39
N LYS N 253 -13.35 6.05 -7.83
CA LYS N 253 -13.22 7.24 -6.99
C LYS N 253 -14.58 7.87 -6.72
N ARG N 254 -15.42 7.98 -7.74
CA ARG N 254 -16.75 8.55 -7.53
C ARG N 254 -17.59 7.67 -6.60
N ALA N 255 -17.52 6.35 -6.79
CA ALA N 255 -18.23 5.44 -5.90
C ALA N 255 -17.72 5.54 -4.46
N ALA N 256 -16.40 5.64 -4.29
CA ALA N 256 -15.83 5.74 -2.96
C ALA N 256 -16.25 7.04 -2.28
N TYR N 257 -16.29 8.14 -3.03
CA TYR N 257 -16.78 9.39 -2.44
C TYR N 257 -18.25 9.31 -2.09
N ALA N 258 -19.06 8.65 -2.94
CA ALA N 258 -20.46 8.45 -2.59
C ALA N 258 -20.60 7.64 -1.30
N LYS N 259 -19.76 6.63 -1.14
CA LYS N 259 -19.73 5.87 0.11
C LYS N 259 -19.31 6.75 1.28
N GLU N 260 -18.30 7.60 1.08
CA GLU N 260 -17.82 8.48 2.13
C GLU N 260 -18.91 9.44 2.60
N LEU N 261 -19.70 9.96 1.67
CA LEU N 261 -20.82 10.83 2.00
C LEU N 261 -22.03 10.07 2.51
N GLU N 262 -21.87 8.78 2.84
CA GLU N 262 -22.93 7.96 3.38
C GLU N 262 -24.14 7.92 2.46
N MET N 263 -23.88 7.80 1.16
CA MET N 263 -24.97 7.68 0.21
C MET N 263 -25.40 6.22 0.09
N PRO N 264 -26.71 5.96 0.01
CA PRO N 264 -27.18 4.57 -0.06
C PRO N 264 -27.19 3.95 -1.45
N ILE N 265 -27.06 4.73 -2.51
CA ILE N 265 -27.26 4.19 -3.86
C ILE N 265 -26.46 5.01 -4.85
N VAL N 266 -25.92 4.31 -5.86
CA VAL N 266 -25.21 4.93 -6.97
C VAL N 266 -25.81 4.41 -8.27
N MET N 267 -25.61 5.17 -9.33
CA MET N 267 -26.16 4.83 -10.64
C MET N 267 -25.03 4.60 -11.63
N HIS N 268 -25.26 3.72 -12.59
CA HIS N 268 -24.29 3.44 -13.64
C HIS N 268 -25.02 3.12 -14.94
N ASP N 269 -24.41 3.52 -16.06
CA ASP N 269 -24.88 3.14 -17.37
C ASP N 269 -24.13 1.90 -17.81
N PHE N 270 -24.80 0.74 -17.77
CA PHE N 270 -24.11 -0.53 -17.99
C PHE N 270 -23.75 -0.78 -19.46
N LEU N 271 -24.31 -0.03 -20.40
CA LEU N 271 -24.00 -0.23 -21.81
C LEU N 271 -22.97 0.76 -22.32
N THR N 272 -23.17 2.06 -22.09
CA THR N 272 -22.15 3.02 -22.46
C THR N 272 -20.93 2.91 -21.56
N GLY N 273 -21.14 2.68 -20.26
CA GLY N 273 -20.02 2.39 -19.37
C GLY N 273 -19.40 1.04 -19.69
N GLY N 274 -20.21 0.04 -19.96
CA GLY N 274 -19.72 -1.28 -20.30
C GLY N 274 -19.97 -2.29 -19.19
N PHE N 275 -19.96 -3.56 -19.59
CA PHE N 275 -20.24 -4.64 -18.64
C PHE N 275 -19.04 -4.94 -17.75
N THR N 276 -17.82 -4.72 -18.22
CA THR N 276 -16.66 -4.90 -17.35
C THR N 276 -16.73 -3.96 -16.16
N ALA N 277 -16.90 -2.67 -16.44
CA ALA N 277 -17.01 -1.67 -15.39
C ALA N 277 -18.26 -1.88 -14.56
N ASN N 278 -19.35 -2.33 -15.20
CA ASN N 278 -20.57 -2.59 -14.45
C ASN N 278 -20.38 -3.70 -13.43
N THR N 279 -19.73 -4.80 -13.85
CA THR N 279 -19.49 -5.90 -12.91
C THR N 279 -18.52 -5.48 -11.82
N THR N 280 -17.49 -4.70 -12.17
CA THR N 280 -16.61 -4.13 -11.17
C THR N 280 -17.39 -3.34 -10.14
N LEU N 281 -18.27 -2.46 -10.61
CA LEU N 281 -19.03 -1.60 -9.71
C LEU N 281 -20.03 -2.41 -8.89
N ALA N 282 -20.61 -3.46 -9.48
CA ALA N 282 -21.56 -4.30 -8.74
C ALA N 282 -20.86 -5.06 -7.63
N HIS N 283 -19.67 -5.60 -7.91
CA HIS N 283 -18.89 -6.25 -6.86
C HIS N 283 -18.50 -5.26 -5.78
N TRP N 284 -18.07 -4.05 -6.18
CA TRP N 284 -17.77 -3.02 -5.19
C TRP N 284 -19.00 -2.68 -4.36
N CYS N 285 -20.16 -2.58 -5.01
CA CYS N 285 -21.40 -2.23 -4.31
C CYS N 285 -21.78 -3.31 -3.29
N ARG N 286 -21.64 -4.57 -3.67
CA ARG N 286 -21.86 -5.66 -2.72
C ARG N 286 -20.88 -5.59 -1.57
N ASP N 287 -19.61 -5.26 -1.87
CA ASP N 287 -18.59 -5.20 -0.85
C ASP N 287 -18.72 -4.00 0.07
N ASN N 288 -19.43 -2.96 -0.32
CA ASN N 288 -19.54 -1.75 0.49
C ASN N 288 -20.99 -1.40 0.85
N GLY N 289 -21.93 -2.32 0.67
CA GLY N 289 -23.30 -2.08 1.06
C GLY N 289 -24.00 -0.95 0.32
N ILE N 290 -23.67 -0.77 -0.96
CA ILE N 290 -24.21 0.31 -1.77
C ILE N 290 -25.19 -0.27 -2.77
N LEU N 291 -26.37 0.33 -2.85
CA LEU N 291 -27.34 -0.05 -3.88
C LEU N 291 -26.88 0.44 -5.24
N LEU N 292 -27.29 -0.28 -6.29
CA LEU N 292 -26.82 -0.02 -7.64
C LEU N 292 -28.02 0.18 -8.57
N HIS N 293 -28.32 1.43 -8.87
CA HIS N 293 -29.30 1.74 -9.90
C HIS N 293 -28.64 1.66 -11.27
N ILE N 294 -29.31 1.01 -12.22
CA ILE N 294 -28.75 0.75 -13.53
C ILE N 294 -29.59 1.47 -14.58
N HIS N 295 -28.97 2.38 -15.31
CA HIS N 295 -29.60 3.11 -16.39
C HIS N 295 -29.23 2.46 -17.71
N ARG N 296 -30.22 2.29 -18.59
CA ARG N 296 -30.03 1.54 -19.83
C ARG N 296 -29.76 2.45 -21.02
N ALA N 297 -29.00 3.52 -20.82
CA ALA N 297 -28.65 4.41 -21.92
C ALA N 297 -27.98 3.61 -23.04
N MET N 298 -28.37 3.93 -24.28
CA MET N 298 -27.95 3.30 -25.53
C MET N 298 -28.65 1.96 -25.76
N HIS N 299 -29.60 1.57 -24.92
CA HIS N 299 -30.28 0.30 -25.15
C HIS N 299 -31.05 0.32 -26.47
N ALA N 300 -31.72 1.42 -26.79
CA ALA N 300 -32.54 1.48 -27.99
C ALA N 300 -31.72 1.43 -29.26
N VAL N 301 -30.43 1.76 -29.20
CA VAL N 301 -29.57 1.55 -30.36
C VAL N 301 -29.51 0.07 -30.70
N ILE N 302 -29.49 -0.79 -29.69
CA ILE N 302 -29.39 -2.22 -29.89
C ILE N 302 -30.75 -2.89 -30.06
N ASP N 303 -31.75 -2.46 -29.29
CA ASP N 303 -32.96 -3.26 -29.07
C ASP N 303 -34.22 -2.63 -29.66
N ARG N 304 -34.11 -1.69 -30.58
CA ARG N 304 -35.31 -1.01 -31.05
C ARG N 304 -36.00 -1.75 -32.18
N GLN N 305 -35.24 -2.30 -33.12
CA GLN N 305 -35.82 -2.92 -34.31
C GLN N 305 -36.17 -4.38 -34.04
N LYS N 306 -37.23 -4.84 -34.70
CA LYS N 306 -37.64 -6.23 -34.54
C LYS N 306 -36.73 -7.18 -35.29
N ASN N 307 -36.20 -6.77 -36.44
CA ASN N 307 -35.46 -7.68 -37.29
C ASN N 307 -33.98 -7.79 -36.95
N HIS N 308 -33.40 -6.81 -36.25
CA HIS N 308 -31.97 -6.82 -35.99
C HIS N 308 -31.66 -6.26 -34.61
N GLY N 309 -30.62 -6.82 -33.99
CA GLY N 309 -30.12 -6.33 -32.73
C GLY N 309 -30.18 -7.38 -31.64
N ILE N 310 -30.30 -6.92 -30.41
CA ILE N 310 -30.50 -7.78 -29.25
C ILE N 310 -31.72 -7.28 -28.52
N HIS N 311 -32.70 -8.16 -28.30
CA HIS N 311 -33.85 -7.76 -27.53
C HIS N 311 -33.44 -7.42 -26.09
N PHE N 312 -34.15 -6.46 -25.50
CA PHE N 312 -33.76 -5.98 -24.18
C PHE N 312 -33.85 -7.05 -23.11
N ARG N 313 -34.61 -8.13 -23.32
CA ARG N 313 -34.67 -9.17 -22.30
C ARG N 313 -33.32 -9.87 -22.15
N VAL N 314 -32.57 -10.00 -23.23
CA VAL N 314 -31.23 -10.59 -23.15
C VAL N 314 -30.31 -9.69 -22.34
N LEU N 315 -30.30 -8.38 -22.65
CA LEU N 315 -29.51 -7.44 -21.88
C LEU N 315 -29.97 -7.38 -20.44
N ALA N 316 -31.26 -7.62 -20.19
CA ALA N 316 -31.77 -7.58 -18.83
C ALA N 316 -31.28 -8.77 -18.02
N LYS N 317 -31.29 -9.96 -18.62
CA LYS N 317 -30.71 -11.13 -17.97
C LYS N 317 -29.22 -10.91 -17.70
N CYS N 318 -28.52 -10.33 -18.66
CA CYS N 318 -27.09 -10.10 -18.49
C CYS N 318 -26.81 -9.07 -17.42
N LEU N 319 -27.67 -8.05 -17.31
CA LEU N 319 -27.51 -7.05 -16.26
C LEU N 319 -27.85 -7.64 -14.89
N ARG N 320 -28.84 -8.53 -14.84
CA ARG N 320 -29.14 -9.21 -13.59
C ARG N 320 -27.96 -10.03 -13.11
N MET N 321 -27.29 -10.74 -14.02
CA MET N 321 -26.15 -11.55 -13.62
C MET N 321 -24.93 -10.69 -13.29
N SER N 322 -24.64 -9.68 -14.13
CA SER N 322 -23.50 -8.82 -13.88
C SER N 322 -23.68 -8.01 -12.61
N GLY N 323 -24.89 -7.56 -12.35
CA GLY N 323 -25.19 -6.91 -11.09
C GLY N 323 -25.91 -5.59 -11.22
N GLY N 324 -27.02 -5.48 -10.52
CA GLY N 324 -27.78 -4.26 -10.45
C GLY N 324 -29.00 -4.43 -9.58
N ASP N 325 -29.26 -3.48 -8.69
CA ASP N 325 -30.44 -3.53 -7.84
C ASP N 325 -31.66 -2.96 -8.53
N HIS N 326 -31.49 -1.89 -9.27
CA HIS N 326 -32.53 -1.30 -10.11
C HIS N 326 -32.12 -1.47 -11.57
N ILE N 327 -33.12 -1.44 -12.45
CA ILE N 327 -32.85 -1.34 -13.88
C ILE N 327 -34.05 -0.70 -14.54
N HIS N 328 -33.79 0.18 -15.50
CA HIS N 328 -34.86 0.76 -16.28
C HIS N 328 -35.46 -0.28 -17.22
N THR N 329 -36.79 -0.27 -17.32
CA THR N 329 -37.52 -1.24 -18.09
C THR N 329 -38.48 -0.60 -19.09
N GLY N 330 -38.62 0.72 -19.08
CA GLY N 330 -39.62 1.37 -19.91
C GLY N 330 -40.98 1.39 -19.23
N THR N 331 -41.69 2.51 -19.42
CA THR N 331 -42.95 2.75 -18.74
C THR N 331 -44.16 2.23 -19.51
N VAL N 332 -43.96 1.67 -20.70
CA VAL N 332 -45.03 1.27 -21.61
C VAL N 332 -45.78 2.52 -22.10
N VAL N 333 -46.35 3.28 -21.17
CA VAL N 333 -47.28 4.35 -21.50
C VAL N 333 -46.61 5.73 -21.54
N GLY N 334 -45.27 5.78 -21.64
CA GLY N 334 -44.55 7.02 -21.62
C GLY N 334 -44.03 7.44 -22.97
N LYS N 335 -43.00 8.31 -22.96
CA LYS N 335 -42.46 8.86 -24.19
C LYS N 335 -41.49 7.93 -24.90
N LEU N 336 -41.12 6.80 -24.30
CA LEU N 336 -40.17 5.88 -24.90
C LEU N 336 -40.83 4.55 -25.21
N GLU N 337 -40.34 3.87 -26.24
CA GLU N 337 -41.01 2.71 -26.80
C GLU N 337 -40.75 1.45 -26.00
N GLY N 338 -41.83 0.73 -25.68
CA GLY N 338 -41.76 -0.63 -25.18
C GLY N 338 -43.14 -1.25 -25.10
N ASP N 339 -43.32 -2.42 -25.72
CA ASP N 339 -44.63 -3.05 -25.77
C ASP N 339 -45.03 -3.58 -24.39
N ARG N 340 -46.33 -3.76 -24.20
CA ARG N 340 -46.83 -4.21 -22.91
C ARG N 340 -46.40 -5.64 -22.63
N ALA N 341 -46.59 -6.55 -23.61
CA ALA N 341 -46.37 -7.97 -23.36
C ALA N 341 -44.88 -8.27 -23.16
N GLY N 342 -44.02 -7.77 -24.05
CA GLY N 342 -42.60 -8.01 -23.91
C GLY N 342 -42.03 -7.40 -22.64
N THR N 343 -42.53 -6.21 -22.27
CA THR N 343 -42.08 -5.60 -21.02
C THR N 343 -42.52 -6.42 -19.82
N LEU N 344 -43.76 -6.90 -19.82
CA LEU N 344 -44.18 -7.81 -18.75
C LEU N 344 -43.26 -9.02 -18.70
N GLY N 345 -42.89 -9.55 -19.86
CA GLY N 345 -42.02 -10.71 -19.91
C GLY N 345 -40.66 -10.45 -19.27
N PHE N 346 -39.99 -9.38 -19.69
CA PHE N 346 -38.65 -9.18 -19.13
C PHE N 346 -38.68 -8.59 -17.73
N VAL N 347 -39.80 -7.99 -17.31
CA VAL N 347 -39.93 -7.59 -15.92
C VAL N 347 -40.06 -8.82 -15.03
N ASP N 348 -40.84 -9.82 -15.47
CA ASP N 348 -40.87 -11.09 -14.75
C ASP N 348 -39.50 -11.77 -14.77
N LEU N 349 -38.79 -11.67 -15.90
CA LEU N 349 -37.46 -12.25 -15.98
C LEU N 349 -36.50 -11.59 -15.00
N LEU N 350 -36.63 -10.27 -14.82
CA LEU N 350 -35.74 -9.52 -13.94
C LEU N 350 -36.10 -9.70 -12.47
N ARG N 351 -37.37 -9.89 -12.15
CA ARG N 351 -37.81 -9.87 -10.75
C ARG N 351 -38.07 -11.25 -10.17
N GLU N 352 -38.49 -12.22 -10.98
CA GLU N 352 -38.91 -13.51 -10.46
C GLU N 352 -37.72 -14.46 -10.37
N ASN N 353 -37.92 -15.51 -9.58
CA ASN N 353 -36.95 -16.60 -9.50
C ASN N 353 -37.17 -17.63 -10.60
N TYR N 354 -38.42 -17.97 -10.89
CA TYR N 354 -38.75 -18.94 -11.93
C TYR N 354 -39.73 -18.30 -12.90
N ILE N 355 -39.38 -18.33 -14.18
CA ILE N 355 -40.23 -17.82 -15.24
C ILE N 355 -40.35 -18.90 -16.29
N GLU N 356 -41.58 -19.38 -16.50
CA GLU N 356 -41.81 -20.47 -17.43
C GLU N 356 -41.82 -19.96 -18.87
N GLN N 357 -41.62 -20.89 -19.79
CA GLN N 357 -41.65 -20.55 -21.21
C GLN N 357 -42.98 -19.95 -21.62
N ASP N 358 -42.93 -18.86 -22.38
CA ASP N 358 -44.14 -18.19 -22.86
C ASP N 358 -43.76 -17.39 -24.10
N LYS N 359 -44.08 -17.94 -25.28
CA LYS N 359 -43.79 -17.24 -26.52
C LYS N 359 -44.62 -15.96 -26.63
N SER N 360 -45.81 -15.95 -26.03
CA SER N 360 -46.69 -14.79 -26.15
C SER N 360 -46.12 -13.56 -25.45
N ARG N 361 -45.22 -13.76 -24.49
CA ARG N 361 -44.58 -12.66 -23.78
C ARG N 361 -43.10 -12.56 -24.11
N GLY N 362 -42.63 -13.25 -25.15
CA GLY N 362 -41.24 -13.21 -25.54
C GLY N 362 -40.33 -14.09 -24.73
N VAL N 363 -40.86 -14.92 -23.84
CA VAL N 363 -40.05 -15.83 -23.04
C VAL N 363 -39.90 -17.10 -23.87
N TYR N 364 -38.83 -17.17 -24.65
CA TYR N 364 -38.59 -18.34 -25.49
C TYR N 364 -38.08 -19.54 -24.69
N PHE N 365 -37.52 -19.32 -23.51
CA PHE N 365 -37.00 -20.40 -22.68
C PHE N 365 -37.50 -20.25 -21.25
N THR N 366 -37.66 -21.38 -20.58
CA THR N 366 -37.90 -21.37 -19.16
C THR N 366 -36.60 -21.00 -18.45
N GLN N 367 -36.64 -19.96 -17.64
CA GLN N 367 -35.44 -19.43 -16.97
C GLN N 367 -35.62 -19.61 -15.47
N ASP N 368 -34.65 -20.29 -14.85
CA ASP N 368 -34.59 -20.50 -13.41
C ASP N 368 -33.37 -19.76 -12.88
N TRP N 369 -33.57 -18.96 -11.84
CA TRP N 369 -32.51 -18.09 -11.34
C TRP N 369 -31.77 -18.65 -10.15
N ALA N 370 -32.20 -19.80 -9.61
CA ALA N 370 -31.51 -20.48 -8.52
C ALA N 370 -31.23 -19.55 -7.34
N SER N 371 -32.26 -18.79 -6.97
CA SER N 371 -32.23 -17.86 -5.84
C SER N 371 -31.35 -16.64 -6.10
N MET N 372 -31.01 -16.36 -7.35
CA MET N 372 -30.41 -15.08 -7.66
C MET N 372 -31.43 -13.98 -7.40
N PRO N 373 -31.11 -12.99 -6.57
CA PRO N 373 -32.11 -11.97 -6.22
C PRO N 373 -32.59 -11.21 -7.45
N GLY N 374 -33.85 -10.77 -7.39
CA GLY N 374 -34.44 -10.02 -8.48
C GLY N 374 -33.99 -8.56 -8.51
N VAL N 375 -34.26 -7.92 -9.64
CA VAL N 375 -33.89 -6.53 -9.88
C VAL N 375 -35.15 -5.68 -9.90
N MET N 376 -35.10 -4.54 -9.22
CA MET N 376 -36.21 -3.60 -9.21
C MET N 376 -36.43 -3.02 -10.61
N ALA N 377 -37.70 -2.91 -11.00
CA ALA N 377 -38.06 -2.34 -12.29
C ALA N 377 -38.26 -0.84 -12.16
N VAL N 378 -37.71 -0.09 -13.10
CA VAL N 378 -37.72 1.36 -13.07
C VAL N 378 -38.51 1.85 -14.27
N ALA N 379 -39.64 2.51 -14.02
CA ALA N 379 -40.46 3.12 -15.05
C ALA N 379 -40.14 4.60 -15.11
N SER N 380 -39.41 5.01 -16.15
CA SER N 380 -38.97 6.40 -16.28
C SER N 380 -39.17 6.87 -17.71
N GLY N 381 -39.62 8.12 -17.85
CA GLY N 381 -39.74 8.73 -19.17
C GLY N 381 -41.16 9.08 -19.57
N GLY N 382 -41.46 10.38 -19.55
CA GLY N 382 -42.72 10.88 -20.06
C GLY N 382 -43.96 10.35 -19.37
N ILE N 383 -43.96 10.38 -18.04
CA ILE N 383 -45.14 9.95 -17.28
C ILE N 383 -45.50 11.02 -16.27
N HIS N 384 -46.79 11.08 -15.96
CA HIS N 384 -47.31 12.00 -14.96
C HIS N 384 -48.28 11.21 -14.10
N VAL N 385 -49.06 11.93 -13.27
CA VAL N 385 -49.99 11.28 -12.35
C VAL N 385 -51.05 10.45 -13.08
N TRP N 386 -51.42 10.83 -14.29
CA TRP N 386 -52.47 10.11 -15.00
C TRP N 386 -52.05 8.68 -15.35
N HIS N 387 -50.76 8.46 -15.60
CA HIS N 387 -50.26 7.12 -15.84
C HIS N 387 -50.10 6.33 -14.55
N MET N 388 -50.28 6.96 -13.39
CA MET N 388 -49.99 6.30 -12.12
C MET N 388 -50.79 5.02 -11.90
N PRO N 389 -52.11 4.98 -12.10
CA PRO N 389 -52.82 3.71 -11.89
C PRO N 389 -52.30 2.59 -12.77
N ALA N 390 -52.20 2.83 -14.08
CA ALA N 390 -51.74 1.80 -15.02
C ALA N 390 -50.38 1.26 -14.61
N LEU N 391 -49.44 2.13 -14.25
CA LEU N 391 -48.13 1.67 -13.80
C LEU N 391 -48.26 0.79 -12.56
N VAL N 392 -49.06 1.22 -11.58
CA VAL N 392 -49.29 0.39 -10.40
C VAL N 392 -49.92 -0.93 -10.81
N GLU N 393 -50.75 -0.90 -11.85
CA GLU N 393 -51.29 -2.15 -12.38
C GLU N 393 -50.23 -2.97 -13.07
N ILE N 394 -49.32 -2.33 -13.80
CA ILE N 394 -48.38 -3.07 -14.65
C ILE N 394 -47.25 -3.65 -13.80
N PHE N 395 -46.55 -2.80 -13.06
CA PHE N 395 -45.33 -3.22 -12.39
C PHE N 395 -45.56 -3.69 -10.96
N GLY N 396 -46.59 -3.19 -10.29
CA GLY N 396 -46.79 -3.60 -8.92
C GLY N 396 -45.85 -2.87 -7.97
N ASP N 397 -45.69 -3.46 -6.79
CA ASP N 397 -44.96 -2.79 -5.73
C ASP N 397 -43.46 -2.79 -5.98
N ASP N 398 -42.92 -3.89 -6.50
CA ASP N 398 -41.47 -4.08 -6.58
C ASP N 398 -40.89 -3.34 -7.77
N SER N 399 -41.14 -2.03 -7.78
CA SER N 399 -40.77 -1.20 -8.91
C SER N 399 -40.53 0.23 -8.42
N VAL N 400 -39.85 1.00 -9.27
CA VAL N 400 -39.62 2.42 -9.05
C VAL N 400 -40.29 3.18 -10.17
N LEU N 401 -41.09 4.17 -9.81
CA LEU N 401 -41.78 5.02 -10.77
C LEU N 401 -41.08 6.38 -10.76
N GLN N 402 -40.57 6.79 -11.91
CA GLN N 402 -39.73 7.97 -12.00
C GLN N 402 -40.43 9.05 -12.81
N PHE N 403 -40.70 10.18 -12.16
CA PHE N 403 -41.37 11.32 -12.77
C PHE N 403 -40.39 12.49 -12.80
N GLY N 404 -39.61 12.60 -13.86
CA GLY N 404 -38.72 13.73 -14.03
C GLY N 404 -39.49 15.02 -14.30
N GLY N 405 -40.11 15.10 -15.48
CA GLY N 405 -40.92 16.26 -15.81
C GLY N 405 -42.27 16.26 -15.11
N GLY N 406 -42.72 15.11 -14.61
CA GLY N 406 -43.98 15.03 -13.89
C GLY N 406 -43.92 15.53 -12.45
N THR N 407 -42.74 15.89 -11.98
CA THR N 407 -42.57 16.47 -10.65
C THR N 407 -42.06 17.89 -10.71
N LEU N 408 -40.94 18.12 -11.42
CA LEU N 408 -40.41 19.46 -11.55
C LEU N 408 -41.29 20.33 -12.44
N GLY N 409 -42.05 19.71 -13.34
CA GLY N 409 -42.96 20.42 -14.21
C GLY N 409 -44.29 20.79 -13.59
N HIS N 410 -44.50 20.44 -12.33
CA HIS N 410 -45.70 20.87 -11.63
C HIS N 410 -45.71 22.39 -11.50
N PRO N 411 -46.87 23.04 -11.63
CA PRO N 411 -46.88 24.52 -11.59
C PRO N 411 -46.37 25.11 -10.30
N TRP N 412 -46.59 24.47 -9.15
CA TRP N 412 -46.24 25.07 -7.88
C TRP N 412 -44.77 24.90 -7.52
N GLY N 413 -44.10 23.89 -8.07
CA GLY N 413 -42.69 23.69 -7.77
C GLY N 413 -42.38 22.21 -7.60
N ASN N 414 -41.12 21.96 -7.26
CA ASN N 414 -40.66 20.58 -7.09
C ASN N 414 -41.40 19.88 -5.96
N ALA N 415 -41.45 20.51 -4.78
CA ALA N 415 -42.04 19.86 -3.62
C ALA N 415 -43.53 19.60 -3.79
N PRO N 416 -44.36 20.55 -4.23
CA PRO N 416 -45.77 20.21 -4.48
C PRO N 416 -45.97 19.15 -5.55
N GLY N 417 -45.12 19.13 -6.59
CA GLY N 417 -45.24 18.07 -7.58
C GLY N 417 -44.89 16.71 -7.04
N ALA N 418 -43.82 16.65 -6.22
CA ALA N 418 -43.48 15.42 -5.53
C ALA N 418 -44.62 14.95 -4.66
N THR N 419 -45.26 15.88 -3.93
CA THR N 419 -46.39 15.52 -3.09
C THR N 419 -47.58 15.03 -3.92
N ALA N 420 -47.82 15.67 -5.07
CA ALA N 420 -48.92 15.24 -5.94
C ALA N 420 -48.70 13.81 -6.42
N ASN N 421 -47.46 13.51 -6.83
CA ASN N 421 -47.14 12.15 -7.25
C ASN N 421 -47.27 11.17 -6.10
N ARG N 422 -46.80 11.55 -4.91
CA ARG N 422 -46.89 10.66 -3.75
C ARG N 422 -48.35 10.38 -3.39
N VAL N 423 -49.20 11.40 -3.48
CA VAL N 423 -50.62 11.23 -3.15
C VAL N 423 -51.30 10.36 -4.20
N ALA N 424 -51.00 10.57 -5.48
CA ALA N 424 -51.57 9.72 -6.52
C ALA N 424 -51.14 8.27 -6.34
N LEU N 425 -49.85 8.06 -6.06
CA LEU N 425 -49.35 6.70 -5.84
C LEU N 425 -50.00 6.05 -4.65
N GLU N 426 -50.10 6.78 -3.54
CA GLU N 426 -50.66 6.19 -2.32
C GLU N 426 -52.15 5.92 -2.47
N ALA N 427 -52.87 6.80 -3.16
CA ALA N 427 -54.27 6.53 -3.43
C ALA N 427 -54.45 5.31 -4.32
N CYS N 428 -53.61 5.17 -5.35
CA CYS N 428 -53.68 4.00 -6.21
C CYS N 428 -53.39 2.72 -5.42
N VAL N 429 -52.38 2.76 -4.55
CA VAL N 429 -52.04 1.59 -3.75
C VAL N 429 -53.18 1.25 -2.80
N GLN N 430 -53.75 2.27 -2.16
CA GLN N 430 -54.85 2.04 -1.24
C GLN N 430 -56.05 1.42 -1.93
N ALA N 431 -56.42 1.97 -3.09
CA ALA N 431 -57.56 1.44 -3.84
C ALA N 431 -57.28 0.03 -4.35
N ARG N 432 -56.03 -0.24 -4.75
CA ARG N 432 -55.67 -1.60 -5.15
C ARG N 432 -55.81 -2.58 -3.99
N ASN N 433 -55.31 -2.19 -2.81
CA ASN N 433 -55.39 -3.05 -1.65
C ASN N 433 -56.85 -3.28 -1.24
N GLU N 434 -57.69 -2.26 -1.32
CA GLU N 434 -59.08 -2.38 -0.92
C GLU N 434 -59.86 -3.35 -1.81
N GLY N 435 -59.44 -3.55 -3.05
CA GLY N 435 -60.13 -4.44 -3.94
C GLY N 435 -60.81 -3.73 -5.09
N ARG N 436 -60.19 -2.67 -5.60
CA ARG N 436 -60.70 -1.94 -6.73
C ARG N 436 -59.97 -2.37 -8.01
N ASN N 437 -60.63 -2.13 -9.15
CA ASN N 437 -60.03 -2.42 -10.45
C ASN N 437 -59.27 -1.19 -10.91
N LEU N 438 -57.96 -1.20 -10.71
CA LEU N 438 -57.16 -0.03 -11.03
C LEU N 438 -57.18 0.29 -12.52
N ALA N 439 -57.08 -0.75 -13.37
CA ALA N 439 -57.10 -0.53 -14.81
C ALA N 439 -58.42 0.07 -15.27
N ARG N 440 -59.48 -0.12 -14.48
CA ARG N 440 -60.80 0.40 -14.83
C ARG N 440 -61.09 1.74 -14.16
N GLU N 441 -60.88 1.83 -12.84
CA GLU N 441 -61.22 3.02 -12.08
C GLU N 441 -59.99 3.86 -11.71
N GLY N 442 -58.95 3.83 -12.53
CA GLY N 442 -57.78 4.66 -12.24
C GLY N 442 -58.09 6.13 -12.27
N GLY N 443 -58.81 6.58 -13.30
CA GLY N 443 -59.24 7.97 -13.34
C GLY N 443 -60.15 8.32 -12.20
N ASP N 444 -60.98 7.38 -11.76
CA ASP N 444 -61.84 7.63 -10.61
C ASP N 444 -61.02 7.87 -9.35
N ILE N 445 -60.02 7.02 -9.10
CA ILE N 445 -59.15 7.16 -7.93
C ILE N 445 -58.41 8.50 -7.99
N ILE N 446 -57.87 8.82 -9.16
CA ILE N 446 -57.15 10.08 -9.33
C ILE N 446 -58.10 11.26 -9.06
N ARG N 447 -59.34 11.16 -9.53
CA ARG N 447 -60.29 12.26 -9.37
C ARG N 447 -60.63 12.48 -7.90
N GLU N 448 -60.91 11.41 -7.15
CA GLU N 448 -61.18 11.62 -5.73
C GLU N 448 -59.97 12.16 -4.99
N ALA N 449 -58.78 11.66 -5.32
CA ALA N 449 -57.57 12.17 -4.68
C ALA N 449 -57.37 13.65 -4.99
N CYS N 450 -57.64 14.06 -6.23
CA CYS N 450 -57.57 15.47 -6.59
C CYS N 450 -58.58 16.29 -5.79
N LYS N 451 -59.79 15.75 -5.62
CA LYS N 451 -60.76 16.40 -4.75
C LYS N 451 -60.19 16.59 -3.35
N TRP N 452 -59.31 15.68 -2.92
CA TRP N 452 -58.66 15.87 -1.62
C TRP N 452 -57.30 16.56 -1.70
N SER N 453 -56.56 16.43 -2.80
CA SER N 453 -55.20 16.96 -2.87
C SER N 453 -55.12 18.11 -3.87
N PRO N 454 -54.80 19.32 -3.42
CA PRO N 454 -54.69 20.45 -4.37
C PRO N 454 -53.48 20.35 -5.29
N GLU N 455 -52.34 19.90 -4.78
CA GLU N 455 -51.18 19.68 -5.64
C GLU N 455 -51.51 18.69 -6.75
N LEU N 456 -52.19 17.61 -6.39
CA LEU N 456 -52.63 16.63 -7.37
C LEU N 456 -53.62 17.24 -8.35
N ALA N 457 -54.52 18.09 -7.86
CA ALA N 457 -55.49 18.73 -8.73
C ALA N 457 -54.80 19.58 -9.79
N ALA N 458 -53.82 20.40 -9.36
CA ALA N 458 -53.07 21.22 -10.31
C ALA N 458 -52.29 20.35 -11.29
N ALA N 459 -51.66 19.28 -10.80
CA ALA N 459 -50.91 18.39 -11.68
C ALA N 459 -51.81 17.77 -12.75
N CYS N 460 -52.97 17.26 -12.33
CA CYS N 460 -53.88 16.60 -13.27
C CYS N 460 -54.47 17.57 -14.26
N GLU N 461 -54.83 18.77 -13.82
CA GLU N 461 -55.35 19.75 -14.77
C GLU N 461 -54.27 20.24 -15.72
N LEU N 462 -52.99 20.15 -15.32
CA LEU N 462 -51.92 20.55 -16.22
C LEU N 462 -51.69 19.51 -17.32
N TRP N 463 -51.71 18.23 -16.97
CA TRP N 463 -51.28 17.17 -17.88
C TRP N 463 -52.42 16.27 -18.34
N LYS N 464 -53.65 16.76 -18.28
CA LYS N 464 -54.79 15.90 -18.57
C LYS N 464 -54.76 15.36 -20.00
N GLU N 465 -54.34 16.19 -20.96
CA GLU N 465 -54.36 15.81 -22.37
C GLU N 465 -52.97 15.50 -22.91
N ILE N 466 -52.10 14.95 -22.07
CA ILE N 466 -50.74 14.58 -22.48
C ILE N 466 -50.68 13.06 -22.53
N LYS N 467 -50.30 12.53 -23.70
CA LYS N 467 -50.39 11.08 -23.93
C LYS N 467 -49.54 10.72 -25.12
N PHE N 468 -48.64 9.76 -24.94
CA PHE N 468 -47.74 9.32 -26.00
C PHE N 468 -48.24 7.98 -26.53
N GLU N 469 -48.78 7.98 -27.74
CA GLU N 469 -49.16 6.76 -28.43
C GLU N 469 -48.70 6.81 -29.87
N PHE N 470 -48.00 5.77 -30.28
CA PHE N 470 -47.52 5.63 -31.65
C PHE N 470 -47.59 4.15 -32.02
N ASP N 471 -47.14 3.83 -33.22
CA ASP N 471 -47.02 2.43 -33.62
C ASP N 471 -45.94 1.75 -32.79
N THR N 472 -46.22 0.52 -32.36
CA THR N 472 -45.24 -0.27 -31.62
C THR N 472 -44.34 -1.00 -32.61
N VAL N 473 -43.11 -0.52 -32.74
CA VAL N 473 -42.15 -1.16 -33.64
C VAL N 473 -41.66 -2.50 -33.08
N ASP N 474 -41.70 -2.69 -31.77
CA ASP N 474 -41.22 -3.91 -31.12
C ASP N 474 -42.37 -4.56 -30.36
N THR N 475 -43.15 -5.39 -31.07
CA THR N 475 -44.27 -6.08 -30.44
C THR N 475 -44.02 -7.58 -30.42
N GLY O 11 8.46 45.64 28.88
CA GLY O 11 7.07 45.57 28.50
C GLY O 11 6.46 46.91 28.14
N ALA O 12 6.53 47.26 26.86
CA ALA O 12 6.03 48.54 26.39
C ALA O 12 4.52 48.48 26.18
N GLY O 13 3.91 49.67 26.10
CA GLY O 13 2.51 49.77 25.77
C GLY O 13 2.26 49.59 24.28
N TYR O 14 1.00 49.70 23.90
CA TYR O 14 0.60 49.49 22.51
C TYR O 14 0.27 50.84 21.88
N ASP O 15 1.00 51.19 20.83
CA ASP O 15 0.78 52.43 20.08
C ASP O 15 0.20 52.08 18.72
N ALA O 16 -1.11 52.20 18.59
CA ALA O 16 -1.77 52.02 17.31
C ALA O 16 -1.45 53.19 16.40
N GLY O 17 -1.09 52.89 15.15
CA GLY O 17 -0.77 53.91 14.16
C GLY O 17 0.51 53.56 13.43
N VAL O 18 0.67 54.18 12.26
CA VAL O 18 1.85 53.92 11.44
C VAL O 18 3.03 54.70 12.00
N GLN O 19 4.23 54.17 11.77
CA GLN O 19 5.47 54.80 12.17
C GLN O 19 6.55 54.38 11.18
N ASP O 20 7.66 55.13 11.18
CA ASP O 20 8.74 54.86 10.25
C ASP O 20 9.35 53.49 10.52
N TYR O 21 9.75 52.81 9.44
CA TYR O 21 10.43 51.53 9.55
C TYR O 21 11.82 51.68 10.15
N ARG O 22 12.48 52.80 9.87
CA ARG O 22 13.86 53.01 10.29
C ARG O 22 14.02 53.01 11.80
N LEU O 23 12.95 53.26 12.56
CA LEU O 23 13.06 53.32 14.00
C LEU O 23 13.42 51.96 14.59
N THR O 24 12.83 50.89 14.06
CA THR O 24 12.99 49.55 14.62
C THR O 24 13.63 48.55 13.68
N TYR O 25 14.04 48.95 12.48
CA TYR O 25 14.55 48.00 11.49
C TYR O 25 15.87 48.43 10.86
N TYR O 26 16.42 49.57 11.24
CA TYR O 26 17.72 50.02 10.74
C TYR O 26 18.68 50.09 11.92
N ALA O 27 19.54 49.09 12.04
CA ALA O 27 20.51 48.98 13.13
C ALA O 27 21.91 49.08 12.52
N PRO O 28 22.37 50.29 12.18
CA PRO O 28 23.67 50.43 11.53
C PRO O 28 24.84 50.00 12.39
N ASP O 29 24.67 49.91 13.71
CA ASP O 29 25.74 49.48 14.59
C ASP O 29 25.79 47.97 14.78
N TYR O 30 24.76 47.25 14.33
CA TYR O 30 24.66 45.83 14.60
C TYR O 30 25.69 45.06 13.77
N THR O 31 26.40 44.16 14.43
CA THR O 31 27.30 43.28 13.70
C THR O 31 26.60 41.95 13.43
N PRO O 32 26.78 41.36 12.25
CA PRO O 32 26.06 40.11 11.94
C PRO O 32 26.54 38.95 12.81
N ARG O 33 25.59 38.24 13.39
CA ARG O 33 25.89 36.95 13.99
C ARG O 33 26.31 35.97 12.91
N ASP O 34 27.10 34.97 13.29
CA ASP O 34 27.57 34.00 12.31
C ASP O 34 26.47 33.05 11.85
N THR O 35 25.36 32.96 12.59
CA THR O 35 24.22 32.13 12.20
C THR O 35 23.17 32.92 11.40
N ASP O 36 23.39 34.21 11.17
CA ASP O 36 22.42 35.01 10.43
C ASP O 36 22.50 34.71 8.93
N ILE O 37 21.39 34.92 8.25
CA ILE O 37 21.36 34.95 6.80
C ILE O 37 21.59 36.39 6.36
N LEU O 38 22.59 36.61 5.52
CA LEU O 38 22.94 37.95 5.06
C LEU O 38 22.54 38.11 3.61
N ALA O 39 21.88 39.22 3.31
CA ALA O 39 21.40 39.51 1.96
C ALA O 39 21.95 40.86 1.54
N ALA O 40 22.51 40.92 0.35
CA ALA O 40 22.96 42.16 -0.26
C ALA O 40 21.94 42.58 -1.30
N PHE O 41 21.41 43.79 -1.16
CA PHE O 41 20.36 44.30 -2.03
C PHE O 41 20.88 45.52 -2.77
N ARG O 42 20.80 45.49 -4.10
CA ARG O 42 20.96 46.68 -4.92
C ARG O 42 19.61 47.39 -4.97
N MET O 43 19.52 48.52 -4.30
CA MET O 43 18.27 49.20 -4.02
C MET O 43 18.26 50.55 -4.71
N THR O 44 17.20 50.82 -5.46
CA THR O 44 16.98 52.13 -6.09
C THR O 44 15.64 52.63 -5.57
N PRO O 45 15.63 53.57 -4.64
CA PRO O 45 14.36 54.10 -4.11
C PRO O 45 13.80 55.19 -5.01
N GLN O 46 12.53 55.51 -4.75
CA GLN O 46 11.90 56.62 -5.41
C GLN O 46 12.58 57.92 -5.01
N PRO O 47 12.60 58.93 -5.87
CA PRO O 47 13.10 60.24 -5.47
C PRO O 47 12.36 60.75 -4.24
N GLY O 48 13.11 61.31 -3.30
CA GLY O 48 12.50 61.81 -2.08
C GLY O 48 12.20 60.81 -0.99
N VAL O 49 12.56 59.55 -1.17
CA VAL O 49 12.41 58.47 -0.20
C VAL O 49 13.75 58.26 0.46
N PRO O 50 13.87 58.38 1.79
CA PRO O 50 15.25 58.22 2.32
C PRO O 50 15.87 56.84 2.06
N PRO O 51 17.15 56.77 1.64
CA PRO O 51 17.65 55.40 1.40
C PRO O 51 17.55 54.48 2.60
N GLU O 52 17.85 54.98 3.80
CA GLU O 52 17.81 54.14 4.99
C GLU O 52 16.39 53.71 5.31
N GLU O 53 15.42 54.59 5.10
CA GLU O 53 14.02 54.19 5.25
C GLU O 53 13.65 53.11 4.24
N CYS O 54 14.15 53.22 3.01
CA CYS O 54 13.88 52.21 2.00
C CYS O 54 14.44 50.85 2.40
N ALA O 55 15.68 50.83 2.90
CA ALA O 55 16.29 49.59 3.34
C ALA O 55 15.58 49.02 4.56
N ALA O 56 15.14 49.90 5.47
CA ALA O 56 14.37 49.44 6.63
C ALA O 56 13.05 48.84 6.21
N ALA O 57 12.40 49.41 5.20
CA ALA O 57 11.18 48.82 4.67
C ALA O 57 11.46 47.45 4.07
N VAL O 58 12.58 47.32 3.35
CA VAL O 58 12.95 46.03 2.79
C VAL O 58 13.11 45.00 3.90
N ALA O 59 13.87 45.34 4.94
CA ALA O 59 14.10 44.41 6.04
C ALA O 59 12.81 44.07 6.77
N ALA O 60 11.96 45.06 7.02
CA ALA O 60 10.73 44.84 7.77
C ALA O 60 9.75 43.96 7.00
N GLU O 61 9.50 44.31 5.73
CA GLU O 61 8.55 43.54 4.95
C GLU O 61 9.11 42.19 4.55
N SER O 62 10.43 42.01 4.62
CA SER O 62 11.00 40.70 4.38
C SER O 62 11.06 39.82 5.63
N SER O 63 11.01 40.40 6.83
CA SER O 63 11.04 39.57 8.04
C SER O 63 9.75 39.63 8.84
N THR O 64 9.39 40.78 9.42
CA THR O 64 8.23 40.84 10.31
C THR O 64 7.38 42.08 10.12
N GLY O 65 7.87 43.11 9.45
CA GLY O 65 7.22 44.41 9.50
C GLY O 65 5.90 44.43 8.74
N THR O 66 4.95 45.16 9.29
CA THR O 66 3.72 45.52 8.61
C THR O 66 3.67 47.03 8.44
N TRP O 67 2.71 47.51 7.66
CA TRP O 67 2.65 48.94 7.36
C TRP O 67 2.36 49.76 8.60
N THR O 68 1.45 49.29 9.45
CA THR O 68 1.14 49.95 10.72
C THR O 68 1.51 49.03 11.87
N THR O 69 1.43 49.57 13.08
CA THR O 69 1.77 48.81 14.28
C THR O 69 0.63 47.87 14.67
N VAL O 70 1.00 46.64 15.03
CA VAL O 70 0.05 45.62 15.46
C VAL O 70 0.32 45.29 16.93
N TRP O 71 -0.75 45.14 17.71
CA TRP O 71 -0.61 44.88 19.14
C TRP O 71 -0.07 43.48 19.42
N THR O 72 -0.13 42.57 18.45
CA THR O 72 0.41 41.24 18.64
C THR O 72 1.93 41.21 18.59
N ASP O 73 2.56 42.32 18.17
CA ASP O 73 4.00 42.43 18.27
C ASP O 73 4.45 42.38 19.72
N LEU O 74 3.61 42.85 20.63
CA LEU O 74 4.00 42.93 22.03
C LEU O 74 3.99 41.57 22.71
N LEU O 75 3.12 40.65 22.28
CA LEU O 75 3.15 39.32 22.85
C LEU O 75 4.22 38.44 22.20
N THR O 76 5.43 38.99 22.10
CA THR O 76 6.55 38.38 21.39
C THR O 76 7.85 39.06 21.79
N ASP O 77 8.98 38.46 21.45
CA ASP O 77 10.26 39.15 21.48
C ASP O 77 10.64 39.51 20.05
N MET O 78 10.29 40.72 19.65
CA MET O 78 10.47 41.17 18.27
C MET O 78 11.94 41.22 17.86
N ASP O 79 12.81 41.68 18.76
CA ASP O 79 14.21 41.88 18.41
C ASP O 79 14.92 40.57 18.07
N ARG O 80 14.34 39.42 18.44
CA ARG O 80 14.95 38.15 18.12
C ARG O 80 14.51 37.60 16.76
N TYR O 81 13.55 38.23 16.11
CA TYR O 81 13.08 37.82 14.79
C TYR O 81 13.22 38.89 13.72
N ARG O 82 13.28 40.16 14.10
CA ARG O 82 13.29 41.24 13.13
C ARG O 82 14.52 41.18 12.23
N GLY O 83 14.31 41.36 10.94
CA GLY O 83 15.43 41.57 10.04
C GLY O 83 15.97 42.99 10.21
N ARG O 84 17.29 43.10 10.19
CA ARG O 84 17.94 44.38 10.44
C ARG O 84 18.85 44.72 9.27
N CYS O 85 18.76 45.95 8.79
CA CYS O 85 19.71 46.48 7.81
C CYS O 85 20.89 47.06 8.57
N TYR O 86 22.01 46.35 8.58
CA TYR O 86 23.17 46.75 9.36
C TYR O 86 24.19 47.55 8.56
N ASP O 87 23.90 47.85 7.30
CA ASP O 87 24.82 48.62 6.47
C ASP O 87 24.11 49.08 5.21
N ILE O 88 24.41 50.31 4.78
CA ILE O 88 24.01 50.83 3.48
C ILE O 88 25.20 51.58 2.91
N GLU O 89 25.64 51.19 1.72
CA GLU O 89 26.72 51.92 1.08
C GLU O 89 26.37 52.24 -0.37
N PRO O 90 26.49 53.50 -0.78
CA PRO O 90 26.17 53.88 -2.16
C PRO O 90 27.03 53.13 -3.18
N VAL O 91 26.40 52.74 -4.27
CA VAL O 91 27.06 52.10 -5.41
C VAL O 91 27.83 53.17 -6.17
N PRO O 92 29.04 52.89 -6.64
CA PRO O 92 29.78 53.90 -7.42
C PRO O 92 29.03 54.30 -8.68
N GLY O 93 29.09 55.60 -8.99
CA GLY O 93 28.46 56.12 -10.19
C GLY O 93 26.95 55.97 -10.20
N GLU O 94 26.30 56.18 -9.07
CA GLU O 94 24.86 56.02 -8.95
C GLU O 94 24.27 57.12 -8.10
N ASP O 95 23.33 57.88 -8.66
CA ASP O 95 22.68 58.92 -7.89
C ASP O 95 21.73 58.35 -6.84
N ASN O 96 21.09 57.22 -7.13
CA ASN O 96 20.06 56.69 -6.24
C ASN O 96 20.12 55.17 -6.12
N GLN O 97 21.31 54.58 -6.19
CA GLN O 97 21.46 53.13 -6.11
C GLN O 97 22.44 52.78 -5.01
N TYR O 98 21.99 51.98 -4.04
CA TYR O 98 22.79 51.65 -2.86
C TYR O 98 22.77 50.15 -2.62
N ILE O 99 23.88 49.62 -2.11
CA ILE O 99 23.91 48.24 -1.64
C ILE O 99 23.59 48.25 -0.16
N ALA O 100 22.49 47.60 0.21
CA ALA O 100 22.06 47.45 1.59
C ALA O 100 22.31 46.02 2.05
N TYR O 101 22.94 45.87 3.20
CA TYR O 101 23.22 44.57 3.80
C TYR O 101 22.21 44.34 4.91
N VAL O 102 21.37 43.31 4.76
CA VAL O 102 20.31 43.00 5.71
C VAL O 102 20.62 41.64 6.33
N ALA O 103 20.49 41.57 7.66
CA ALA O 103 20.77 40.36 8.41
C ALA O 103 19.48 39.81 9.00
N TYR O 104 19.23 38.53 8.78
CA TYR O 104 18.03 37.87 9.24
C TYR O 104 18.40 36.79 10.25
N PRO O 105 17.71 36.73 11.38
CA PRO O 105 17.97 35.65 12.34
C PRO O 105 17.72 34.28 11.72
N LEU O 106 18.52 33.30 12.15
CA LEU O 106 18.34 31.93 11.69
C LEU O 106 16.96 31.39 12.05
N ASP O 107 16.31 31.96 13.07
CA ASP O 107 15.02 31.48 13.55
C ASP O 107 13.89 31.72 12.57
N LEU O 108 14.08 32.60 11.57
CA LEU O 108 13.00 32.98 10.68
C LEU O 108 12.70 31.93 9.60
N PHE O 109 13.63 31.03 9.33
CA PHE O 109 13.54 30.22 8.12
C PHE O 109 13.28 28.76 8.45
N GLU O 110 12.46 28.12 7.64
CA GLU O 110 12.21 26.69 7.79
C GLU O 110 13.45 25.91 7.38
N GLU O 111 13.86 24.99 8.24
CA GLU O 111 15.05 24.18 7.97
C GLU O 111 14.86 23.34 6.71
N GLY O 112 15.87 23.35 5.85
CA GLY O 112 15.85 22.52 4.66
C GLY O 112 14.92 22.95 3.56
N SER O 113 14.38 24.17 3.62
CA SER O 113 13.42 24.65 2.63
C SER O 113 14.01 25.85 1.90
N VAL O 114 14.41 25.66 0.64
CA VAL O 114 14.81 26.79 -0.19
C VAL O 114 13.60 27.65 -0.52
N THR O 115 12.45 27.01 -0.72
CA THR O 115 11.22 27.74 -1.03
C THR O 115 10.90 28.76 0.05
N ASN O 116 10.99 28.35 1.32
CA ASN O 116 10.67 29.26 2.41
C ASN O 116 11.70 30.39 2.50
N LEU O 117 12.98 30.08 2.28
CA LEU O 117 14.01 31.11 2.27
C LEU O 117 13.71 32.18 1.23
N LEU O 118 13.39 31.76 0.00
CA LEU O 118 13.10 32.72 -1.06
C LEU O 118 11.80 33.47 -0.79
N THR O 119 10.78 32.79 -0.27
CA THR O 119 9.53 33.45 0.04
C THR O 119 9.72 34.53 1.10
N SER O 120 10.58 34.27 2.08
CA SER O 120 10.88 35.30 3.07
C SER O 120 11.67 36.44 2.45
N LEU O 121 12.72 36.12 1.69
CA LEU O 121 13.61 37.15 1.17
C LEU O 121 12.97 37.91 0.02
N VAL O 122 12.65 37.22 -1.07
CA VAL O 122 12.21 37.86 -2.29
C VAL O 122 10.70 37.80 -2.46
N GLY O 123 9.95 37.68 -1.36
CA GLY O 123 8.52 37.50 -1.41
C GLY O 123 7.73 38.66 -1.99
N ASN O 124 7.72 39.80 -1.30
CA ASN O 124 6.95 40.95 -1.75
C ASN O 124 7.69 42.28 -1.68
N VAL O 125 8.94 42.30 -1.23
CA VAL O 125 9.65 43.56 -1.09
C VAL O 125 10.03 44.15 -2.45
N PHE O 126 10.12 43.32 -3.49
CA PHE O 126 10.48 43.83 -4.80
C PHE O 126 9.39 44.67 -5.44
N GLY O 127 8.18 44.64 -4.89
CA GLY O 127 7.10 45.46 -5.42
C GLY O 127 6.70 46.59 -4.50
N PHE O 128 7.59 46.99 -3.60
CA PHE O 128 7.30 48.10 -2.69
C PHE O 128 7.18 49.40 -3.48
N LYS O 129 6.12 50.15 -3.23
CA LYS O 129 5.85 51.36 -3.98
C LYS O 129 6.95 52.40 -3.79
N ALA O 130 7.50 52.51 -2.58
CA ALA O 130 8.60 53.42 -2.30
C ALA O 130 9.89 52.99 -2.96
N LEU O 131 9.94 51.79 -3.53
CA LEU O 131 11.10 51.27 -4.21
C LEU O 131 10.92 51.41 -5.72
N ARG O 132 11.98 51.82 -6.42
CA ARG O 132 11.94 51.83 -7.88
C ARG O 132 12.50 50.54 -8.45
N ALA O 133 13.63 50.07 -7.93
CA ALA O 133 14.22 48.83 -8.42
C ALA O 133 14.92 48.11 -7.30
N LEU O 134 14.86 46.78 -7.31
CA LEU O 134 15.53 45.99 -6.29
C LEU O 134 16.15 44.77 -6.93
N ARG O 135 17.40 44.49 -6.58
CA ARG O 135 18.09 43.30 -7.02
C ARG O 135 18.69 42.60 -5.81
N LEU O 136 18.47 41.30 -5.69
CA LEU O 136 19.14 40.51 -4.66
C LEU O 136 20.46 40.02 -5.26
N GLU O 137 21.56 40.63 -4.83
CA GLU O 137 22.85 40.33 -5.44
C GLU O 137 23.47 39.06 -4.87
N ASP O 138 23.50 38.93 -3.55
CA ASP O 138 24.22 37.83 -2.93
C ASP O 138 23.52 37.40 -1.65
N LEU O 139 23.86 36.21 -1.18
CA LEU O 139 23.28 35.63 0.02
C LEU O 139 24.36 34.92 0.80
N ARG O 140 24.49 35.25 2.08
CA ARG O 140 25.32 34.48 3.00
C ARG O 140 24.43 33.47 3.69
N ILE O 141 24.61 32.20 3.35
CA ILE O 141 23.90 31.11 4.01
C ILE O 141 24.79 30.60 5.13
N PRO O 142 24.38 30.74 6.40
CA PRO O 142 25.22 30.28 7.50
C PRO O 142 25.35 28.77 7.49
N VAL O 143 26.44 28.29 8.09
CA VAL O 143 26.72 26.86 8.13
C VAL O 143 25.58 26.12 8.83
N ALA O 144 25.02 26.71 9.89
CA ALA O 144 23.93 26.08 10.62
C ALA O 144 22.71 25.89 9.72
N TYR O 145 22.45 26.84 8.82
CA TYR O 145 21.35 26.65 7.90
C TYR O 145 21.71 25.66 6.80
N VAL O 146 22.95 25.69 6.33
CA VAL O 146 23.39 24.77 5.28
C VAL O 146 23.23 23.33 5.73
N LYS O 147 23.47 23.07 7.01
CA LYS O 147 23.41 21.71 7.53
C LYS O 147 22.01 21.11 7.45
N THR O 148 20.97 21.95 7.36
CA THR O 148 19.60 21.43 7.33
C THR O 148 19.18 20.96 5.93
N PHE O 149 19.99 21.19 4.91
CA PHE O 149 19.65 20.79 3.55
C PHE O 149 20.39 19.51 3.18
N GLN O 150 19.82 18.78 2.21
CA GLN O 150 20.54 17.63 1.68
C GLN O 150 21.70 18.05 0.79
N GLY O 151 21.55 19.16 0.08
CA GLY O 151 22.52 19.57 -0.89
C GLY O 151 22.36 18.76 -2.16
N PRO O 152 23.39 18.74 -3.00
CA PRO O 152 23.34 17.92 -4.20
C PRO O 152 23.13 16.46 -3.83
N PRO O 153 22.34 15.73 -4.60
CA PRO O 153 22.17 14.29 -4.31
C PRO O 153 23.49 13.55 -4.27
N HIS O 154 24.41 13.86 -5.16
CA HIS O 154 25.74 13.25 -5.17
C HIS O 154 26.88 14.27 -5.08
N GLY O 155 26.89 15.26 -5.96
CA GLY O 155 28.00 16.20 -6.01
C GLY O 155 29.05 15.78 -7.02
N ILE O 156 30.04 16.65 -7.18
CA ILE O 156 31.01 16.51 -8.27
C ILE O 156 31.80 15.22 -8.13
N GLN O 157 32.39 14.98 -6.95
CA GLN O 157 33.31 13.87 -6.81
C GLN O 157 32.59 12.53 -6.84
N VAL O 158 31.42 12.45 -6.19
CA VAL O 158 30.64 11.22 -6.24
C VAL O 158 30.15 10.96 -7.66
N GLU O 159 29.78 12.02 -8.39
CA GLU O 159 29.37 11.84 -9.78
C GLU O 159 30.51 11.31 -10.63
N ARG O 160 31.70 11.89 -10.47
CA ARG O 160 32.86 11.43 -11.23
C ARG O 160 33.19 9.98 -10.90
N ASP O 161 33.07 9.61 -9.63
CA ASP O 161 33.27 8.21 -9.24
C ASP O 161 32.23 7.31 -9.89
N ARG O 162 30.97 7.75 -9.94
CA ARG O 162 29.89 6.91 -10.44
C ARG O 162 29.98 6.71 -11.95
N ILE O 163 30.33 7.76 -12.71
CA ILE O 163 30.44 7.63 -14.16
C ILE O 163 31.86 7.28 -14.59
N ASN O 164 32.79 7.13 -13.65
CA ASN O 164 34.14 6.66 -13.94
C ASN O 164 34.82 7.55 -14.98
N LYS O 165 34.73 8.86 -14.77
CA LYS O 165 35.27 9.85 -15.71
C LYS O 165 36.14 10.83 -14.93
N TYR O 166 37.42 10.87 -15.25
CA TYR O 166 38.37 11.70 -14.52
C TYR O 166 39.29 12.42 -15.49
N GLY O 167 39.79 13.57 -15.06
CA GLY O 167 40.89 14.26 -15.72
C GLY O 167 40.53 15.19 -16.85
N ARG O 168 39.25 15.42 -17.11
CA ARG O 168 38.85 16.30 -18.20
C ARG O 168 37.44 16.79 -17.93
N PRO O 169 37.03 17.89 -18.56
CA PRO O 169 35.61 18.23 -18.55
C PRO O 169 34.81 17.18 -19.29
N LEU O 170 33.55 17.02 -18.88
CA LEU O 170 32.66 16.12 -19.59
C LEU O 170 32.11 16.83 -20.83
N LEU O 171 31.65 16.04 -21.79
CA LEU O 171 31.11 16.57 -23.03
C LEU O 171 29.67 16.11 -23.20
N GLY O 172 28.81 17.06 -23.60
CA GLY O 172 27.40 16.78 -23.81
C GLY O 172 26.89 17.49 -25.05
N CYS O 173 25.62 17.24 -25.34
CA CYS O 173 24.96 17.88 -26.46
C CYS O 173 23.45 17.77 -26.27
N THR O 174 22.74 18.82 -26.66
CA THR O 174 21.30 18.80 -26.75
C THR O 174 20.90 18.37 -28.15
N ILE O 175 19.97 17.41 -28.22
CA ILE O 175 19.48 16.96 -29.52
C ILE O 175 18.65 18.06 -30.15
N LYS O 176 19.00 18.43 -31.37
CA LYS O 176 18.30 19.45 -32.13
C LYS O 176 17.62 18.81 -33.34
N PRO O 177 16.48 19.35 -33.79
CA PRO O 177 15.74 20.52 -33.27
C PRO O 177 15.21 20.30 -31.86
N LYS O 178 14.87 21.38 -31.15
CA LYS O 178 14.34 21.24 -29.80
C LYS O 178 13.09 20.37 -29.81
N LEU O 179 12.05 20.81 -30.50
CA LEU O 179 10.79 20.07 -30.59
C LEU O 179 10.51 19.72 -32.03
N GLY O 180 9.95 18.53 -32.24
CA GLY O 180 9.58 18.10 -33.57
C GLY O 180 9.97 16.68 -33.90
N LEU O 181 11.09 16.22 -33.35
CA LEU O 181 11.60 14.90 -33.67
C LEU O 181 10.76 13.80 -33.01
N SER O 182 10.58 12.70 -33.72
CA SER O 182 9.93 11.54 -33.14
C SER O 182 10.87 10.87 -32.14
N ALA O 183 10.29 10.04 -31.27
CA ALA O 183 11.07 9.38 -30.23
C ALA O 183 12.18 8.52 -30.84
N LYS O 184 11.87 7.78 -31.90
CA LYS O 184 12.86 6.89 -32.50
C LYS O 184 13.99 7.68 -33.17
N ASN O 185 13.65 8.72 -33.93
CA ASN O 185 14.70 9.53 -34.54
C ASN O 185 15.52 10.26 -33.49
N TYR O 186 14.86 10.69 -32.41
CA TYR O 186 15.56 11.27 -31.28
C TYR O 186 16.58 10.30 -30.71
N GLY O 187 16.17 9.07 -30.47
CA GLY O 187 17.11 8.07 -29.98
C GLY O 187 18.22 7.78 -30.95
N ARG O 188 17.94 7.80 -32.25
CA ARG O 188 18.99 7.60 -33.25
C ARG O 188 20.02 8.72 -33.20
N ALA O 189 19.55 9.96 -33.09
CA ALA O 189 20.47 11.09 -32.94
C ALA O 189 21.29 10.96 -31.66
N VAL O 190 20.63 10.53 -30.58
CA VAL O 190 21.34 10.31 -29.32
C VAL O 190 22.44 9.27 -29.52
N TYR O 191 22.13 8.17 -30.21
CA TYR O 191 23.12 7.12 -30.44
C TYR O 191 24.29 7.64 -31.25
N GLU O 192 24.00 8.38 -32.32
CA GLU O 192 25.07 8.87 -33.18
C GLU O 192 25.96 9.86 -32.43
N CYS O 193 25.36 10.74 -31.62
CA CYS O 193 26.16 11.66 -30.80
C CYS O 193 27.01 10.90 -29.79
N LEU O 194 26.41 9.92 -29.11
CA LEU O 194 27.11 9.25 -28.01
C LEU O 194 28.24 8.37 -28.53
N ARG O 195 28.01 7.67 -29.63
CA ARG O 195 29.04 6.79 -30.17
C ARG O 195 30.23 7.57 -30.73
N GLY O 196 30.06 8.86 -30.98
CA GLY O 196 31.16 9.68 -31.47
C GLY O 196 32.12 10.17 -30.41
N GLY O 197 31.76 10.06 -29.12
CA GLY O 197 32.68 10.47 -28.08
C GLY O 197 32.12 11.37 -27.01
N LEU O 198 30.87 11.81 -27.18
CA LEU O 198 30.24 12.60 -26.14
C LEU O 198 29.92 11.72 -24.93
N ASP O 199 30.23 12.24 -23.74
CA ASP O 199 29.84 11.55 -22.52
C ASP O 199 28.33 11.54 -22.35
N PHE O 200 27.68 12.65 -22.67
CA PHE O 200 26.27 12.82 -22.38
C PHE O 200 25.54 13.37 -23.60
N THR O 201 24.26 13.06 -23.67
CA THR O 201 23.35 13.79 -24.53
C THR O 201 22.28 14.31 -23.57
N ASP O 203 17.96 16.07 -23.15
CA ASP O 203 16.69 16.58 -23.64
C ASP O 203 16.70 18.09 -23.64
N ASP O 204 16.11 18.68 -24.67
CA ASP O 204 15.83 20.11 -24.61
C ASP O 204 14.85 20.37 -23.46
N GLU O 205 15.02 21.51 -22.81
CA GLU O 205 14.21 21.84 -21.64
C GLU O 205 12.73 21.93 -21.97
N ASN O 206 12.38 22.09 -23.26
CA ASN O 206 10.98 22.09 -23.68
C ASN O 206 10.44 20.69 -23.90
N ILE O 207 11.30 19.71 -24.14
CA ILE O 207 10.91 18.33 -24.39
C ILE O 207 10.50 17.72 -23.05
N ASN O 208 9.19 17.66 -22.77
CA ASN O 208 8.71 16.90 -21.63
C ASN O 208 7.86 15.72 -22.07
N SER O 209 6.72 15.97 -22.69
CA SER O 209 5.91 14.92 -23.29
C SER O 209 4.93 15.63 -24.24
N GLN O 210 5.13 15.45 -25.53
CA GLN O 210 4.38 16.20 -26.52
C GLN O 210 3.70 15.25 -27.48
N PRO O 211 2.70 15.72 -28.24
CA PRO O 211 2.01 14.81 -29.18
C PRO O 211 2.93 14.16 -30.19
N PHE O 212 3.95 14.87 -30.69
CA PHE O 212 4.89 14.27 -31.61
C PHE O 212 5.86 13.32 -30.93
N GLN O 213 5.97 13.36 -29.60
CA GLN O 213 6.95 12.56 -28.89
C GLN O 213 6.46 12.35 -27.46
N ARG O 214 5.91 11.17 -27.19
CA ARG O 214 5.57 10.83 -25.82
C ARG O 214 6.84 10.53 -25.03
N TRP O 215 6.80 10.88 -23.75
CA TRP O 215 8.01 10.77 -22.94
C TRP O 215 8.44 9.33 -22.72
N ARG O 216 7.50 8.40 -22.64
CA ARG O 216 7.87 7.01 -22.40
C ARG O 216 8.60 6.42 -23.60
N ASP O 217 8.12 6.72 -24.81
CA ASP O 217 8.81 6.26 -26.02
C ASP O 217 10.20 6.89 -26.12
N ARG O 218 10.31 8.18 -25.80
CA ARG O 218 11.62 8.82 -25.79
C ARG O 218 12.55 8.14 -24.81
N PHE O 219 12.06 7.84 -23.61
CA PHE O 219 12.89 7.18 -22.60
C PHE O 219 13.37 5.83 -23.10
N LEU O 220 12.46 5.03 -23.65
CA LEU O 220 12.84 3.71 -24.15
C LEU O 220 13.91 3.81 -25.23
N PHE O 221 13.67 4.66 -26.23
CA PHE O 221 14.60 4.72 -27.36
C PHE O 221 15.95 5.31 -26.93
N VAL O 222 15.93 6.30 -26.04
CA VAL O 222 17.16 6.87 -25.53
C VAL O 222 17.95 5.84 -24.74
N ALA O 223 17.26 5.05 -23.91
CA ALA O 223 17.94 4.00 -23.15
C ALA O 223 18.60 3.00 -24.09
N ASP O 224 17.89 2.61 -25.16
CA ASP O 224 18.49 1.69 -26.12
C ASP O 224 19.71 2.29 -26.80
N ALA O 225 19.63 3.57 -27.19
CA ALA O 225 20.78 4.22 -27.82
C ALA O 225 21.96 4.29 -26.87
N ILE O 226 21.68 4.57 -25.59
CA ILE O 226 22.73 4.62 -24.58
C ILE O 226 23.41 3.26 -24.46
N HIS O 227 22.60 2.19 -24.40
CA HIS O 227 23.18 0.85 -24.30
C HIS O 227 24.03 0.52 -25.53
N LYS O 228 23.53 0.86 -26.72
CA LYS O 228 24.29 0.56 -27.94
C LYS O 228 25.62 1.31 -27.95
N SER O 229 25.59 2.60 -27.65
CA SER O 229 26.82 3.40 -27.71
C SER O 229 27.79 3.01 -26.59
N GLN O 230 27.27 2.66 -25.42
CA GLN O 230 28.13 2.15 -24.35
C GLN O 230 28.80 0.85 -24.76
N ALA O 231 28.05 -0.05 -25.39
CA ALA O 231 28.63 -1.29 -25.88
C ALA O 231 29.69 -1.03 -26.92
N GLU O 232 29.47 -0.04 -27.78
CA GLU O 232 30.41 0.23 -28.86
C GLU O 232 31.69 0.87 -28.33
N THR O 233 31.58 2.02 -27.69
CA THR O 233 32.75 2.77 -27.26
C THR O 233 33.43 2.20 -26.03
N GLY O 234 32.68 1.50 -25.17
CA GLY O 234 33.26 1.03 -23.93
C GLY O 234 33.46 2.11 -22.89
N GLU O 235 32.72 3.20 -23.01
CA GLU O 235 32.73 4.28 -22.02
C GLU O 235 31.32 4.47 -21.50
N ILE O 236 31.22 4.93 -20.27
CA ILE O 236 29.91 5.23 -19.68
C ILE O 236 29.26 6.33 -20.49
N LYS O 237 28.10 6.04 -21.07
CA LYS O 237 27.31 7.01 -21.81
C LYS O 237 26.06 7.34 -21.03
N GLY O 238 25.60 8.58 -21.18
CA GLY O 238 24.42 9.01 -20.46
C GLY O 238 23.61 9.95 -21.30
N HIS O 239 22.36 10.12 -20.88
CA HIS O 239 21.48 11.10 -21.51
C HIS O 239 20.62 11.73 -20.43
N TYR O 240 20.69 13.04 -20.30
CA TYR O 240 19.84 13.73 -19.33
C TYR O 240 18.40 13.60 -19.79
N LEU O 241 17.61 12.83 -19.05
CA LEU O 241 16.19 12.65 -19.36
C LEU O 241 15.40 13.70 -18.62
N ASN O 242 14.75 14.59 -19.36
CA ASN O 242 13.93 15.63 -18.75
C ASN O 242 12.73 14.97 -18.09
N VAL O 243 12.69 15.01 -16.75
CA VAL O 243 11.55 14.52 -16.00
C VAL O 243 10.64 15.65 -15.56
N THR O 244 10.91 16.89 -15.99
CA THR O 244 10.04 18.01 -15.67
C THR O 244 8.64 17.72 -16.18
N ALA O 245 7.65 17.89 -15.31
CA ALA O 245 6.29 17.50 -15.62
C ALA O 245 5.32 18.51 -15.02
N ALA O 246 4.05 18.33 -15.37
CA ALA O 246 3.01 19.23 -14.87
C ALA O 246 2.83 19.09 -13.37
N THR O 247 2.90 17.87 -12.85
CA THR O 247 2.67 17.59 -11.45
C THR O 247 3.82 16.80 -10.87
N CYS O 248 3.86 16.77 -9.54
CA CYS O 248 4.91 16.02 -8.85
C CYS O 248 4.73 14.52 -9.05
N GLU O 249 3.50 14.04 -9.13
CA GLU O 249 3.25 12.64 -9.42
C GLU O 249 3.78 12.27 -10.80
N GLU O 250 3.55 13.11 -11.80
CA GLU O 250 4.04 12.83 -13.14
C GLU O 250 5.56 12.91 -13.21
N MET O 251 6.16 13.89 -12.53
CA MET O 251 7.62 13.96 -12.45
C MET O 251 8.19 12.70 -11.80
N MET O 252 7.55 12.24 -10.73
CA MET O 252 8.02 11.05 -10.04
C MET O 252 7.85 9.80 -10.90
N LYS O 253 6.77 9.71 -11.67
CA LYS O 253 6.61 8.59 -12.60
C LYS O 253 7.70 8.60 -13.65
N ARG O 254 8.00 9.76 -14.21
CA ARG O 254 9.07 9.84 -15.21
C ARG O 254 10.43 9.48 -14.61
N ALA O 255 10.70 9.96 -13.39
CA ALA O 255 11.94 9.62 -12.72
C ALA O 255 12.02 8.12 -12.43
N ALA O 256 10.90 7.52 -11.99
CA ALA O 256 10.88 6.10 -11.69
C ALA O 256 11.10 5.28 -12.95
N TYR O 257 10.52 5.69 -14.07
CA TYR O 257 10.78 4.98 -15.32
C TYR O 257 12.22 5.13 -15.77
N ALA O 258 12.80 6.32 -15.58
CA ALA O 258 14.21 6.49 -15.90
C ALA O 258 15.08 5.57 -15.03
N LYS O 259 14.73 5.43 -13.76
CA LYS O 259 15.42 4.47 -12.90
C LYS O 259 15.22 3.04 -13.39
N GLU O 260 14.00 2.69 -13.80
CA GLU O 260 13.72 1.35 -14.29
C GLU O 260 14.55 1.01 -15.52
N LEU O 261 14.72 1.97 -16.42
CA LEU O 261 15.55 1.78 -17.60
C LEU O 261 17.04 1.89 -17.30
N GLU O 262 17.41 1.87 -16.01
CA GLU O 262 18.81 1.92 -15.60
C GLU O 262 19.52 3.15 -16.15
N MET O 263 18.83 4.29 -16.11
CA MET O 263 19.46 5.52 -16.54
C MET O 263 20.23 6.15 -15.39
N PRO O 264 21.42 6.69 -15.65
CA PRO O 264 22.23 7.26 -14.58
C PRO O 264 21.90 8.70 -14.20
N ILE O 265 21.14 9.43 -15.00
CA ILE O 265 20.98 10.86 -14.77
C ILE O 265 19.64 11.31 -15.33
N VAL O 266 19.00 12.25 -14.62
CA VAL O 266 17.77 12.89 -15.06
C VAL O 266 17.95 14.39 -14.98
N MET O 267 17.14 15.11 -15.74
CA MET O 267 17.22 16.55 -15.81
C MET O 267 15.93 17.17 -15.30
N HIS O 268 16.04 18.36 -14.71
CA HIS O 268 14.88 19.09 -14.22
C HIS O 268 15.11 20.58 -14.38
N ASP O 269 14.04 21.31 -14.66
CA ASP O 269 14.06 22.76 -14.67
C ASP O 269 13.62 23.25 -13.30
N PHE O 270 14.58 23.73 -12.49
CA PHE O 270 14.29 24.05 -11.10
C PHE O 270 13.49 25.33 -10.92
N LEU O 271 13.39 26.18 -11.94
CA LEU O 271 12.63 27.43 -11.82
C LEU O 271 11.24 27.32 -12.41
N THR O 272 11.10 26.82 -13.64
CA THR O 272 9.77 26.60 -14.18
C THR O 272 9.09 25.43 -13.49
N GLY O 273 9.84 24.37 -13.19
CA GLY O 273 9.30 23.29 -12.38
C GLY O 273 9.04 23.73 -10.95
N GLY O 274 9.96 24.49 -10.38
CA GLY O 274 9.81 25.00 -9.03
C GLY O 274 10.76 24.33 -8.06
N PHE O 275 11.00 25.02 -6.94
CA PHE O 275 11.93 24.51 -5.94
C PHE O 275 11.33 23.41 -5.09
N THR O 276 10.02 23.40 -4.88
CA THR O 276 9.39 22.30 -4.16
C THR O 276 9.61 20.98 -4.90
N ALA O 277 9.26 20.96 -6.18
CA ALA O 277 9.45 19.76 -6.99
C ALA O 277 10.92 19.45 -7.18
N ASN O 278 11.76 20.48 -7.26
CA ASN O 278 13.19 20.25 -7.39
C ASN O 278 13.76 19.55 -6.17
N THR O 279 13.38 20.01 -4.97
CA THR O 279 13.86 19.37 -3.75
C THR O 279 13.30 17.96 -3.62
N THR O 280 12.04 17.77 -3.98
CA THR O 280 11.47 16.42 -4.04
C THR O 280 12.31 15.52 -4.93
N LEU O 281 12.62 15.99 -6.13
CA LEU O 281 13.36 15.18 -7.08
C LEU O 281 14.79 14.95 -6.62
N ALA O 282 15.40 15.94 -5.96
CA ALA O 282 16.76 15.78 -5.46
C ALA O 282 16.81 14.74 -4.34
N HIS O 283 15.84 14.77 -3.44
CA HIS O 283 15.76 13.74 -2.40
C HIS O 283 15.53 12.37 -3.02
N TRP O 284 14.63 12.29 -4.01
CA TRP O 284 14.43 11.02 -4.71
C TRP O 284 15.71 10.56 -5.39
N CYS O 285 16.45 11.48 -6.01
CA CYS O 285 17.68 11.13 -6.70
C CYS O 285 18.73 10.60 -5.73
N ARG O 286 18.85 11.24 -4.57
CA ARG O 286 19.76 10.72 -3.54
C ARG O 286 19.30 9.34 -3.08
N ASP O 287 17.99 9.14 -2.93
CA ASP O 287 17.47 7.88 -2.46
C ASP O 287 17.57 6.76 -3.49
N ASN O 288 17.72 7.06 -4.77
CA ASN O 288 17.75 6.04 -5.80
C ASN O 288 19.04 6.07 -6.63
N GLY O 289 20.07 6.77 -6.18
CA GLY O 289 21.34 6.77 -6.87
C GLY O 289 21.31 7.37 -8.26
N ILE O 290 20.48 8.40 -8.47
CA ILE O 290 20.31 9.02 -9.77
C ILE O 290 20.96 10.39 -9.75
N LEU O 291 21.77 10.67 -10.76
CA LEU O 291 22.34 12.01 -10.91
C LEU O 291 21.27 12.99 -11.37
N LEU O 292 21.45 14.25 -11.00
CA LEU O 292 20.44 15.28 -11.24
C LEU O 292 21.08 16.44 -12.00
N HIS O 293 20.83 16.49 -13.30
CA HIS O 293 21.19 17.65 -14.09
C HIS O 293 20.12 18.73 -13.94
N ILE O 294 20.55 19.97 -13.73
CA ILE O 294 19.63 21.06 -13.46
C ILE O 294 19.74 22.09 -14.57
N HIS O 295 18.64 22.33 -15.26
CA HIS O 295 18.55 23.33 -16.31
C HIS O 295 17.93 24.59 -15.74
N ARG O 296 18.50 25.74 -16.08
CA ARG O 296 18.10 27.02 -15.49
C ARG O 296 17.13 27.78 -16.38
N ALA O 297 16.21 27.09 -17.04
CA ALA O 297 15.21 27.76 -17.86
C ALA O 297 14.44 28.78 -17.03
N MET O 298 14.22 29.95 -17.63
CA MET O 298 13.56 31.13 -17.05
C MET O 298 14.49 31.91 -16.11
N HIS O 299 15.77 31.54 -16.02
CA HIS O 299 16.67 32.28 -15.15
C HIS O 299 16.82 33.72 -15.63
N ALA O 300 16.95 33.94 -16.94
CA ALA O 300 17.19 35.27 -17.47
C ALA O 300 16.00 36.19 -17.28
N VAL O 301 14.80 35.65 -17.07
CA VAL O 301 13.67 36.50 -16.71
C VAL O 301 13.94 37.18 -15.37
N ILE O 302 14.58 36.47 -14.45
CA ILE O 302 14.86 37.01 -13.13
C ILE O 302 16.19 37.75 -13.05
N ASP O 303 17.22 37.24 -13.73
CA ASP O 303 18.60 37.63 -13.44
C ASP O 303 19.28 38.38 -14.57
N ARG O 304 18.53 38.95 -15.51
CA ARG O 304 19.20 39.58 -16.65
C ARG O 304 19.60 41.02 -16.39
N GLN O 305 18.74 41.79 -15.72
CA GLN O 305 18.98 43.21 -15.53
C GLN O 305 19.84 43.45 -14.29
N LYS O 306 20.65 44.50 -14.35
CA LYS O 306 21.50 44.85 -13.22
C LYS O 306 20.72 45.51 -12.10
N ASN O 307 19.68 46.27 -12.44
CA ASN O 307 19.00 47.07 -11.43
C ASN O 307 17.88 46.33 -10.72
N HIS O 308 17.34 45.25 -11.30
CA HIS O 308 16.19 44.58 -10.71
C HIS O 308 16.28 43.08 -10.92
N GLY O 309 15.78 42.33 -9.93
CA GLY O 309 15.67 40.89 -10.02
C GLY O 309 16.47 40.20 -8.94
N ILE O 310 16.91 38.98 -9.25
CA ILE O 310 17.78 38.21 -8.38
C ILE O 310 18.97 37.78 -9.21
N HIS O 311 20.18 38.12 -8.75
CA HIS O 311 21.36 37.66 -9.47
C HIS O 311 21.44 36.13 -9.42
N PHE O 312 21.99 35.56 -10.50
CA PHE O 312 22.01 34.11 -10.61
C PHE O 312 22.83 33.43 -9.52
N ARG O 313 23.74 34.14 -8.86
CA ARG O 313 24.50 33.50 -7.80
C ARG O 313 23.61 33.13 -6.61
N VAL O 314 22.56 33.92 -6.35
CA VAL O 314 21.62 33.58 -5.29
C VAL O 314 20.84 32.32 -5.65
N LEU O 315 20.32 32.27 -6.89
CA LEU O 315 19.63 31.07 -7.34
C LEU O 315 20.57 29.88 -7.39
N ALA O 316 21.86 30.11 -7.63
CA ALA O 316 22.82 29.01 -7.68
C ALA O 316 23.06 28.44 -6.30
N LYS O 317 23.21 29.30 -5.30
CA LYS O 317 23.32 28.82 -3.92
C LYS O 317 22.06 28.06 -3.51
N CYS O 318 20.90 28.58 -3.90
CA CYS O 318 19.65 27.92 -3.54
C CYS O 318 19.49 26.58 -4.24
N LEU O 319 19.97 26.48 -5.49
CA LEU O 319 19.92 25.21 -6.20
C LEU O 319 20.92 24.22 -5.61
N ARG O 320 22.08 24.71 -5.17
CA ARG O 320 23.03 23.83 -4.50
C ARG O 320 22.44 23.24 -3.23
N MET O 321 21.73 24.06 -2.45
CA MET O 321 21.14 23.55 -1.21
C MET O 321 19.94 22.64 -1.50
N SER O 322 19.05 23.06 -2.42
CA SER O 322 17.88 22.26 -2.74
C SER O 322 18.28 20.94 -3.38
N GLY O 323 19.29 20.96 -4.23
CA GLY O 323 19.83 19.73 -4.76
C GLY O 323 20.01 19.72 -6.26
N GLY O 324 21.21 19.40 -6.69
CA GLY O 324 21.52 19.25 -8.10
C GLY O 324 22.97 18.88 -8.29
N ASP O 325 23.23 17.90 -9.15
CA ASP O 325 24.61 17.49 -9.43
C ASP O 325 25.23 18.36 -10.51
N HIS O 326 24.46 18.71 -11.53
CA HIS O 326 24.86 19.64 -12.57
C HIS O 326 24.01 20.89 -12.46
N ILE O 327 24.53 22.00 -12.97
CA ILE O 327 23.72 23.20 -13.15
C ILE O 327 24.31 24.00 -14.28
N HIS O 328 23.45 24.58 -15.11
CA HIS O 328 23.90 25.47 -16.16
C HIS O 328 24.39 26.78 -15.56
N THR O 329 25.51 27.28 -16.09
CA THR O 329 26.14 28.47 -15.58
C THR O 329 26.40 29.51 -16.66
N GLY O 330 26.12 29.20 -17.92
CA GLY O 330 26.47 30.09 -19.01
C GLY O 330 27.91 29.89 -19.46
N THR O 331 28.11 29.99 -20.78
CA THR O 331 29.40 29.70 -21.39
C THR O 331 30.31 30.91 -21.48
N VAL O 332 29.86 32.08 -21.05
CA VAL O 332 30.57 33.35 -21.21
C VAL O 332 30.64 33.71 -22.71
N VAL O 333 31.26 32.84 -23.50
CA VAL O 333 31.61 33.14 -24.88
C VAL O 333 30.58 32.62 -25.88
N GLY O 334 29.37 32.28 -25.43
CA GLY O 334 28.35 31.70 -26.29
C GLY O 334 27.26 32.68 -26.65
N LYS O 335 26.11 32.13 -27.05
CA LYS O 335 24.99 32.94 -27.51
C LYS O 335 24.16 33.53 -26.38
N LEU O 336 24.42 33.16 -25.13
CA LEU O 336 23.65 33.66 -24.00
C LEU O 336 24.53 34.49 -23.08
N GLU O 337 23.89 35.45 -22.41
CA GLU O 337 24.64 36.48 -21.68
C GLU O 337 25.10 36.00 -20.32
N GLY O 338 26.39 36.23 -20.03
CA GLY O 338 26.94 36.10 -18.70
C GLY O 338 28.36 36.62 -18.64
N ASP O 339 28.64 37.55 -17.72
CA ASP O 339 29.96 38.16 -17.65
C ASP O 339 31.00 37.16 -17.14
N ARG O 340 32.26 37.44 -17.45
CA ARG O 340 33.32 36.53 -17.05
C ARG O 340 33.50 36.51 -15.54
N ALA O 341 33.57 37.69 -14.92
CA ALA O 341 33.91 37.77 -13.51
C ALA O 341 32.79 37.21 -12.63
N GLY O 342 31.55 37.63 -12.88
CA GLY O 342 30.43 37.12 -12.10
C GLY O 342 30.24 35.62 -12.27
N THR O 343 30.44 35.13 -13.50
CA THR O 343 30.34 33.69 -13.73
C THR O 343 31.43 32.94 -12.98
N LEU O 344 32.66 33.45 -13.02
CA LEU O 344 33.72 32.84 -12.20
C LEU O 344 33.31 32.82 -10.74
N GLY O 345 32.72 33.91 -10.27
CA GLY O 345 32.29 33.99 -8.88
C GLY O 345 31.28 32.91 -8.51
N PHE O 346 30.19 32.81 -9.29
CA PHE O 346 29.18 31.84 -8.89
C PHE O 346 29.56 30.41 -9.25
N VAL O 347 30.51 30.21 -10.18
CA VAL O 347 31.04 28.88 -10.41
C VAL O 347 31.87 28.42 -9.22
N ASP O 348 32.69 29.32 -8.66
CA ASP O 348 33.38 29.01 -7.41
C ASP O 348 32.39 28.78 -6.27
N LEU O 349 31.32 29.58 -6.23
CA LEU O 349 30.29 29.39 -5.21
C LEU O 349 29.64 28.02 -5.32
N LEU O 350 29.41 27.55 -6.55
CA LEU O 350 28.74 26.27 -6.78
C LEU O 350 29.67 25.09 -6.56
N ARG O 351 30.96 25.24 -6.83
CA ARG O 351 31.86 24.09 -6.83
C ARG O 351 32.74 24.00 -5.59
N GLU O 352 33.10 25.12 -4.98
CA GLU O 352 34.05 25.11 -3.88
C GLU O 352 33.35 24.90 -2.55
N ASN O 353 34.15 24.52 -1.56
CA ASN O 353 33.68 24.44 -0.18
C ASN O 353 33.77 25.78 0.53
N TYR O 354 34.85 26.51 0.33
CA TYR O 354 35.04 27.82 0.95
C TYR O 354 35.32 28.85 -0.14
N ILE O 355 34.54 29.92 -0.15
CA ILE O 355 34.72 31.01 -1.08
C ILE O 355 34.76 32.29 -0.27
N GLU O 356 35.90 32.99 -0.33
CA GLU O 356 36.08 34.20 0.45
C GLU O 356 35.37 35.38 -0.21
N GLN O 357 35.14 36.41 0.60
CA GLN O 357 34.50 37.63 0.10
C GLN O 357 35.33 38.25 -1.02
N ASP O 358 34.66 38.64 -2.10
CA ASP O 358 35.32 39.29 -3.24
C ASP O 358 34.27 40.10 -3.99
N LYS O 359 34.27 41.42 -3.75
CA LYS O 359 33.33 42.28 -4.45
C LYS O 359 33.61 42.30 -5.95
N SER O 360 34.87 42.13 -6.35
CA SER O 360 35.24 42.20 -7.76
C SER O 360 34.63 41.06 -8.56
N ARG O 361 34.27 39.95 -7.92
CA ARG O 361 33.65 38.82 -8.58
C ARG O 361 32.20 38.64 -8.15
N GLY O 362 31.61 39.62 -7.48
CA GLY O 362 30.24 39.55 -7.04
C GLY O 362 30.02 38.75 -5.78
N VAL O 363 31.08 38.31 -5.11
CA VAL O 363 30.97 37.57 -3.86
C VAL O 363 30.91 38.61 -2.74
N TYR O 364 29.70 39.02 -2.38
CA TYR O 364 29.54 40.02 -1.32
C TYR O 364 29.76 39.44 0.07
N PHE O 365 29.66 38.13 0.24
CA PHE O 365 29.86 37.50 1.53
C PHE O 365 30.79 36.30 1.40
N THR O 366 31.54 36.04 2.46
CA THR O 366 32.29 34.80 2.55
C THR O 366 31.31 33.66 2.81
N GLN O 367 31.32 32.65 1.93
CA GLN O 367 30.39 31.53 2.00
C GLN O 367 31.16 30.26 2.29
N ASP O 368 30.77 29.58 3.36
CA ASP O 368 31.33 28.30 3.77
C ASP O 368 30.25 27.24 3.63
N TRP O 369 30.57 26.14 2.96
CA TRP O 369 29.57 25.13 2.63
C TRP O 369 29.55 23.96 3.59
N ALA O 370 30.49 23.90 4.54
CA ALA O 370 30.51 22.87 5.58
C ALA O 370 30.43 21.46 4.98
N SER O 371 31.24 21.23 3.94
CA SER O 371 31.36 19.95 3.25
C SER O 371 30.12 19.60 2.44
N MET O 372 29.25 20.56 2.14
CA MET O 372 28.20 20.33 1.16
C MET O 372 28.86 20.12 -0.20
N PRO O 373 28.60 19.01 -0.87
CA PRO O 373 29.28 18.73 -2.14
C PRO O 373 29.00 19.80 -3.19
N GLY O 374 29.98 20.02 -4.06
CA GLY O 374 29.84 21.00 -5.12
C GLY O 374 29.00 20.52 -6.28
N VAL O 375 28.60 21.47 -7.12
CA VAL O 375 27.75 21.21 -8.28
C VAL O 375 28.58 21.40 -9.54
N MET O 376 28.44 20.46 -10.47
CA MET O 376 29.12 20.55 -11.76
C MET O 376 28.61 21.75 -12.56
N ALA O 377 29.53 22.47 -13.19
CA ALA O 377 29.17 23.61 -14.02
C ALA O 377 28.93 23.16 -15.45
N VAL O 378 27.86 23.66 -16.05
CA VAL O 378 27.43 23.26 -17.37
C VAL O 378 27.51 24.48 -18.29
N ALA O 379 28.38 24.41 -19.29
CA ALA O 379 28.52 25.46 -20.30
C ALA O 379 27.76 25.02 -21.54
N SER O 380 26.60 25.65 -21.77
CA SER O 380 25.73 25.27 -22.88
C SER O 380 25.22 26.51 -23.58
N GLY O 381 25.18 26.46 -24.91
CA GLY O 381 24.59 27.54 -25.69
C GLY O 381 25.55 28.25 -26.61
N GLY O 382 25.43 27.99 -27.91
CA GLY O 382 26.17 28.71 -28.92
C GLY O 382 27.68 28.60 -28.82
N ILE O 383 28.19 27.38 -28.67
CA ILE O 383 29.63 27.17 -28.63
C ILE O 383 30.00 26.08 -29.60
N HIS O 384 31.22 26.16 -30.12
CA HIS O 384 31.78 25.18 -31.02
C HIS O 384 33.20 24.90 -30.56
N VAL O 385 33.97 24.19 -31.40
CA VAL O 385 35.33 23.81 -31.04
C VAL O 385 36.23 25.01 -30.79
N TRP O 386 35.97 26.15 -31.43
CA TRP O 386 36.84 27.30 -31.27
C TRP O 386 36.78 27.86 -29.85
N HIS O 387 35.62 27.75 -29.19
CA HIS O 387 35.52 28.16 -27.80
C HIS O 387 36.11 27.14 -26.85
N MET O 388 36.52 25.97 -27.34
CA MET O 388 36.96 24.90 -26.46
C MET O 388 38.13 25.28 -25.57
N PRO O 389 39.22 25.88 -26.06
CA PRO O 389 40.31 26.24 -25.14
C PRO O 389 39.87 27.18 -24.03
N ALA O 390 39.20 28.28 -24.39
CA ALA O 390 38.76 29.26 -23.40
C ALA O 390 37.90 28.60 -22.32
N LEU O 391 36.95 27.76 -22.72
CA LEU O 391 36.13 27.06 -21.73
C LEU O 391 36.99 26.19 -20.82
N VAL O 392 37.92 25.44 -21.39
CA VAL O 392 38.83 24.64 -20.56
C VAL O 392 39.63 25.55 -19.65
N GLU O 393 39.94 26.76 -20.13
CA GLU O 393 40.60 27.74 -19.28
C GLU O 393 39.66 28.24 -18.19
N ILE O 394 38.40 28.48 -18.54
CA ILE O 394 37.48 29.15 -17.61
C ILE O 394 37.00 28.18 -16.54
N PHE O 395 36.41 27.06 -16.95
CA PHE O 395 35.73 26.18 -16.01
C PHE O 395 36.62 25.07 -15.48
N GLY O 396 37.62 24.65 -16.23
CA GLY O 396 38.45 23.55 -15.77
C GLY O 396 37.76 22.21 -15.94
N ASP O 397 38.27 21.23 -15.19
CA ASP O 397 37.83 19.86 -15.38
C ASP O 397 36.42 19.62 -14.84
N ASP O 398 36.09 20.22 -13.70
CA ASP O 398 34.86 19.89 -12.98
C ASP O 398 33.67 20.62 -13.60
N SER O 399 33.48 20.35 -14.89
CA SER O 399 32.48 21.06 -15.66
C SER O 399 32.00 20.17 -16.80
N VAL O 400 30.85 20.53 -17.36
CA VAL O 400 30.30 19.89 -18.54
C VAL O 400 30.21 20.93 -19.64
N LEU O 401 30.75 20.59 -20.81
CA LEU O 401 30.72 21.45 -21.98
C LEU O 401 29.69 20.88 -22.95
N GLN O 402 28.68 21.67 -23.28
CA GLN O 402 27.54 21.18 -24.05
C GLN O 402 27.52 21.85 -25.41
N PHE O 403 27.65 21.05 -26.47
CA PHE O 403 27.65 21.51 -27.85
C PHE O 403 26.42 20.94 -28.55
N GLY O 404 25.29 21.64 -28.47
CA GLY O 404 24.12 21.22 -29.20
C GLY O 404 24.29 21.37 -30.71
N GLY O 405 24.34 22.62 -31.18
CA GLY O 405 24.58 22.87 -32.59
C GLY O 405 26.02 22.63 -33.02
N GLY O 406 26.96 22.63 -32.07
CA GLY O 406 28.35 22.37 -32.38
C GLY O 406 28.69 20.92 -32.63
N THR O 407 27.73 20.03 -32.44
CA THR O 407 27.91 18.61 -32.73
C THR O 407 27.00 18.14 -33.84
N LEU O 408 25.69 18.38 -33.72
CA LEU O 408 24.76 17.98 -34.76
C LEU O 408 24.92 18.85 -36.01
N GLY O 409 25.43 20.07 -35.86
CA GLY O 409 25.68 20.95 -36.97
C GLY O 409 26.95 20.70 -37.73
N HIS O 410 27.73 19.70 -37.33
CA HIS O 410 28.91 19.33 -38.08
C HIS O 410 28.49 18.81 -39.46
N PRO O 411 29.26 19.12 -40.51
CA PRO O 411 28.82 18.70 -41.87
C PRO O 411 28.68 17.21 -42.05
N TRP O 412 29.52 16.40 -41.39
CA TRP O 412 29.51 14.97 -41.64
C TRP O 412 28.42 14.23 -40.87
N GLY O 413 27.94 14.78 -39.77
CA GLY O 413 26.89 14.13 -39.01
C GLY O 413 27.14 14.26 -37.51
N ASN O 414 26.25 13.62 -36.76
CA ASN O 414 26.34 13.69 -35.30
C ASN O 414 27.63 13.06 -34.79
N ALA O 415 27.93 11.84 -35.23
CA ALA O 415 29.10 11.13 -34.71
C ALA O 415 30.41 11.82 -35.06
N PRO O 416 30.67 12.22 -36.31
CA PRO O 416 31.90 12.97 -36.57
C PRO O 416 31.99 14.29 -35.82
N GLY O 417 30.87 14.99 -35.61
CA GLY O 417 30.92 16.21 -34.82
C GLY O 417 31.24 15.96 -33.36
N ALA O 418 30.64 14.90 -32.80
CA ALA O 418 30.99 14.48 -31.45
C ALA O 418 32.46 14.16 -31.34
N THR O 419 33.00 13.45 -32.34
CA THR O 419 34.43 13.12 -32.33
C THR O 419 35.29 14.38 -32.45
N ALA O 420 34.87 15.33 -33.27
CA ALA O 420 35.62 16.57 -33.42
C ALA O 420 35.68 17.32 -32.09
N ASN O 421 34.55 17.39 -31.39
CA ASN O 421 34.53 18.04 -30.08
C ASN O 421 35.39 17.28 -29.09
N ARG O 422 35.31 15.95 -29.10
CA ARG O 422 36.12 15.15 -28.16
C ARG O 422 37.61 15.34 -28.43
N VAL O 423 38.00 15.42 -29.70
CA VAL O 423 39.41 15.60 -30.04
C VAL O 423 39.87 17.00 -29.63
N ALA O 424 39.06 18.02 -29.88
CA ALA O 424 39.41 19.37 -29.46
C ALA O 424 39.55 19.44 -27.94
N LEU O 425 38.61 18.84 -27.22
CA LEU O 425 38.67 18.85 -25.77
C LEU O 425 39.90 18.13 -25.25
N GLU O 426 40.19 16.96 -25.81
CA GLU O 426 41.32 16.16 -25.33
C GLU O 426 42.64 16.83 -25.67
N ALA O 427 42.73 17.46 -26.84
CA ALA O 427 43.95 18.21 -27.16
C ALA O 427 44.13 19.39 -26.23
N CYS O 428 43.05 20.11 -25.92
CA CYS O 428 43.14 21.22 -24.99
C CYS O 428 43.58 20.75 -23.61
N VAL O 429 43.02 19.63 -23.14
CA VAL O 429 43.40 19.11 -21.83
C VAL O 429 44.85 18.67 -21.83
N GLN O 430 45.28 18.00 -22.90
CA GLN O 430 46.67 17.55 -23.00
C GLN O 430 47.63 18.72 -22.97
N ALA O 431 47.35 19.75 -23.77
CA ALA O 431 48.21 20.93 -23.82
C ALA O 431 48.22 21.67 -22.49
N ARG O 432 47.06 21.72 -21.82
CA ARG O 432 47.00 22.33 -20.49
C ARG O 432 47.87 21.56 -19.49
N ASN O 433 47.77 20.23 -19.51
CA ASN O 433 48.55 19.42 -18.60
C ASN O 433 50.05 19.56 -18.89
N GLU O 434 50.43 19.62 -20.16
CA GLU O 434 51.84 19.72 -20.53
C GLU O 434 52.48 21.02 -20.05
N GLY O 435 51.69 22.08 -19.87
CA GLY O 435 52.23 23.34 -19.43
C GLY O 435 52.16 24.42 -20.49
N ARG O 436 51.10 24.41 -21.30
CA ARG O 436 50.89 25.43 -22.31
C ARG O 436 49.90 26.48 -21.81
N ASN O 437 49.96 27.66 -22.42
CA ASN O 437 49.04 28.74 -22.10
C ASN O 437 47.82 28.60 -23.00
N LEU O 438 46.76 28.02 -22.46
CA LEU O 438 45.57 27.76 -23.27
C LEU O 438 44.92 29.05 -23.76
N ALA O 439 44.83 30.06 -22.89
CA ALA O 439 44.23 31.33 -23.28
C ALA O 439 45.03 32.00 -24.40
N ARG O 440 46.30 31.65 -24.53
CA ARG O 440 47.17 32.24 -25.55
C ARG O 440 47.25 31.37 -26.80
N GLU O 441 47.54 30.08 -26.63
CA GLU O 441 47.77 29.18 -27.75
C GLU O 441 46.58 28.25 -28.00
N GLY O 442 45.37 28.68 -27.68
CA GLY O 442 44.20 27.84 -27.95
C GLY O 442 44.00 27.58 -29.42
N GLY O 443 44.10 28.63 -30.24
CA GLY O 443 44.02 28.44 -31.68
C GLY O 443 45.15 27.58 -32.21
N ASP O 444 46.33 27.68 -31.61
CA ASP O 444 47.45 26.83 -32.01
C ASP O 444 47.14 25.36 -31.75
N ILE O 445 46.62 25.04 -30.55
CA ILE O 445 46.27 23.67 -30.20
C ILE O 445 45.19 23.15 -31.15
N ILE O 446 44.17 23.96 -31.39
CA ILE O 446 43.10 23.56 -32.30
C ILE O 446 43.65 23.31 -33.69
N ARG O 447 44.59 24.14 -34.14
CA ARG O 447 45.13 24.01 -35.49
C ARG O 447 45.93 22.71 -35.63
N GLU O 448 46.78 22.39 -34.66
CA GLU O 448 47.51 21.13 -34.76
C GLU O 448 46.56 19.93 -34.70
N ALA O 449 45.55 20.00 -33.82
CA ALA O 449 44.58 18.90 -33.75
C ALA O 449 43.84 18.74 -35.07
N CYS O 450 43.47 19.85 -35.71
CA CYS O 450 42.84 19.78 -37.02
C CYS O 450 43.77 19.15 -38.05
N LYS O 451 45.05 19.51 -37.99
CA LYS O 451 46.03 18.85 -38.84
C LYS O 451 46.01 17.34 -38.62
N TRP O 452 45.69 16.91 -37.40
CA TRP O 452 45.56 15.49 -37.14
C TRP O 452 44.13 14.95 -37.27
N SER O 453 43.11 15.76 -37.01
CA SER O 453 41.73 15.27 -37.00
C SER O 453 40.93 15.85 -38.14
N PRO O 454 40.45 15.03 -39.07
CA PRO O 454 39.64 15.57 -40.18
C PRO O 454 38.27 16.06 -39.75
N GLU O 455 37.61 15.36 -38.83
CA GLU O 455 36.33 15.84 -38.30
C GLU O 455 36.50 17.22 -37.67
N LEU O 456 37.57 17.38 -36.89
CA LEU O 456 37.88 18.68 -36.29
C LEU O 456 38.18 19.72 -37.36
N ALA O 457 38.89 19.32 -38.41
CA ALA O 457 39.20 20.26 -39.49
C ALA O 457 37.93 20.78 -40.14
N ALA O 458 36.99 19.89 -40.45
CA ALA O 458 35.73 20.31 -41.04
C ALA O 458 34.93 21.19 -40.08
N ALA O 459 34.91 20.82 -38.80
CA ALA O 459 34.19 21.63 -37.82
C ALA O 459 34.76 23.04 -37.73
N CYS O 460 36.08 23.15 -37.65
CA CYS O 460 36.72 24.46 -37.52
C CYS O 460 36.56 25.30 -38.76
N GLU O 461 36.66 24.69 -39.94
CA GLU O 461 36.45 25.46 -41.16
C GLU O 461 35.00 25.88 -41.32
N LEU O 462 34.07 25.14 -40.70
CA LEU O 462 32.67 25.53 -40.77
C LEU O 462 32.36 26.74 -39.88
N TRP O 463 32.92 26.76 -38.67
CA TRP O 463 32.51 27.73 -37.66
C TRP O 463 33.62 28.73 -37.32
N LYS O 464 34.55 28.94 -38.24
CA LYS O 464 35.71 29.78 -37.93
C LYS O 464 35.30 31.21 -37.61
N GLU O 465 34.31 31.75 -38.34
CA GLU O 465 33.90 33.15 -38.18
C GLU O 465 32.59 33.29 -37.43
N ILE O 466 32.31 32.39 -36.49
CA ILE O 466 31.09 32.44 -35.68
C ILE O 466 31.49 32.87 -34.27
N LYS O 467 30.88 33.95 -33.80
CA LYS O 467 31.32 34.57 -32.54
C LYS O 467 30.23 35.49 -32.04
N PHE O 468 29.81 35.30 -30.79
CA PHE O 468 28.76 36.11 -30.18
C PHE O 468 29.41 37.09 -29.22
N GLU O 469 29.41 38.37 -29.59
CA GLU O 469 29.86 39.43 -28.70
C GLU O 469 28.89 40.59 -28.77
N PHE O 470 28.44 41.03 -27.60
CA PHE O 470 27.55 42.16 -27.47
C PHE O 470 27.93 42.91 -26.19
N ASP O 471 27.17 43.96 -25.88
CA ASP O 471 27.35 44.65 -24.61
C ASP O 471 26.94 43.74 -23.47
N THR O 472 27.72 43.74 -22.39
CA THR O 472 27.40 42.97 -21.20
C THR O 472 26.46 43.79 -20.32
N VAL O 473 25.19 43.40 -20.30
CA VAL O 473 24.21 44.09 -19.46
C VAL O 473 24.41 43.79 -17.99
N ASP O 474 25.00 42.64 -17.65
CA ASP O 474 25.21 42.22 -16.26
C ASP O 474 26.70 42.06 -16.01
N THR O 475 27.37 43.15 -15.64
CA THR O 475 28.79 43.11 -15.36
C THR O 475 29.05 43.40 -13.89
N GLY P 11 11.90 17.91 -50.26
CA GLY P 11 13.09 17.34 -49.66
C GLY P 11 14.36 18.09 -50.01
N ALA P 12 14.72 19.06 -49.17
CA ALA P 12 15.90 19.88 -49.41
C ALA P 12 17.16 19.16 -48.94
N GLY P 13 18.30 19.65 -49.42
CA GLY P 13 19.58 19.17 -48.97
C GLY P 13 19.95 19.75 -47.61
N TYR P 14 21.13 19.36 -47.13
CA TYR P 14 21.60 19.78 -45.82
C TYR P 14 22.69 20.83 -45.99
N ASP P 15 22.45 22.02 -45.45
CA ASP P 15 23.42 23.11 -45.49
C ASP P 15 23.97 23.33 -44.09
N ALA P 16 25.14 22.79 -43.82
CA ALA P 16 25.82 23.03 -42.56
C ALA P 16 26.33 24.48 -42.52
N GLY P 17 26.09 25.15 -41.41
CA GLY P 17 26.54 26.52 -41.22
C GLY P 17 25.42 27.38 -40.66
N VAL P 18 25.83 28.52 -40.09
CA VAL P 18 24.85 29.42 -39.48
C VAL P 18 24.19 30.24 -40.58
N GLN P 19 22.95 30.65 -40.30
CA GLN P 19 22.17 31.50 -41.20
C GLN P 19 21.23 32.34 -40.35
N ASP P 20 20.71 33.40 -40.97
CA ASP P 20 19.83 34.32 -40.25
C ASP P 20 18.56 33.61 -39.82
N TYR P 21 18.07 33.98 -38.63
CA TYR P 21 16.80 33.44 -38.14
C TYR P 21 15.62 33.94 -38.96
N ARG P 22 15.70 35.17 -39.47
CA ARG P 22 14.59 35.80 -40.17
C ARG P 22 14.19 35.05 -41.43
N LEU P 23 15.08 34.23 -42.00
CA LEU P 23 14.76 33.52 -43.22
C LEU P 23 13.64 32.51 -43.01
N THR P 24 13.67 31.80 -41.88
CA THR P 24 12.73 30.72 -41.63
C THR P 24 11.84 30.92 -40.41
N TYR P 25 11.92 32.06 -39.73
CA TYR P 25 11.17 32.27 -38.50
C TYR P 25 10.41 33.59 -38.45
N TYR P 26 10.49 34.41 -39.50
CA TYR P 26 9.74 35.66 -39.56
C TYR P 26 8.77 35.55 -40.74
N ALA P 27 7.50 35.29 -40.43
CA ALA P 27 6.44 35.14 -41.43
C ALA P 27 5.44 36.27 -41.24
N PRO P 28 5.75 37.48 -41.71
CA PRO P 28 4.87 38.62 -41.49
C PRO P 28 3.51 38.48 -42.16
N ASP P 29 3.37 37.60 -43.15
CA ASP P 29 2.10 37.40 -43.82
C ASP P 29 1.23 36.35 -43.14
N TYR P 30 1.78 35.60 -42.21
CA TYR P 30 1.07 34.47 -41.61
C TYR P 30 -0.05 34.98 -40.70
N THR P 31 -1.23 34.42 -40.87
CA THR P 31 -2.31 34.72 -39.94
C THR P 31 -2.38 33.64 -38.86
N PRO P 32 -2.63 34.01 -37.60
CA PRO P 32 -2.64 33.00 -36.54
C PRO P 32 -3.80 32.02 -36.69
N ARG P 33 -3.48 30.74 -36.60
CA ARG P 33 -4.52 29.74 -36.43
C ARG P 33 -5.20 29.93 -35.08
N ASP P 34 -6.45 29.48 -34.98
CA ASP P 34 -7.17 29.64 -33.72
C ASP P 34 -6.68 28.71 -32.62
N THR P 35 -5.94 27.66 -32.98
CA THR P 35 -5.35 26.74 -32.01
C THR P 35 -3.93 27.13 -31.61
N ASP P 36 -3.38 28.21 -32.17
CA ASP P 36 -2.03 28.63 -31.84
C ASP P 36 -1.99 29.30 -30.47
N ILE P 37 -0.84 29.23 -29.84
CA ILE P 37 -0.54 30.04 -28.66
C ILE P 37 0.11 31.34 -29.15
N LEU P 38 -0.46 32.46 -28.76
CA LEU P 38 0.04 33.77 -29.19
C LEU P 38 0.71 34.47 -28.03
N ALA P 39 1.90 34.99 -28.28
CA ALA P 39 2.69 35.67 -27.26
C ALA P 39 3.02 37.07 -27.76
N ALA P 40 2.79 38.07 -26.91
CA ALA P 40 3.18 39.44 -27.19
C ALA P 40 4.44 39.75 -26.39
N PHE P 41 5.49 40.17 -27.09
CA PHE P 41 6.79 40.42 -26.48
C PHE P 41 7.13 41.90 -26.64
N ARG P 42 7.42 42.57 -25.53
CA ARG P 42 8.05 43.88 -25.56
C ARG P 42 9.55 43.66 -25.66
N MET P 43 10.12 43.96 -26.81
CA MET P 43 11.46 43.58 -27.19
C MET P 43 12.30 44.83 -27.38
N THR P 44 13.46 44.87 -26.73
CA THR P 44 14.44 45.94 -26.90
C THR P 44 15.73 45.27 -27.36
N PRO P 45 16.06 45.36 -28.64
CA PRO P 45 17.30 44.74 -29.14
C PRO P 45 18.51 45.64 -28.91
N GLN P 46 19.68 45.03 -29.07
CA GLN P 46 20.91 45.79 -29.04
C GLN P 46 20.96 46.76 -30.21
N PRO P 47 21.63 47.90 -30.06
CA PRO P 47 21.84 48.79 -31.21
C PRO P 47 22.50 48.04 -32.36
N GLY P 48 22.00 48.27 -33.57
CA GLY P 48 22.55 47.61 -34.74
C GLY P 48 22.09 46.19 -35.01
N VAL P 49 21.15 45.67 -34.22
CA VAL P 49 20.54 44.36 -34.39
C VAL P 49 19.20 44.57 -35.06
N PRO P 50 18.92 43.98 -36.23
CA PRO P 50 17.60 44.30 -36.82
C PRO P 50 16.41 43.88 -35.95
N PRO P 51 15.37 44.75 -35.79
CA PRO P 51 14.28 44.26 -34.92
C PRO P 51 13.67 42.94 -35.38
N GLU P 52 13.47 42.76 -36.68
CA GLU P 52 12.84 41.55 -37.19
C GLU P 52 13.74 40.34 -36.95
N GLU P 53 15.05 40.51 -37.10
CA GLU P 53 15.97 39.44 -36.74
C GLU P 53 15.90 39.10 -35.26
N CYS P 54 15.75 40.12 -34.42
CA CYS P 54 15.63 39.88 -32.98
C CYS P 54 14.38 39.08 -32.65
N ALA P 55 13.25 39.44 -33.27
CA ALA P 55 12.00 38.72 -33.05
C ALA P 55 12.08 37.30 -33.61
N ALA P 56 12.74 37.13 -34.76
CA ALA P 56 12.93 35.79 -35.31
C ALA P 56 13.79 34.94 -34.39
N ALA P 57 14.81 35.53 -33.78
CA ALA P 57 15.61 34.80 -32.79
C ALA P 57 14.75 34.40 -31.61
N VAL P 58 13.89 35.30 -31.14
CA VAL P 58 13.00 34.97 -30.04
C VAL P 58 12.13 33.77 -30.40
N ALA P 59 11.50 33.82 -31.58
CA ALA P 59 10.62 32.73 -32.00
C ALA P 59 11.38 31.42 -32.17
N ALA P 60 12.57 31.48 -32.78
CA ALA P 60 13.34 30.27 -33.04
C ALA P 60 13.82 29.63 -31.76
N GLU P 61 14.45 30.41 -30.87
CA GLU P 61 14.96 29.85 -29.64
C GLU P 61 13.86 29.50 -28.67
N SER P 62 12.65 30.03 -28.86
CA SER P 62 11.53 29.62 -28.04
C SER P 62 10.79 28.40 -28.57
N SER P 63 10.93 28.08 -29.87
CA SER P 63 10.25 26.90 -30.41
C SER P 63 11.21 25.81 -30.86
N THR P 64 12.02 26.03 -31.90
CA THR P 64 12.86 24.97 -32.45
C THR P 64 14.25 25.43 -32.84
N GLY P 65 14.50 26.73 -32.95
CA GLY P 65 15.72 27.19 -33.59
C GLY P 65 16.96 26.93 -32.75
N THR P 66 18.04 26.60 -33.44
CA THR P 66 19.38 26.55 -32.85
C THR P 66 20.24 27.60 -33.55
N TRP P 67 21.43 27.83 -33.01
CA TRP P 67 22.28 28.89 -33.54
C TRP P 67 22.75 28.58 -34.96
N THR P 68 23.10 27.33 -35.23
CA THR P 68 23.48 26.88 -36.56
C THR P 68 22.48 25.85 -37.06
N THR P 69 22.62 25.48 -38.33
CA THR P 69 21.72 24.51 -38.95
C THR P 69 22.10 23.09 -38.55
N VAL P 70 21.09 22.28 -38.22
CA VAL P 70 21.26 20.89 -37.83
C VAL P 70 20.60 20.02 -38.89
N TRP P 71 21.27 18.92 -39.25
CA TRP P 71 20.76 18.03 -40.30
C TRP P 71 19.53 17.26 -39.86
N THR P 72 19.28 17.17 -38.55
CA THR P 72 18.09 16.50 -38.07
C THR P 72 16.82 17.31 -38.28
N ASP P 73 16.96 18.59 -38.66
CA ASP P 73 15.80 19.36 -39.06
C ASP P 73 15.14 18.77 -40.29
N LEU P 74 15.93 18.12 -41.15
CA LEU P 74 15.40 17.60 -42.40
C LEU P 74 14.57 16.35 -42.20
N LEU P 75 14.88 15.54 -41.18
CA LEU P 75 14.05 14.37 -40.91
C LEU P 75 12.82 14.73 -40.09
N THR P 76 12.12 15.78 -40.52
CA THR P 76 10.99 16.36 -39.81
C THR P 76 10.20 17.27 -40.74
N ASP P 77 8.99 17.67 -40.33
CA ASP P 77 8.29 18.78 -40.98
C ASP P 77 8.42 19.98 -40.07
N MET P 78 9.43 20.82 -40.35
CA MET P 78 9.76 21.96 -39.51
C MET P 78 8.64 23.00 -39.47
N ASP P 79 7.99 23.25 -40.61
CA ASP P 79 7.00 24.31 -40.68
C ASP P 79 5.78 24.03 -39.80
N ARG P 80 5.59 22.78 -39.37
CA ARG P 80 4.47 22.46 -38.51
C ARG P 80 4.78 22.62 -37.03
N TYR P 81 6.03 22.88 -36.67
CA TYR P 81 6.44 23.10 -35.29
C TYR P 81 7.07 24.46 -35.03
N ARG P 82 7.63 25.10 -36.05
CA ARG P 82 8.37 26.34 -35.86
C ARG P 82 7.47 27.44 -35.31
N GLY P 83 7.97 28.17 -34.33
CA GLY P 83 7.31 29.39 -33.91
C GLY P 83 7.58 30.50 -34.93
N ARG P 84 6.54 31.27 -35.22
CA ARG P 84 6.63 32.30 -36.23
C ARG P 84 6.26 33.65 -35.63
N CYS P 85 7.06 34.66 -35.91
CA CYS P 85 6.73 36.04 -35.57
C CYS P 85 5.93 36.61 -36.72
N TYR P 86 4.61 36.75 -36.53
CA TYR P 86 3.73 37.18 -37.60
C TYR P 86 3.44 38.68 -37.57
N ASP P 87 4.07 39.42 -36.66
CA ASP P 87 3.85 40.85 -36.57
C ASP P 87 4.90 41.48 -35.68
N ILE P 88 5.38 42.66 -36.06
CA ILE P 88 6.22 43.51 -35.22
C ILE P 88 5.72 44.94 -35.38
N GLU P 89 5.36 45.58 -34.27
CA GLU P 89 4.97 46.97 -34.34
C GLU P 89 5.68 47.80 -33.29
N PRO P 90 6.33 48.90 -33.67
CA PRO P 90 7.03 49.74 -32.70
C PRO P 90 6.10 50.27 -31.61
N VAL P 91 6.62 50.30 -30.39
CA VAL P 91 5.93 50.85 -29.23
C VAL P 91 5.99 52.37 -29.34
N PRO P 92 4.91 53.10 -29.01
CA PRO P 92 4.98 54.56 -29.07
C PRO P 92 6.03 55.12 -28.14
N GLY P 93 6.72 56.16 -28.61
CA GLY P 93 7.73 56.83 -27.81
C GLY P 93 8.90 55.95 -27.44
N GLU P 94 9.37 55.12 -28.38
CA GLU P 94 10.45 54.18 -28.12
C GLU P 94 11.37 54.11 -29.33
N ASP P 95 12.65 54.42 -29.12
CA ASP P 95 13.61 54.32 -30.21
C ASP P 95 13.91 52.87 -30.57
N ASN P 96 13.90 51.96 -29.60
CA ASN P 96 14.31 50.59 -29.85
C ASN P 96 13.44 49.58 -29.12
N GLN P 97 12.15 49.86 -28.95
CA GLN P 97 11.26 48.96 -28.24
C GLN P 97 10.05 48.65 -29.12
N TYR P 98 9.83 47.36 -29.39
CA TYR P 98 8.79 46.91 -30.30
C TYR P 98 7.98 45.79 -29.66
N ILE P 99 6.69 45.76 -29.97
CA ILE P 99 5.84 44.62 -29.60
C ILE P 99 5.85 43.64 -30.76
N ALA P 100 6.36 42.44 -30.50
CA ALA P 100 6.40 41.34 -31.46
C ALA P 100 5.35 40.31 -31.08
N TYR P 101 4.55 39.90 -32.06
CA TYR P 101 3.52 38.88 -31.87
C TYR P 101 4.04 37.58 -32.47
N VAL P 102 4.21 36.56 -31.63
CA VAL P 102 4.77 35.28 -32.04
C VAL P 102 3.69 34.22 -31.86
N ALA P 103 3.52 33.37 -32.87
CA ALA P 103 2.51 32.32 -32.86
C ALA P 103 3.20 30.96 -32.81
N TYR P 104 2.77 30.13 -31.88
CA TYR P 104 3.34 28.82 -31.68
C TYR P 104 2.28 27.76 -31.97
N PRO P 105 2.62 26.72 -32.73
CA PRO P 105 1.67 25.63 -32.96
C PRO P 105 1.26 24.96 -31.65
N LEU P 106 0.01 24.52 -31.60
CA LEU P 106 -0.49 23.79 -30.44
C LEU P 106 0.31 22.51 -30.19
N ASP P 107 0.97 21.98 -31.22
CA ASP P 107 1.70 20.72 -31.12
C ASP P 107 2.95 20.82 -30.24
N LEU P 108 3.43 22.04 -29.95
CA LEU P 108 4.68 22.21 -29.24
C LEU P 108 4.57 21.98 -27.75
N PHE P 109 3.38 22.03 -27.18
CA PHE P 109 3.24 22.13 -25.73
C PHE P 109 2.62 20.88 -25.16
N GLU P 110 3.11 20.47 -23.99
CA GLU P 110 2.54 19.35 -23.28
C GLU P 110 1.17 19.72 -22.73
N GLU P 111 0.19 18.86 -22.99
CA GLU P 111 -1.17 19.11 -22.54
C GLU P 111 -1.23 19.17 -21.01
N GLY P 112 -1.91 20.19 -20.50
CA GLY P 112 -2.13 20.29 -19.06
C GLY P 112 -0.93 20.69 -18.24
N SER P 113 0.14 21.17 -18.87
CA SER P 113 1.37 21.52 -18.17
C SER P 113 1.65 23.01 -18.35
N VAL P 114 1.43 23.79 -17.28
CA VAL P 114 1.84 25.19 -17.30
C VAL P 114 3.36 25.29 -17.29
N THR P 115 4.02 24.39 -16.57
CA THR P 115 5.48 24.37 -16.50
C THR P 115 6.09 24.26 -17.89
N ASN P 116 5.58 23.35 -18.71
CA ASN P 116 6.12 23.17 -20.06
C ASN P 116 5.85 24.39 -20.92
N LEU P 117 4.67 24.98 -20.80
CA LEU P 117 4.35 26.19 -21.55
C LEU P 117 5.35 27.30 -21.24
N LEU P 118 5.61 27.54 -19.95
CA LEU P 118 6.55 28.59 -19.57
C LEU P 118 7.98 28.24 -19.97
N THR P 119 8.37 26.98 -19.84
CA THR P 119 9.70 26.57 -20.23
C THR P 119 9.93 26.78 -21.72
N SER P 120 8.90 26.53 -22.53
CA SER P 120 9.02 26.80 -23.96
C SER P 120 9.07 28.30 -24.23
N LEU P 121 8.17 29.06 -23.62
CA LEU P 121 8.06 30.48 -23.92
C LEU P 121 9.19 31.28 -23.30
N VAL P 122 9.29 31.26 -21.97
CA VAL P 122 10.20 32.12 -21.24
C VAL P 122 11.47 31.38 -20.81
N GLY P 123 11.82 30.31 -21.51
CA GLY P 123 12.94 29.45 -21.11
C GLY P 123 14.30 30.11 -21.15
N ASN P 124 14.79 30.46 -22.34
CA ASN P 124 16.11 31.04 -22.47
C ASN P 124 16.19 32.25 -23.39
N VAL P 125 15.08 32.68 -24.00
CA VAL P 125 15.13 33.79 -24.93
C VAL P 125 15.37 35.12 -24.22
N PHE P 126 15.05 35.21 -22.93
CA PHE P 126 15.24 36.45 -22.20
C PHE P 126 16.70 36.77 -21.96
N GLY P 127 17.60 35.82 -22.18
CA GLY P 127 19.02 36.07 -22.01
C GLY P 127 19.79 36.07 -23.31
N PHE P 128 19.10 36.30 -24.42
CA PHE P 128 19.77 36.36 -25.72
C PHE P 128 20.68 37.57 -25.78
N LYS P 129 21.93 37.35 -26.22
CA LYS P 129 22.91 38.41 -26.22
C LYS P 129 22.52 39.55 -27.15
N ALA P 130 21.90 39.24 -28.29
CA ALA P 130 21.42 40.26 -29.21
C ALA P 130 20.23 41.04 -28.67
N LEU P 131 19.66 40.59 -27.55
CA LEU P 131 18.53 41.25 -26.91
C LEU P 131 19.02 42.07 -25.73
N ARG P 132 18.49 43.29 -25.58
CA ARG P 132 18.79 44.07 -24.39
C ARG P 132 17.74 43.86 -23.31
N ALA P 133 16.47 43.87 -23.67
CA ALA P 133 15.41 43.65 -22.68
C ALA P 133 14.25 42.93 -23.33
N LEU P 134 13.60 42.05 -22.57
CA LEU P 134 12.45 41.32 -23.09
C LEU P 134 11.40 41.22 -22.00
N ARG P 135 10.15 41.51 -22.36
CA ARG P 135 9.03 41.34 -21.45
C ARG P 135 7.95 40.55 -22.16
N LEU P 136 7.42 39.52 -21.50
CA LEU P 136 6.27 38.80 -22.02
C LEU P 136 5.02 39.50 -21.50
N GLU P 137 4.35 40.25 -22.38
CA GLU P 137 3.23 41.07 -21.95
C GLU P 137 1.95 40.26 -21.82
N ASP P 138 1.62 39.46 -22.82
CA ASP P 138 0.33 38.78 -22.84
C ASP P 138 0.46 37.43 -23.53
N LEU P 139 -0.55 36.58 -23.30
CA LEU P 139 -0.57 35.24 -23.86
C LEU P 139 -1.99 34.92 -24.30
N ARG P 140 -2.14 34.49 -25.55
CA ARG P 140 -3.40 33.93 -26.01
C ARG P 140 -3.32 32.42 -25.86
N ILE P 141 -4.07 31.88 -24.91
CA ILE P 141 -4.17 30.44 -24.72
C ILE P 141 -5.38 29.96 -25.51
N PRO P 142 -5.19 29.14 -26.54
CA PRO P 142 -6.33 28.67 -27.33
C PRO P 142 -7.23 27.77 -26.51
N VAL P 143 -8.50 27.71 -26.93
CA VAL P 143 -9.49 26.91 -26.22
C VAL P 143 -9.06 25.44 -26.18
N ALA P 144 -8.47 24.95 -27.27
CA ALA P 144 -8.03 23.56 -27.32
C ALA P 144 -6.96 23.28 -26.27
N TYR P 145 -6.07 24.26 -26.01
CA TYR P 145 -5.10 24.07 -24.96
C TYR P 145 -5.72 24.22 -23.58
N VAL P 146 -6.66 25.16 -23.44
CA VAL P 146 -7.32 25.39 -22.15
C VAL P 146 -8.03 24.12 -21.69
N LYS P 147 -8.59 23.37 -22.64
CA LYS P 147 -9.35 22.17 -22.29
C LYS P 147 -8.48 21.09 -21.65
N THR P 148 -7.16 21.13 -21.85
CA THR P 148 -6.30 20.10 -21.30
C THR P 148 -5.94 20.34 -19.83
N PHE P 149 -6.32 21.48 -19.27
CA PHE P 149 -6.01 21.80 -17.88
C PHE P 149 -7.23 21.57 -17.00
N GLN P 150 -6.97 21.34 -15.72
CA GLN P 150 -8.07 21.26 -14.76
C GLN P 150 -8.66 22.64 -14.48
N GLY P 151 -7.82 23.67 -14.49
CA GLY P 151 -8.24 24.99 -14.10
C GLY P 151 -8.31 25.08 -12.59
N PRO P 152 -9.03 26.07 -12.07
CA PRO P 152 -9.21 26.18 -10.64
C PRO P 152 -9.87 24.93 -10.10
N PRO P 153 -9.46 24.47 -8.92
CA PRO P 153 -10.13 23.29 -8.33
C PRO P 153 -11.63 23.48 -8.19
N HIS P 154 -12.07 24.67 -7.80
CA HIS P 154 -13.50 24.97 -7.69
C HIS P 154 -13.92 26.18 -8.53
N GLY P 155 -13.26 27.31 -8.37
CA GLY P 155 -13.66 28.53 -9.04
C GLY P 155 -14.58 29.37 -8.17
N ILE P 156 -14.92 30.54 -8.70
CA ILE P 156 -15.60 31.56 -7.90
C ILE P 156 -16.97 31.08 -7.44
N GLN P 157 -17.79 30.58 -8.38
CA GLN P 157 -19.17 30.27 -8.04
C GLN P 157 -19.26 29.05 -7.14
N VAL P 158 -18.46 28.01 -7.43
CA VAL P 158 -18.45 26.84 -6.56
C VAL P 158 -17.92 27.20 -5.18
N GLU P 159 -16.92 28.09 -5.11
CA GLU P 159 -16.43 28.52 -3.80
C GLU P 159 -17.51 29.26 -3.02
N ARG P 160 -18.22 30.17 -3.67
CA ARG P 160 -19.29 30.90 -3.00
C ARG P 160 -20.39 29.96 -2.54
N ASP P 161 -20.71 28.95 -3.34
CA ASP P 161 -21.68 27.94 -2.92
C ASP P 161 -21.18 27.17 -1.71
N ARG P 162 -19.89 26.82 -1.69
CA ARG P 162 -19.35 25.99 -0.62
C ARG P 162 -19.26 26.74 0.70
N ILE P 163 -18.86 28.02 0.67
CA ILE P 163 -18.77 28.80 1.90
C ILE P 163 -20.05 29.56 2.20
N ASN P 164 -21.07 29.43 1.34
CA ASN P 164 -22.39 30.01 1.60
C ASN P 164 -22.30 31.51 1.83
N LYS P 165 -21.58 32.19 0.96
CA LYS P 165 -21.33 33.63 1.08
C LYS P 165 -21.68 34.28 -0.26
N TYR P 166 -22.67 35.17 -0.24
CA TYR P 166 -23.14 35.80 -1.46
C TYR P 166 -23.37 37.29 -1.23
N GLY P 167 -23.25 38.06 -2.31
CA GLY P 167 -23.69 39.43 -2.35
C GLY P 167 -22.69 40.48 -1.87
N ARG P 168 -21.46 40.10 -1.57
CA ARG P 168 -20.47 41.06 -1.10
C ARG P 168 -19.09 40.48 -1.34
N PRO P 169 -18.06 41.32 -1.37
CA PRO P 169 -16.69 40.79 -1.31
C PRO P 169 -16.45 40.10 0.02
N LEU P 170 -15.58 39.10 0.00
CA LEU P 170 -15.17 38.45 1.23
C LEU P 170 -14.13 39.30 1.94
N LEU P 171 -13.98 39.08 3.24
CA LEU P 171 -13.04 39.83 4.06
C LEU P 171 -12.05 38.87 4.70
N GLY P 172 -10.77 39.25 4.65
CA GLY P 172 -9.71 38.44 5.23
C GLY P 172 -8.69 39.32 5.94
N CYS P 173 -7.72 38.65 6.55
CA CYS P 173 -6.63 39.33 7.22
C CYS P 173 -5.47 38.36 7.38
N THR P 174 -4.26 38.88 7.25
CA THR P 174 -3.05 38.16 7.59
C THR P 174 -2.70 38.44 9.04
N ILE P 175 -2.42 37.38 9.79
CA ILE P 175 -2.02 37.54 11.18
C ILE P 175 -0.64 38.16 11.23
N LYS P 176 -0.52 39.26 11.96
CA LYS P 176 0.74 39.97 12.14
C LYS P 176 1.18 39.87 13.60
N PRO P 177 2.49 39.86 13.86
CA PRO P 177 3.63 39.95 12.92
C PRO P 177 3.71 38.74 12.00
N LYS P 178 4.43 38.86 10.88
CA LYS P 178 4.56 37.75 9.95
C LYS P 178 5.14 36.53 10.66
N LEU P 179 6.36 36.65 11.17
CA LEU P 179 7.03 35.56 11.87
C LEU P 179 7.34 35.98 13.29
N GLY P 180 7.21 35.04 14.22
CA GLY P 180 7.54 35.31 15.60
C GLY P 180 6.51 34.77 16.59
N LEU P 181 5.25 34.76 16.20
CA LEU P 181 4.18 34.35 17.10
C LEU P 181 4.19 32.84 17.32
N SER P 182 3.88 32.43 18.54
CA SER P 182 3.70 31.02 18.82
C SER P 182 2.40 30.52 18.22
N ALA P 183 2.29 29.20 18.07
CA ALA P 183 1.10 28.62 17.45
C ALA P 183 -0.17 28.98 18.22
N LYS P 184 -0.11 28.93 19.55
CA LYS P 184 -1.29 29.21 20.35
C LYS P 184 -1.70 30.68 20.26
N ASN P 185 -0.74 31.59 20.37
CA ASN P 185 -1.07 33.02 20.24
C ASN P 185 -1.55 33.33 18.83
N TYR P 186 -0.97 32.67 17.83
CA TYR P 186 -1.44 32.78 16.46
C TYR P 186 -2.91 32.38 16.35
N GLY P 187 -3.26 31.23 16.91
CA GLY P 187 -4.65 30.81 16.90
C GLY P 187 -5.56 31.75 17.66
N ARG P 188 -5.08 32.33 18.75
CA ARG P 188 -5.88 33.30 19.49
C ARG P 188 -6.16 34.55 18.64
N ALA P 189 -5.13 35.04 17.95
CA ALA P 189 -5.32 36.17 17.04
C ALA P 189 -6.30 35.81 15.92
N VAL P 190 -6.17 34.59 15.40
CA VAL P 190 -7.10 34.12 14.38
C VAL P 190 -8.53 34.14 14.92
N TYR P 191 -8.73 33.65 16.14
CA TYR P 191 -10.06 33.62 16.73
C TYR P 191 -10.62 35.03 16.90
N GLU P 192 -9.80 35.94 17.41
CA GLU P 192 -10.28 37.30 17.65
C GLU P 192 -10.63 37.99 16.33
N CYS P 193 -9.81 37.79 15.29
CA CYS P 193 -10.13 38.35 13.98
C CYS P 193 -11.42 37.75 13.42
N LEU P 194 -11.56 36.42 13.52
CA LEU P 194 -12.69 35.76 12.87
C LEU P 194 -14.00 36.07 13.59
N ARG P 195 -13.99 36.10 14.91
CA ARG P 195 -15.21 36.38 15.65
C ARG P 195 -15.69 37.82 15.46
N GLY P 196 -14.82 38.70 14.97
CA GLY P 196 -15.21 40.08 14.73
C GLY P 196 -15.94 40.31 13.42
N GLY P 197 -15.93 39.35 12.50
CA GLY P 197 -16.67 39.51 11.26
C GLY P 197 -15.91 39.21 9.99
N LEU P 198 -14.61 38.93 10.11
CA LEU P 198 -13.85 38.52 8.94
C LEU P 198 -14.26 37.13 8.50
N ASP P 199 -14.46 36.97 7.19
CA ASP P 199 -14.72 35.64 6.64
C ASP P 199 -13.50 34.75 6.78
N PHE P 200 -12.32 35.29 6.54
CA PHE P 200 -11.11 34.50 6.46
C PHE P 200 -10.00 35.15 7.28
N THR P 201 -9.08 34.31 7.74
CA THR P 201 -7.79 34.78 8.19
C THR P 201 -6.79 34.02 7.32
N ASP P 203 -2.35 32.64 6.76
CA ASP P 203 -0.94 32.57 7.11
C ASP P 203 -0.15 33.56 6.27
N ASP P 204 0.83 34.19 6.88
CA ASP P 204 1.80 34.93 6.09
C ASP P 204 2.56 33.95 5.19
N GLU P 205 2.90 34.42 3.99
CA GLU P 205 3.54 33.55 3.01
C GLU P 205 4.88 33.01 3.49
N ASN P 206 5.48 33.65 4.50
CA ASN P 206 6.71 33.14 5.10
C ASN P 206 6.47 32.07 6.15
N ILE P 207 5.27 32.03 6.74
CA ILE P 207 4.92 31.07 7.77
C ILE P 207 4.70 29.72 7.08
N ASN P 208 5.71 28.84 7.13
CA ASN P 208 5.50 27.46 6.70
C ASN P 208 5.66 26.50 7.86
N SER P 209 6.87 26.40 8.44
CA SER P 209 7.08 25.63 9.66
C SER P 209 8.44 26.09 10.20
N GLN P 210 8.41 26.80 11.32
CA GLN P 210 9.60 27.44 11.84
C GLN P 210 9.84 26.99 13.27
N PRO P 211 11.05 27.18 13.80
CA PRO P 211 11.31 26.76 15.20
C PRO P 211 10.38 27.38 16.21
N PHE P 212 10.00 28.66 16.04
CA PHE P 212 9.06 29.28 16.97
C PHE P 212 7.63 28.79 16.76
N GLN P 213 7.33 28.14 15.63
CA GLN P 213 5.97 27.75 15.33
C GLN P 213 6.01 26.56 14.37
N ARG P 214 5.80 25.37 14.89
CA ARG P 214 5.66 24.21 14.03
C ARG P 214 4.31 24.24 13.33
N TRP P 215 4.29 23.75 12.10
CA TRP P 215 3.09 23.86 11.28
C TRP P 215 1.93 23.04 11.83
N ARG P 216 2.21 21.90 12.45
CA ARG P 216 1.12 21.07 12.96
C ARG P 216 0.43 21.73 14.13
N ASP P 217 1.20 22.35 15.03
CA ASP P 217 0.60 23.08 16.14
C ASP P 217 -0.21 24.27 15.64
N ARG P 218 0.32 24.99 14.65
CA ARG P 218 -0.43 26.09 14.05
C ARG P 218 -1.74 25.59 13.46
N PHE P 219 -1.70 24.48 12.73
CA PHE P 219 -2.91 23.93 12.13
C PHE P 219 -3.94 23.58 13.19
N LEU P 220 -3.51 22.90 14.25
CA LEU P 220 -4.43 22.53 15.32
C LEU P 220 -5.07 23.75 15.96
N PHE P 221 -4.25 24.73 16.35
CA PHE P 221 -4.80 25.89 17.06
C PHE P 221 -5.68 26.73 16.15
N VAL P 222 -5.30 26.87 14.89
CA VAL P 222 -6.11 27.60 13.93
C VAL P 222 -7.45 26.92 13.72
N ALA P 223 -7.44 25.59 13.60
CA ALA P 223 -8.70 24.85 13.45
C ALA P 223 -9.60 25.07 14.65
N ASP P 224 -9.03 25.04 15.85
CA ASP P 224 -9.84 25.29 17.05
C ASP P 224 -10.42 26.70 17.05
N ALA P 225 -9.61 27.69 16.67
CA ALA P 225 -10.11 29.07 16.63
C ALA P 225 -11.23 29.20 15.60
N ILE P 226 -11.07 28.54 14.45
CA ILE P 226 -12.11 28.56 13.42
C ILE P 226 -13.39 27.96 13.95
N HIS P 227 -13.30 26.83 14.64
CA HIS P 227 -14.51 26.22 15.20
C HIS P 227 -15.17 27.13 16.22
N LYS P 228 -14.36 27.74 17.10
CA LYS P 228 -14.94 28.62 18.12
C LYS P 228 -15.64 29.82 17.48
N SER P 229 -14.99 30.47 16.53
CA SER P 229 -15.59 31.66 15.91
C SER P 229 -16.79 31.30 15.05
N GLN P 230 -16.76 30.15 14.38
CA GLN P 230 -17.93 29.69 13.64
C GLN P 230 -19.10 29.43 14.57
N ALA P 231 -18.83 28.80 15.72
CA ALA P 231 -19.89 28.57 16.70
C ALA P 231 -20.44 29.88 17.22
N GLU P 232 -19.59 30.88 17.40
CA GLU P 232 -20.04 32.15 17.96
C GLU P 232 -20.86 32.94 16.95
N THR P 233 -20.27 33.27 15.81
CA THR P 233 -20.92 34.14 14.84
C THR P 233 -22.01 33.44 14.04
N GLY P 234 -21.91 32.13 13.86
CA GLY P 234 -22.86 31.43 13.01
C GLY P 234 -22.64 31.66 11.53
N GLU P 235 -21.42 32.04 11.15
CA GLU P 235 -21.04 32.19 9.76
C GLU P 235 -19.86 31.28 9.48
N ILE P 236 -19.74 30.85 8.22
CA ILE P 236 -18.61 30.03 7.82
C ILE P 236 -17.35 30.85 7.98
N LYS P 237 -16.43 30.36 8.83
CA LYS P 237 -15.14 30.99 9.03
C LYS P 237 -14.06 30.11 8.43
N GLY P 238 -13.00 30.75 7.95
CA GLY P 238 -11.92 30.00 7.33
C GLY P 238 -10.60 30.64 7.64
N HIS P 239 -9.54 29.87 7.43
CA HIS P 239 -8.19 30.39 7.55
C HIS P 239 -7.33 29.74 6.48
N TYR P 240 -6.72 30.55 5.63
CA TYR P 240 -5.82 30.01 4.61
C TYR P 240 -4.62 29.42 5.32
N LEU P 241 -4.49 28.10 5.28
CA LEU P 241 -3.36 27.41 5.88
C LEU P 241 -2.27 27.25 4.84
N ASN P 242 -1.13 27.90 5.07
CA ASN P 242 -0.01 27.80 4.14
C ASN P 242 0.52 26.37 4.18
N VAL P 243 0.33 25.64 3.08
CA VAL P 243 0.89 24.31 2.93
C VAL P 243 2.17 24.31 2.12
N THR P 244 2.67 25.49 1.73
CA THR P 244 3.93 25.58 1.01
C THR P 244 5.03 24.94 1.83
N ALA P 245 5.79 24.05 1.20
CA ALA P 245 6.76 23.25 1.91
C ALA P 245 8.00 23.06 1.03
N ALA P 246 9.02 22.46 1.64
CA ALA P 246 10.27 22.21 0.93
C ALA P 246 10.08 21.20 -0.18
N THR P 247 9.28 20.16 0.06
CA THR P 247 9.09 19.09 -0.89
C THR P 247 7.61 18.86 -1.13
N CYS P 248 7.32 18.13 -2.20
CA CYS P 248 5.93 17.82 -2.53
C CYS P 248 5.33 16.87 -1.51
N GLU P 249 6.12 15.95 -0.96
CA GLU P 249 5.63 15.08 0.09
C GLU P 249 5.24 15.88 1.33
N GLU P 250 6.05 16.86 1.71
CA GLU P 250 5.74 17.69 2.88
C GLU P 250 4.52 18.57 2.62
N MET P 251 4.42 19.14 1.42
CA MET P 251 3.23 19.91 1.06
C MET P 251 1.98 19.05 1.11
N MET P 252 2.08 17.81 0.62
CA MET P 252 0.94 16.91 0.63
C MET P 252 0.57 16.49 2.05
N LYS P 253 1.56 16.29 2.92
CA LYS P 253 1.28 15.99 4.32
C LYS P 253 0.56 17.16 4.99
N ARG P 254 1.01 18.38 4.74
CA ARG P 254 0.35 19.54 5.33
C ARG P 254 -1.08 19.69 4.80
N ALA P 255 -1.26 19.48 3.49
CA ALA P 255 -2.60 19.54 2.91
C ALA P 255 -3.50 18.45 3.49
N ALA P 256 -2.97 17.23 3.66
CA ALA P 256 -3.75 16.14 4.21
C ALA P 256 -4.15 16.42 5.65
N TYR P 257 -3.25 17.00 6.44
CA TYR P 257 -3.62 17.37 7.80
C TYR P 257 -4.65 18.47 7.82
N ALA P 258 -4.54 19.45 6.91
CA ALA P 258 -5.57 20.48 6.82
C ALA P 258 -6.94 19.86 6.47
N LYS P 259 -6.95 18.87 5.58
CA LYS P 259 -8.17 18.14 5.29
C LYS P 259 -8.67 17.39 6.51
N GLU P 260 -7.77 16.75 7.26
CA GLU P 260 -8.16 16.01 8.45
C GLU P 260 -8.80 16.91 9.49
N LEU P 261 -8.28 18.11 9.67
CA LEU P 261 -8.86 19.08 10.58
C LEU P 261 -10.10 19.77 10.01
N GLU P 262 -10.65 19.25 8.91
CA GLU P 262 -11.85 19.78 8.30
C GLU P 262 -11.70 21.26 7.93
N MET P 263 -10.53 21.61 7.40
CA MET P 263 -10.32 22.97 6.96
C MET P 263 -10.85 23.15 5.53
N PRO P 264 -11.50 24.27 5.24
CA PRO P 264 -12.07 24.47 3.90
C PRO P 264 -11.10 25.01 2.86
N ILE P 265 -9.94 25.52 3.24
CA ILE P 265 -9.09 26.22 2.28
C ILE P 265 -7.64 26.13 2.74
N VAL P 266 -6.74 26.01 1.75
CA VAL P 266 -5.30 26.01 1.98
C VAL P 266 -4.67 27.03 1.05
N MET P 267 -3.49 27.49 1.41
CA MET P 267 -2.79 28.50 0.65
C MET P 267 -1.48 27.94 0.12
N HIS P 268 -1.05 28.43 -1.03
CA HIS P 268 0.21 28.02 -1.63
C HIS P 268 0.84 29.20 -2.37
N ASP P 269 2.17 29.26 -2.35
CA ASP P 269 2.92 30.21 -3.15
C ASP P 269 3.29 29.54 -4.46
N PHE P 270 2.61 29.90 -5.55
CA PHE P 270 2.77 29.18 -6.81
C PHE P 270 4.08 29.49 -7.53
N LEU P 271 4.79 30.55 -7.14
CA LEU P 271 6.05 30.89 -7.80
C LEU P 271 7.26 30.41 -7.01
N THR P 272 7.33 30.70 -5.71
CA THR P 272 8.42 30.15 -4.91
C THR P 272 8.24 28.66 -4.70
N GLY P 273 7.00 28.20 -4.49
CA GLY P 273 6.74 26.77 -4.46
C GLY P 273 6.93 26.14 -5.82
N GLY P 274 6.47 26.79 -6.87
CA GLY P 274 6.62 26.29 -8.22
C GLY P 274 5.30 25.82 -8.81
N PHE P 275 5.28 25.77 -10.14
CA PHE P 275 4.05 25.39 -10.85
C PHE P 275 3.82 23.88 -10.82
N THR P 276 4.88 23.08 -10.75
CA THR P 276 4.68 21.63 -10.62
C THR P 276 3.94 21.31 -9.33
N ALA P 277 4.45 21.82 -8.21
CA ALA P 277 3.80 21.59 -6.92
C ALA P 277 2.45 22.27 -6.86
N ASN P 278 2.31 23.43 -7.51
CA ASN P 278 1.02 24.10 -7.53
C ASN P 278 -0.04 23.27 -8.24
N THR P 279 0.31 22.71 -9.40
CA THR P 279 -0.65 21.88 -10.12
C THR P 279 -0.95 20.60 -9.35
N THR P 280 0.06 20.00 -8.73
CA THR P 280 -0.16 18.87 -7.83
C THR P 280 -1.17 19.22 -6.76
N LEU P 281 -0.97 20.36 -6.10
CA LEU P 281 -1.85 20.75 -5.00
C LEU P 281 -3.24 21.10 -5.51
N ALA P 282 -3.34 21.69 -6.70
CA ALA P 282 -4.65 22.03 -7.26
C ALA P 282 -5.43 20.77 -7.60
N HIS P 283 -4.77 19.77 -8.18
CA HIS P 283 -5.43 18.50 -8.45
C HIS P 283 -5.85 17.83 -7.14
N TRP P 284 -4.97 17.85 -6.13
CA TRP P 284 -5.34 17.33 -4.82
C TRP P 284 -6.54 18.07 -4.24
N CYS P 285 -6.55 19.39 -4.38
CA CYS P 285 -7.64 20.21 -3.84
C CYS P 285 -8.96 19.88 -4.52
N ARG P 286 -8.93 19.71 -5.84
CA ARG P 286 -10.13 19.29 -6.55
C ARG P 286 -10.58 17.91 -6.10
N ASP P 287 -9.62 17.00 -5.86
CA ASP P 287 -9.93 15.65 -5.45
C ASP P 287 -10.43 15.54 -4.02
N ASN P 288 -10.15 16.53 -3.17
CA ASN P 288 -10.54 16.46 -1.77
C ASN P 288 -11.45 17.62 -1.34
N GLY P 289 -12.02 18.36 -2.28
CA GLY P 289 -12.95 19.42 -1.94
C GLY P 289 -12.36 20.56 -1.14
N ILE P 290 -11.10 20.89 -1.39
CA ILE P 290 -10.40 21.93 -0.64
C ILE P 290 -10.22 23.14 -1.53
N LEU P 291 -10.56 24.32 -1.01
CA LEU P 291 -10.31 25.56 -1.73
C LEU P 291 -8.82 25.88 -1.71
N LEU P 292 -8.36 26.58 -2.74
CA LEU P 292 -6.94 26.85 -2.94
C LEU P 292 -6.71 28.35 -3.08
N HIS P 293 -6.26 28.97 -2.00
CA HIS P 293 -5.81 30.36 -2.06
C HIS P 293 -4.38 30.40 -2.58
N ILE P 294 -4.12 31.31 -3.52
CA ILE P 294 -2.83 31.38 -4.19
C ILE P 294 -2.18 32.72 -3.87
N HIS P 295 -1.02 32.67 -3.25
CA HIS P 295 -0.23 33.85 -2.92
C HIS P 295 0.86 34.02 -3.98
N ARG P 296 1.04 35.26 -4.44
CA ARG P 296 1.95 35.53 -5.55
C ARG P 296 3.31 36.01 -5.08
N ALA P 297 3.82 35.45 -4.00
CA ALA P 297 5.16 35.81 -3.52
C ALA P 297 6.19 35.60 -4.63
N MET P 298 7.09 36.57 -4.75
CA MET P 298 8.16 36.66 -5.76
C MET P 298 7.62 37.14 -7.11
N HIS P 299 6.36 37.52 -7.21
CA HIS P 299 5.85 38.00 -8.48
C HIS P 299 6.57 39.27 -8.92
N ALA P 300 6.80 40.19 -8.00
CA ALA P 300 7.40 41.48 -8.36
C ALA P 300 8.84 41.34 -8.81
N VAL P 301 9.52 40.24 -8.46
CA VAL P 301 10.84 39.99 -9.02
C VAL P 301 10.74 39.84 -10.54
N ILE P 302 9.67 39.20 -11.01
CA ILE P 302 9.49 38.96 -12.43
C ILE P 302 8.76 40.10 -13.14
N ASP P 303 7.75 40.70 -12.50
CA ASP P 303 6.75 41.51 -13.18
C ASP P 303 6.79 42.98 -12.80
N ARG P 304 7.88 43.48 -12.22
CA ARG P 304 7.86 44.85 -11.76
C ARG P 304 8.24 45.85 -12.83
N GLN P 305 9.24 45.53 -13.66
CA GLN P 305 9.75 46.46 -14.64
C GLN P 305 8.95 46.39 -15.94
N LYS P 306 8.84 47.53 -16.61
CA LYS P 306 8.11 47.57 -17.87
C LYS P 306 8.91 46.97 -19.01
N ASN P 307 10.24 47.10 -18.98
CA ASN P 307 11.04 46.70 -20.12
C ASN P 307 11.46 45.23 -20.09
N HIS P 308 11.44 44.58 -18.92
CA HIS P 308 11.94 43.21 -18.82
C HIS P 308 11.11 42.41 -17.84
N GLY P 309 10.96 41.11 -18.14
CA GLY P 309 10.30 40.18 -17.25
C GLY P 309 9.08 39.55 -17.89
N ILE P 310 8.13 39.17 -17.04
CA ILE P 310 6.85 38.65 -17.48
C ILE P 310 5.78 39.46 -16.78
N HIS P 311 4.86 40.05 -17.55
CA HIS P 311 3.78 40.78 -16.93
C HIS P 311 2.89 39.82 -16.13
N PHE P 312 2.33 40.33 -15.03
CA PHE P 312 1.57 39.47 -14.14
C PHE P 312 0.34 38.86 -14.80
N ARG P 313 -0.17 39.44 -15.90
CA ARG P 313 -1.32 38.83 -16.54
C ARG P 313 -0.99 37.47 -17.13
N VAL P 314 0.25 37.29 -17.60
CA VAL P 314 0.67 35.98 -18.11
C VAL P 314 0.71 34.96 -16.98
N LEU P 315 1.34 35.33 -15.85
CA LEU P 315 1.36 34.45 -14.70
C LEU P 315 -0.03 34.20 -14.17
N ALA P 316 -0.95 35.16 -14.33
CA ALA P 316 -2.31 34.99 -13.85
C ALA P 316 -3.06 33.98 -14.70
N LYS P 317 -2.91 34.06 -16.02
CA LYS P 317 -3.50 33.04 -16.90
C LYS P 317 -2.92 31.67 -16.58
N CYS P 318 -1.61 31.60 -16.35
CA CYS P 318 -0.98 30.32 -16.05
C CYS P 318 -1.44 29.76 -14.71
N LEU P 319 -1.66 30.64 -13.73
CA LEU P 319 -2.17 30.19 -12.43
C LEU P 319 -3.63 29.75 -12.55
N ARG P 320 -4.41 30.43 -13.38
CA ARG P 320 -5.79 30.00 -13.61
C ARG P 320 -5.83 28.60 -14.21
N MET P 321 -4.94 28.32 -15.17
CA MET P 321 -4.94 27.00 -15.79
C MET P 321 -4.37 25.94 -14.84
N SER P 322 -3.25 26.25 -14.17
CA SER P 322 -2.65 25.30 -13.26
C SER P 322 -3.55 25.01 -12.07
N GLY P 323 -4.24 26.02 -11.58
CA GLY P 323 -5.24 25.81 -10.56
C GLY P 323 -5.12 26.73 -9.37
N GLY P 324 -6.22 27.39 -9.05
CA GLY P 324 -6.29 28.24 -7.88
C GLY P 324 -7.67 28.87 -7.77
N ASP P 325 -8.25 28.85 -6.58
CA ASP P 325 -9.56 29.47 -6.37
C ASP P 325 -9.43 30.96 -6.08
N HIS P 326 -8.43 31.34 -5.31
CA HIS P 326 -8.08 32.73 -5.05
C HIS P 326 -6.73 33.02 -5.68
N ILE P 327 -6.49 34.29 -5.97
CA ILE P 327 -5.15 34.74 -6.34
C ILE P 327 -5.02 36.20 -5.97
N HIS P 328 -3.85 36.57 -5.46
CA HIS P 328 -3.57 37.97 -5.18
C HIS P 328 -3.40 38.74 -6.48
N THR P 329 -3.97 39.94 -6.52
CA THR P 329 -3.96 40.77 -7.70
C THR P 329 -3.43 42.17 -7.45
N GLY P 330 -3.14 42.52 -6.21
CA GLY P 330 -2.78 43.89 -5.87
C GLY P 330 -3.99 44.75 -5.65
N THR P 331 -3.87 45.65 -4.67
CA THR P 331 -4.98 46.49 -4.24
C THR P 331 -5.09 47.80 -5.00
N VAL P 332 -4.18 48.08 -5.92
CA VAL P 332 -4.06 49.36 -6.61
C VAL P 332 -3.67 50.45 -5.61
N VAL P 333 -4.51 50.66 -4.59
CA VAL P 333 -4.39 51.80 -3.70
C VAL P 333 -3.64 51.48 -2.41
N GLY P 334 -2.89 50.37 -2.37
CA GLY P 334 -2.20 49.94 -1.19
C GLY P 334 -0.71 50.20 -1.23
N LYS P 335 0.03 49.45 -0.40
CA LYS P 335 1.47 49.64 -0.28
C LYS P 335 2.27 48.96 -1.38
N LEU P 336 1.64 48.17 -2.23
CA LEU P 336 2.34 47.45 -3.28
C LEU P 336 1.89 47.95 -4.66
N GLU P 337 2.80 47.87 -5.63
CA GLU P 337 2.60 48.51 -6.92
C GLU P 337 1.71 47.69 -7.84
N GLY P 338 0.72 48.36 -8.43
CA GLY P 338 -0.04 47.83 -9.54
C GLY P 338 -0.96 48.88 -10.12
N ASP P 339 -0.87 49.12 -11.44
CA ASP P 339 -1.66 50.17 -12.06
C ASP P 339 -3.14 49.79 -12.11
N ARG P 340 -3.99 50.80 -12.24
CA ARG P 340 -5.42 50.56 -12.25
C ARG P 340 -5.84 49.80 -13.50
N ALA P 341 -5.39 50.26 -14.67
CA ALA P 341 -5.89 49.70 -15.93
C ALA P 341 -5.40 48.26 -16.13
N GLY P 342 -4.10 48.02 -15.94
CA GLY P 342 -3.58 46.68 -16.09
C GLY P 342 -4.18 45.70 -15.09
N THR P 343 -4.39 46.17 -13.85
CA THR P 343 -5.03 45.32 -12.85
C THR P 343 -6.46 45.00 -13.24
N LEU P 344 -7.21 45.99 -13.71
CA LEU P 344 -8.55 45.70 -14.22
C LEU P 344 -8.48 44.67 -15.33
N GLY P 345 -7.50 44.80 -16.21
CA GLY P 345 -7.35 43.86 -17.30
C GLY P 345 -7.14 42.42 -16.83
N PHE P 346 -6.16 42.21 -15.95
CA PHE P 346 -5.90 40.83 -15.56
C PHE P 346 -6.90 40.32 -14.53
N VAL P 347 -7.63 41.21 -13.85
CA VAL P 347 -8.73 40.74 -13.01
C VAL P 347 -9.87 40.23 -13.88
N ASP P 348 -10.18 40.93 -14.97
CA ASP P 348 -11.14 40.40 -15.94
C ASP P 348 -10.64 39.10 -16.57
N LEU P 349 -9.33 39.03 -16.84
CA LEU P 349 -8.77 37.81 -17.39
C LEU P 349 -8.92 36.64 -16.43
N LEU P 350 -8.76 36.89 -15.13
CA LEU P 350 -8.84 35.84 -14.12
C LEU P 350 -10.27 35.45 -13.81
N ARG P 351 -11.21 36.37 -13.90
CA ARG P 351 -12.58 36.11 -13.42
C ARG P 351 -13.57 35.83 -14.54
N GLU P 352 -13.39 36.40 -15.72
CA GLU P 352 -14.38 36.30 -16.77
C GLU P 352 -14.14 35.05 -17.62
N ASN P 353 -15.19 34.67 -18.36
CA ASN P 353 -15.08 33.61 -19.34
C ASN P 353 -14.57 34.13 -20.68
N TYR P 354 -15.05 35.28 -21.11
CA TYR P 354 -14.63 35.89 -22.38
C TYR P 354 -14.13 37.30 -22.11
N ILE P 355 -12.91 37.58 -22.56
CA ILE P 355 -12.32 38.90 -22.44
C ILE P 355 -11.82 39.30 -23.81
N GLU P 356 -12.39 40.38 -24.35
CA GLU P 356 -12.04 40.82 -25.69
C GLU P 356 -10.71 41.57 -25.68
N GLN P 357 -10.12 41.67 -26.87
CA GLN P 357 -8.87 42.40 -27.02
C GLN P 357 -9.02 43.86 -26.60
N ASP P 358 -8.06 44.35 -25.82
CA ASP P 358 -8.09 45.74 -25.37
C ASP P 358 -6.65 46.13 -25.02
N LYS P 359 -5.99 46.85 -25.94
CA LYS P 359 -4.62 47.30 -25.68
C LYS P 359 -4.58 48.29 -24.53
N SER P 360 -5.66 49.06 -24.33
CA SER P 360 -5.67 50.08 -23.29
C SER P 360 -5.62 49.47 -21.90
N ARG P 361 -6.02 48.21 -21.74
CA ARG P 361 -5.98 47.52 -20.47
C ARG P 361 -4.95 46.40 -20.46
N GLY P 362 -4.06 46.36 -21.45
CA GLY P 362 -3.04 45.34 -21.52
C GLY P 362 -3.50 44.01 -22.07
N VAL P 363 -4.73 43.92 -22.56
CA VAL P 363 -5.25 42.69 -23.15
C VAL P 363 -4.85 42.71 -24.62
N TYR P 364 -3.69 42.14 -24.93
CA TYR P 364 -3.22 42.11 -26.31
C TYR P 364 -3.96 41.09 -27.16
N PHE P 365 -4.60 40.09 -26.56
CA PHE P 365 -5.33 39.07 -27.29
C PHE P 365 -6.70 38.87 -26.69
N THR P 366 -7.66 38.51 -27.54
CA THR P 366 -8.94 38.05 -27.06
C THR P 366 -8.78 36.66 -26.46
N GLN P 367 -9.17 36.50 -25.20
CA GLN P 367 -8.99 35.25 -24.47
C GLN P 367 -10.36 34.67 -24.14
N ASP P 368 -10.58 33.43 -24.56
CA ASP P 368 -11.79 32.68 -24.28
C ASP P 368 -11.42 31.50 -23.39
N TRP P 369 -12.15 31.33 -22.30
CA TRP P 369 -11.79 30.34 -21.29
C TRP P 369 -12.57 29.04 -21.42
N ALA P 370 -13.55 28.97 -22.32
CA ALA P 370 -14.30 27.74 -22.60
C ALA P 370 -14.86 27.12 -21.33
N SER P 371 -15.47 27.98 -20.50
CA SER P 371 -16.12 27.59 -19.24
C SER P 371 -15.13 27.16 -18.17
N MET P 372 -13.85 27.49 -18.31
CA MET P 372 -12.93 27.34 -17.20
C MET P 372 -13.35 28.30 -16.09
N PRO P 373 -13.59 27.82 -14.88
CA PRO P 373 -14.09 28.70 -13.81
C PRO P 373 -13.10 29.82 -13.51
N GLY P 374 -13.64 30.96 -13.09
CA GLY P 374 -12.82 32.11 -12.76
C GLY P 374 -12.17 31.99 -11.39
N VAL P 375 -11.19 32.86 -11.16
CA VAL P 375 -10.42 32.89 -9.92
C VAL P 375 -10.78 34.15 -9.14
N MET P 376 -11.00 33.98 -7.85
CA MET P 376 -11.29 35.11 -6.97
C MET P 376 -10.08 36.05 -6.90
N ALA P 377 -10.36 37.35 -6.93
CA ALA P 377 -9.32 38.36 -6.83
C ALA P 377 -9.10 38.74 -5.38
N VAL P 378 -7.84 38.82 -4.97
CA VAL P 378 -7.46 39.08 -3.59
C VAL P 378 -6.72 40.41 -3.54
N ALA P 379 -7.30 41.38 -2.85
CA ALA P 379 -6.69 42.68 -2.63
C ALA P 379 -6.06 42.68 -1.24
N SER P 380 -4.73 42.61 -1.19
CA SER P 380 -4.02 42.53 0.08
C SER P 380 -2.80 43.44 0.05
N GLY P 381 -2.56 44.12 1.17
CA GLY P 381 -1.36 44.94 1.31
C GLY P 381 -1.63 46.42 1.49
N GLY P 382 -1.43 46.90 2.71
CA GLY P 382 -1.49 48.32 3.00
C GLY P 382 -2.82 48.98 2.71
N ILE P 383 -3.91 48.38 3.18
CA ILE P 383 -5.23 48.98 3.01
C ILE P 383 -5.94 49.01 4.35
N HIS P 384 -6.82 50.00 4.49
CA HIS P 384 -7.64 50.15 5.67
C HIS P 384 -9.05 50.47 5.21
N VAL P 385 -9.91 50.89 6.14
CA VAL P 385 -11.31 51.16 5.82
C VAL P 385 -11.47 52.26 4.79
N TRP P 386 -10.54 53.22 4.73
CA TRP P 386 -10.68 54.33 3.81
C TRP P 386 -10.58 53.87 2.35
N HIS P 387 -9.80 52.83 2.08
CA HIS P 387 -9.74 52.27 0.74
C HIS P 387 -10.95 51.39 0.43
N MET P 388 -11.81 51.13 1.40
CA MET P 388 -12.90 50.18 1.21
C MET P 388 -13.84 50.55 0.06
N PRO P 389 -14.34 51.78 -0.06
CA PRO P 389 -15.21 52.08 -1.21
C PRO P 389 -14.55 51.83 -2.55
N ALA P 390 -13.35 52.40 -2.75
CA ALA P 390 -12.65 52.25 -4.02
C ALA P 390 -12.47 50.78 -4.38
N LEU P 391 -12.05 49.95 -3.42
CA LEU P 391 -11.91 48.52 -3.69
C LEU P 391 -13.24 47.91 -4.11
N VAL P 392 -14.32 48.23 -3.40
CA VAL P 392 -15.64 47.73 -3.79
C VAL P 392 -15.98 48.24 -5.18
N GLU P 393 -15.53 49.45 -5.51
CA GLU P 393 -15.71 49.95 -6.87
C GLU P 393 -14.86 49.19 -7.86
N ILE P 394 -13.62 48.86 -7.48
CA ILE P 394 -12.67 48.30 -8.45
C ILE P 394 -12.97 46.83 -8.70
N PHE P 395 -12.99 46.02 -7.64
CA PHE P 395 -13.06 44.58 -7.80
C PHE P 395 -14.48 44.04 -7.77
N GLY P 396 -15.40 44.71 -7.09
CA GLY P 396 -16.74 44.18 -7.02
C GLY P 396 -16.86 43.05 -6.01
N ASP P 397 -17.92 42.27 -6.18
CA ASP P 397 -18.25 41.26 -5.18
C ASP P 397 -17.30 40.07 -5.24
N ASP P 398 -16.91 39.65 -6.44
CA ASP P 398 -16.19 38.39 -6.63
C ASP P 398 -14.71 38.57 -6.31
N SER P 399 -14.46 39.02 -5.08
CA SER P 399 -13.11 39.37 -4.67
C SER P 399 -12.99 39.18 -3.16
N VAL P 400 -11.74 39.11 -2.71
CA VAL P 400 -11.41 39.06 -1.29
C VAL P 400 -10.60 40.29 -0.95
N LEU P 401 -11.01 41.00 0.09
CA LEU P 401 -10.33 42.19 0.57
C LEU P 401 -9.61 41.81 1.86
N GLN P 402 -8.29 41.97 1.87
CA GLN P 402 -7.47 41.49 2.97
C GLN P 402 -6.84 42.66 3.71
N PHE P 403 -7.19 42.80 4.99
CA PHE P 403 -6.71 43.86 5.86
C PHE P 403 -5.86 43.23 6.96
N GLY P 404 -4.57 43.05 6.72
CA GLY P 404 -3.68 42.56 7.74
C GLY P 404 -3.47 43.58 8.86
N GLY P 405 -2.78 44.67 8.54
CA GLY P 405 -2.59 45.74 9.51
C GLY P 405 -3.83 46.59 9.72
N GLY P 406 -4.79 46.55 8.79
CA GLY P 406 -6.02 47.29 8.95
C GLY P 406 -7.03 46.67 9.89
N THR P 407 -6.74 45.48 10.40
CA THR P 407 -7.59 44.83 11.39
C THR P 407 -6.88 44.66 12.72
N LEU P 408 -5.69 44.06 12.72
CA LEU P 408 -4.93 43.89 13.95
C LEU P 408 -4.40 45.22 14.46
N GLY P 409 -4.20 46.19 13.57
CA GLY P 409 -3.73 47.50 13.94
C GLY P 409 -4.80 48.44 14.47
N HIS P 410 -6.04 47.98 14.56
CA HIS P 410 -7.09 48.78 15.17
C HIS P 410 -6.77 48.99 16.66
N PRO P 411 -7.05 50.17 17.20
CA PRO P 411 -6.67 50.42 18.61
C PRO P 411 -7.31 49.48 19.61
N TRP P 412 -8.55 49.04 19.38
CA TRP P 412 -9.26 48.25 20.37
C TRP P 412 -8.87 46.77 20.35
N GLY P 413 -8.38 46.27 19.23
CA GLY P 413 -7.98 44.88 19.15
C GLY P 413 -8.39 44.26 17.82
N ASN P 414 -8.12 42.96 17.72
CA ASN P 414 -8.41 42.24 16.48
C ASN P 414 -9.91 42.24 16.19
N ALA P 415 -10.73 41.85 17.17
CA ALA P 415 -12.16 41.72 16.93
C ALA P 415 -12.83 43.05 16.60
N PRO P 416 -12.61 44.14 17.35
CA PRO P 416 -13.18 45.43 16.93
C PRO P 416 -12.71 45.90 15.57
N GLY P 417 -11.44 45.64 15.21
CA GLY P 417 -10.98 46.02 13.89
C GLY P 417 -11.63 45.22 12.78
N ALA P 418 -11.80 43.91 13.01
CA ALA P 418 -12.55 43.07 12.08
C ALA P 418 -13.96 43.58 11.91
N THR P 419 -14.61 43.96 13.02
CA THR P 419 -15.96 44.50 12.94
C THR P 419 -16.00 45.83 12.19
N ALA P 420 -15.00 46.68 12.41
CA ALA P 420 -14.95 47.96 11.70
C ALA P 420 -14.84 47.74 10.20
N ASN P 421 -13.98 46.80 9.80
CA ASN P 421 -13.85 46.48 8.38
C ASN P 421 -15.15 45.89 7.84
N ARG P 422 -15.78 45.00 8.59
CA ARG P 422 -17.03 44.40 8.14
C ARG P 422 -18.12 45.44 7.97
N VAL P 423 -18.18 46.41 8.90
CA VAL P 423 -19.21 47.45 8.82
C VAL P 423 -18.93 48.38 7.64
N ALA P 424 -17.66 48.74 7.43
CA ALA P 424 -17.33 49.57 6.27
C ALA P 424 -17.67 48.85 4.97
N LEU P 425 -17.33 47.57 4.88
CA LEU P 425 -17.64 46.79 3.68
C LEU P 425 -19.13 46.69 3.44
N GLU P 426 -19.89 46.40 4.50
CA GLU P 426 -21.33 46.22 4.34
C GLU P 426 -22.01 47.54 4.01
N ALA P 427 -21.55 48.64 4.61
CA ALA P 427 -22.10 49.94 4.24
C ALA P 427 -21.80 50.29 2.79
N CYS P 428 -20.58 50.01 2.34
CA CYS P 428 -20.23 50.25 0.94
C CYS P 428 -21.10 49.42 0.00
N VAL P 429 -21.30 48.14 0.34
CA VAL P 429 -22.12 47.27 -0.50
C VAL P 429 -23.57 47.76 -0.52
N GLN P 430 -24.09 48.15 0.65
CA GLN P 430 -25.46 48.63 0.73
C GLN P 430 -25.65 49.90 -0.11
N ALA P 431 -24.72 50.85 0.02
CA ALA P 431 -24.82 52.09 -0.74
C ALA P 431 -24.66 51.83 -2.24
N ARG P 432 -23.80 50.88 -2.61
CA ARG P 432 -23.66 50.52 -4.02
C ARG P 432 -24.97 49.93 -4.56
N ASN P 433 -25.58 49.02 -3.79
CA ASN P 433 -26.82 48.41 -4.22
C ASN P 433 -27.95 49.43 -4.32
N GLU P 434 -27.99 50.39 -3.39
CA GLU P 434 -29.05 51.40 -3.40
C GLU P 434 -28.98 52.31 -4.62
N GLY P 435 -27.80 52.48 -5.22
CA GLY P 435 -27.66 53.34 -6.36
C GLY P 435 -26.85 54.58 -6.09
N ARG P 436 -25.83 54.46 -5.24
CA ARG P 436 -24.93 55.56 -4.93
C ARG P 436 -23.65 55.44 -5.75
N ASN P 437 -22.97 56.57 -5.92
CA ASN P 437 -21.70 56.61 -6.61
C ASN P 437 -20.59 56.38 -5.59
N LEU P 438 -20.11 55.14 -5.52
CA LEU P 438 -19.12 54.80 -4.51
C LEU P 438 -17.82 55.55 -4.71
N ALA P 439 -17.36 55.68 -5.96
CA ALA P 439 -16.12 56.40 -6.24
C ALA P 439 -16.23 57.86 -5.84
N ARG P 440 -17.45 58.39 -5.77
CA ARG P 440 -17.67 59.79 -5.42
C ARG P 440 -17.98 59.97 -3.93
N GLU P 441 -18.94 59.20 -3.41
CA GLU P 441 -19.40 59.35 -2.04
C GLU P 441 -18.86 58.26 -1.10
N GLY P 442 -17.68 57.72 -1.39
CA GLY P 442 -17.10 56.72 -0.50
C GLY P 442 -16.82 57.26 0.88
N GLY P 443 -16.20 58.44 0.95
CA GLY P 443 -15.99 59.08 2.24
C GLY P 443 -17.28 59.41 2.94
N ASP P 444 -18.31 59.76 2.19
CA ASP P 444 -19.62 60.02 2.79
C ASP P 444 -20.18 58.77 3.45
N ILE P 445 -20.13 57.63 2.74
CA ILE P 445 -20.63 56.37 3.28
C ILE P 445 -19.84 55.98 4.52
N ILE P 446 -18.51 56.11 4.45
CA ILE P 446 -17.67 55.78 5.60
C ILE P 446 -18.02 56.69 6.78
N ARG P 447 -18.27 57.96 6.51
CA ARG P 447 -18.57 58.91 7.59
C ARG P 447 -19.88 58.57 8.28
N GLU P 448 -20.94 58.27 7.52
CA GLU P 448 -22.19 57.90 8.18
C GLU P 448 -22.04 56.60 8.96
N ALA P 449 -21.32 55.63 8.39
CA ALA P 449 -21.11 54.37 9.10
C ALA P 449 -20.34 54.60 10.40
N CYS P 450 -19.34 55.47 10.37
CA CYS P 450 -18.61 55.82 11.59
C CYS P 450 -19.54 56.48 12.60
N LYS P 451 -20.43 57.35 12.13
CA LYS P 451 -21.44 57.91 13.01
C LYS P 451 -22.25 56.80 13.68
N TRP P 452 -22.43 55.68 12.97
CA TRP P 452 -23.13 54.55 13.59
C TRP P 452 -22.19 53.53 14.24
N SER P 453 -20.96 53.37 13.76
CA SER P 453 -20.08 52.31 14.26
C SER P 453 -18.89 52.90 15.01
N PRO P 454 -18.76 52.64 16.31
CA PRO P 454 -17.61 53.17 17.06
C PRO P 454 -16.29 52.53 16.67
N GLU P 455 -16.27 51.22 16.43
CA GLU P 455 -15.06 50.57 15.96
C GLU P 455 -14.58 51.19 14.66
N LEU P 456 -15.52 51.43 13.74
CA LEU P 456 -15.20 52.09 12.48
C LEU P 456 -14.71 53.52 12.72
N ALA P 457 -15.32 54.22 13.67
CA ALA P 457 -14.90 55.58 13.98
C ALA P 457 -13.45 55.61 14.43
N ALA P 458 -13.09 54.71 15.36
CA ALA P 458 -11.71 54.64 15.83
C ALA P 458 -10.76 54.25 14.70
N ALA P 459 -11.16 53.30 13.86
CA ALA P 459 -10.31 52.89 12.74
C ALA P 459 -10.05 54.06 11.79
N CYS P 460 -11.11 54.79 11.43
CA CYS P 460 -10.98 55.88 10.48
C CYS P 460 -10.17 57.04 11.06
N GLU P 461 -10.37 57.35 12.34
CA GLU P 461 -9.58 58.41 12.94
C GLU P 461 -8.12 58.00 13.10
N LEU P 462 -7.85 56.69 13.17
CA LEU P 462 -6.46 56.25 13.26
C LEU P 462 -5.74 56.37 11.92
N TRP P 463 -6.40 56.01 10.82
CA TRP P 463 -5.73 55.86 9.54
C TRP P 463 -6.18 56.90 8.51
N LYS P 464 -6.68 58.04 8.98
CA LYS P 464 -7.26 59.01 8.06
C LYS P 464 -6.22 59.55 7.08
N GLU P 465 -4.99 59.78 7.55
CA GLU P 465 -3.94 60.37 6.72
C GLU P 465 -2.90 59.35 6.26
N ILE P 466 -3.31 58.12 6.04
CA ILE P 466 -2.42 57.06 5.57
C ILE P 466 -2.77 56.76 4.12
N LYS P 467 -1.77 56.88 3.24
CA LYS P 467 -2.04 56.81 1.80
C LYS P 467 -0.73 56.56 1.07
N PHE P 468 -0.71 55.52 0.24
CA PHE P 468 0.48 55.15 -0.52
C PHE P 468 0.29 55.60 -1.96
N GLU P 469 1.02 56.62 -2.37
CA GLU P 469 1.06 57.05 -3.76
C GLU P 469 2.49 57.33 -4.18
N PHE P 470 2.88 56.73 -5.29
CA PHE P 470 4.20 56.91 -5.86
C PHE P 470 4.05 56.89 -7.38
N ASP P 471 5.17 57.00 -8.08
CA ASP P 471 5.16 56.83 -9.53
C ASP P 471 4.83 55.39 -9.88
N THR P 472 3.99 55.22 -10.90
CA THR P 472 3.63 53.89 -11.39
C THR P 472 4.69 53.44 -12.39
N VAL P 473 5.54 52.50 -11.97
CA VAL P 473 6.57 51.97 -12.85
C VAL P 473 5.98 51.06 -13.92
N ASP P 474 4.82 50.45 -13.67
CA ASP P 474 4.19 49.52 -14.60
C ASP P 474 2.81 50.06 -14.98
N THR P 475 2.77 50.91 -16.00
CA THR P 475 1.51 51.48 -16.46
C THR P 475 1.20 50.99 -17.87
#